data_4XGI
#
_entry.id   4XGI
#
_cell.length_a   95.490
_cell.length_b   93.520
_cell.length_c   158.370
_cell.angle_alpha   90.000
_cell.angle_beta   106.230
_cell.angle_gamma   90.000
#
_symmetry.space_group_name_H-M   'P 1 21 1'
#
loop_
_entity.id
_entity.type
_entity.pdbx_description
1 polymer 'Glutamate dehydrogenase'
2 non-polymer NICOTINAMIDE-ADENINE-DINUCLEOTIDE
3 non-polymer '2-OXOGLUTARIC ACID'
4 non-polymer 1,2-ETHANEDIOL
5 water water
#
_entity_poly.entity_id   1
_entity_poly.type   'polypeptide(L)'
_entity_poly.pdbx_seq_one_letter_code
;GSMSSQSQSPSVAQSIPSYLHADDLGPWGNYLQQVDRVAPYLGSLSRWIETLKRPKRILIVDVPIELDNGTVAHFEGYRV
QHNVSRGPGKGGVRYHQDVTLSEVMALSAWMSVKNAAVNVPYGGAKGGIRVDPRKLSRGELERVTRRYTSEIGIIIGPNT
DIPAPDVNTNEQIMAWMMDTYSMNQGQTATGVVTGKPISLGGSLGRKEATGRGVFVVGCEAAKKKGVEIEGARIAVQGFG
NVGGIAAKLFQEAGAKVIAVQDHTGTIHQPAGVDTAKLLDHVGRTGGVAGFEGAEPMPNDEFWTVETEILIPAALENQIT
EKNASKIRTKIIVEGANGPTTTAADDILSANGVLVIPDVIANAGGVTVSYFEWVQDFSSFFWTEDEINHRLERVMREAFA
GVWAVAEEHKVSVRTAAFIVACKRILMAREMRGLYP
;
_entity_poly.pdbx_strand_id   A,B,C,D,E,F
#
loop_
_chem_comp.id
_chem_comp.type
_chem_comp.name
_chem_comp.formula
AKG non-polymer '2-OXOGLUTARIC ACID' 'C5 H6 O5'
EDO non-polymer 1,2-ETHANEDIOL 'C2 H6 O2'
NAD non-polymer NICOTINAMIDE-ADENINE-DINUCLEOTIDE 'C21 H27 N7 O14 P2'
#
# COMPACT_ATOMS: atom_id res chain seq x y z
N SER A 15 -35.42 14.36 7.87
CA SER A 15 -34.87 15.70 7.66
C SER A 15 -33.78 15.72 6.56
N ILE A 16 -33.83 16.72 5.70
CA ILE A 16 -32.86 16.84 4.60
C ILE A 16 -31.55 17.45 5.09
N PRO A 17 -30.44 17.09 4.43
CA PRO A 17 -29.13 17.55 4.93
C PRO A 17 -28.95 19.05 4.73
N SER A 18 -28.14 19.72 5.55
CA SER A 18 -28.10 21.18 5.54
C SER A 18 -27.39 21.74 4.29
N TYR A 19 -26.79 20.85 3.50
CA TYR A 19 -26.04 21.26 2.31
C TYR A 19 -26.94 21.24 1.08
N LEU A 20 -28.22 20.93 1.30
CA LEU A 20 -29.23 21.01 0.25
C LEU A 20 -30.29 22.05 0.65
N HIS A 21 -30.97 22.63 -0.32
CA HIS A 21 -32.12 23.49 -0.03
C HIS A 21 -33.44 22.78 -0.33
N ALA A 22 -34.39 22.87 0.61
CA ALA A 22 -35.68 22.21 0.45
C ALA A 22 -36.43 22.67 -0.80
N ASP A 23 -36.18 23.91 -1.22
CA ASP A 23 -36.83 24.50 -2.37
C ASP A 23 -36.06 24.25 -3.67
N ASP A 24 -35.01 23.45 -3.57
CA ASP A 24 -34.13 23.19 -4.71
C ASP A 24 -33.52 21.80 -4.60
N LEU A 25 -34.36 20.80 -4.31
CA LEU A 25 -33.88 19.43 -4.12
C LEU A 25 -33.63 18.68 -5.42
N GLY A 26 -34.10 19.24 -6.53
CA GLY A 26 -34.09 18.56 -7.80
C GLY A 26 -34.61 17.13 -7.71
N PRO A 27 -33.91 16.20 -8.36
CA PRO A 27 -34.28 14.77 -8.42
C PRO A 27 -34.21 14.08 -7.06
N TRP A 28 -33.43 14.64 -6.15
CA TRP A 28 -33.24 14.01 -4.86
C TRP A 28 -34.56 14.01 -4.12
N GLY A 29 -35.33 15.09 -4.28
CA GLY A 29 -36.65 15.21 -3.71
C GLY A 29 -37.60 14.12 -4.18
N ASN A 30 -37.52 13.77 -5.46
CA ASN A 30 -38.38 12.72 -6.00
C ASN A 30 -37.98 11.37 -5.40
N TYR A 31 -36.68 11.12 -5.33
CA TYR A 31 -36.19 9.92 -4.68
C TYR A 31 -36.72 9.79 -3.24
N LEU A 32 -36.65 10.86 -2.46
CA LEU A 32 -37.15 10.83 -1.08
C LEU A 32 -38.64 10.50 -1.04
N GLN A 33 -39.43 10.99 -2.00
CA GLN A 33 -40.85 10.66 -2.03
C GLN A 33 -41.00 9.15 -2.24
N GLN A 34 -40.11 8.60 -3.06
CA GLN A 34 -40.15 7.18 -3.36
C GLN A 34 -39.80 6.35 -2.13
N VAL A 35 -38.82 6.81 -1.37
CA VAL A 35 -38.46 6.16 -0.11
C VAL A 35 -39.64 6.18 0.88
N ASP A 36 -40.34 7.31 0.97
CA ASP A 36 -41.49 7.40 1.88
C ASP A 36 -42.55 6.36 1.50
N ARG A 37 -42.67 6.10 0.22
CA ARG A 37 -43.74 5.21 -0.24
C ARG A 37 -43.40 3.76 0.07
N VAL A 38 -42.12 3.45 0.32
CA VAL A 38 -41.76 2.07 0.66
C VAL A 38 -41.73 1.86 2.19
N ALA A 39 -41.68 2.96 2.94
CA ALA A 39 -41.62 2.91 4.41
C ALA A 39 -42.67 2.02 5.09
N PRO A 40 -43.92 2.00 4.60
CA PRO A 40 -44.87 1.12 5.31
C PRO A 40 -44.59 -0.38 5.15
N TYR A 41 -43.68 -0.75 4.26
CA TYR A 41 -43.51 -2.16 3.92
C TYR A 41 -42.21 -2.77 4.47
N LEU A 42 -41.45 -1.97 5.20
CA LEU A 42 -40.12 -2.34 5.67
C LEU A 42 -40.09 -3.22 6.94
N GLY A 43 -41.18 -3.25 7.70
CA GLY A 43 -41.22 -4.02 8.92
C GLY A 43 -40.17 -3.59 9.94
N SER A 44 -39.47 -4.56 10.53
CA SER A 44 -38.48 -4.28 11.55
C SER A 44 -37.31 -3.46 11.00
N LEU A 45 -37.18 -3.41 9.68
CA LEU A 45 -36.06 -2.71 9.04
C LEU A 45 -36.31 -1.20 8.97
N SER A 46 -37.47 -0.78 9.48
CA SER A 46 -37.87 0.62 9.53
C SER A 46 -36.90 1.47 10.31
N ARG A 47 -36.37 0.90 11.38
CA ARG A 47 -35.44 1.61 12.25
C ARG A 47 -34.23 2.11 11.45
N TRP A 48 -33.96 1.47 10.30
CA TRP A 48 -32.83 1.87 9.46
C TRP A 48 -33.23 2.71 8.25
N ILE A 49 -34.44 3.23 8.20
CA ILE A 49 -34.85 3.88 6.96
C ILE A 49 -34.00 5.10 6.60
N GLU A 50 -33.43 5.80 7.58
CA GLU A 50 -32.69 7.01 7.24
C GLU A 50 -31.40 6.69 6.48
N THR A 51 -30.95 5.44 6.54
CA THR A 51 -29.78 5.01 5.78
C THR A 51 -30.01 5.25 4.29
N LEU A 52 -31.25 5.04 3.85
CA LEU A 52 -31.62 5.24 2.45
C LEU A 52 -31.48 6.69 2.05
N LYS A 53 -31.60 7.56 3.04
CA LYS A 53 -31.67 8.99 2.82
C LYS A 53 -30.33 9.69 3.07
N ARG A 54 -29.28 8.94 3.34
CA ARG A 54 -27.98 9.54 3.57
C ARG A 54 -26.88 8.78 2.84
N PRO A 55 -26.27 9.42 1.83
CA PRO A 55 -25.18 8.77 1.09
C PRO A 55 -23.98 8.58 2.00
N LYS A 56 -23.32 7.43 1.90
CA LYS A 56 -22.13 7.21 2.73
C LYS A 56 -21.10 8.32 2.51
N ARG A 57 -20.89 8.65 1.23
CA ARG A 57 -19.76 9.44 0.79
C ARG A 57 -20.11 10.36 -0.38
N ILE A 58 -19.85 11.65 -0.21
CA ILE A 58 -19.96 12.61 -1.31
C ILE A 58 -18.59 13.23 -1.53
N LEU A 59 -18.05 13.03 -2.74
CA LEU A 59 -16.79 13.66 -3.10
C LEU A 59 -17.03 14.70 -4.20
N ILE A 60 -16.70 15.95 -3.93
CA ILE A 60 -16.81 17.00 -4.94
C ILE A 60 -15.41 17.51 -5.24
N VAL A 61 -15.02 17.48 -6.51
CA VAL A 61 -13.66 17.83 -6.83
C VAL A 61 -13.60 18.94 -7.86
N ASP A 62 -12.61 19.81 -7.69
CA ASP A 62 -12.28 20.82 -8.67
C ASP A 62 -11.62 20.12 -9.86
N VAL A 63 -12.04 20.47 -11.07
CA VAL A 63 -11.42 19.89 -12.27
C VAL A 63 -10.91 21.01 -13.17
N PRO A 64 -9.71 21.54 -12.84
CA PRO A 64 -9.13 22.60 -13.67
C PRO A 64 -8.40 22.07 -14.90
N ILE A 65 -8.61 22.73 -16.04
CA ILE A 65 -7.81 22.47 -17.22
C ILE A 65 -7.44 23.79 -17.88
N GLU A 66 -6.40 23.77 -18.73
CA GLU A 66 -6.18 24.91 -19.60
C GLU A 66 -6.98 24.70 -20.87
N LEU A 67 -7.82 25.68 -21.21
CA LEU A 67 -8.56 25.65 -22.46
C LEU A 67 -7.61 25.87 -23.64
N ASP A 68 -8.07 25.51 -24.82
CA ASP A 68 -7.34 25.78 -26.04
C ASP A 68 -7.09 27.29 -26.23
N ASN A 69 -7.98 28.15 -25.73
CA ASN A 69 -7.76 29.57 -25.93
C ASN A 69 -6.78 30.22 -24.92
N GLY A 70 -6.16 29.40 -24.08
CA GLY A 70 -5.16 29.89 -23.14
C GLY A 70 -5.65 30.20 -21.72
N THR A 71 -6.96 30.07 -21.50
CA THR A 71 -7.58 30.42 -20.22
C THR A 71 -7.75 29.21 -19.30
N VAL A 72 -7.53 29.37 -17.99
CA VAL A 72 -7.83 28.28 -17.05
C VAL A 72 -9.34 28.15 -16.80
N ALA A 73 -9.89 26.96 -16.99
CA ALA A 73 -11.31 26.72 -16.71
C ALA A 73 -11.49 25.72 -15.59
N HIS A 74 -12.43 26.01 -14.69
CA HIS A 74 -12.72 25.09 -13.59
C HIS A 74 -14.09 24.44 -13.75
N PHE A 75 -14.12 23.11 -13.73
CA PHE A 75 -15.37 22.38 -13.79
C PHE A 75 -15.64 21.67 -12.47
N GLU A 76 -16.91 21.46 -12.16
CA GLU A 76 -17.30 20.71 -10.97
C GLU A 76 -17.35 19.21 -11.26
N GLY A 77 -16.63 18.43 -10.47
CA GLY A 77 -16.66 16.99 -10.60
C GLY A 77 -17.30 16.36 -9.37
N TYR A 78 -17.99 15.24 -9.58
CA TYR A 78 -18.68 14.59 -8.48
C TYR A 78 -18.49 13.09 -8.53
N ARG A 79 -18.29 12.47 -7.38
CA ARG A 79 -18.49 11.03 -7.25
C ARG A 79 -19.19 10.81 -5.91
N VAL A 80 -20.40 10.26 -5.96
CA VAL A 80 -21.18 10.02 -4.74
C VAL A 80 -21.33 8.53 -4.58
N GLN A 81 -20.88 8.01 -3.45
CA GLN A 81 -21.10 6.60 -3.11
C GLN A 81 -22.23 6.58 -2.11
N HIS A 82 -23.43 6.24 -2.60
CA HIS A 82 -24.66 6.30 -1.80
C HIS A 82 -24.75 5.19 -0.76
N ASN A 83 -24.55 3.96 -1.21
CA ASN A 83 -24.63 2.86 -0.28
C ASN A 83 -23.74 1.75 -0.78
N VAL A 84 -22.88 1.23 0.09
CA VAL A 84 -21.96 0.16 -0.25
C VAL A 84 -22.02 -0.95 0.79
N SER A 85 -23.19 -1.09 1.41
CA SER A 85 -23.42 -2.15 2.39
CA SER A 85 -23.40 -2.15 2.39
C SER A 85 -23.23 -3.53 1.77
N ARG A 86 -23.68 -3.68 0.52
CA ARG A 86 -23.72 -5.00 -0.14
C ARG A 86 -22.51 -5.32 -1.02
N GLY A 87 -21.63 -4.35 -1.23
CA GLY A 87 -20.52 -4.56 -2.15
C GLY A 87 -19.88 -3.28 -2.66
N PRO A 88 -18.91 -3.42 -3.58
CA PRO A 88 -18.22 -2.24 -4.11
C PRO A 88 -19.18 -1.31 -4.83
N GLY A 89 -18.84 -0.02 -4.89
CA GLY A 89 -19.68 0.96 -5.58
C GLY A 89 -19.71 0.63 -7.04
N LYS A 90 -20.85 0.89 -7.69
CA LYS A 90 -20.99 0.71 -9.13
C LYS A 90 -21.95 1.75 -9.67
N GLY A 91 -21.56 2.43 -10.75
CA GLY A 91 -22.45 3.39 -11.38
C GLY A 91 -21.77 4.34 -12.35
N GLY A 92 -22.57 4.89 -13.26
CA GLY A 92 -22.07 5.66 -14.38
C GLY A 92 -21.55 7.05 -14.04
N VAL A 93 -21.03 7.72 -15.06
CA VAL A 93 -20.56 9.10 -15.00
C VAL A 93 -21.30 9.92 -16.06
N ARG A 94 -21.94 11.00 -15.63
CA ARG A 94 -22.70 11.86 -16.52
C ARG A 94 -21.93 13.15 -16.81
N TYR A 95 -21.78 13.48 -18.09
CA TYR A 95 -21.34 14.83 -18.49
C TYR A 95 -22.53 15.65 -18.98
N HIS A 96 -22.95 16.65 -18.21
CA HIS A 96 -24.10 17.47 -18.63
C HIS A 96 -24.05 18.83 -17.92
N GLN A 97 -24.55 19.86 -18.60
CA GLN A 97 -24.50 21.23 -18.09
C GLN A 97 -25.38 21.41 -16.84
N ASP A 98 -26.29 20.47 -16.59
CA ASP A 98 -27.17 20.61 -15.43
C ASP A 98 -26.83 19.59 -14.33
N VAL A 99 -25.70 18.93 -14.47
CA VAL A 99 -25.20 18.11 -13.37
C VAL A 99 -25.06 18.96 -12.10
N THR A 100 -25.63 18.48 -10.99
CA THR A 100 -25.60 19.20 -9.72
C THR A 100 -25.44 18.17 -8.61
N LEU A 101 -25.14 18.62 -7.40
CA LEU A 101 -24.99 17.69 -6.27
C LEU A 101 -26.25 16.84 -6.06
N SER A 102 -27.41 17.48 -6.01
CA SER A 102 -28.63 16.72 -5.74
C SER A 102 -28.89 15.69 -6.84
N GLU A 103 -28.54 16.02 -8.09
CA GLU A 103 -28.78 15.09 -9.20
C GLU A 103 -27.88 13.86 -9.10
N VAL A 104 -26.60 14.07 -8.80
CA VAL A 104 -25.68 12.95 -8.69
C VAL A 104 -26.03 12.10 -7.47
N MET A 105 -26.48 12.74 -6.38
CA MET A 105 -26.99 12.00 -5.22
C MET A 105 -28.18 11.11 -5.62
N ALA A 106 -29.17 11.68 -6.29
CA ALA A 106 -30.35 10.91 -6.70
C ALA A 106 -29.94 9.76 -7.61
N LEU A 107 -29.06 10.04 -8.56
CA LEU A 107 -28.58 9.01 -9.46
C LEU A 107 -27.83 7.91 -8.70
N SER A 108 -27.06 8.27 -7.68
CA SER A 108 -26.32 7.26 -6.92
C SER A 108 -27.27 6.35 -6.15
N ALA A 109 -28.33 6.96 -5.62
CA ALA A 109 -29.30 6.23 -4.83
C ALA A 109 -30.11 5.26 -5.69
N TRP A 110 -30.46 5.66 -6.90
CA TRP A 110 -31.18 4.78 -7.82
C TRP A 110 -30.29 3.62 -8.25
N MET A 111 -28.98 3.85 -8.24
CA MET A 111 -28.05 2.76 -8.50
C MET A 111 -28.08 1.75 -7.35
N SER A 112 -28.09 2.24 -6.11
CA SER A 112 -28.19 1.36 -4.93
C SER A 112 -29.41 0.48 -5.06
N VAL A 113 -30.53 1.12 -5.37
CA VAL A 113 -31.80 0.42 -5.42
C VAL A 113 -31.84 -0.59 -6.55
N LYS A 114 -31.49 -0.17 -7.78
CA LYS A 114 -31.56 -1.10 -8.91
C LYS A 114 -30.61 -2.29 -8.74
N ASN A 115 -29.42 -2.06 -8.17
CA ASN A 115 -28.45 -3.12 -7.99
C ASN A 115 -28.98 -4.15 -7.01
N ALA A 116 -29.70 -3.67 -5.99
CA ALA A 116 -30.35 -4.56 -5.03
C ALA A 116 -31.57 -5.24 -5.67
N ALA A 117 -32.30 -4.51 -6.49
CA ALA A 117 -33.50 -5.07 -7.13
C ALA A 117 -33.19 -6.24 -8.07
N VAL A 118 -32.13 -6.13 -8.88
CA VAL A 118 -31.75 -7.22 -9.78
C VAL A 118 -30.70 -8.13 -9.13
N ASN A 119 -30.30 -7.76 -7.91
CA ASN A 119 -29.48 -8.61 -7.06
C ASN A 119 -28.05 -8.85 -7.57
N VAL A 120 -27.38 -7.77 -7.98
CA VAL A 120 -25.95 -7.85 -8.28
C VAL A 120 -25.20 -7.35 -7.05
N PRO A 121 -23.99 -7.90 -6.81
CA PRO A 121 -23.29 -7.62 -5.55
C PRO A 121 -22.53 -6.28 -5.55
N TYR A 122 -23.26 -5.22 -5.86
CA TYR A 122 -22.72 -3.87 -5.91
C TYR A 122 -23.52 -2.90 -5.05
N GLY A 123 -22.83 -1.97 -4.42
CA GLY A 123 -23.49 -0.81 -3.87
C GLY A 123 -23.74 0.20 -4.98
N GLY A 124 -24.49 1.25 -4.68
CA GLY A 124 -24.75 2.29 -5.65
C GLY A 124 -23.84 3.50 -5.56
N ALA A 125 -23.28 3.91 -6.69
CA ALA A 125 -22.53 5.16 -6.75
C ALA A 125 -22.79 5.86 -8.08
N LYS A 126 -22.39 7.13 -8.18
CA LYS A 126 -22.56 7.86 -9.42
C LYS A 126 -21.55 8.98 -9.52
N GLY A 127 -21.17 9.31 -10.74
CA GLY A 127 -20.26 10.41 -10.97
C GLY A 127 -20.86 11.42 -11.94
N GLY A 128 -20.37 12.65 -11.91
CA GLY A 128 -20.71 13.60 -12.93
C GLY A 128 -19.74 14.76 -13.02
N ILE A 129 -19.73 15.41 -14.17
CA ILE A 129 -19.03 16.67 -14.36
C ILE A 129 -20.02 17.66 -14.96
N ARG A 130 -20.14 18.83 -14.34
CA ARG A 130 -21.04 19.85 -14.83
C ARG A 130 -20.38 20.53 -16.03
N VAL A 131 -20.57 19.92 -17.20
CA VAL A 131 -19.99 20.42 -18.45
C VAL A 131 -20.88 20.06 -19.64
N ASP A 132 -20.97 20.95 -20.60
CA ASP A 132 -21.63 20.63 -21.88
C ASP A 132 -20.54 20.25 -22.89
N PRO A 133 -20.47 18.95 -23.25
CA PRO A 133 -19.41 18.47 -24.14
C PRO A 133 -19.42 19.14 -25.50
N ARG A 134 -20.57 19.63 -25.93
CA ARG A 134 -20.67 20.33 -27.19
C ARG A 134 -19.77 21.57 -27.20
N LYS A 135 -19.53 22.14 -26.01
CA LYS A 135 -18.81 23.40 -25.88
C LYS A 135 -17.30 23.24 -25.72
N LEU A 136 -16.85 21.99 -25.71
CA LEU A 136 -15.44 21.67 -25.56
C LEU A 136 -14.89 21.01 -26.80
N SER A 137 -13.63 21.26 -27.11
CA SER A 137 -13.00 20.51 -28.18
C SER A 137 -12.75 19.11 -27.66
N ARG A 138 -12.37 18.22 -28.56
CA ARG A 138 -12.03 16.85 -28.23
C ARG A 138 -10.84 16.83 -27.27
N GLY A 139 -9.83 17.65 -27.54
CA GLY A 139 -8.72 17.79 -26.61
C GLY A 139 -9.14 18.27 -25.23
N GLU A 140 -10.01 19.29 -25.18
CA GLU A 140 -10.48 19.82 -23.88
C GLU A 140 -11.30 18.78 -23.12
N LEU A 141 -12.07 17.99 -23.85
CA LEU A 141 -12.88 16.96 -23.24
C LEU A 141 -11.98 15.88 -22.66
N GLU A 142 -10.92 15.53 -23.38
CA GLU A 142 -10.00 14.52 -22.86
C GLU A 142 -9.30 15.02 -21.61
N ARG A 143 -8.85 16.27 -21.63
CA ARG A 143 -8.16 16.80 -20.45
C ARG A 143 -9.08 16.83 -19.23
N VAL A 144 -10.32 17.27 -19.42
CA VAL A 144 -11.30 17.23 -18.34
C VAL A 144 -11.49 15.81 -17.79
N THR A 145 -11.67 14.82 -18.66
CA THR A 145 -11.86 13.43 -18.23
C THR A 145 -10.69 12.92 -17.35
N ARG A 146 -9.49 13.17 -17.81
CA ARG A 146 -8.28 12.68 -17.14
C ARG A 146 -8.06 13.37 -15.79
N ARG A 147 -8.25 14.69 -15.75
CA ARG A 147 -8.05 15.42 -14.50
C ARG A 147 -9.09 14.99 -13.47
N TYR A 148 -10.32 14.78 -13.93
CA TYR A 148 -11.40 14.28 -13.09
C TYR A 148 -11.06 12.89 -12.52
N THR A 149 -10.57 11.99 -13.38
CA THR A 149 -10.22 10.65 -12.97
C THR A 149 -9.08 10.67 -11.94
N SER A 150 -8.06 11.50 -12.17
CA SER A 150 -6.97 11.65 -11.20
CA SER A 150 -6.97 11.59 -11.20
C SER A 150 -7.47 12.17 -9.86
N GLU A 151 -8.47 13.05 -9.90
CA GLU A 151 -8.99 13.66 -8.65
C GLU A 151 -9.91 12.73 -7.86
N ILE A 152 -10.63 11.83 -8.54
CA ILE A 152 -11.51 10.96 -7.78
C ILE A 152 -10.84 9.61 -7.57
N GLY A 153 -9.62 9.48 -8.07
CA GLY A 153 -8.88 8.24 -7.94
C GLY A 153 -8.86 7.69 -6.53
N ILE A 154 -8.76 8.58 -5.54
CA ILE A 154 -8.62 8.19 -4.14
CA ILE A 154 -8.59 8.14 -4.16
C ILE A 154 -9.78 7.34 -3.66
N ILE A 155 -10.92 7.42 -4.33
CA ILE A 155 -12.03 6.59 -3.85
C ILE A 155 -12.58 5.60 -4.87
N ILE A 156 -11.97 5.51 -6.04
CA ILE A 156 -12.39 4.50 -7.02
C ILE A 156 -11.29 3.44 -7.18
N GLY A 157 -11.62 2.31 -7.81
CA GLY A 157 -10.68 1.22 -8.04
C GLY A 157 -11.47 -0.03 -8.35
N PRO A 158 -10.83 -1.04 -8.97
CA PRO A 158 -11.60 -2.23 -9.40
C PRO A 158 -12.28 -2.97 -8.24
N ASN A 159 -11.77 -2.84 -7.03
CA ASN A 159 -12.39 -3.50 -5.89
C ASN A 159 -13.11 -2.53 -4.97
N THR A 160 -13.29 -1.29 -5.42
CA THR A 160 -13.74 -0.22 -4.54
C THR A 160 -14.97 0.52 -5.09
N ASP A 161 -14.86 1.04 -6.30
CA ASP A 161 -15.96 1.76 -6.95
C ASP A 161 -15.63 1.87 -8.43
N ILE A 162 -16.50 1.28 -9.26
CA ILE A 162 -16.23 1.07 -10.68
C ILE A 162 -17.14 1.92 -11.53
N PRO A 163 -16.61 3.00 -12.15
CA PRO A 163 -17.53 3.78 -12.97
C PRO A 163 -17.95 3.11 -14.29
N ALA A 164 -18.76 3.83 -15.07
CA ALA A 164 -19.34 3.32 -16.30
C ALA A 164 -19.91 4.48 -17.13
N PRO A 165 -20.47 4.19 -18.33
CA PRO A 165 -21.10 5.30 -19.05
C PRO A 165 -22.43 5.79 -18.44
N ASP A 166 -22.81 7.00 -18.84
CA ASP A 166 -24.14 7.58 -18.61
C ASP A 166 -24.30 8.64 -19.71
N VAL A 167 -25.09 9.68 -19.45
CA VAL A 167 -25.35 10.71 -20.47
C VAL A 167 -24.05 11.38 -20.93
N ASN A 168 -23.87 11.43 -22.25
CA ASN A 168 -22.71 12.04 -22.90
C ASN A 168 -21.36 11.38 -22.58
N THR A 169 -21.37 10.21 -21.97
CA THR A 169 -20.11 9.46 -21.82
C THR A 169 -20.33 8.08 -22.46
N ASN A 170 -19.24 7.36 -22.66
CA ASN A 170 -19.22 6.29 -23.64
C ASN A 170 -17.90 5.55 -23.58
N GLU A 171 -17.69 4.63 -24.51
CA GLU A 171 -16.48 3.80 -24.56
CA GLU A 171 -16.49 3.81 -24.41
C GLU A 171 -15.18 4.61 -24.56
N GLN A 172 -15.21 5.74 -25.28
CA GLN A 172 -14.03 6.58 -25.39
C GLN A 172 -13.73 7.23 -24.05
N ILE A 173 -14.78 7.69 -23.35
CA ILE A 173 -14.59 8.33 -22.04
C ILE A 173 -14.09 7.27 -21.06
N MET A 174 -14.64 6.07 -21.16
CA MET A 174 -14.20 4.97 -20.28
C MET A 174 -12.73 4.63 -20.53
N ALA A 175 -12.34 4.60 -21.80
CA ALA A 175 -10.95 4.27 -22.14
C ALA A 175 -9.98 5.26 -21.48
N TRP A 176 -10.35 6.55 -21.54
CA TRP A 176 -9.52 7.62 -20.96
C TRP A 176 -9.47 7.50 -19.44
N MET A 177 -10.62 7.26 -18.81
CA MET A 177 -10.62 7.04 -17.36
C MET A 177 -9.72 5.88 -17.01
N MET A 178 -9.88 4.78 -17.73
CA MET A 178 -9.11 3.58 -17.47
C MET A 178 -7.62 3.83 -17.62
N ASP A 179 -7.23 4.53 -18.69
CA ASP A 179 -5.83 4.78 -18.94
C ASP A 179 -5.23 5.70 -17.88
N THR A 180 -6.00 6.71 -17.48
CA THR A 180 -5.55 7.70 -16.50
C THR A 180 -5.30 7.01 -15.15
N TYR A 181 -6.28 6.23 -14.69
CA TYR A 181 -6.20 5.49 -13.44
C TYR A 181 -5.02 4.54 -13.48
N SER A 182 -4.82 3.87 -14.61
CA SER A 182 -3.69 2.95 -14.78
C SER A 182 -2.32 3.67 -14.73
N MET A 183 -2.21 4.82 -15.38
CA MET A 183 -0.95 5.59 -15.34
C MET A 183 -0.72 6.18 -13.94
N ASN A 184 -1.79 6.62 -13.28
CA ASN A 184 -1.67 7.13 -11.91
C ASN A 184 -1.20 6.03 -10.96
N GLN A 185 -1.76 4.84 -11.11
CA GLN A 185 -1.46 3.72 -10.22
C GLN A 185 -0.16 3.00 -10.62
N GLY A 186 0.24 3.12 -11.89
CA GLY A 186 1.46 2.49 -12.38
C GLY A 186 1.30 1.10 -12.96
N GLN A 187 0.06 0.68 -13.22
CA GLN A 187 -0.20 -0.62 -13.82
C GLN A 187 -1.55 -0.59 -14.54
N THR A 188 -1.65 -1.30 -15.65
CA THR A 188 -2.91 -1.46 -16.37
C THR A 188 -3.97 -2.08 -15.45
N ALA A 189 -5.09 -1.37 -15.30
CA ALA A 189 -6.21 -1.82 -14.47
C ALA A 189 -7.53 -1.83 -15.27
N THR A 190 -7.77 -2.86 -16.07
CA THR A 190 -8.93 -2.79 -16.98
C THR A 190 -10.25 -2.86 -16.23
N GLY A 191 -10.22 -3.37 -15.02
CA GLY A 191 -11.44 -3.51 -14.24
C GLY A 191 -11.93 -2.27 -13.48
N VAL A 192 -11.20 -1.16 -13.59
CA VAL A 192 -11.56 0.04 -12.86
C VAL A 192 -12.84 0.67 -13.43
N VAL A 193 -13.14 0.40 -14.70
CA VAL A 193 -14.37 0.90 -15.32
C VAL A 193 -15.01 -0.19 -16.16
N THR A 194 -16.30 -0.05 -16.42
CA THR A 194 -16.97 -0.90 -17.40
C THR A 194 -17.53 0.00 -18.49
N GLY A 195 -18.13 -0.60 -19.52
CA GLY A 195 -18.41 0.15 -20.72
C GLY A 195 -17.16 0.41 -21.57
N LYS A 196 -16.11 -0.40 -21.39
CA LYS A 196 -14.88 -0.19 -22.14
C LYS A 196 -15.07 -0.54 -23.62
N PRO A 197 -14.18 -0.04 -24.50
CA PRO A 197 -14.22 -0.57 -25.88
C PRO A 197 -13.80 -2.04 -25.93
N ILE A 198 -14.10 -2.70 -27.04
CA ILE A 198 -13.74 -4.09 -27.26
C ILE A 198 -12.23 -4.32 -27.10
N SER A 199 -11.43 -3.42 -27.67
CA SER A 199 -9.96 -3.52 -27.64
C SER A 199 -9.38 -3.52 -26.22
N LEU A 200 -10.14 -3.01 -25.27
CA LEU A 200 -9.70 -2.96 -23.89
C LEU A 200 -10.50 -3.90 -22.98
N GLY A 201 -11.28 -4.80 -23.57
CA GLY A 201 -12.01 -5.78 -22.78
C GLY A 201 -13.54 -5.70 -22.78
N GLY A 202 -14.10 -4.64 -23.36
CA GLY A 202 -15.54 -4.49 -23.42
C GLY A 202 -16.20 -5.31 -24.53
N SER A 203 -17.54 -5.30 -24.57
CA SER A 203 -18.28 -6.09 -25.56
C SER A 203 -19.39 -5.28 -26.24
N LEU A 204 -19.93 -5.83 -27.32
CA LEU A 204 -21.10 -5.25 -27.97
C LEU A 204 -22.33 -5.56 -27.11
N GLY A 205 -22.27 -6.68 -26.41
CA GLY A 205 -23.29 -7.04 -25.44
C GLY A 205 -23.48 -5.96 -24.39
N ARG A 206 -22.38 -5.44 -23.85
CA ARG A 206 -22.45 -4.37 -22.85
C ARG A 206 -23.03 -3.08 -23.44
N LYS A 207 -22.59 -2.73 -24.64
CA LYS A 207 -23.02 -1.48 -25.23
C LYS A 207 -24.55 -1.46 -25.47
N GLU A 208 -25.11 -2.57 -25.92
CA GLU A 208 -26.54 -2.65 -26.19
C GLU A 208 -27.35 -3.09 -24.96
N ALA A 209 -26.66 -3.39 -23.86
CA ALA A 209 -27.25 -4.07 -22.71
C ALA A 209 -28.46 -3.37 -22.09
N THR A 210 -28.36 -2.05 -21.88
CA THR A 210 -29.43 -1.31 -21.21
C THR A 210 -30.67 -1.25 -22.09
N GLY A 211 -30.46 -0.87 -23.34
CA GLY A 211 -31.55 -0.82 -24.32
C GLY A 211 -32.23 -2.16 -24.46
N ARG A 212 -31.44 -3.23 -24.45
CA ARG A 212 -31.98 -4.58 -24.55
C ARG A 212 -32.85 -4.96 -23.34
N GLY A 213 -32.38 -4.60 -22.15
CA GLY A 213 -33.15 -4.87 -20.95
C GLY A 213 -34.45 -4.09 -20.94
N VAL A 214 -34.42 -2.86 -21.45
CA VAL A 214 -35.64 -2.07 -21.59
C VAL A 214 -36.62 -2.78 -22.52
N PHE A 215 -36.12 -3.31 -23.63
CA PHE A 215 -36.96 -4.06 -24.58
C PHE A 215 -37.53 -5.32 -23.92
N VAL A 216 -36.67 -6.08 -23.25
CA VAL A 216 -37.10 -7.31 -22.59
C VAL A 216 -38.23 -7.07 -21.59
N VAL A 217 -38.07 -6.10 -20.69
CA VAL A 217 -39.09 -5.92 -19.66
C VAL A 217 -40.34 -5.30 -20.28
N GLY A 218 -40.15 -4.52 -21.35
CA GLY A 218 -41.25 -3.93 -22.07
C GLY A 218 -42.15 -5.00 -22.67
N CYS A 219 -41.52 -6.08 -23.13
CA CYS A 219 -42.26 -7.23 -23.66
C CYS A 219 -42.89 -8.05 -22.54
N GLU A 220 -42.30 -7.99 -21.35
CA GLU A 220 -42.83 -8.75 -20.22
C GLU A 220 -44.08 -8.07 -19.69
N ALA A 221 -44.10 -6.75 -19.78
CA ALA A 221 -45.26 -5.98 -19.36
C ALA A 221 -46.35 -6.09 -20.43
N ALA A 222 -45.95 -6.11 -21.69
CA ALA A 222 -46.88 -6.23 -22.80
C ALA A 222 -47.71 -7.52 -22.71
N LYS A 223 -47.09 -8.59 -22.20
CA LYS A 223 -47.78 -9.87 -21.98
C LYS A 223 -48.84 -9.74 -20.90
N LYS A 224 -48.46 -9.12 -19.78
CA LYS A 224 -49.36 -8.91 -18.65
C LYS A 224 -50.58 -8.08 -19.05
N LYS A 225 -50.36 -7.11 -19.94
CA LYS A 225 -51.41 -6.17 -20.34
C LYS A 225 -52.10 -6.63 -21.62
N GLY A 226 -51.70 -7.80 -22.13
CA GLY A 226 -52.25 -8.33 -23.36
C GLY A 226 -52.03 -7.43 -24.55
N VAL A 227 -50.85 -6.81 -24.62
CA VAL A 227 -50.51 -5.89 -25.70
C VAL A 227 -49.60 -6.58 -26.71
N GLU A 228 -50.02 -6.60 -27.97
CA GLU A 228 -49.23 -7.22 -29.04
C GLU A 228 -48.10 -6.30 -29.48
N ILE A 229 -46.87 -6.84 -29.48
CA ILE A 229 -45.70 -6.12 -29.93
C ILE A 229 -45.78 -5.82 -31.42
N GLU A 230 -46.15 -6.82 -32.22
CA GLU A 230 -46.37 -6.61 -33.65
C GLU A 230 -47.49 -5.61 -33.87
N GLY A 231 -47.18 -4.50 -34.53
CA GLY A 231 -48.15 -3.44 -34.76
C GLY A 231 -48.27 -2.43 -33.63
N ALA A 232 -47.56 -2.64 -32.53
CA ALA A 232 -47.61 -1.70 -31.41
C ALA A 232 -46.96 -0.37 -31.74
N ARG A 233 -47.59 0.72 -31.33
CA ARG A 233 -47.03 2.05 -31.50
C ARG A 233 -46.10 2.39 -30.35
N ILE A 234 -44.89 2.83 -30.66
CA ILE A 234 -43.90 3.19 -29.65
C ILE A 234 -43.47 4.62 -29.80
N ALA A 235 -43.37 5.32 -28.68
CA ALA A 235 -42.76 6.64 -28.64
C ALA A 235 -41.56 6.61 -27.69
N VAL A 236 -40.44 7.14 -28.13
CA VAL A 236 -39.23 7.16 -27.32
C VAL A 236 -38.75 8.59 -27.09
N GLN A 237 -38.44 8.93 -25.85
CA GLN A 237 -37.75 10.19 -25.60
C GLN A 237 -36.29 9.87 -25.35
N GLY A 238 -35.40 10.51 -26.11
CA GLY A 238 -33.98 10.17 -26.06
C GLY A 238 -33.70 9.11 -27.11
N PHE A 239 -32.62 9.26 -27.86
CA PHE A 239 -32.28 8.30 -28.91
C PHE A 239 -30.77 8.08 -28.92
N GLY A 240 -30.19 8.07 -27.72
CA GLY A 240 -28.79 7.77 -27.54
C GLY A 240 -28.62 6.28 -27.26
N ASN A 241 -27.71 5.97 -26.33
CA ASN A 241 -27.34 4.59 -26.08
C ASN A 241 -28.50 3.72 -25.61
N VAL A 242 -29.39 4.28 -24.79
CA VAL A 242 -30.53 3.54 -24.28
C VAL A 242 -31.71 3.65 -25.25
N GLY A 243 -32.13 4.88 -25.52
CA GLY A 243 -33.27 5.11 -26.40
C GLY A 243 -33.09 4.52 -27.80
N GLY A 244 -31.89 4.68 -28.36
CA GLY A 244 -31.61 4.20 -29.70
C GLY A 244 -31.71 2.70 -29.85
N ILE A 245 -31.06 1.97 -28.95
CA ILE A 245 -31.05 0.52 -28.99
C ILE A 245 -32.43 -0.06 -28.66
N ALA A 246 -33.13 0.53 -27.70
CA ALA A 246 -34.49 0.09 -27.36
C ALA A 246 -35.43 0.21 -28.56
N ALA A 247 -35.39 1.34 -29.27
CA ALA A 247 -36.24 1.55 -30.44
C ALA A 247 -35.93 0.60 -31.58
N LYS A 248 -34.65 0.24 -31.72
CA LYS A 248 -34.19 -0.68 -32.75
C LYS A 248 -34.76 -2.06 -32.48
N LEU A 249 -34.63 -2.50 -31.23
CA LEU A 249 -35.06 -3.82 -30.83
C LEU A 249 -36.57 -3.96 -30.97
N PHE A 250 -37.30 -2.89 -30.70
CA PHE A 250 -38.75 -2.94 -30.85
C PHE A 250 -39.15 -3.03 -32.32
N GLN A 251 -38.47 -2.28 -33.18
CA GLN A 251 -38.83 -2.29 -34.60
C GLN A 251 -38.56 -3.67 -35.17
N GLU A 252 -37.46 -4.28 -34.73
CA GLU A 252 -37.08 -5.59 -35.19
C GLU A 252 -38.05 -6.66 -34.69
N ALA A 253 -38.77 -6.36 -33.61
CA ALA A 253 -39.80 -7.28 -33.10
C ALA A 253 -41.17 -7.02 -33.74
N GLY A 254 -41.20 -6.10 -34.71
CA GLY A 254 -42.41 -5.84 -35.47
C GLY A 254 -43.19 -4.61 -35.04
N ALA A 255 -42.68 -3.91 -34.02
CA ALA A 255 -43.35 -2.71 -33.53
C ALA A 255 -43.06 -1.52 -34.45
N LYS A 256 -43.87 -0.48 -34.32
CA LYS A 256 -43.68 0.74 -35.09
C LYS A 256 -43.26 1.85 -34.16
N VAL A 257 -42.09 2.45 -34.40
CA VAL A 257 -41.61 3.58 -33.63
C VAL A 257 -42.10 4.89 -34.23
N ILE A 258 -43.20 5.43 -33.68
CA ILE A 258 -43.94 6.50 -34.38
C ILE A 258 -43.63 7.93 -33.90
N ALA A 259 -42.89 8.07 -32.79
CA ALA A 259 -42.55 9.41 -32.31
C ALA A 259 -41.27 9.39 -31.51
N VAL A 260 -40.35 10.29 -31.84
CA VAL A 260 -39.08 10.41 -31.11
C VAL A 260 -38.80 11.86 -30.77
N GLN A 261 -38.45 12.10 -29.50
CA GLN A 261 -38.01 13.41 -29.04
C GLN A 261 -36.63 13.29 -28.42
N ASP A 262 -35.72 14.20 -28.79
CA ASP A 262 -34.46 14.32 -28.08
C ASP A 262 -34.18 15.80 -27.84
N HIS A 263 -32.96 16.14 -27.43
CA HIS A 263 -32.70 17.55 -27.12
C HIS A 263 -32.83 18.49 -28.33
N THR A 264 -32.87 17.95 -29.55
CA THR A 264 -32.93 18.79 -30.74
C THR A 264 -34.35 19.00 -31.27
N GLY A 265 -35.30 18.27 -30.70
CA GLY A 265 -36.67 18.39 -31.17
C GLY A 265 -37.43 17.08 -31.21
N THR A 266 -38.51 17.07 -31.97
CA THR A 266 -39.44 15.94 -32.01
C THR A 266 -39.78 15.59 -33.45
N ILE A 267 -39.87 14.31 -33.76
CA ILE A 267 -40.31 13.89 -35.09
C ILE A 267 -41.43 12.90 -34.96
N HIS A 268 -42.28 12.87 -35.97
CA HIS A 268 -43.46 12.02 -36.00
C HIS A 268 -43.52 11.23 -37.31
N GLN A 269 -43.92 9.96 -37.23
CA GLN A 269 -44.01 9.10 -38.40
C GLN A 269 -44.90 7.91 -38.07
N PRO A 270 -46.21 8.03 -38.36
CA PRO A 270 -47.24 7.04 -37.99
C PRO A 270 -47.00 5.67 -38.64
N ALA A 271 -46.18 5.63 -39.68
CA ALA A 271 -45.80 4.38 -40.33
C ALA A 271 -44.67 3.70 -39.56
N GLY A 272 -43.99 4.48 -38.72
CA GLY A 272 -42.88 3.97 -37.95
C GLY A 272 -41.58 4.31 -38.66
N VAL A 273 -40.67 4.97 -37.95
CA VAL A 273 -39.40 5.34 -38.55
C VAL A 273 -38.51 4.13 -38.83
N ASP A 274 -37.65 4.25 -39.83
CA ASP A 274 -36.54 3.31 -39.99
C ASP A 274 -35.54 3.69 -38.90
N THR A 275 -35.41 2.84 -37.89
CA THR A 275 -34.55 3.17 -36.75
C THR A 275 -33.08 3.10 -37.14
N ALA A 276 -32.75 2.23 -38.10
CA ALA A 276 -31.38 2.16 -38.61
C ALA A 276 -30.97 3.50 -39.23
N LYS A 277 -31.76 4.01 -40.16
CA LYS A 277 -31.51 5.30 -40.79
C LYS A 277 -31.56 6.48 -39.79
N LEU A 278 -32.42 6.38 -38.79
CA LEU A 278 -32.51 7.44 -37.78
C LEU A 278 -31.26 7.46 -36.90
N LEU A 279 -30.80 6.28 -36.49
CA LEU A 279 -29.57 6.16 -35.72
C LEU A 279 -28.41 6.76 -36.50
N ASP A 280 -28.37 6.49 -37.80
CA ASP A 280 -27.32 7.07 -38.62
C ASP A 280 -27.44 8.59 -38.69
N HIS A 281 -28.66 9.10 -38.92
CA HIS A 281 -28.90 10.55 -38.90
C HIS A 281 -28.45 11.20 -37.59
N VAL A 282 -28.84 10.60 -36.47
CA VAL A 282 -28.46 11.11 -35.14
C VAL A 282 -26.94 11.08 -34.96
N GLY A 283 -26.30 10.02 -35.44
CA GLY A 283 -24.87 9.93 -35.39
C GLY A 283 -24.21 11.06 -36.16
N ARG A 284 -24.76 11.35 -37.34
CA ARG A 284 -24.16 12.34 -38.22
C ARG A 284 -24.43 13.79 -37.81
N THR A 285 -25.64 14.09 -37.32
CA THR A 285 -26.00 15.47 -37.06
C THR A 285 -26.12 15.82 -35.57
N GLY A 286 -26.22 14.81 -34.73
CA GLY A 286 -26.28 15.03 -33.30
C GLY A 286 -27.65 14.79 -32.69
N GLY A 287 -28.65 14.57 -33.52
CA GLY A 287 -30.02 14.47 -33.02
C GLY A 287 -31.02 14.18 -34.09
N VAL A 288 -32.28 14.04 -33.70
CA VAL A 288 -33.31 13.57 -34.62
C VAL A 288 -33.82 14.69 -35.53
N ALA A 289 -33.53 15.93 -35.18
CA ALA A 289 -33.99 17.07 -35.96
C ALA A 289 -33.50 16.95 -37.40
N GLY A 290 -34.37 17.27 -38.35
CA GLY A 290 -34.00 17.26 -39.75
C GLY A 290 -34.10 15.90 -40.42
N PHE A 291 -34.51 14.88 -39.67
CA PHE A 291 -34.58 13.52 -40.22
C PHE A 291 -35.57 13.45 -41.37
N GLU A 292 -35.05 13.12 -42.55
CA GLU A 292 -35.84 13.10 -43.78
C GLU A 292 -37.01 12.13 -43.70
N GLY A 293 -36.82 11.01 -43.03
CA GLY A 293 -37.82 9.96 -42.97
C GLY A 293 -38.96 10.15 -41.99
N ALA A 294 -39.24 11.41 -41.62
CA ALA A 294 -40.29 11.74 -40.65
C ALA A 294 -40.72 13.20 -40.80
N GLU A 295 -41.70 13.60 -39.99
CA GLU A 295 -42.15 14.99 -40.01
C GLU A 295 -41.84 15.68 -38.68
N PRO A 296 -41.44 16.96 -38.74
CA PRO A 296 -41.18 17.71 -37.50
C PRO A 296 -42.48 17.85 -36.71
N MET A 297 -42.35 17.94 -35.39
CA MET A 297 -43.52 18.02 -34.52
C MET A 297 -43.21 18.86 -33.29
N PRO A 298 -44.17 19.69 -32.84
CA PRO A 298 -43.95 20.48 -31.62
C PRO A 298 -43.62 19.61 -30.41
N ASN A 299 -42.68 20.04 -29.58
CA ASN A 299 -42.19 19.24 -28.46
C ASN A 299 -43.28 18.84 -27.47
N ASP A 300 -44.16 19.76 -27.11
CA ASP A 300 -45.20 19.45 -26.13
C ASP A 300 -46.17 18.39 -26.68
N GLU A 301 -46.35 18.35 -28.00
CA GLU A 301 -47.28 17.39 -28.60
C GLU A 301 -46.79 15.94 -28.53
N PHE A 302 -45.50 15.77 -28.28
CA PHE A 302 -44.91 14.44 -28.12
C PHE A 302 -45.70 13.60 -27.11
N TRP A 303 -46.07 14.22 -25.99
CA TRP A 303 -46.66 13.49 -24.88
C TRP A 303 -48.12 13.12 -25.13
N THR A 304 -48.73 13.73 -26.15
CA THR A 304 -50.15 13.52 -26.38
C THR A 304 -50.37 12.49 -27.50
N VAL A 305 -49.28 12.07 -28.14
CA VAL A 305 -49.40 11.06 -29.19
C VAL A 305 -49.83 9.71 -28.62
N GLU A 306 -50.90 9.15 -29.17
CA GLU A 306 -51.40 7.87 -28.68
C GLU A 306 -50.45 6.74 -29.08
N THR A 307 -50.06 5.93 -28.10
CA THR A 307 -49.13 4.82 -28.29
C THR A 307 -49.62 3.61 -27.50
N GLU A 308 -49.04 2.44 -27.79
CA GLU A 308 -49.12 1.31 -26.88
C GLU A 308 -48.05 1.43 -25.78
N ILE A 309 -46.85 1.85 -26.16
CA ILE A 309 -45.72 1.90 -25.24
C ILE A 309 -44.94 3.22 -25.33
N LEU A 310 -44.76 3.86 -24.19
CA LEU A 310 -43.95 5.08 -24.13
C LEU A 310 -42.67 4.82 -23.34
N ILE A 311 -41.52 5.17 -23.93
CA ILE A 311 -40.23 4.92 -23.31
C ILE A 311 -39.43 6.21 -23.03
N PRO A 312 -39.51 6.75 -21.81
CA PRO A 312 -38.64 7.89 -21.54
C PRO A 312 -37.21 7.41 -21.34
N ALA A 313 -36.31 7.82 -22.23
CA ALA A 313 -34.90 7.39 -22.16
C ALA A 313 -33.97 8.58 -22.30
N ALA A 314 -34.40 9.72 -21.77
CA ALA A 314 -33.61 10.94 -21.80
C ALA A 314 -33.16 11.27 -20.38
N LEU A 315 -33.59 12.42 -19.85
CA LEU A 315 -33.19 12.83 -18.51
C LEU A 315 -34.38 12.76 -17.52
N GLU A 316 -34.15 13.22 -16.29
CA GLU A 316 -35.14 13.10 -15.22
C GLU A 316 -36.28 14.11 -15.36
N ASN A 317 -37.37 13.86 -14.62
CA ASN A 317 -38.41 14.89 -14.42
C ASN A 317 -39.05 15.30 -15.74
N GLN A 318 -39.35 14.30 -16.59
CA GLN A 318 -39.94 14.55 -17.91
C GLN A 318 -41.43 14.23 -17.92
N ILE A 319 -41.84 13.35 -17.00
CA ILE A 319 -43.25 13.04 -16.82
C ILE A 319 -43.63 13.50 -15.43
N THR A 320 -44.51 14.50 -15.37
CA THR A 320 -44.78 15.29 -14.17
C THR A 320 -46.28 15.55 -14.00
N GLU A 321 -46.62 16.38 -13.01
CA GLU A 321 -48.00 16.82 -12.83
C GLU A 321 -48.49 17.55 -14.06
N LYS A 322 -47.56 18.24 -14.71
CA LYS A 322 -47.88 19.09 -15.84
C LYS A 322 -48.38 18.33 -17.06
N ASN A 323 -47.73 17.22 -17.43
CA ASN A 323 -48.10 16.54 -18.67
C ASN A 323 -48.65 15.13 -18.50
N ALA A 324 -48.80 14.66 -17.26
CA ALA A 324 -49.17 13.26 -17.04
C ALA A 324 -50.59 12.95 -17.46
N SER A 325 -51.55 13.82 -17.16
CA SER A 325 -52.94 13.55 -17.51
C SER A 325 -53.13 13.55 -19.04
N LYS A 326 -52.17 14.11 -19.77
CA LYS A 326 -52.25 14.21 -21.23
C LYS A 326 -51.78 12.94 -21.95
N ILE A 327 -51.10 12.05 -21.24
CA ILE A 327 -50.51 10.85 -21.83
CA ILE A 327 -50.51 10.86 -21.85
C ILE A 327 -51.55 9.80 -22.23
N ARG A 328 -51.46 9.32 -23.47
CA ARG A 328 -52.34 8.29 -24.01
C ARG A 328 -51.54 7.05 -24.41
N THR A 329 -51.28 6.17 -23.45
CA THR A 329 -50.48 4.98 -23.70
C THR A 329 -50.96 3.87 -22.76
N LYS A 330 -50.50 2.65 -23.00
CA LYS A 330 -50.89 1.53 -22.15
C LYS A 330 -49.80 1.20 -21.14
N ILE A 331 -48.55 1.35 -21.58
CA ILE A 331 -47.39 0.99 -20.78
C ILE A 331 -46.30 2.04 -20.87
N ILE A 332 -45.77 2.43 -19.72
CA ILE A 332 -44.58 3.25 -19.64
C ILE A 332 -43.44 2.38 -19.14
N VAL A 333 -42.33 2.38 -19.86
CA VAL A 333 -41.13 1.62 -19.52
C VAL A 333 -39.97 2.59 -19.36
N GLU A 334 -39.51 2.80 -18.14
CA GLU A 334 -38.51 3.84 -17.85
C GLU A 334 -37.08 3.41 -18.16
N GLY A 335 -36.54 3.94 -19.24
CA GLY A 335 -35.17 3.68 -19.61
C GLY A 335 -34.28 4.63 -18.85
N ALA A 336 -34.72 5.89 -18.77
CA ALA A 336 -33.98 6.92 -18.05
C ALA A 336 -34.01 6.66 -16.55
N ASN A 337 -33.07 7.26 -15.85
CA ASN A 337 -33.15 7.37 -14.40
C ASN A 337 -34.09 8.52 -14.01
N GLY A 338 -35.02 8.25 -13.10
CA GLY A 338 -35.94 9.24 -12.59
C GLY A 338 -36.72 10.13 -13.55
N PRO A 339 -37.23 9.56 -14.65
CA PRO A 339 -37.97 10.42 -15.58
C PRO A 339 -39.36 10.80 -15.08
N THR A 340 -39.89 10.05 -14.12
CA THR A 340 -41.28 10.21 -13.68
C THR A 340 -41.42 10.52 -12.19
N THR A 341 -42.14 11.61 -11.87
CA THR A 341 -42.36 11.96 -10.47
C THR A 341 -43.43 11.09 -9.79
N THR A 342 -43.51 11.18 -8.47
CA THR A 342 -44.49 10.42 -7.73
C THR A 342 -45.89 10.96 -7.96
N ALA A 343 -46.02 12.28 -8.09
CA ALA A 343 -47.30 12.87 -8.44
C ALA A 343 -47.78 12.35 -9.81
N ALA A 344 -46.87 12.25 -10.78
CA ALA A 344 -47.24 11.71 -12.09
C ALA A 344 -47.64 10.25 -11.98
N ASP A 345 -46.91 9.50 -11.15
CA ASP A 345 -47.22 8.08 -10.89
C ASP A 345 -48.68 7.89 -10.52
N ASP A 346 -49.17 8.73 -9.62
CA ASP A 346 -50.53 8.60 -9.12
C ASP A 346 -51.54 8.90 -10.21
N ILE A 347 -51.29 9.96 -10.97
CA ILE A 347 -52.13 10.34 -12.09
C ILE A 347 -52.21 9.20 -13.12
N LEU A 348 -51.05 8.66 -13.48
CA LEU A 348 -50.96 7.57 -14.47
C LEU A 348 -51.67 6.30 -14.01
N SER A 349 -51.53 5.96 -12.73
CA SER A 349 -52.19 4.81 -12.15
C SER A 349 -53.72 4.95 -12.22
N ALA A 350 -54.22 6.16 -11.93
CA ALA A 350 -55.64 6.46 -12.00
C ALA A 350 -56.15 6.41 -13.44
N ASN A 351 -55.27 6.69 -14.39
CA ASN A 351 -55.64 6.61 -15.79
C ASN A 351 -55.39 5.21 -16.37
N GLY A 352 -55.04 4.26 -15.49
CA GLY A 352 -54.89 2.87 -15.89
C GLY A 352 -53.63 2.56 -16.70
N VAL A 353 -52.71 3.52 -16.71
CA VAL A 353 -51.43 3.33 -17.40
C VAL A 353 -50.49 2.52 -16.51
N LEU A 354 -49.86 1.49 -17.11
CA LEU A 354 -48.92 0.64 -16.39
C LEU A 354 -47.50 1.19 -16.47
N VAL A 355 -46.92 1.50 -15.31
CA VAL A 355 -45.60 2.09 -15.25
C VAL A 355 -44.56 1.09 -14.76
N ILE A 356 -43.58 0.78 -15.60
CA ILE A 356 -42.47 -0.09 -15.22
C ILE A 356 -41.28 0.79 -14.86
N PRO A 357 -40.82 0.72 -13.60
CA PRO A 357 -39.88 1.73 -13.10
C PRO A 357 -38.45 1.54 -13.61
N ASP A 358 -37.72 2.65 -13.63
CA ASP A 358 -36.31 2.70 -14.00
C ASP A 358 -35.45 1.63 -13.29
N VAL A 359 -35.66 1.48 -11.98
CA VAL A 359 -34.80 0.64 -11.14
C VAL A 359 -34.94 -0.84 -11.45
N ILE A 360 -35.92 -1.18 -12.29
CA ILE A 360 -35.99 -2.52 -12.87
C ILE A 360 -35.67 -2.49 -14.37
N ALA A 361 -36.30 -1.57 -15.09
CA ALA A 361 -36.22 -1.54 -16.55
C ALA A 361 -34.83 -1.24 -17.11
N ASN A 362 -34.03 -0.43 -16.44
CA ASN A 362 -32.75 -0.09 -17.05
C ASN A 362 -31.56 -0.75 -16.38
N ALA A 363 -31.81 -1.81 -15.63
CA ALA A 363 -30.74 -2.52 -14.93
C ALA A 363 -29.94 -3.44 -15.86
N GLY A 364 -30.29 -3.49 -17.14
CA GLY A 364 -29.58 -4.35 -18.08
C GLY A 364 -28.10 -3.99 -18.18
N GLY A 365 -27.81 -2.71 -18.10
CA GLY A 365 -26.44 -2.23 -18.19
C GLY A 365 -25.57 -2.75 -17.04
N VAL A 366 -26.02 -2.55 -15.82
CA VAL A 366 -25.24 -2.95 -14.66
C VAL A 366 -25.10 -4.47 -14.61
N THR A 367 -26.08 -5.17 -15.15
CA THR A 367 -26.08 -6.62 -15.18
C THR A 367 -24.94 -7.16 -16.06
N VAL A 368 -24.74 -6.57 -17.22
CA VAL A 368 -23.63 -6.97 -18.10
C VAL A 368 -22.32 -6.28 -17.67
N SER A 369 -22.43 -5.10 -17.06
CA SER A 369 -21.28 -4.44 -16.43
C SER A 369 -20.62 -5.39 -15.44
N TYR A 370 -21.48 -6.08 -14.67
CA TYR A 370 -21.04 -7.12 -13.75
C TYR A 370 -20.31 -8.23 -14.50
N PHE A 371 -20.81 -8.59 -15.68
CA PHE A 371 -20.21 -9.66 -16.47
C PHE A 371 -18.83 -9.27 -16.96
N GLU A 372 -18.70 -8.02 -17.41
CA GLU A 372 -17.43 -7.45 -17.87
C GLU A 372 -16.40 -7.44 -16.73
N TRP A 373 -16.82 -6.93 -15.57
CA TRP A 373 -15.97 -6.83 -14.39
C TRP A 373 -15.41 -8.18 -13.90
N VAL A 374 -16.14 -9.25 -14.19
CA VAL A 374 -15.87 -10.57 -13.62
C VAL A 374 -14.81 -11.37 -14.38
N GLN A 375 -14.85 -11.35 -15.71
CA GLN A 375 -13.80 -12.00 -16.50
C GLN A 375 -13.24 -11.03 -17.53
N TRP A 382 -18.42 -18.30 -23.41
CA TRP A 382 -19.71 -17.70 -23.73
C TRP A 382 -19.61 -16.69 -24.86
N THR A 383 -20.49 -16.83 -25.86
CA THR A 383 -20.50 -15.93 -27.00
C THR A 383 -21.37 -14.70 -26.70
N GLU A 384 -21.45 -13.78 -27.64
CA GLU A 384 -22.23 -12.56 -27.46
C GLU A 384 -23.71 -12.89 -27.33
N ASP A 385 -24.12 -13.98 -27.97
CA ASP A 385 -25.51 -14.42 -27.95
C ASP A 385 -25.86 -15.09 -26.63
N GLU A 386 -24.89 -15.73 -26.01
CA GLU A 386 -25.08 -16.37 -24.71
C GLU A 386 -25.08 -15.31 -23.61
N ILE A 387 -24.26 -14.28 -23.78
CA ILE A 387 -24.27 -13.13 -22.89
C ILE A 387 -25.65 -12.48 -22.91
N ASN A 388 -26.15 -12.21 -24.11
CA ASN A 388 -27.47 -11.61 -24.27
C ASN A 388 -28.57 -12.51 -23.73
N HIS A 389 -28.46 -13.80 -24.02
CA HIS A 389 -29.45 -14.78 -23.56
C HIS A 389 -29.53 -14.82 -22.04
N ARG A 390 -28.39 -14.66 -21.39
CA ARG A 390 -28.36 -14.63 -19.93
C ARG A 390 -28.94 -13.31 -19.42
N LEU A 391 -28.59 -12.21 -20.07
CA LEU A 391 -29.18 -10.91 -19.78
C LEU A 391 -30.68 -10.98 -19.85
N GLU A 392 -31.18 -11.59 -20.92
CA GLU A 392 -32.62 -11.65 -21.14
C GLU A 392 -33.26 -12.42 -20.00
N ARG A 393 -32.61 -13.50 -19.56
CA ARG A 393 -33.18 -14.35 -18.52
C ARG A 393 -33.20 -13.65 -17.17
N VAL A 394 -32.11 -12.98 -16.80
CA VAL A 394 -32.09 -12.31 -15.51
C VAL A 394 -33.10 -11.17 -15.46
N MET A 395 -33.34 -10.52 -16.61
CA MET A 395 -34.25 -9.40 -16.64
C MET A 395 -35.69 -9.90 -16.51
N ARG A 396 -36.03 -10.98 -17.24
CA ARG A 396 -37.35 -11.58 -17.11
C ARG A 396 -37.61 -12.05 -15.68
N GLU A 397 -36.61 -12.66 -15.05
CA GLU A 397 -36.78 -13.19 -13.71
C GLU A 397 -36.88 -12.09 -12.65
N ALA A 398 -36.13 -11.01 -12.82
CA ALA A 398 -36.21 -9.90 -11.87
C ALA A 398 -37.55 -9.18 -11.99
N PHE A 399 -38.04 -9.05 -13.23
CA PHE A 399 -39.34 -8.44 -13.49
C PHE A 399 -40.44 -9.27 -12.83
N ALA A 400 -40.33 -10.59 -12.98
CA ALA A 400 -41.37 -11.49 -12.49
C ALA A 400 -41.38 -11.52 -10.96
N GLY A 401 -40.22 -11.32 -10.33
CA GLY A 401 -40.14 -11.32 -8.89
C GLY A 401 -40.79 -10.08 -8.29
N VAL A 402 -40.50 -8.92 -8.89
CA VAL A 402 -41.09 -7.65 -8.48
C VAL A 402 -42.60 -7.66 -8.75
N TRP A 403 -43.02 -8.28 -9.85
CA TRP A 403 -44.44 -8.39 -10.16
C TRP A 403 -45.18 -9.20 -9.09
N ALA A 404 -44.55 -10.26 -8.61
CA ALA A 404 -45.14 -11.10 -7.58
C ALA A 404 -45.28 -10.32 -6.28
N VAL A 405 -44.31 -9.46 -6.00
CA VAL A 405 -44.35 -8.63 -4.80
C VAL A 405 -45.46 -7.60 -4.90
N ALA A 406 -45.58 -6.97 -6.06
CA ALA A 406 -46.60 -5.95 -6.28
C ALA A 406 -48.00 -6.52 -6.09
N GLU A 407 -48.21 -7.73 -6.57
CA GLU A 407 -49.51 -8.38 -6.41
C GLU A 407 -49.72 -8.84 -4.96
N GLU A 408 -48.63 -9.20 -4.29
CA GLU A 408 -48.69 -9.60 -2.89
C GLU A 408 -49.16 -8.46 -1.98
N HIS A 409 -48.75 -7.23 -2.29
CA HIS A 409 -49.03 -6.08 -1.43
C HIS A 409 -50.05 -5.10 -2.04
N LYS A 410 -50.52 -5.42 -3.25
CA LYS A 410 -51.46 -4.57 -3.98
C LYS A 410 -50.90 -3.16 -4.17
N VAL A 411 -49.64 -3.09 -4.62
CA VAL A 411 -48.95 -1.83 -4.87
C VAL A 411 -48.41 -1.78 -6.30
N SER A 412 -47.92 -0.62 -6.70
CA SER A 412 -47.40 -0.46 -8.05
C SER A 412 -46.10 -1.23 -8.22
N VAL A 413 -45.64 -1.37 -9.45
CA VAL A 413 -44.37 -2.07 -9.68
C VAL A 413 -43.21 -1.22 -9.14
N ARG A 414 -43.36 0.10 -9.15
CA ARG A 414 -42.28 0.92 -8.59
C ARG A 414 -42.14 0.64 -7.08
N THR A 415 -43.27 0.64 -6.37
CA THR A 415 -43.24 0.44 -4.94
C THR A 415 -42.72 -0.95 -4.60
N ALA A 416 -43.18 -1.96 -5.34
CA ALA A 416 -42.72 -3.33 -5.16
C ALA A 416 -41.22 -3.46 -5.40
N ALA A 417 -40.73 -2.81 -6.45
CA ALA A 417 -39.29 -2.81 -6.74
C ALA A 417 -38.50 -2.25 -5.57
N PHE A 418 -39.01 -1.19 -4.96
CA PHE A 418 -38.37 -0.63 -3.78
C PHE A 418 -38.45 -1.58 -2.59
N ILE A 419 -39.59 -2.27 -2.44
CA ILE A 419 -39.73 -3.21 -1.34
C ILE A 419 -38.63 -4.27 -1.42
N VAL A 420 -38.49 -4.87 -2.60
CA VAL A 420 -37.43 -5.86 -2.82
C VAL A 420 -36.05 -5.30 -2.53
N ALA A 421 -35.74 -4.16 -3.12
CA ALA A 421 -34.39 -3.60 -3.04
C ALA A 421 -34.08 -3.10 -1.63
N CYS A 422 -35.03 -2.37 -1.05
CA CYS A 422 -34.78 -1.75 0.25
C CYS A 422 -34.74 -2.77 1.38
N LYS A 423 -35.45 -3.88 1.23
CA LYS A 423 -35.35 -4.95 2.22
C LYS A 423 -33.93 -5.53 2.20
N ARG A 424 -33.36 -5.64 1.01
CA ARG A 424 -32.04 -6.24 0.87
C ARG A 424 -30.93 -5.30 1.34
N ILE A 425 -31.02 -4.03 0.96
CA ILE A 425 -30.06 -3.04 1.43
C ILE A 425 -30.10 -2.86 2.95
N LEU A 426 -31.31 -2.77 3.51
CA LEU A 426 -31.42 -2.49 4.94
C LEU A 426 -31.15 -3.71 5.81
N MET A 427 -31.34 -4.91 5.26
CA MET A 427 -30.99 -6.12 5.98
C MET A 427 -29.45 -6.22 6.05
N ALA A 428 -28.79 -5.87 4.96
CA ALA A 428 -27.34 -5.77 4.94
C ALA A 428 -26.83 -4.76 5.98
N ARG A 429 -27.48 -3.60 6.04
CA ARG A 429 -27.14 -2.59 7.04
C ARG A 429 -27.41 -3.10 8.45
N GLU A 430 -28.50 -3.84 8.60
CA GLU A 430 -28.88 -4.39 9.89
C GLU A 430 -27.84 -5.38 10.41
N MET A 431 -27.37 -6.28 9.55
CA MET A 431 -26.41 -7.30 9.92
C MET A 431 -25.02 -6.75 10.22
N ARG A 432 -24.59 -5.80 9.39
CA ARG A 432 -23.28 -5.20 9.52
C ARG A 432 -23.21 -4.32 10.75
N GLY A 433 -24.34 -3.68 11.06
CA GLY A 433 -24.49 -2.84 12.24
C GLY A 433 -23.70 -1.55 12.16
N LEU A 434 -23.53 -0.90 13.30
CA LEU A 434 -22.77 0.35 13.35
C LEU A 434 -21.50 0.18 14.17
N TYR A 435 -20.40 0.70 13.66
CA TYR A 435 -19.07 0.55 14.25
C TYR A 435 -18.42 1.93 14.44
N PRO A 436 -18.36 2.42 15.69
CA PRO A 436 -18.84 1.81 16.94
C PRO A 436 -20.33 2.02 17.18
N SER B 15 13.51 4.71 -36.42
CA SER B 15 14.87 4.73 -35.92
C SER B 15 15.01 3.84 -34.69
N ILE B 16 16.14 3.15 -34.58
CA ILE B 16 16.40 2.27 -33.43
C ILE B 16 16.87 3.07 -32.20
N PRO B 17 16.53 2.57 -31.00
CA PRO B 17 16.97 3.19 -29.74
C PRO B 17 18.49 3.27 -29.59
N SER B 18 18.97 4.34 -28.96
CA SER B 18 20.40 4.59 -28.83
C SER B 18 21.08 3.52 -27.97
N TYR B 19 20.31 2.82 -27.15
CA TYR B 19 20.93 1.82 -26.28
C TYR B 19 21.20 0.51 -27.01
N LEU B 20 20.74 0.38 -28.25
CA LEU B 20 21.03 -0.79 -29.06
C LEU B 20 22.12 -0.48 -30.09
N HIS B 21 22.77 -1.50 -30.63
CA HIS B 21 23.70 -1.27 -31.74
C HIS B 21 23.12 -1.86 -33.03
N ALA B 22 23.01 -1.00 -34.04
CA ALA B 22 22.34 -1.33 -35.31
C ALA B 22 22.89 -2.57 -36.01
N ASP B 23 24.19 -2.84 -35.83
CA ASP B 23 24.80 -4.02 -36.44
C ASP B 23 24.86 -5.20 -35.47
N ASP B 24 24.10 -5.09 -34.38
CA ASP B 24 24.07 -6.13 -33.35
C ASP B 24 22.67 -6.22 -32.75
N LEU B 25 21.64 -6.12 -33.60
CA LEU B 25 20.26 -6.09 -33.12
C LEU B 25 19.70 -7.46 -32.70
N GLY B 26 20.40 -8.53 -33.06
CA GLY B 26 19.96 -9.87 -32.73
C GLY B 26 18.51 -10.08 -33.13
N PRO B 27 17.77 -10.85 -32.33
CA PRO B 27 16.37 -11.20 -32.60
C PRO B 27 15.48 -9.96 -32.74
N TRP B 28 15.85 -8.86 -32.07
CA TRP B 28 15.01 -7.67 -32.13
C TRP B 28 15.01 -7.09 -33.54
N GLY B 29 16.11 -7.32 -34.25
CA GLY B 29 16.22 -6.88 -35.64
C GLY B 29 15.26 -7.64 -36.54
N ASN B 30 15.02 -8.91 -36.23
CA ASN B 30 14.03 -9.71 -36.96
C ASN B 30 12.61 -9.23 -36.65
N TYR B 31 12.33 -9.01 -35.37
CA TYR B 31 11.01 -8.53 -34.97
C TYR B 31 10.65 -7.24 -35.70
N LEU B 32 11.58 -6.28 -35.73
CA LEU B 32 11.37 -5.02 -36.42
C LEU B 32 11.04 -5.22 -37.90
N GLN B 33 11.67 -6.21 -38.55
CA GLN B 33 11.33 -6.52 -39.94
C GLN B 33 9.87 -6.98 -40.06
N GLN B 34 9.44 -7.77 -39.09
CA GLN B 34 8.08 -8.29 -39.07
C GLN B 34 7.10 -7.15 -38.89
N VAL B 35 7.49 -6.15 -38.09
CA VAL B 35 6.66 -4.94 -37.94
C VAL B 35 6.56 -4.16 -39.26
N ASP B 36 7.68 -3.98 -39.97
CA ASP B 36 7.65 -3.27 -41.26
C ASP B 36 6.68 -3.95 -42.23
N ARG B 37 6.61 -5.27 -42.14
CA ARG B 37 5.77 -6.01 -43.08
C ARG B 37 4.28 -5.87 -42.78
N VAL B 38 3.91 -5.64 -41.53
CA VAL B 38 2.49 -5.45 -41.21
C VAL B 38 2.04 -3.99 -41.43
N ALA B 39 3.01 -3.06 -41.44
CA ALA B 39 2.71 -1.63 -41.58
C ALA B 39 1.71 -1.27 -42.70
N PRO B 40 1.82 -1.87 -43.91
CA PRO B 40 0.86 -1.43 -44.94
C PRO B 40 -0.60 -1.85 -44.72
N TYR B 41 -0.88 -2.59 -43.65
CA TYR B 41 -2.20 -3.18 -43.47
C TYR B 41 -2.92 -2.65 -42.24
N LEU B 42 -2.35 -1.61 -41.65
CA LEU B 42 -2.88 -1.12 -40.38
C LEU B 42 -3.84 0.05 -40.51
N GLY B 43 -4.10 0.49 -41.74
CA GLY B 43 -4.99 1.62 -41.95
C GLY B 43 -4.57 2.83 -41.11
N SER B 44 -5.55 3.48 -40.50
CA SER B 44 -5.32 4.71 -39.73
C SER B 44 -4.57 4.45 -38.43
N LEU B 45 -4.40 3.19 -38.07
CA LEU B 45 -3.62 2.83 -36.88
C LEU B 45 -2.14 3.01 -37.14
N SER B 46 -1.80 3.27 -38.40
CA SER B 46 -0.41 3.51 -38.82
C SER B 46 0.27 4.64 -38.05
N ARG B 47 -0.52 5.65 -37.67
CA ARG B 47 0.00 6.77 -36.90
C ARG B 47 0.68 6.29 -35.63
N TRP B 48 0.29 5.12 -35.14
CA TRP B 48 0.79 4.60 -33.86
C TRP B 48 1.86 3.50 -33.98
N ILE B 49 2.38 3.27 -35.18
CA ILE B 49 3.19 2.09 -35.39
C ILE B 49 4.45 2.05 -34.50
N GLU B 50 4.99 3.21 -34.12
CA GLU B 50 6.24 3.22 -33.35
C GLU B 50 6.06 2.63 -31.95
N THR B 51 4.81 2.63 -31.45
CA THR B 51 4.49 1.95 -30.19
C THR B 51 4.91 0.48 -30.19
N LEU B 52 4.86 -0.14 -31.37
CA LEU B 52 5.27 -1.55 -31.49
C LEU B 52 6.78 -1.70 -31.37
N LYS B 53 7.49 -0.63 -31.71
CA LYS B 53 8.96 -0.65 -31.73
C LYS B 53 9.58 -0.09 -30.45
N ARG B 54 8.76 0.23 -29.46
CA ARG B 54 9.24 0.78 -28.20
C ARG B 54 8.59 0.11 -27.00
N PRO B 55 9.37 -0.70 -26.26
CA PRO B 55 8.84 -1.36 -25.06
C PRO B 55 8.52 -0.32 -24.00
N LYS B 56 7.39 -0.47 -23.34
CA LYS B 56 7.03 0.47 -22.28
C LYS B 56 8.08 0.51 -21.17
N ARG B 57 8.62 -0.65 -20.83
CA ARG B 57 9.44 -0.77 -19.64
C ARG B 57 10.56 -1.82 -19.83
N ILE B 58 11.80 -1.36 -19.69
CA ILE B 58 12.94 -2.27 -19.65
C ILE B 58 13.54 -2.19 -18.24
N LEU B 59 13.58 -3.34 -17.57
CA LEU B 59 14.25 -3.42 -16.29
C LEU B 59 15.44 -4.36 -16.35
N ILE B 60 16.61 -3.81 -16.05
CA ILE B 60 17.84 -4.59 -15.99
C ILE B 60 18.36 -4.60 -14.56
N VAL B 61 18.46 -5.78 -13.98
CA VAL B 61 18.80 -5.90 -12.57
C VAL B 61 20.07 -6.70 -12.37
N ASP B 62 20.89 -6.26 -11.43
CA ASP B 62 22.03 -7.02 -10.96
C ASP B 62 21.55 -8.21 -10.12
N VAL B 63 22.11 -9.38 -10.39
CA VAL B 63 21.75 -10.60 -9.67
C VAL B 63 23.01 -11.22 -9.06
N PRO B 64 23.43 -10.68 -7.91
CA PRO B 64 24.64 -11.18 -7.24
C PRO B 64 24.34 -12.34 -6.29
N ILE B 65 25.17 -13.38 -6.34
CA ILE B 65 25.09 -14.43 -5.32
C ILE B 65 26.47 -14.85 -4.89
N GLU B 66 26.54 -15.46 -3.71
CA GLU B 66 27.75 -16.12 -3.25
CA GLU B 66 27.78 -16.10 -3.28
C GLU B 66 27.80 -17.50 -3.87
N LEU B 67 28.89 -17.82 -4.57
CA LEU B 67 29.03 -19.14 -5.17
C LEU B 67 29.39 -20.17 -4.11
N ASP B 68 29.19 -21.44 -4.42
CA ASP B 68 29.64 -22.51 -3.55
C ASP B 68 31.15 -22.43 -3.25
N ASN B 69 31.93 -21.95 -4.22
CA ASN B 69 33.38 -21.86 -4.03
C ASN B 69 33.85 -20.65 -3.23
N GLY B 70 32.93 -19.82 -2.77
CA GLY B 70 33.27 -18.73 -1.86
C GLY B 70 33.39 -17.34 -2.47
N THR B 71 33.39 -17.25 -3.78
CA THR B 71 33.46 -15.94 -4.45
C THR B 71 32.07 -15.45 -4.85
N VAL B 72 31.94 -14.13 -4.97
CA VAL B 72 30.72 -13.49 -5.43
C VAL B 72 30.60 -13.51 -6.96
N ALA B 73 29.42 -13.87 -7.45
CA ALA B 73 29.15 -13.89 -8.89
C ALA B 73 27.99 -12.96 -9.20
N HIS B 74 28.11 -12.23 -10.30
CA HIS B 74 27.10 -11.28 -10.73
C HIS B 74 26.54 -11.73 -12.07
N PHE B 75 25.22 -11.89 -12.12
CA PHE B 75 24.55 -12.30 -13.37
C PHE B 75 23.60 -11.20 -13.81
N GLU B 76 23.43 -11.04 -15.12
CA GLU B 76 22.49 -10.08 -15.67
C GLU B 76 21.07 -10.65 -15.64
N GLY B 77 20.17 -9.92 -14.99
CA GLY B 77 18.76 -10.30 -14.98
C GLY B 77 17.96 -9.25 -15.77
N TYR B 78 16.93 -9.70 -16.47
CA TYR B 78 16.09 -8.80 -17.27
C TYR B 78 14.61 -9.07 -17.03
N ARG B 79 13.81 -8.01 -17.03
CA ARG B 79 12.36 -8.14 -17.19
C ARG B 79 11.89 -6.99 -18.09
N VAL B 80 11.40 -7.35 -19.26
CA VAL B 80 10.98 -6.34 -20.21
C VAL B 80 9.48 -6.47 -20.38
N GLN B 81 8.78 -5.35 -20.17
CA GLN B 81 7.35 -5.30 -20.43
C GLN B 81 7.17 -4.50 -21.71
N HIS B 82 6.86 -5.18 -22.80
CA HIS B 82 6.89 -4.54 -24.11
C HIS B 82 5.62 -3.73 -24.33
N ASN B 83 4.47 -4.30 -24.01
CA ASN B 83 3.22 -3.58 -24.20
C ASN B 83 2.19 -4.11 -23.23
N VAL B 84 1.57 -3.21 -22.45
CA VAL B 84 0.52 -3.64 -21.54
C VAL B 84 -0.77 -2.85 -21.74
N SER B 85 -1.00 -2.38 -22.97
CA SER B 85 -2.22 -1.65 -23.29
CA SER B 85 -2.22 -1.64 -23.28
C SER B 85 -3.47 -2.45 -22.94
N ARG B 86 -3.43 -3.76 -23.21
CA ARG B 86 -4.60 -4.64 -23.12
C ARG B 86 -4.80 -5.34 -21.76
N GLY B 87 -3.76 -5.35 -20.94
CA GLY B 87 -3.86 -6.00 -19.65
C GLY B 87 -2.50 -6.12 -19.02
N PRO B 88 -2.42 -6.80 -17.87
CA PRO B 88 -1.15 -7.08 -17.17
C PRO B 88 -0.16 -7.80 -18.08
N GLY B 89 1.14 -7.68 -17.78
CA GLY B 89 2.14 -8.35 -18.57
C GLY B 89 2.05 -9.86 -18.36
N LYS B 90 2.41 -10.61 -19.40
CA LYS B 90 2.48 -12.06 -19.32
C LYS B 90 3.62 -12.55 -20.18
N GLY B 91 4.39 -13.49 -19.64
CA GLY B 91 5.45 -14.10 -20.43
C GLY B 91 6.53 -14.76 -19.61
N GLY B 92 7.28 -15.66 -20.25
CA GLY B 92 8.17 -16.57 -19.55
C GLY B 92 9.52 -15.99 -19.16
N VAL B 93 10.34 -16.81 -18.51
CA VAL B 93 11.68 -16.43 -18.07
C VAL B 93 12.69 -17.42 -18.62
N ARG B 94 13.67 -16.91 -19.35
CA ARG B 94 14.71 -17.75 -19.93
C ARG B 94 16.00 -17.74 -19.12
N TYR B 95 16.56 -18.92 -18.86
CA TYR B 95 17.93 -19.02 -18.36
C TYR B 95 18.82 -19.54 -19.48
N HIS B 96 19.74 -18.72 -19.96
CA HIS B 96 20.58 -19.14 -21.08
C HIS B 96 21.80 -18.24 -21.19
N GLN B 97 22.95 -18.84 -21.55
CA GLN B 97 24.20 -18.12 -21.59
C GLN B 97 24.18 -16.98 -22.61
N ASP B 98 23.29 -17.07 -23.58
CA ASP B 98 23.20 -16.02 -24.60
C ASP B 98 22.03 -15.06 -24.38
N VAL B 99 21.46 -15.03 -23.18
CA VAL B 99 20.44 -14.02 -22.90
C VAL B 99 21.04 -12.60 -23.00
N THR B 100 20.36 -11.72 -23.73
CA THR B 100 20.79 -10.33 -23.92
C THR B 100 19.58 -9.38 -23.88
N LEU B 101 19.81 -8.08 -23.68
CA LEU B 101 18.72 -7.10 -23.77
C LEU B 101 17.90 -7.27 -25.05
N SER B 102 18.58 -7.31 -26.18
CA SER B 102 17.87 -7.37 -27.46
C SER B 102 17.04 -8.63 -27.60
N GLU B 103 17.52 -9.73 -27.03
CA GLU B 103 16.81 -11.00 -27.12
C GLU B 103 15.56 -10.98 -26.22
N VAL B 104 15.69 -10.42 -25.01
CA VAL B 104 14.56 -10.37 -24.08
C VAL B 104 13.50 -9.39 -24.63
N MET B 105 13.96 -8.31 -25.26
CA MET B 105 13.06 -7.35 -25.93
C MET B 105 12.24 -8.06 -27.01
N ALA B 106 12.92 -8.74 -27.93
CA ALA B 106 12.20 -9.46 -28.99
C ALA B 106 11.19 -10.45 -28.42
N LEU B 107 11.62 -11.31 -27.49
CA LEU B 107 10.74 -12.27 -26.83
C LEU B 107 9.53 -11.60 -26.18
N SER B 108 9.73 -10.45 -25.53
CA SER B 108 8.59 -9.75 -24.91
C SER B 108 7.63 -9.16 -25.98
N ALA B 109 8.18 -8.79 -27.12
CA ALA B 109 7.35 -8.30 -28.23
C ALA B 109 6.49 -9.43 -28.84
N TRP B 110 7.11 -10.58 -29.08
CA TRP B 110 6.36 -11.70 -29.62
C TRP B 110 5.28 -12.16 -28.60
N MET B 111 5.51 -11.95 -27.31
CA MET B 111 4.45 -12.18 -26.32
C MET B 111 3.26 -11.25 -26.54
N SER B 112 3.55 -9.96 -26.77
CA SER B 112 2.52 -8.96 -26.95
C SER B 112 1.67 -9.35 -28.15
N VAL B 113 2.35 -9.75 -29.21
CA VAL B 113 1.70 -10.12 -30.45
C VAL B 113 0.95 -11.46 -30.33
N LYS B 114 1.56 -12.48 -29.73
CA LYS B 114 0.84 -13.75 -29.61
C LYS B 114 -0.39 -13.60 -28.71
N ASN B 115 -0.28 -12.78 -27.67
CA ASN B 115 -1.36 -12.62 -26.69
C ASN B 115 -2.56 -11.96 -27.35
N ALA B 116 -2.28 -10.96 -28.18
CA ALA B 116 -3.31 -10.25 -28.92
C ALA B 116 -3.91 -11.17 -29.97
N ALA B 117 -3.07 -11.96 -30.63
CA ALA B 117 -3.48 -12.82 -31.73
C ALA B 117 -4.43 -13.93 -31.32
N VAL B 118 -4.23 -14.50 -30.13
CA VAL B 118 -5.17 -15.51 -29.61
C VAL B 118 -6.15 -14.90 -28.65
N ASN B 119 -5.99 -13.59 -28.44
CA ASN B 119 -6.97 -12.77 -27.74
C ASN B 119 -7.11 -13.11 -26.25
N VAL B 120 -5.98 -13.33 -25.57
CA VAL B 120 -5.99 -13.42 -24.13
C VAL B 120 -5.73 -12.02 -23.57
N PRO B 121 -6.36 -11.70 -22.43
CA PRO B 121 -6.33 -10.31 -21.92
C PRO B 121 -5.00 -9.94 -21.24
N TYR B 122 -3.90 -10.18 -21.94
CA TYR B 122 -2.57 -9.91 -21.41
C TYR B 122 -1.69 -9.08 -22.34
N GLY B 123 -0.89 -8.20 -21.76
CA GLY B 123 0.15 -7.56 -22.52
C GLY B 123 1.35 -8.49 -22.56
N GLY B 124 2.35 -8.16 -23.35
CA GLY B 124 3.53 -8.99 -23.44
C GLY B 124 4.70 -8.57 -22.58
N ALA B 125 5.32 -9.56 -21.94
CA ALA B 125 6.48 -9.31 -21.09
C ALA B 125 7.38 -10.53 -21.18
N LYS B 126 8.65 -10.36 -20.81
CA LYS B 126 9.55 -11.49 -20.78
C LYS B 126 10.70 -11.24 -19.82
N GLY B 127 11.27 -12.33 -19.30
CA GLY B 127 12.43 -12.20 -18.45
C GLY B 127 13.53 -13.10 -18.93
N GLY B 128 14.70 -12.87 -18.36
CA GLY B 128 15.88 -13.64 -18.70
C GLY B 128 16.95 -13.44 -17.66
N ILE B 129 17.70 -14.51 -17.41
CA ILE B 129 18.97 -14.42 -16.71
C ILE B 129 20.08 -14.96 -17.63
N ARG B 130 21.14 -14.18 -17.78
CA ARG B 130 22.26 -14.58 -18.63
C ARG B 130 23.18 -15.53 -17.86
N VAL B 131 22.85 -16.81 -17.95
CA VAL B 131 23.52 -17.85 -17.20
C VAL B 131 23.25 -19.19 -17.87
N ASP B 132 24.26 -20.06 -17.84
CA ASP B 132 24.08 -21.45 -18.22
C ASP B 132 23.87 -22.28 -16.97
N PRO B 133 22.63 -22.72 -16.73
CA PRO B 133 22.30 -23.44 -15.49
C PRO B 133 23.10 -24.72 -15.29
N ARG B 134 23.64 -25.28 -16.36
CA ARG B 134 24.46 -26.47 -16.21
C ARG B 134 25.72 -26.18 -15.41
N LYS B 135 26.17 -24.93 -15.44
CA LYS B 135 27.39 -24.55 -14.73
C LYS B 135 27.15 -24.21 -13.25
N LEU B 136 25.90 -24.26 -12.82
CA LEU B 136 25.56 -23.94 -11.44
C LEU B 136 25.12 -25.18 -10.68
N SER B 137 25.51 -25.27 -9.40
CA SER B 137 24.97 -26.30 -8.53
C SER B 137 23.49 -26.00 -8.31
N ARG B 138 22.77 -26.97 -7.74
CA ARG B 138 21.34 -26.76 -7.44
C ARG B 138 21.12 -25.60 -6.45
N GLY B 139 22.01 -25.48 -5.48
CA GLY B 139 21.94 -24.36 -4.55
C GLY B 139 22.14 -23.03 -5.25
N GLU B 140 23.16 -22.96 -6.09
CA GLU B 140 23.48 -21.72 -6.80
C GLU B 140 22.30 -21.31 -7.69
N LEU B 141 21.69 -22.29 -8.33
CA LEU B 141 20.55 -22.05 -9.21
C LEU B 141 19.38 -21.48 -8.43
N GLU B 142 19.16 -22.03 -7.24
CA GLU B 142 18.09 -21.56 -6.39
C GLU B 142 18.39 -20.13 -5.95
N ARG B 143 19.63 -19.86 -5.52
CA ARG B 143 19.95 -18.53 -5.02
C ARG B 143 19.82 -17.46 -6.12
N VAL B 144 20.33 -17.74 -7.31
CA VAL B 144 20.12 -16.87 -8.48
C VAL B 144 18.64 -16.61 -8.75
N THR B 145 17.83 -17.68 -8.75
CA THR B 145 16.41 -17.55 -8.99
C THR B 145 15.73 -16.65 -7.95
N ARG B 146 16.04 -16.88 -6.67
CA ARG B 146 15.42 -16.07 -5.62
C ARG B 146 15.84 -14.60 -5.65
N ARG B 147 17.14 -14.35 -5.84
CA ARG B 147 17.64 -12.98 -5.90
C ARG B 147 17.01 -12.22 -7.08
N TYR B 148 16.91 -12.90 -8.21
CA TYR B 148 16.30 -12.32 -9.40
C TYR B 148 14.84 -11.94 -9.14
N THR B 149 14.10 -12.85 -8.51
CA THR B 149 12.69 -12.57 -8.18
C THR B 149 12.58 -11.38 -7.19
N SER B 150 13.46 -11.32 -6.22
CA SER B 150 13.50 -10.17 -5.32
C SER B 150 13.75 -8.86 -6.05
N GLU B 151 14.68 -8.89 -7.01
CA GLU B 151 15.05 -7.68 -7.73
C GLU B 151 13.94 -7.20 -8.66
N ILE B 152 13.21 -8.12 -9.28
CA ILE B 152 12.19 -7.67 -10.22
C ILE B 152 10.82 -7.60 -9.56
N GLY B 153 10.76 -7.89 -8.27
CA GLY B 153 9.50 -7.87 -7.54
C GLY B 153 8.76 -6.55 -7.70
N ILE B 154 9.53 -5.47 -7.81
CA ILE B 154 8.97 -4.11 -7.89
C ILE B 154 8.02 -3.94 -9.09
N ILE B 155 8.13 -4.78 -10.12
CA ILE B 155 7.21 -4.63 -11.25
C ILE B 155 6.45 -5.91 -11.60
N ILE B 156 6.55 -6.94 -10.78
CA ILE B 156 5.75 -8.13 -11.06
C ILE B 156 4.68 -8.27 -9.99
N GLY B 157 3.74 -9.17 -10.22
CA GLY B 157 2.65 -9.38 -9.29
C GLY B 157 1.47 -10.02 -10.00
N PRO B 158 0.61 -10.71 -9.23
CA PRO B 158 -0.53 -11.45 -9.78
C PRO B 158 -1.43 -10.56 -10.64
N ASN B 159 -1.40 -9.26 -10.40
CA ASN B 159 -2.25 -8.35 -11.15
C ASN B 159 -1.49 -7.36 -12.01
N THR B 160 -0.17 -7.55 -12.13
CA THR B 160 0.71 -6.56 -12.75
C THR B 160 1.50 -7.15 -13.93
N ASP B 161 2.18 -8.27 -13.68
CA ASP B 161 3.05 -8.95 -14.62
C ASP B 161 3.35 -10.33 -14.07
N ILE B 162 3.00 -11.37 -14.82
CA ILE B 162 3.01 -12.75 -14.35
C ILE B 162 3.97 -13.63 -15.13
N PRO B 163 5.11 -13.99 -14.52
CA PRO B 163 6.09 -14.83 -15.21
C PRO B 163 5.64 -16.28 -15.46
N ALA B 164 6.49 -17.06 -16.11
CA ALA B 164 6.14 -18.39 -16.56
C ALA B 164 7.44 -19.04 -17.01
N PRO B 165 7.41 -20.34 -17.37
CA PRO B 165 8.65 -20.94 -17.84
C PRO B 165 9.07 -20.52 -19.25
N ASP B 166 10.31 -20.82 -19.62
CA ASP B 166 10.82 -20.71 -20.98
C ASP B 166 12.01 -21.64 -21.02
N VAL B 167 12.98 -21.37 -21.88
CA VAL B 167 14.15 -22.24 -22.01
C VAL B 167 14.89 -22.38 -20.67
N ASN B 168 15.17 -23.63 -20.30
CA ASN B 168 15.84 -23.96 -19.02
C ASN B 168 15.12 -23.54 -17.74
N THR B 169 13.85 -23.15 -17.82
CA THR B 169 13.08 -22.99 -16.60
C THR B 169 11.84 -23.86 -16.70
N ASN B 170 11.16 -24.05 -15.56
CA ASN B 170 10.28 -25.21 -15.38
C ASN B 170 9.51 -25.06 -14.09
N GLU B 171 8.77 -26.08 -13.69
CA GLU B 171 7.94 -25.98 -12.49
CA GLU B 171 7.95 -26.02 -12.47
C GLU B 171 8.77 -25.67 -11.23
N GLN B 172 10.01 -26.16 -11.18
CA GLN B 172 10.83 -25.90 -9.98
C GLN B 172 11.24 -24.44 -9.92
N ILE B 173 11.69 -23.87 -11.04
CA ILE B 173 12.07 -22.46 -11.05
C ILE B 173 10.85 -21.61 -10.66
N MET B 174 9.67 -21.95 -11.20
CA MET B 174 8.45 -21.17 -10.88
C MET B 174 8.06 -21.29 -9.39
N ALA B 175 8.27 -22.46 -8.80
CA ALA B 175 7.98 -22.64 -7.36
C ALA B 175 8.87 -21.73 -6.51
N TRP B 176 10.14 -21.64 -6.89
CA TRP B 176 11.11 -20.79 -6.18
C TRP B 176 10.77 -19.31 -6.33
N MET B 177 10.32 -18.95 -7.54
CA MET B 177 9.85 -17.57 -7.79
C MET B 177 8.61 -17.25 -6.97
N MET B 178 7.61 -18.14 -7.02
CA MET B 178 6.37 -17.94 -6.28
C MET B 178 6.66 -17.86 -4.79
N ASP B 179 7.48 -18.78 -4.27
CA ASP B 179 7.86 -18.73 -2.85
C ASP B 179 8.59 -17.43 -2.49
N THR B 180 9.53 -17.00 -3.31
CA THR B 180 10.33 -15.82 -2.97
C THR B 180 9.47 -14.55 -2.93
N TYR B 181 8.62 -14.39 -3.94
CA TYR B 181 7.73 -13.25 -4.00
C TYR B 181 6.75 -13.26 -2.81
N SER B 182 6.23 -14.45 -2.49
CA SER B 182 5.34 -14.62 -1.32
C SER B 182 6.01 -14.19 0.00
N MET B 183 7.26 -14.61 0.20
CA MET B 183 7.97 -14.29 1.45
C MET B 183 8.29 -12.79 1.54
N ASN B 184 8.74 -12.23 0.42
CA ASN B 184 8.96 -10.80 0.25
C ASN B 184 7.72 -9.99 0.61
N GLN B 185 6.56 -10.42 0.10
CA GLN B 185 5.30 -9.71 0.29
C GLN B 185 4.61 -10.04 1.61
N GLY B 186 4.91 -11.18 2.19
CA GLY B 186 4.32 -11.54 3.48
C GLY B 186 3.10 -12.45 3.43
N GLN B 187 2.72 -12.89 2.24
CA GLN B 187 1.53 -13.72 2.06
C GLN B 187 1.67 -14.59 0.83
N THR B 188 1.11 -15.79 0.88
CA THR B 188 1.15 -16.70 -0.26
C THR B 188 0.46 -16.07 -1.46
N ALA B 189 1.16 -16.03 -2.58
CA ALA B 189 0.62 -15.46 -3.80
C ALA B 189 0.78 -16.45 -4.96
N THR B 190 -0.10 -17.45 -5.03
CA THR B 190 0.02 -18.46 -6.09
C THR B 190 -0.13 -17.88 -7.50
N GLY B 191 -0.80 -16.74 -7.64
CA GLY B 191 -1.07 -16.18 -8.97
C GLY B 191 0.07 -15.37 -9.59
N VAL B 192 1.20 -15.25 -8.90
CA VAL B 192 2.28 -14.40 -9.38
C VAL B 192 3.06 -15.05 -10.54
N VAL B 193 3.04 -16.39 -10.61
CA VAL B 193 3.63 -17.14 -11.72
C VAL B 193 2.71 -18.27 -12.20
N THR B 194 2.83 -18.61 -13.47
CA THR B 194 2.18 -19.81 -14.01
C THR B 194 3.22 -20.83 -14.41
N GLY B 195 2.78 -22.03 -14.79
CA GLY B 195 3.69 -23.13 -15.01
C GLY B 195 4.14 -23.70 -13.68
N LYS B 196 3.29 -23.56 -12.66
CA LYS B 196 3.62 -24.03 -11.31
C LYS B 196 3.49 -25.57 -11.20
N PRO B 197 4.19 -26.18 -10.22
CA PRO B 197 3.94 -27.59 -9.92
C PRO B 197 2.50 -27.81 -9.43
N ILE B 198 1.97 -29.02 -9.56
CA ILE B 198 0.55 -29.20 -9.25
C ILE B 198 0.28 -29.04 -7.75
N SER B 199 1.28 -29.29 -6.92
CA SER B 199 1.14 -29.14 -5.48
C SER B 199 0.93 -27.67 -5.07
N LEU B 200 1.20 -26.77 -6.00
CA LEU B 200 1.08 -25.34 -5.76
C LEU B 200 0.06 -24.65 -6.68
N GLY B 201 -0.80 -25.43 -7.34
CA GLY B 201 -1.78 -24.84 -8.24
C GLY B 201 -1.74 -25.22 -9.71
N GLY B 202 -0.60 -25.69 -10.19
CA GLY B 202 -0.46 -26.01 -11.61
C GLY B 202 -1.05 -27.34 -12.06
N SER B 203 -0.88 -27.68 -13.34
CA SER B 203 -1.42 -28.92 -13.89
C SER B 203 -0.56 -29.55 -15.00
N LEU B 204 -0.85 -30.82 -15.32
CA LEU B 204 -0.27 -31.50 -16.46
C LEU B 204 -0.81 -30.89 -17.75
N GLY B 205 -1.97 -30.21 -17.62
CA GLY B 205 -2.51 -29.39 -18.70
C GLY B 205 -1.54 -28.32 -19.15
N ARG B 206 -1.02 -27.53 -18.23
CA ARG B 206 -0.10 -26.45 -18.57
C ARG B 206 1.22 -26.99 -19.11
N LYS B 207 1.69 -28.09 -18.52
CA LYS B 207 2.94 -28.69 -18.94
C LYS B 207 2.96 -29.03 -20.44
N GLU B 208 1.84 -29.50 -20.97
CA GLU B 208 1.81 -29.96 -22.35
C GLU B 208 1.12 -28.99 -23.31
N ALA B 209 0.68 -27.86 -22.77
CA ALA B 209 -0.10 -26.86 -23.50
C ALA B 209 0.58 -26.35 -24.77
N THR B 210 1.86 -26.02 -24.69
CA THR B 210 2.58 -25.43 -25.81
C THR B 210 2.77 -26.48 -26.90
N GLY B 211 3.28 -27.64 -26.50
CA GLY B 211 3.41 -28.78 -27.40
C GLY B 211 2.08 -29.16 -28.04
N ARG B 212 1.01 -29.13 -27.26
CA ARG B 212 -0.31 -29.52 -27.77
C ARG B 212 -0.84 -28.47 -28.75
N GLY B 213 -0.69 -27.19 -28.44
CA GLY B 213 -1.05 -26.15 -29.38
C GLY B 213 -0.33 -26.30 -30.71
N VAL B 214 0.98 -26.57 -30.66
CA VAL B 214 1.77 -26.77 -31.87
C VAL B 214 1.19 -27.93 -32.71
N PHE B 215 0.88 -29.03 -32.03
CA PHE B 215 0.26 -30.18 -32.67
C PHE B 215 -1.09 -29.82 -33.31
N VAL B 216 -1.91 -29.08 -32.58
CA VAL B 216 -3.24 -28.71 -33.06
C VAL B 216 -3.17 -27.82 -34.30
N VAL B 217 -2.36 -26.76 -34.26
CA VAL B 217 -2.31 -25.88 -35.41
C VAL B 217 -1.56 -26.56 -36.57
N GLY B 218 -0.65 -27.48 -36.26
CA GLY B 218 0.03 -28.25 -37.31
C GLY B 218 -0.93 -29.16 -38.05
N CYS B 219 -1.92 -29.67 -37.33
CA CYS B 219 -2.94 -30.52 -37.93
C CYS B 219 -3.93 -29.71 -38.78
N GLU B 220 -4.24 -28.50 -38.33
CA GLU B 220 -5.12 -27.61 -39.07
C GLU B 220 -4.46 -27.17 -40.37
N ALA B 221 -3.16 -26.91 -40.31
CA ALA B 221 -2.39 -26.54 -41.49
C ALA B 221 -2.26 -27.71 -42.47
N ALA B 222 -2.08 -28.91 -41.93
CA ALA B 222 -2.00 -30.10 -42.76
C ALA B 222 -3.30 -30.29 -43.56
N LYS B 223 -4.44 -30.04 -42.90
CA LYS B 223 -5.74 -30.12 -43.57
C LYS B 223 -5.78 -29.16 -44.76
N LYS B 224 -5.26 -27.95 -44.57
CA LYS B 224 -5.21 -26.95 -45.65
C LYS B 224 -4.24 -27.36 -46.74
N LYS B 225 -3.13 -27.97 -46.35
CA LYS B 225 -2.06 -28.26 -47.28
C LYS B 225 -2.26 -29.67 -47.89
N GLY B 226 -3.32 -30.33 -47.46
CA GLY B 226 -3.66 -31.66 -47.96
C GLY B 226 -2.65 -32.71 -47.56
N VAL B 227 -2.11 -32.58 -46.34
CA VAL B 227 -1.11 -33.51 -45.85
C VAL B 227 -1.74 -34.50 -44.88
N GLU B 228 -1.54 -35.79 -45.13
CA GLU B 228 -2.04 -36.82 -44.23
C GLU B 228 -1.09 -37.02 -43.05
N ILE B 229 -1.64 -36.98 -41.85
CA ILE B 229 -0.86 -37.10 -40.62
C ILE B 229 -0.36 -38.52 -40.42
N GLU B 230 -1.19 -39.50 -40.77
CA GLU B 230 -0.79 -40.91 -40.76
C GLU B 230 0.41 -41.15 -41.68
N GLY B 231 1.54 -41.53 -41.09
CA GLY B 231 2.75 -41.75 -41.85
C GLY B 231 3.47 -40.48 -42.30
N ALA B 232 3.02 -39.33 -41.81
CA ALA B 232 3.70 -38.07 -42.11
C ALA B 232 5.09 -38.07 -41.49
N ARG B 233 6.09 -37.63 -42.26
CA ARG B 233 7.45 -37.48 -41.75
C ARG B 233 7.61 -36.18 -40.98
N ILE B 234 8.14 -36.28 -39.77
CA ILE B 234 8.30 -35.10 -38.91
C ILE B 234 9.76 -34.93 -38.50
N ALA B 235 10.26 -33.71 -38.61
CA ALA B 235 11.55 -33.36 -38.02
C ALA B 235 11.32 -32.28 -36.97
N VAL B 236 12.01 -32.41 -35.85
CA VAL B 236 11.85 -31.47 -34.75
C VAL B 236 13.20 -30.95 -34.30
N GLN B 237 13.35 -29.63 -34.17
CA GLN B 237 14.54 -29.09 -33.52
C GLN B 237 14.17 -28.71 -32.10
N GLY B 238 14.90 -29.25 -31.13
CA GLY B 238 14.50 -29.11 -29.74
C GLY B 238 13.68 -30.30 -29.32
N PHE B 239 13.95 -30.84 -28.13
CA PHE B 239 13.14 -31.95 -27.64
C PHE B 239 12.87 -31.75 -26.15
N GLY B 240 12.70 -30.48 -25.76
CA GLY B 240 12.38 -30.12 -24.40
C GLY B 240 10.88 -29.97 -24.22
N ASN B 241 10.47 -29.05 -23.36
CA ASN B 241 9.05 -28.95 -23.04
C ASN B 241 8.13 -28.79 -24.25
N VAL B 242 8.58 -28.03 -25.25
CA VAL B 242 7.78 -27.78 -26.44
C VAL B 242 7.95 -28.90 -27.47
N GLY B 243 9.19 -29.07 -27.93
CA GLY B 243 9.52 -30.06 -28.92
C GLY B 243 9.21 -31.50 -28.54
N GLY B 244 9.49 -31.86 -27.30
CA GLY B 244 9.31 -33.25 -26.88
C GLY B 244 7.85 -33.61 -26.87
N ILE B 245 7.02 -32.68 -26.43
CA ILE B 245 5.59 -32.95 -26.32
C ILE B 245 4.96 -32.96 -27.71
N ALA B 246 5.30 -31.98 -28.54
CA ALA B 246 4.80 -31.95 -29.91
C ALA B 246 5.11 -33.25 -30.67
N ALA B 247 6.33 -33.75 -30.48
CA ALA B 247 6.75 -35.01 -31.11
C ALA B 247 5.96 -36.21 -30.61
N LYS B 248 5.76 -36.27 -29.29
CA LYS B 248 4.96 -37.31 -28.66
C LYS B 248 3.55 -37.37 -29.23
N LEU B 249 2.91 -36.21 -29.38
CA LEU B 249 1.53 -36.16 -29.87
C LEU B 249 1.41 -36.52 -31.35
N PHE B 250 2.39 -36.12 -32.17
CA PHE B 250 2.38 -36.45 -33.59
C PHE B 250 2.61 -37.94 -33.82
N GLN B 251 3.52 -38.56 -33.07
CA GLN B 251 3.67 -40.01 -33.15
C GLN B 251 2.38 -40.69 -32.70
N GLU B 252 1.74 -40.14 -31.67
CA GLU B 252 0.50 -40.74 -31.18
C GLU B 252 -0.62 -40.57 -32.22
N ALA B 253 -0.48 -39.57 -33.09
CA ALA B 253 -1.42 -39.35 -34.19
C ALA B 253 -1.09 -40.20 -35.41
N GLY B 254 0.01 -40.95 -35.32
CA GLY B 254 0.38 -41.87 -36.39
C GLY B 254 1.43 -41.31 -37.34
N ALA B 255 2.09 -40.22 -36.94
CA ALA B 255 3.18 -39.65 -37.73
C ALA B 255 4.49 -40.30 -37.35
N LYS B 256 5.49 -40.15 -38.20
CA LYS B 256 6.83 -40.68 -37.94
C LYS B 256 7.77 -39.54 -37.65
N VAL B 257 8.28 -39.48 -36.42
CA VAL B 257 9.26 -38.46 -36.08
C VAL B 257 10.62 -39.00 -36.50
N ILE B 258 11.10 -38.58 -37.66
CA ILE B 258 12.27 -39.22 -38.27
C ILE B 258 13.60 -38.53 -38.01
N ALA B 259 13.57 -37.34 -37.43
CA ALA B 259 14.81 -36.60 -37.21
C ALA B 259 14.63 -35.59 -36.09
N VAL B 260 15.57 -35.59 -35.15
CA VAL B 260 15.58 -34.66 -34.04
C VAL B 260 16.98 -34.10 -33.82
N GLN B 261 17.06 -32.78 -33.67
CA GLN B 261 18.30 -32.12 -33.34
C GLN B 261 18.11 -31.33 -32.06
N ASP B 262 19.06 -31.43 -31.14
CA ASP B 262 19.06 -30.51 -30.01
C ASP B 262 20.46 -29.97 -29.77
N HIS B 263 20.74 -29.44 -28.58
CA HIS B 263 22.03 -28.78 -28.38
C HIS B 263 23.17 -29.81 -28.34
N THR B 264 22.82 -31.09 -28.18
CA THR B 264 23.81 -32.16 -28.04
C THR B 264 24.15 -32.86 -29.35
N GLY B 265 23.32 -32.63 -30.36
CA GLY B 265 23.54 -33.23 -31.66
C GLY B 265 22.24 -33.60 -32.36
N THR B 266 22.38 -34.41 -33.42
CA THR B 266 21.25 -34.80 -34.25
C THR B 266 21.17 -36.31 -34.41
N ILE B 267 19.95 -36.84 -34.32
CA ILE B 267 19.71 -38.23 -34.64
C ILE B 267 18.67 -38.40 -35.75
N HIS B 268 18.62 -39.59 -36.33
CA HIS B 268 17.88 -39.86 -37.55
C HIS B 268 17.32 -41.28 -37.52
N GLN B 269 16.03 -41.42 -37.77
CA GLN B 269 15.35 -42.71 -37.72
C GLN B 269 14.21 -42.75 -38.72
N PRO B 270 14.48 -43.27 -39.93
CA PRO B 270 13.53 -43.36 -41.03
C PRO B 270 12.21 -44.03 -40.64
N ALA B 271 12.25 -44.96 -39.70
CA ALA B 271 11.02 -45.65 -39.27
C ALA B 271 10.27 -44.81 -38.24
N GLY B 272 10.94 -43.79 -37.71
CA GLY B 272 10.34 -42.92 -36.71
C GLY B 272 10.76 -43.35 -35.32
N VAL B 273 11.36 -42.43 -34.56
CA VAL B 273 11.84 -42.75 -33.22
C VAL B 273 10.68 -43.08 -32.30
N ASP B 274 10.99 -43.84 -31.25
CA ASP B 274 10.11 -44.04 -30.12
C ASP B 274 10.22 -42.80 -29.25
N THR B 275 9.24 -41.90 -29.35
CA THR B 275 9.30 -40.63 -28.65
C THR B 275 9.26 -40.82 -27.14
N ALA B 276 8.53 -41.85 -26.69
CA ALA B 276 8.50 -42.21 -25.28
C ALA B 276 9.90 -42.55 -24.76
N LYS B 277 10.61 -43.43 -25.46
CA LYS B 277 11.96 -43.79 -25.05
C LYS B 277 12.92 -42.62 -25.22
N LEU B 278 12.71 -41.79 -26.23
CA LEU B 278 13.63 -40.69 -26.51
C LEU B 278 13.45 -39.64 -25.43
N LEU B 279 12.21 -39.45 -24.99
CA LEU B 279 11.93 -38.54 -23.89
C LEU B 279 12.66 -39.01 -22.62
N ASP B 280 12.54 -40.29 -22.29
CA ASP B 280 13.27 -40.85 -21.16
CA ASP B 280 13.26 -40.82 -21.14
C ASP B 280 14.78 -40.68 -21.32
N HIS B 281 15.26 -40.89 -22.54
CA HIS B 281 16.69 -40.77 -22.79
C HIS B 281 17.15 -39.33 -22.65
N VAL B 282 16.33 -38.39 -23.14
CA VAL B 282 16.65 -36.97 -23.06
C VAL B 282 16.68 -36.57 -21.59
N GLY B 283 15.75 -37.10 -20.81
CA GLY B 283 15.68 -36.79 -19.39
C GLY B 283 16.82 -37.38 -18.59
N ARG B 284 17.34 -38.51 -19.05
CA ARG B 284 18.40 -39.22 -18.34
C ARG B 284 19.81 -38.71 -18.64
N THR B 285 20.02 -38.19 -19.86
CA THR B 285 21.34 -37.71 -20.27
C THR B 285 21.38 -36.21 -20.59
N GLY B 286 20.21 -35.59 -20.74
CA GLY B 286 20.13 -34.17 -21.02
C GLY B 286 20.05 -33.82 -22.51
N GLY B 287 20.01 -34.83 -23.37
CA GLY B 287 19.94 -34.58 -24.81
C GLY B 287 19.79 -35.84 -25.62
N VAL B 288 19.49 -35.70 -26.91
CA VAL B 288 19.21 -36.85 -27.76
C VAL B 288 20.43 -37.65 -28.18
N ALA B 289 21.62 -37.04 -28.08
CA ALA B 289 22.85 -37.71 -28.50
C ALA B 289 23.05 -39.02 -27.74
N GLY B 290 23.35 -40.09 -28.46
CA GLY B 290 23.54 -41.39 -27.84
C GLY B 290 22.31 -42.29 -27.82
N PHE B 291 21.16 -41.76 -28.23
CA PHE B 291 19.91 -42.54 -28.28
C PHE B 291 20.09 -43.82 -29.07
N GLU B 292 19.76 -44.95 -28.45
CA GLU B 292 19.98 -46.25 -29.06
C GLU B 292 19.07 -46.50 -30.26
N GLY B 293 17.83 -46.02 -30.21
CA GLY B 293 16.90 -46.22 -31.30
C GLY B 293 17.01 -45.29 -32.50
N ALA B 294 18.21 -44.79 -32.77
CA ALA B 294 18.44 -43.91 -33.92
C ALA B 294 19.93 -43.85 -34.29
N GLU B 295 20.23 -43.22 -35.43
CA GLU B 295 21.60 -43.08 -35.90
C GLU B 295 22.04 -41.62 -35.83
N PRO B 296 23.30 -41.37 -35.40
CA PRO B 296 23.83 -40.01 -35.38
C PRO B 296 23.83 -39.40 -36.77
N MET B 297 23.56 -38.10 -36.85
CA MET B 297 23.59 -37.39 -38.12
C MET B 297 24.31 -36.06 -37.95
N PRO B 298 25.12 -35.66 -38.95
CA PRO B 298 25.73 -34.33 -38.93
C PRO B 298 24.67 -33.24 -38.74
N ASN B 299 24.95 -32.21 -37.95
CA ASN B 299 23.94 -31.22 -37.61
C ASN B 299 23.36 -30.50 -38.83
N ASP B 300 24.22 -30.13 -39.77
CA ASP B 300 23.77 -29.45 -40.99
C ASP B 300 22.78 -30.30 -41.81
N GLU B 301 23.00 -31.62 -41.86
CA GLU B 301 22.14 -32.52 -42.64
C GLU B 301 20.70 -32.58 -42.12
N PHE B 302 20.52 -32.11 -40.88
CA PHE B 302 19.19 -32.10 -40.26
C PHE B 302 18.22 -31.31 -41.14
N TRP B 303 18.68 -30.16 -41.62
CA TRP B 303 17.82 -29.22 -42.34
C TRP B 303 17.52 -29.65 -43.76
N THR B 304 18.17 -30.71 -44.22
CA THR B 304 17.97 -31.16 -45.58
C THR B 304 17.16 -32.45 -45.63
N VAL B 305 16.96 -33.09 -44.47
CA VAL B 305 16.13 -34.29 -44.38
C VAL B 305 14.71 -34.02 -44.91
N GLU B 306 14.25 -34.82 -45.87
CA GLU B 306 12.94 -34.58 -46.46
C GLU B 306 11.83 -34.99 -45.49
N THR B 307 10.87 -34.09 -45.26
CA THR B 307 9.75 -34.36 -44.35
C THR B 307 8.44 -33.79 -44.86
N GLU B 308 7.35 -34.11 -44.15
CA GLU B 308 6.09 -33.41 -44.34
C GLU B 308 6.06 -32.14 -43.46
N ILE B 309 6.49 -32.27 -42.21
CA ILE B 309 6.41 -31.16 -41.27
C ILE B 309 7.72 -30.93 -40.51
N LEU B 310 8.12 -29.66 -40.44
CA LEU B 310 9.34 -29.27 -39.75
C LEU B 310 8.94 -28.39 -38.57
N ILE B 311 9.39 -28.77 -37.39
CA ILE B 311 9.02 -28.07 -36.17
C ILE B 311 10.25 -27.52 -35.45
N PRO B 312 10.58 -26.25 -35.72
CA PRO B 312 11.66 -25.61 -34.95
C PRO B 312 11.12 -25.25 -33.59
N ALA B 313 11.70 -25.84 -32.55
CA ALA B 313 11.22 -25.67 -31.19
C ALA B 313 12.44 -25.58 -30.25
N ALA B 314 13.50 -24.96 -30.75
CA ALA B 314 14.67 -24.69 -29.93
C ALA B 314 14.77 -23.18 -29.71
N LEU B 315 15.85 -22.55 -30.18
CA LEU B 315 15.99 -21.12 -29.95
C LEU B 315 15.76 -20.35 -31.24
N GLU B 316 16.07 -19.06 -31.22
CA GLU B 316 15.74 -18.19 -32.35
C GLU B 316 16.78 -18.29 -33.46
N ASN B 317 16.44 -17.79 -34.65
CA ASN B 317 17.41 -17.57 -35.73
C ASN B 317 18.04 -18.87 -36.23
N GLN B 318 17.21 -19.89 -36.44
CA GLN B 318 17.67 -21.22 -36.82
C GLN B 318 17.38 -21.52 -38.28
N ILE B 319 16.33 -20.88 -38.79
CA ILE B 319 15.98 -21.00 -40.19
C ILE B 319 16.18 -19.64 -40.80
N THR B 320 17.21 -19.56 -41.64
CA THR B 320 17.81 -18.30 -42.02
C THR B 320 18.00 -18.21 -43.52
N GLU B 321 18.44 -17.05 -43.97
CA GLU B 321 18.91 -16.84 -45.33
C GLU B 321 19.87 -17.96 -45.79
N LYS B 322 20.67 -18.48 -44.85
CA LYS B 322 21.73 -19.42 -45.18
C LYS B 322 21.25 -20.85 -45.45
N ASN B 323 20.20 -21.31 -44.76
CA ASN B 323 19.81 -22.71 -44.95
C ASN B 323 18.38 -22.90 -45.46
N ALA B 324 17.64 -21.82 -45.66
CA ALA B 324 16.22 -21.91 -46.04
C ALA B 324 15.98 -22.61 -47.38
N SER B 325 16.85 -22.38 -48.35
CA SER B 325 16.64 -22.92 -49.70
C SER B 325 16.81 -24.43 -49.77
N LYS B 326 17.57 -24.98 -48.84
CA LYS B 326 17.87 -26.41 -48.86
C LYS B 326 16.84 -27.21 -48.05
N ILE B 327 15.90 -26.51 -47.40
CA ILE B 327 14.86 -27.19 -46.64
C ILE B 327 13.85 -27.82 -47.59
N ARG B 328 13.55 -29.11 -47.36
CA ARG B 328 12.61 -29.86 -48.18
C ARG B 328 11.45 -30.38 -47.33
N THR B 329 10.45 -29.54 -47.13
CA THR B 329 9.30 -29.89 -46.27
C THR B 329 8.04 -29.25 -46.85
N LYS B 330 6.88 -29.62 -46.33
CA LYS B 330 5.65 -29.00 -46.83
C LYS B 330 5.15 -27.93 -45.86
N ILE B 331 5.32 -28.18 -44.56
CA ILE B 331 4.81 -27.26 -43.54
C ILE B 331 5.87 -27.00 -42.48
N ILE B 332 6.11 -25.73 -42.16
CA ILE B 332 6.89 -25.41 -40.97
C ILE B 332 5.93 -24.90 -39.90
N VAL B 333 6.01 -25.49 -38.69
CA VAL B 333 5.19 -25.07 -37.56
C VAL B 333 6.11 -24.61 -36.44
N GLU B 334 6.12 -23.31 -36.18
CA GLU B 334 7.09 -22.71 -35.27
C GLU B 334 6.70 -22.91 -33.81
N GLY B 335 7.33 -23.87 -33.16
CA GLY B 335 7.23 -24.00 -31.73
C GLY B 335 8.07 -22.96 -31.01
N ALA B 336 9.30 -22.74 -31.49
CA ALA B 336 10.19 -21.72 -30.88
C ALA B 336 9.68 -20.30 -31.06
N ASN B 337 10.19 -19.38 -30.25
CA ASN B 337 10.04 -17.95 -30.52
C ASN B 337 11.13 -17.50 -31.51
N GLY B 338 10.72 -16.82 -32.58
CA GLY B 338 11.63 -16.33 -33.61
C GLY B 338 12.64 -17.29 -34.25
N PRO B 339 12.24 -18.53 -34.56
CA PRO B 339 13.20 -19.43 -35.20
C PRO B 339 13.53 -19.06 -36.65
N THR B 340 12.62 -18.36 -37.32
CA THR B 340 12.73 -18.09 -38.78
C THR B 340 12.85 -16.59 -39.10
N THR B 341 13.87 -16.20 -39.86
CA THR B 341 14.03 -14.79 -40.24
C THR B 341 13.14 -14.42 -41.42
N THR B 342 13.00 -13.13 -41.68
CA THR B 342 12.14 -12.67 -42.76
C THR B 342 12.76 -12.98 -44.13
N ALA B 343 14.09 -12.93 -44.25
CA ALA B 343 14.72 -13.36 -45.49
C ALA B 343 14.41 -14.84 -45.77
N ALA B 344 14.38 -15.65 -44.71
CA ALA B 344 14.01 -17.05 -44.83
C ALA B 344 12.54 -17.25 -45.22
N ASP B 345 11.64 -16.48 -44.61
CA ASP B 345 10.22 -16.48 -44.96
C ASP B 345 10.05 -16.35 -46.46
N ASP B 346 10.80 -15.42 -47.06
CA ASP B 346 10.67 -15.13 -48.49
C ASP B 346 11.11 -16.33 -49.35
N ILE B 347 12.22 -16.93 -48.94
CA ILE B 347 12.74 -18.08 -49.67
C ILE B 347 11.80 -19.28 -49.56
N LEU B 348 11.32 -19.53 -48.34
CA LEU B 348 10.39 -20.64 -48.10
C LEU B 348 9.06 -20.48 -48.85
N SER B 349 8.51 -19.27 -48.86
CA SER B 349 7.32 -19.00 -49.65
C SER B 349 7.56 -19.22 -51.15
N ALA B 350 8.66 -18.69 -51.67
CA ALA B 350 8.97 -18.90 -53.07
C ALA B 350 9.13 -20.38 -53.39
N ASN B 351 9.46 -21.17 -52.37
CA ASN B 351 9.66 -22.61 -52.56
C ASN B 351 8.42 -23.44 -52.21
N GLY B 352 7.32 -22.76 -51.90
CA GLY B 352 6.04 -23.42 -51.69
C GLY B 352 5.86 -24.03 -50.32
N VAL B 353 6.67 -23.57 -49.37
CA VAL B 353 6.55 -24.09 -48.02
C VAL B 353 5.55 -23.24 -47.25
N LEU B 354 4.61 -23.90 -46.57
CA LEU B 354 3.66 -23.20 -45.71
C LEU B 354 4.29 -23.02 -44.35
N VAL B 355 4.37 -21.78 -43.91
CA VAL B 355 4.98 -21.45 -42.63
C VAL B 355 3.92 -20.99 -41.64
N ILE B 356 3.72 -21.77 -40.58
CA ILE B 356 2.81 -21.39 -39.50
C ILE B 356 3.61 -20.68 -38.41
N PRO B 357 3.32 -19.40 -38.19
CA PRO B 357 4.14 -18.54 -37.32
C PRO B 357 4.05 -18.89 -35.84
N ASP B 358 5.19 -18.71 -35.16
CA ASP B 358 5.26 -18.83 -33.70
C ASP B 358 4.10 -18.13 -32.98
N VAL B 359 3.82 -16.87 -33.31
CA VAL B 359 2.85 -16.09 -32.54
C VAL B 359 1.43 -16.66 -32.64
N ILE B 360 1.22 -17.59 -33.56
CA ILE B 360 0.02 -18.42 -33.54
C ILE B 360 0.30 -19.78 -32.91
N ALA B 361 1.32 -20.47 -33.43
CA ALA B 361 1.52 -21.90 -33.16
C ALA B 361 1.91 -22.22 -31.72
N ASN B 362 2.65 -21.35 -31.07
CA ASN B 362 3.15 -21.67 -29.74
C ASN B 362 2.33 -21.03 -28.61
N ALA B 363 1.18 -20.46 -28.96
CA ALA B 363 0.39 -19.73 -27.98
C ALA B 363 -0.44 -20.62 -27.04
N GLY B 364 -0.33 -21.94 -27.19
CA GLY B 364 -1.04 -22.85 -26.31
C GLY B 364 -0.63 -22.65 -24.86
N GLY B 365 0.65 -22.38 -24.63
CA GLY B 365 1.18 -22.21 -23.30
C GLY B 365 0.56 -21.06 -22.52
N VAL B 366 0.61 -19.87 -23.11
CA VAL B 366 0.03 -18.70 -22.47
C VAL B 366 -1.49 -18.82 -22.38
N THR B 367 -2.09 -19.63 -23.26
CA THR B 367 -3.53 -19.83 -23.22
C THR B 367 -3.94 -20.60 -21.97
N VAL B 368 -3.16 -21.62 -21.64
CA VAL B 368 -3.43 -22.35 -20.41
C VAL B 368 -2.86 -21.61 -19.18
N SER B 369 -1.78 -20.83 -19.38
CA SER B 369 -1.28 -19.95 -18.32
C SER B 369 -2.40 -19.03 -17.85
N TYR B 370 -3.16 -18.52 -18.81
CA TYR B 370 -4.36 -17.74 -18.51
C TYR B 370 -5.34 -18.57 -17.67
N PHE B 371 -5.55 -19.82 -18.08
CA PHE B 371 -6.46 -20.72 -17.38
C PHE B 371 -6.03 -20.95 -15.93
N GLU B 372 -4.71 -21.08 -15.73
CA GLU B 372 -4.11 -21.32 -14.42
C GLU B 372 -4.24 -20.06 -13.55
N TRP B 373 -4.03 -18.90 -14.18
CA TRP B 373 -4.13 -17.61 -13.51
C TRP B 373 -5.55 -17.31 -12.99
N VAL B 374 -6.54 -17.67 -13.80
CA VAL B 374 -7.94 -17.49 -13.46
C VAL B 374 -8.39 -18.52 -12.42
N GLN B 375 -7.90 -19.75 -12.56
CA GLN B 375 -8.30 -20.88 -11.73
C GLN B 375 -7.48 -21.00 -10.45
N THR B 383 -12.04 -31.27 -15.86
CA THR B 383 -11.00 -32.29 -15.84
C THR B 383 -9.69 -31.79 -16.47
N GLU B 384 -8.82 -32.73 -16.84
CA GLU B 384 -7.68 -32.39 -17.66
C GLU B 384 -8.15 -32.37 -19.11
N ASP B 385 -9.18 -33.17 -19.38
CA ASP B 385 -9.77 -33.25 -20.72
C ASP B 385 -10.55 -31.98 -21.02
N GLU B 386 -11.22 -31.45 -20.00
CA GLU B 386 -11.96 -30.19 -20.14
C GLU B 386 -11.02 -29.08 -20.61
N ILE B 387 -9.92 -28.89 -19.88
CA ILE B 387 -8.87 -27.95 -20.25
C ILE B 387 -8.44 -28.14 -21.71
N ASN B 388 -7.97 -29.35 -22.03
CA ASN B 388 -7.39 -29.64 -23.34
C ASN B 388 -8.37 -29.41 -24.48
N HIS B 389 -9.63 -29.77 -24.26
CA HIS B 389 -10.64 -29.63 -25.30
C HIS B 389 -10.97 -28.16 -25.53
N ARG B 390 -10.88 -27.35 -24.47
CA ARG B 390 -11.05 -25.92 -24.61
C ARG B 390 -9.84 -25.30 -25.31
N LEU B 391 -8.65 -25.78 -24.98
CA LEU B 391 -7.43 -25.29 -25.63
C LEU B 391 -7.48 -25.54 -27.12
N GLU B 392 -7.84 -26.77 -27.48
CA GLU B 392 -7.90 -27.16 -28.89
C GLU B 392 -8.91 -26.29 -29.64
N ARG B 393 -10.00 -25.94 -28.97
CA ARG B 393 -10.99 -25.04 -29.53
C ARG B 393 -10.40 -23.65 -29.75
N VAL B 394 -9.76 -23.11 -28.72
CA VAL B 394 -9.10 -21.81 -28.79
C VAL B 394 -8.05 -21.75 -29.90
N MET B 395 -7.30 -22.83 -30.06
CA MET B 395 -6.20 -22.84 -31.02
C MET B 395 -6.75 -22.93 -32.45
N ARG B 396 -7.71 -23.83 -32.67
CA ARG B 396 -8.33 -23.94 -33.98
C ARG B 396 -9.00 -22.63 -34.40
N GLU B 397 -9.71 -21.99 -33.47
CA GLU B 397 -10.42 -20.77 -33.80
C GLU B 397 -9.49 -19.63 -34.18
N ALA B 398 -8.39 -19.48 -33.45
CA ALA B 398 -7.41 -18.45 -33.75
C ALA B 398 -6.75 -18.73 -35.10
N PHE B 399 -6.44 -20.01 -35.34
CA PHE B 399 -5.89 -20.41 -36.63
C PHE B 399 -6.88 -20.08 -37.74
N ALA B 400 -8.12 -20.52 -37.56
CA ALA B 400 -9.16 -20.27 -38.56
C ALA B 400 -9.25 -18.78 -38.88
N GLY B 401 -9.26 -17.95 -37.83
CA GLY B 401 -9.35 -16.52 -38.01
C GLY B 401 -8.17 -15.94 -38.75
N VAL B 402 -6.96 -16.30 -38.35
CA VAL B 402 -5.76 -15.77 -39.00
C VAL B 402 -5.72 -16.22 -40.45
N TRP B 403 -6.09 -17.48 -40.72
CA TRP B 403 -6.12 -17.98 -42.09
C TRP B 403 -7.00 -17.10 -42.98
N ALA B 404 -8.17 -16.75 -42.46
CA ALA B 404 -9.14 -15.91 -43.18
C ALA B 404 -8.58 -14.53 -43.48
N VAL B 405 -7.75 -14.01 -42.58
CA VAL B 405 -7.13 -12.72 -42.82
C VAL B 405 -6.03 -12.85 -43.88
N ALA B 406 -5.28 -13.97 -43.83
CA ALA B 406 -4.27 -14.26 -44.84
C ALA B 406 -4.89 -14.35 -46.22
N GLU B 407 -6.03 -15.04 -46.30
CA GLU B 407 -6.73 -15.16 -47.56
C GLU B 407 -7.26 -13.80 -48.04
N GLU B 408 -7.81 -13.02 -47.10
CA GLU B 408 -8.45 -11.74 -47.44
C GLU B 408 -7.45 -10.74 -48.01
N HIS B 409 -6.24 -10.71 -47.47
CA HIS B 409 -5.23 -9.74 -47.88
C HIS B 409 -4.16 -10.33 -48.80
N LYS B 410 -4.29 -11.61 -49.11
CA LYS B 410 -3.31 -12.35 -49.93
C LYS B 410 -1.91 -12.21 -49.33
N VAL B 411 -1.79 -12.53 -48.05
CA VAL B 411 -0.52 -12.45 -47.35
C VAL B 411 -0.19 -13.78 -46.69
N SER B 412 1.04 -13.90 -46.21
CA SER B 412 1.47 -15.07 -45.45
C SER B 412 0.70 -15.15 -44.13
N VAL B 413 0.69 -16.33 -43.52
CA VAL B 413 0.03 -16.50 -42.23
C VAL B 413 0.72 -15.63 -41.16
N ARG B 414 2.02 -15.47 -41.25
CA ARG B 414 2.74 -14.63 -40.26
C ARG B 414 2.27 -13.17 -40.35
N THR B 415 2.27 -12.61 -41.55
CA THR B 415 1.78 -11.26 -41.77
C THR B 415 0.34 -11.10 -41.27
N ALA B 416 -0.52 -12.03 -41.67
CA ALA B 416 -1.92 -12.09 -41.18
C ALA B 416 -2.03 -12.12 -39.66
N ALA B 417 -1.22 -12.96 -39.02
CA ALA B 417 -1.15 -12.98 -37.55
C ALA B 417 -0.83 -11.60 -37.00
N PHE B 418 0.10 -10.92 -37.65
CA PHE B 418 0.52 -9.58 -37.20
C PHE B 418 -0.60 -8.57 -37.48
N ILE B 419 -1.31 -8.73 -38.60
CA ILE B 419 -2.43 -7.84 -38.90
C ILE B 419 -3.45 -7.89 -37.75
N VAL B 420 -3.86 -9.10 -37.41
CA VAL B 420 -4.85 -9.33 -36.36
C VAL B 420 -4.37 -8.83 -34.98
N ALA B 421 -3.16 -9.21 -34.60
CA ALA B 421 -2.62 -8.85 -33.29
C ALA B 421 -2.37 -7.36 -33.15
N CYS B 422 -1.77 -6.75 -34.17
CA CYS B 422 -1.34 -5.36 -34.09
C CYS B 422 -2.52 -4.41 -34.22
N LYS B 423 -3.56 -4.82 -34.93
CA LYS B 423 -4.78 -4.00 -34.97
C LYS B 423 -5.41 -3.93 -33.58
N ARG B 424 -5.33 -5.03 -32.83
CA ARG B 424 -5.85 -5.05 -31.46
C ARG B 424 -4.97 -4.25 -30.50
N ILE B 425 -3.66 -4.34 -30.68
CA ILE B 425 -2.74 -3.60 -29.81
C ILE B 425 -2.81 -2.08 -30.01
N LEU B 426 -2.77 -1.63 -31.26
CA LEU B 426 -2.75 -0.21 -31.55
C LEU B 426 -4.12 0.43 -31.40
N MET B 427 -5.18 -0.36 -31.54
CA MET B 427 -6.50 0.17 -31.25
C MET B 427 -6.60 0.44 -29.75
N ALA B 428 -6.08 -0.48 -28.93
CA ALA B 428 -5.98 -0.21 -27.50
C ALA B 428 -5.16 1.05 -27.23
N ARG B 429 -4.01 1.19 -27.87
CA ARG B 429 -3.23 2.41 -27.76
C ARG B 429 -4.03 3.63 -28.22
N GLU B 430 -4.76 3.46 -29.31
CA GLU B 430 -5.56 4.54 -29.89
C GLU B 430 -6.61 5.03 -28.90
N MET B 431 -7.36 4.09 -28.33
CA MET B 431 -8.44 4.43 -27.40
C MET B 431 -7.90 5.00 -26.08
N ARG B 432 -6.84 4.39 -25.57
CA ARG B 432 -6.25 4.83 -24.31
C ARG B 432 -5.60 6.21 -24.43
N GLY B 433 -5.03 6.49 -25.60
CA GLY B 433 -4.42 7.78 -25.87
C GLY B 433 -3.16 8.06 -25.09
N LEU B 434 -2.76 9.32 -25.07
CA LEU B 434 -1.54 9.72 -24.36
C LEU B 434 -1.84 10.71 -23.25
N TYR B 435 -1.22 10.48 -22.11
CA TYR B 435 -1.45 11.22 -20.89
C TYR B 435 -0.11 11.66 -20.29
N PRO B 436 0.21 12.96 -20.37
CA PRO B 436 -0.58 14.07 -20.92
C PRO B 436 -0.34 14.24 -22.42
N SER C 15 34.22 -8.83 -16.54
CA SER C 15 33.81 -8.42 -17.88
C SER C 15 32.76 -7.30 -17.83
N ILE C 16 32.56 -6.63 -18.96
CA ILE C 16 31.53 -5.61 -19.05
C ILE C 16 30.18 -6.29 -19.33
N PRO C 17 29.07 -5.63 -18.96
CA PRO C 17 27.77 -6.26 -19.22
C PRO C 17 27.51 -6.43 -20.73
N SER C 18 26.77 -7.47 -21.09
CA SER C 18 26.53 -7.79 -22.49
C SER C 18 25.68 -6.74 -23.18
N TYR C 19 24.96 -5.92 -22.42
CA TYR C 19 24.11 -4.91 -23.04
C TYR C 19 24.89 -3.65 -23.40
N LEU C 20 26.18 -3.62 -23.08
CA LEU C 20 27.07 -2.55 -23.54
C LEU C 20 28.04 -3.10 -24.59
N HIS C 21 28.54 -2.24 -25.48
CA HIS C 21 29.62 -2.62 -26.41
C HIS C 21 30.98 -2.11 -25.95
N ALA C 22 32.01 -2.96 -26.07
CA ALA C 22 33.35 -2.61 -25.64
C ALA C 22 33.91 -1.44 -26.45
N ASP C 23 33.46 -1.30 -27.69
CA ASP C 23 33.96 -0.22 -28.54
C ASP C 23 33.09 1.04 -28.44
N ASP C 24 32.31 1.13 -27.36
CA ASP C 24 31.32 2.21 -27.24
C ASP C 24 30.86 2.38 -25.79
N LEU C 25 31.80 2.41 -24.85
CA LEU C 25 31.45 2.44 -23.43
C LEU C 25 31.11 3.85 -22.89
N GLY C 26 31.41 4.87 -23.69
CA GLY C 26 31.24 6.24 -23.26
C GLY C 26 31.91 6.49 -21.91
N PRO C 27 31.28 7.33 -21.09
CA PRO C 27 31.77 7.67 -19.76
C PRO C 27 31.85 6.44 -18.85
N TRP C 28 31.05 5.41 -19.12
CA TRP C 28 31.08 4.22 -18.27
C TRP C 28 32.47 3.60 -18.32
N GLY C 29 33.10 3.66 -19.50
CA GLY C 29 34.45 3.18 -19.65
C GLY C 29 35.43 3.94 -18.78
N ASN C 30 35.25 5.25 -18.71
CA ASN C 30 36.14 6.06 -17.88
C ASN C 30 35.95 5.72 -16.40
N TYR C 31 34.70 5.56 -15.99
CA TYR C 31 34.38 5.20 -14.61
C TYR C 31 35.02 3.88 -14.23
N LEU C 32 34.96 2.89 -15.13
CA LEU C 32 35.55 1.58 -14.87
C LEU C 32 37.07 1.68 -14.66
N GLN C 33 37.72 2.57 -15.41
CA GLN C 33 39.14 2.85 -15.22
C GLN C 33 39.40 3.47 -13.85
N GLN C 34 38.51 4.34 -13.40
CA GLN C 34 38.71 4.95 -12.08
C GLN C 34 38.55 3.88 -10.99
N VAL C 35 37.65 2.92 -11.21
CA VAL C 35 37.44 1.82 -10.27
C VAL C 35 38.71 0.93 -10.21
N ASP C 36 39.28 0.64 -11.37
CA ASP C 36 40.54 -0.14 -11.44
C ASP C 36 41.62 0.49 -10.59
N ARG C 37 41.61 1.82 -10.52
CA ARG C 37 42.68 2.52 -9.82
C ARG C 37 42.51 2.53 -8.31
N VAL C 38 41.27 2.38 -7.81
CA VAL C 38 41.06 2.29 -6.36
C VAL C 38 41.23 0.86 -5.85
N ALA C 39 41.20 -0.11 -6.77
CA ALA C 39 41.33 -1.53 -6.44
C ALA C 39 42.50 -1.87 -5.50
N PRO C 40 43.71 -1.30 -5.73
CA PRO C 40 44.81 -1.67 -4.81
C PRO C 40 44.62 -1.24 -3.36
N TYR C 41 43.63 -0.39 -3.08
CA TYR C 41 43.51 0.22 -1.77
C TYR C 41 42.33 -0.27 -0.94
N LEU C 42 41.62 -1.28 -1.43
CA LEU C 42 40.38 -1.73 -0.79
C LEU C 42 40.58 -2.78 0.30
N GLY C 43 41.74 -3.44 0.31
CA GLY C 43 42.01 -4.49 1.28
C GLY C 43 41.02 -5.64 1.27
N SER C 44 40.44 -5.94 2.43
CA SER C 44 39.54 -7.09 2.54
C SER C 44 38.22 -6.87 1.78
N LEU C 45 37.95 -5.62 1.44
CA LEU C 45 36.71 -5.28 0.72
C LEU C 45 36.85 -5.50 -0.79
N SER C 46 38.04 -5.93 -1.22
CA SER C 46 38.32 -6.19 -2.64
C SER C 46 37.41 -7.24 -3.22
N ARG C 47 36.97 -8.17 -2.38
CA ARG C 47 36.12 -9.26 -2.80
C ARG C 47 34.76 -8.75 -3.29
N TRP C 48 34.48 -7.47 -3.02
CA TRP C 48 33.20 -6.88 -3.38
C TRP C 48 33.32 -5.86 -4.51
N ILE C 49 34.50 -5.76 -5.11
CA ILE C 49 34.75 -4.66 -6.03
C ILE C 49 33.82 -4.67 -7.24
N GLU C 50 33.34 -5.85 -7.64
CA GLU C 50 32.47 -5.91 -8.81
C GLU C 50 31.16 -5.21 -8.55
N THR C 51 30.74 -5.14 -7.30
CA THR C 51 29.54 -4.37 -6.94
C THR C 51 29.58 -2.92 -7.45
N LEU C 52 30.78 -2.34 -7.47
CA LEU C 52 30.97 -0.99 -8.01
C LEU C 52 30.76 -0.93 -9.52
N LYS C 53 30.95 -2.05 -10.20
CA LYS C 53 30.83 -2.08 -11.67
C LYS C 53 29.47 -2.61 -12.14
N ARG C 54 28.52 -2.79 -11.21
CA ARG C 54 27.19 -3.27 -11.59
C ARG C 54 26.10 -2.43 -10.94
N PRO C 55 25.32 -1.67 -11.75
CA PRO C 55 24.26 -0.93 -11.09
C PRO C 55 23.18 -1.87 -10.63
N LYS C 56 22.61 -1.61 -9.46
CA LYS C 56 21.53 -2.43 -8.94
C LYS C 56 20.36 -2.50 -9.90
N ARG C 57 20.00 -1.35 -10.45
CA ARG C 57 18.75 -1.22 -11.18
CA ARG C 57 18.77 -1.24 -11.21
C ARG C 57 18.87 -0.29 -12.39
N ILE C 58 18.54 -0.80 -13.57
CA ILE C 58 18.48 0.02 -14.79
C ILE C 58 17.03 0.01 -15.26
N LEU C 59 16.41 1.19 -15.28
CA LEU C 59 15.06 1.35 -15.81
C LEU C 59 15.10 2.21 -17.06
N ILE C 60 14.71 1.62 -18.18
CA ILE C 60 14.59 2.37 -19.43
C ILE C 60 13.11 2.45 -19.79
N VAL C 61 12.61 3.66 -20.03
CA VAL C 61 11.20 3.84 -20.29
C VAL C 61 10.97 4.55 -21.60
N ASP C 62 9.87 4.21 -22.26
CA ASP C 62 9.37 4.92 -23.44
C ASP C 62 8.72 6.21 -22.93
N VAL C 63 8.99 7.34 -23.56
CA VAL C 63 8.32 8.59 -23.18
C VAL C 63 7.61 9.16 -24.40
N PRO C 64 6.42 8.63 -24.69
CA PRO C 64 5.67 9.14 -25.84
C PRO C 64 4.88 10.41 -25.54
N ILE C 65 4.89 11.35 -26.47
CA ILE C 65 3.97 12.48 -26.40
C ILE C 65 3.44 12.82 -27.81
N GLU C 66 2.32 13.54 -27.84
CA GLU C 66 1.90 14.20 -29.07
C GLU C 66 2.58 15.54 -29.15
N LEU C 67 3.29 15.77 -30.24
CA LEU C 67 3.90 17.07 -30.48
C LEU C 67 2.82 18.09 -30.81
N ASP C 68 3.19 19.37 -30.70
CA ASP C 68 2.29 20.45 -31.09
C ASP C 68 1.79 20.29 -32.53
N ASN C 69 2.60 19.68 -33.40
CA ASN C 69 2.25 19.55 -34.81
C ASN C 69 1.36 18.35 -35.16
N GLY C 70 0.92 17.59 -34.16
CA GLY C 70 -0.05 16.53 -34.39
C GLY C 70 0.50 15.10 -34.43
N THR C 71 1.82 14.96 -34.52
CA THR C 71 2.42 13.64 -34.63
C THR C 71 2.96 13.13 -33.28
N VAL C 72 3.02 11.80 -33.15
CA VAL C 72 3.51 11.17 -31.92
C VAL C 72 5.03 11.06 -31.96
N ALA C 73 5.67 11.48 -30.87
CA ALA C 73 7.12 11.42 -30.74
C ALA C 73 7.46 10.52 -29.56
N HIS C 74 8.50 9.71 -29.72
CA HIS C 74 8.94 8.80 -28.66
C HIS C 74 10.34 9.18 -28.21
N PHE C 75 10.49 9.45 -26.91
CA PHE C 75 11.80 9.78 -26.38
C PHE C 75 12.28 8.68 -25.42
N GLU C 76 13.60 8.48 -25.37
CA GLU C 76 14.23 7.54 -24.44
C GLU C 76 14.36 8.17 -23.06
N GLY C 77 13.82 7.46 -22.06
CA GLY C 77 13.92 7.89 -20.68
C GLY C 77 14.66 6.86 -19.86
N TYR C 78 15.44 7.33 -18.90
CA TYR C 78 16.29 6.50 -18.07
C TYR C 78 16.21 6.93 -16.61
N ARG C 79 16.22 5.93 -15.73
CA ARG C 79 16.54 6.13 -14.33
C ARG C 79 17.40 4.93 -13.92
N VAL C 80 18.62 5.21 -13.48
CA VAL C 80 19.55 4.16 -13.09
C VAL C 80 19.82 4.37 -11.62
N GLN C 81 19.61 3.32 -10.84
CA GLN C 81 20.00 3.30 -9.44
C GLN C 81 21.23 2.41 -9.33
N HIS C 82 22.39 3.05 -9.18
CA HIS C 82 23.65 2.34 -9.28
C HIS C 82 23.91 1.59 -7.98
N ASN C 83 23.69 2.24 -6.85
CA ASN C 83 23.95 1.60 -5.57
C ASN C 83 23.14 2.27 -4.48
N VAL C 84 22.45 1.48 -3.67
CA VAL C 84 21.64 2.03 -2.59
C VAL C 84 21.93 1.29 -1.29
N SER C 85 23.14 0.75 -1.19
CA SER C 85 23.60 0.10 0.04
CA SER C 85 23.58 0.10 0.04
C SER C 85 23.46 1.05 1.24
N ARG C 86 23.80 2.31 1.04
CA ARG C 86 23.86 3.26 2.17
C ARG C 86 22.58 4.05 2.45
N GLY C 87 21.61 4.04 1.53
CA GLY C 87 20.38 4.77 1.72
C GLY C 87 19.62 4.92 0.40
N PRO C 88 18.53 5.71 0.41
CA PRO C 88 17.71 5.95 -0.80
C PRO C 88 18.55 6.50 -1.95
N GLY C 89 18.10 6.29 -3.19
CA GLY C 89 18.78 6.85 -4.34
C GLY C 89 18.71 8.36 -4.29
N LYS C 90 19.75 9.01 -4.80
CA LYS C 90 19.74 10.45 -4.98
C LYS C 90 20.49 10.81 -6.24
N GLY C 91 19.91 11.68 -7.07
CA GLY C 91 20.63 12.14 -8.26
C GLY C 91 19.83 12.88 -9.30
N GLY C 92 20.51 13.71 -10.09
CA GLY C 92 19.86 14.59 -11.05
C GLY C 92 19.22 13.90 -12.25
N VAL C 93 18.51 14.72 -13.03
CA VAL C 93 17.96 14.33 -14.30
C VAL C 93 18.52 15.23 -15.40
N ARG C 94 19.19 14.62 -16.37
CA ARG C 94 19.73 15.34 -17.53
C ARG C 94 18.83 15.28 -18.76
N TYR C 95 18.47 16.44 -19.30
CA TYR C 95 17.88 16.47 -20.65
C TYR C 95 18.96 16.88 -21.63
N HIS C 96 19.37 15.96 -22.50
CA HIS C 96 20.38 16.29 -23.50
C HIS C 96 20.34 15.32 -24.68
N GLN C 97 20.70 15.80 -25.88
CA GLN C 97 20.51 15.00 -27.09
C GLN C 97 21.44 13.80 -27.13
N ASP C 98 22.47 13.82 -26.31
CA ASP C 98 23.44 12.74 -26.29
C ASP C 98 23.29 11.88 -25.05
N VAL C 99 22.14 11.98 -24.38
CA VAL C 99 21.87 11.08 -23.25
C VAL C 99 21.78 9.64 -23.78
N THR C 100 22.52 8.73 -23.15
CA THR C 100 22.54 7.31 -23.53
C THR C 100 22.59 6.44 -22.27
N LEU C 101 22.32 5.15 -22.39
CA LEU C 101 22.41 4.24 -21.25
C LEU C 101 23.75 4.33 -20.51
N SER C 102 24.86 4.19 -21.23
CA SER C 102 26.18 4.21 -20.60
C SER C 102 26.46 5.52 -19.86
N GLU C 103 26.02 6.62 -20.44
CA GLU C 103 26.20 7.92 -19.78
C GLU C 103 25.40 8.04 -18.48
N VAL C 104 24.13 7.63 -18.49
CA VAL C 104 23.33 7.71 -17.27
C VAL C 104 23.87 6.73 -16.21
N MET C 105 24.37 5.59 -16.68
CA MET C 105 25.05 4.63 -15.80
C MET C 105 26.26 5.28 -15.10
N ALA C 106 27.16 5.86 -15.89
CA ALA C 106 28.35 6.52 -15.35
C ALA C 106 27.97 7.62 -14.36
N LEU C 107 27.04 8.48 -14.76
CA LEU C 107 26.59 9.57 -13.90
C LEU C 107 26.03 9.03 -12.58
N SER C 108 25.28 7.94 -12.63
CA SER C 108 24.69 7.42 -11.40
C SER C 108 25.76 6.82 -10.49
N ALA C 109 26.82 6.27 -11.08
CA ALA C 109 27.91 5.71 -10.31
C ALA C 109 28.71 6.83 -9.63
N TRP C 110 28.91 7.94 -10.33
CA TRP C 110 29.61 9.07 -9.72
C TRP C 110 28.77 9.65 -8.57
N MET C 111 27.44 9.54 -8.69
CA MET C 111 26.57 9.92 -7.58
C MET C 111 26.84 9.05 -6.35
N SER C 112 26.92 7.73 -6.51
CA SER C 112 27.23 6.81 -5.40
C SER C 112 28.52 7.21 -4.70
N VAL C 113 29.53 7.53 -5.51
CA VAL C 113 30.85 7.84 -4.99
C VAL C 113 30.89 9.20 -4.29
N LYS C 114 30.30 10.21 -4.93
CA LYS C 114 30.33 11.56 -4.38
C LYS C 114 29.48 11.60 -3.11
N ASN C 115 28.39 10.83 -3.08
CA ASN C 115 27.55 10.81 -1.88
C ASN C 115 28.26 10.13 -0.70
N ALA C 116 29.04 9.11 -1.01
CA ALA C 116 29.82 8.44 0.03
C ALA C 116 31.03 9.28 0.45
N ALA C 117 31.57 10.04 -0.50
CA ALA C 117 32.76 10.84 -0.25
C ALA C 117 32.48 11.96 0.74
N VAL C 118 31.36 12.66 0.56
CA VAL C 118 31.02 13.76 1.48
C VAL C 118 30.13 13.28 2.62
N ASN C 119 29.76 12.00 2.57
CA ASN C 119 29.09 11.28 3.67
C ASN C 119 27.63 11.68 3.90
N VAL C 120 26.88 11.91 2.83
CA VAL C 120 25.43 12.03 2.95
C VAL C 120 24.79 10.63 2.79
N PRO C 121 23.70 10.36 3.53
CA PRO C 121 23.13 9.00 3.59
C PRO C 121 22.28 8.68 2.36
N TYR C 122 22.85 8.87 1.19
CA TYR C 122 22.14 8.59 -0.05
C TYR C 122 22.89 7.61 -0.92
N GLY C 123 22.17 6.71 -1.57
CA GLY C 123 22.78 5.94 -2.63
C GLY C 123 22.88 6.81 -3.88
N GLY C 124 23.54 6.28 -4.91
CA GLY C 124 23.67 7.01 -6.16
C GLY C 124 22.66 6.60 -7.22
N ALA C 125 22.01 7.60 -7.82
CA ALA C 125 21.08 7.37 -8.90
C ALA C 125 21.21 8.50 -9.91
N LYS C 126 20.64 8.33 -11.09
CA LYS C 126 20.63 9.39 -12.09
C LYS C 126 19.55 9.14 -13.12
N GLY C 127 18.99 10.22 -13.65
CA GLY C 127 17.99 10.11 -14.70
C GLY C 127 18.43 10.84 -15.94
N GLY C 128 17.84 10.49 -17.08
CA GLY C 128 18.11 11.20 -18.31
C GLY C 128 16.96 11.07 -19.30
N ILE C 129 16.80 12.07 -20.16
CA ILE C 129 15.92 11.95 -21.32
C ILE C 129 16.75 12.35 -22.53
N ARG C 130 16.75 11.50 -23.57
CA ARG C 130 17.52 11.78 -24.77
C ARG C 130 16.73 12.76 -25.64
N VAL C 131 16.91 14.04 -25.37
CA VAL C 131 16.16 15.10 -26.05
C VAL C 131 16.91 16.41 -25.93
N ASP C 132 16.84 17.22 -26.98
CA ASP C 132 17.34 18.58 -27.00
C ASP C 132 16.16 19.53 -26.72
N PRO C 133 16.13 20.14 -25.52
CA PRO C 133 15.02 21.02 -25.12
C PRO C 133 14.90 22.23 -26.03
N ARG C 134 15.96 22.56 -26.74
CA ARG C 134 15.93 23.67 -27.69
C ARG C 134 14.95 23.42 -28.83
N LYS C 135 14.70 22.14 -29.10
CA LYS C 135 13.89 21.72 -30.23
C LYS C 135 12.42 21.53 -29.84
N LEU C 136 12.13 21.74 -28.56
CA LEU C 136 10.77 21.52 -28.04
C LEU C 136 10.10 22.81 -27.62
N SER C 137 8.79 22.90 -27.83
CA SER C 137 8.03 24.02 -27.28
C SER C 137 7.94 23.84 -25.77
N ARG C 138 7.50 24.88 -25.07
CA ARG C 138 7.38 24.83 -23.62
C ARG C 138 6.34 23.76 -23.20
N GLY C 139 5.25 23.68 -23.94
CA GLY C 139 4.23 22.66 -23.68
C GLY C 139 4.76 21.26 -23.91
N GLU C 140 5.48 21.07 -25.00
CA GLU C 140 6.06 19.77 -25.32
C GLU C 140 7.04 19.32 -24.23
N LEU C 141 7.84 20.26 -23.73
CA LEU C 141 8.82 19.97 -22.72
C LEU C 141 8.13 19.58 -21.41
N GLU C 142 6.99 20.23 -21.14
CA GLU C 142 6.19 19.87 -19.98
C GLU C 142 5.67 18.44 -20.14
N ARG C 143 5.05 18.17 -21.27
CA ARG C 143 4.44 16.86 -21.47
C ARG C 143 5.47 15.75 -21.36
N VAL C 144 6.64 15.94 -21.99
CA VAL C 144 7.77 15.03 -21.84
C VAL C 144 8.16 14.83 -20.38
N THR C 145 8.28 15.92 -19.64
CA THR C 145 8.63 15.82 -18.23
C THR C 145 7.59 15.01 -17.43
N ARG C 146 6.32 15.31 -17.64
CA ARG C 146 5.25 14.63 -16.89
C ARG C 146 5.15 13.14 -17.26
N ARG C 147 5.20 12.82 -18.55
CA ARG C 147 5.11 11.42 -18.97
C ARG C 147 6.30 10.61 -18.40
N TYR C 148 7.49 11.21 -18.47
CA TYR C 148 8.69 10.61 -17.88
C TYR C 148 8.49 10.30 -16.40
N THR C 149 8.04 11.31 -15.67
CA THR C 149 7.81 11.18 -14.24
C THR C 149 6.82 10.06 -13.94
N SER C 150 5.72 9.99 -14.68
CA SER C 150 4.74 8.91 -14.49
CA SER C 150 4.76 8.93 -14.43
C SER C 150 5.35 7.57 -14.81
N GLU C 151 6.27 7.54 -15.77
CA GLU C 151 6.83 6.24 -16.16
C GLU C 151 7.82 5.69 -15.14
N ILE C 152 8.60 6.57 -14.50
CA ILE C 152 9.58 6.11 -13.54
C ILE C 152 9.02 6.18 -12.13
N GLY C 153 7.74 6.55 -12.03
CA GLY C 153 7.11 6.69 -10.73
C GLY C 153 7.28 5.46 -9.88
N ILE C 154 7.23 4.29 -10.53
CA ILE C 154 7.29 3.01 -9.82
C ILE C 154 8.58 2.80 -9.01
N ILE C 155 9.65 3.52 -9.33
CA ILE C 155 10.89 3.34 -8.55
C ILE C 155 11.44 4.60 -7.87
N ILE C 156 10.73 5.73 -7.95
CA ILE C 156 11.14 6.93 -7.20
C ILE C 156 10.11 7.22 -6.10
N GLY C 157 10.39 8.22 -5.26
CA GLY C 157 9.55 8.54 -4.12
C GLY C 157 10.43 9.20 -3.05
N PRO C 158 9.80 9.96 -2.11
CA PRO C 158 10.59 10.73 -1.14
C PRO C 158 11.48 9.87 -0.24
N ASN C 159 11.16 8.59 -0.12
CA ASN C 159 11.95 7.67 0.74
C ASN C 159 12.67 6.56 -0.04
N THR C 160 12.74 6.70 -1.36
CA THR C 160 13.15 5.63 -2.25
C THR C 160 14.23 6.07 -3.23
N ASP C 161 13.93 7.13 -3.98
CA ASP C 161 14.86 7.68 -4.96
C ASP C 161 14.40 9.09 -5.30
N ILE C 162 15.27 10.07 -5.05
CA ILE C 162 14.87 11.47 -5.15
C ILE C 162 15.65 12.18 -6.25
N PRO C 163 14.97 12.53 -7.34
CA PRO C 163 15.67 13.25 -8.43
C PRO C 163 15.97 14.71 -8.09
N ALA C 164 16.60 15.41 -9.03
CA ALA C 164 17.11 16.75 -8.81
C ALA C 164 17.47 17.31 -10.18
N PRO C 165 17.89 18.59 -10.24
CA PRO C 165 18.32 19.12 -11.54
C PRO C 165 19.67 18.56 -12.01
N ASP C 166 19.89 18.67 -13.32
CA ASP C 166 21.19 18.44 -13.96
C ASP C 166 21.18 19.29 -15.23
N VAL C 167 21.95 18.89 -16.24
CA VAL C 167 22.06 19.67 -17.47
C VAL C 167 20.69 19.84 -18.14
N ASN C 168 20.34 21.09 -18.43
CA ASN C 168 19.07 21.45 -19.06
C ASN C 168 17.82 21.22 -18.19
N THR C 169 17.99 20.89 -16.92
CA THR C 169 16.83 20.89 -16.03
C THR C 169 17.10 21.85 -14.86
N ASN C 170 16.06 22.16 -14.11
CA ASN C 170 16.04 23.34 -13.25
C ASN C 170 14.81 23.30 -12.36
N GLU C 171 14.53 24.37 -11.63
CA GLU C 171 13.38 24.43 -10.72
CA GLU C 171 13.38 24.39 -10.71
C GLU C 171 12.04 24.12 -11.39
N GLN C 172 11.89 24.55 -12.65
CA GLN C 172 10.61 24.37 -13.33
C GLN C 172 10.39 22.91 -13.66
N ILE C 173 11.39 22.28 -14.26
CA ILE C 173 11.36 20.84 -14.52
C ILE C 173 11.10 20.08 -13.20
N MET C 174 11.75 20.50 -12.11
CA MET C 174 11.54 19.81 -10.82
C MET C 174 10.11 20.02 -10.30
N ALA C 175 9.57 21.22 -10.50
CA ALA C 175 8.20 21.51 -10.08
C ALA C 175 7.21 20.61 -10.82
N TRP C 176 7.44 20.42 -12.12
CA TRP C 176 6.58 19.56 -12.95
C TRP C 176 6.67 18.12 -12.49
N MET C 177 7.89 17.63 -12.24
CA MET C 177 8.05 16.27 -11.71
C MET C 177 7.33 16.08 -10.37
N MET C 178 7.47 17.04 -9.46
CA MET C 178 6.86 16.95 -8.14
C MET C 178 5.33 16.96 -8.25
N ASP C 179 4.78 17.82 -9.09
CA ASP C 179 3.33 17.87 -9.26
C ASP C 179 2.80 16.57 -9.87
N THR C 180 3.45 16.11 -10.93
CA THR C 180 3.04 14.89 -11.62
C THR C 180 2.98 13.71 -10.66
N TYR C 181 4.08 13.50 -9.95
CA TYR C 181 4.16 12.43 -8.96
C TYR C 181 3.07 12.58 -7.90
N SER C 182 2.91 13.78 -7.34
CA SER C 182 1.84 14.03 -6.37
C SER C 182 0.44 13.68 -6.90
N MET C 183 0.16 14.05 -8.14
CA MET C 183 -1.16 13.83 -8.71
C MET C 183 -1.36 12.32 -8.97
N ASN C 184 -0.33 11.66 -9.48
CA ASN C 184 -0.37 10.21 -9.65
C ASN C 184 -0.62 9.51 -8.31
N GLN C 185 0.06 9.96 -7.26
CA GLN C 185 -0.01 9.33 -5.94
C GLN C 185 -1.26 9.72 -5.16
N GLY C 186 -1.83 10.88 -5.50
CA GLY C 186 -3.02 11.35 -4.82
C GLY C 186 -2.75 12.23 -3.61
N GLN C 187 -1.52 12.72 -3.46
CA GLN C 187 -1.22 13.65 -2.38
C GLN C 187 0.05 14.43 -2.69
N THR C 188 0.07 15.69 -2.25
CA THR C 188 1.26 16.51 -2.41
C THR C 188 2.44 15.84 -1.71
N ALA C 189 3.52 15.65 -2.45
CA ALA C 189 4.73 14.98 -1.95
C ALA C 189 5.97 15.81 -2.25
N THR C 190 6.20 16.87 -1.48
CA THR C 190 7.23 17.84 -1.87
C THR C 190 8.64 17.26 -1.78
N GLY C 191 8.82 16.20 -0.99
CA GLY C 191 10.13 15.59 -0.88
C GLY C 191 10.57 14.63 -1.99
N VAL C 192 9.75 14.47 -3.02
CA VAL C 192 10.07 13.52 -4.07
C VAL C 192 11.22 14.01 -4.97
N VAL C 193 11.45 15.33 -5.03
CA VAL C 193 12.61 15.87 -5.75
C VAL C 193 13.23 17.01 -4.95
N THR C 194 14.46 17.35 -5.29
CA THR C 194 15.12 18.52 -4.72
C THR C 194 15.40 19.46 -5.89
N GLY C 195 15.91 20.65 -5.59
CA GLY C 195 16.04 21.69 -6.60
C GLY C 195 14.72 22.39 -6.90
N LYS C 196 13.78 22.33 -5.95
CA LYS C 196 12.44 22.88 -6.14
C LYS C 196 12.45 24.41 -6.14
N PRO C 197 11.43 25.04 -6.76
CA PRO C 197 11.33 26.48 -6.61
C PRO C 197 10.98 26.84 -5.17
N ILE C 198 11.41 28.03 -4.73
CA ILE C 198 11.12 28.55 -3.39
C ILE C 198 9.65 28.31 -2.98
N SER C 199 8.72 28.63 -3.88
CA SER C 199 7.29 28.49 -3.58
C SER C 199 6.88 27.05 -3.26
N LEU C 200 7.72 26.07 -3.60
CA LEU C 200 7.38 24.67 -3.30
C LEU C 200 8.26 24.02 -2.25
N GLY C 201 9.15 24.80 -1.63
CA GLY C 201 10.04 24.27 -0.60
C GLY C 201 11.54 24.44 -0.83
N GLY C 202 11.93 25.03 -1.97
CA GLY C 202 13.34 25.20 -2.27
C GLY C 202 13.92 26.55 -1.87
N SER C 203 15.13 26.84 -2.35
CA SER C 203 15.85 28.05 -1.94
C SER C 203 16.92 28.53 -2.94
N LEU C 204 17.32 29.79 -2.80
CA LEU C 204 18.42 30.33 -3.59
C LEU C 204 19.73 29.69 -3.11
N GLY C 205 19.70 29.14 -1.89
CA GLY C 205 20.82 28.38 -1.35
C GLY C 205 21.15 27.16 -2.18
N ARG C 206 20.15 26.30 -2.41
CA ARG C 206 20.33 25.12 -3.25
C ARG C 206 20.71 25.46 -4.68
N LYS C 207 20.15 26.54 -5.23
CA LYS C 207 20.37 26.87 -6.63
C LYS C 207 21.83 27.26 -6.90
N GLU C 208 22.50 27.81 -5.90
CA GLU C 208 23.89 28.24 -6.07
C GLU C 208 24.86 27.32 -5.34
N ALA C 209 24.31 26.27 -4.73
CA ALA C 209 25.07 25.34 -3.90
C ALA C 209 26.26 24.67 -4.62
N THR C 210 26.03 24.13 -5.81
CA THR C 210 27.09 23.39 -6.50
C THR C 210 28.22 24.32 -6.93
N GLY C 211 27.88 25.42 -7.58
CA GLY C 211 28.84 26.48 -7.87
C GLY C 211 29.60 26.99 -6.66
N ARG C 212 28.91 27.17 -5.53
CA ARG C 212 29.58 27.61 -4.31
C ARG C 212 30.54 26.54 -3.79
N GLY C 213 30.13 25.28 -3.92
CA GLY C 213 30.95 24.16 -3.48
C GLY C 213 32.24 24.10 -4.29
N VAL C 214 32.09 24.33 -5.59
CA VAL C 214 33.23 24.42 -6.50
C VAL C 214 34.18 25.55 -6.06
N PHE C 215 33.61 26.72 -5.76
CA PHE C 215 34.41 27.86 -5.33
C PHE C 215 35.17 27.56 -4.03
N VAL C 216 34.47 27.01 -3.03
CA VAL C 216 35.07 26.70 -1.73
C VAL C 216 36.25 25.74 -1.88
N VAL C 217 36.02 24.65 -2.62
CA VAL C 217 37.01 23.62 -2.84
C VAL C 217 38.21 24.12 -3.65
N GLY C 218 37.94 24.97 -4.65
CA GLY C 218 39.00 25.60 -5.42
C GLY C 218 39.88 26.50 -4.57
N CYS C 219 39.30 27.15 -3.57
CA CYS C 219 40.08 27.98 -2.65
C CYS C 219 40.95 27.11 -1.72
N GLU C 220 40.42 25.99 -1.26
CA GLU C 220 41.20 25.10 -0.40
C GLU C 220 42.39 24.52 -1.16
N ALA C 221 42.16 24.15 -2.42
CA ALA C 221 43.21 23.69 -3.31
C ALA C 221 44.27 24.79 -3.56
N ALA C 222 43.80 26.02 -3.76
CA ALA C 222 44.69 27.14 -4.03
C ALA C 222 45.65 27.38 -2.87
N LYS C 223 45.17 27.16 -1.65
CA LYS C 223 46.01 27.31 -0.47
C LYS C 223 47.13 26.28 -0.47
N LYS C 224 46.82 25.06 -0.91
CA LYS C 224 47.77 23.95 -0.95
C LYS C 224 48.86 24.15 -2.01
N LYS C 225 48.53 24.88 -3.07
CA LYS C 225 49.48 25.13 -4.15
C LYS C 225 50.08 26.52 -4.07
N GLY C 226 49.68 27.29 -3.06
CA GLY C 226 50.23 28.62 -2.84
C GLY C 226 49.72 29.66 -3.83
N VAL C 227 48.54 29.43 -4.38
CA VAL C 227 47.93 30.36 -5.31
C VAL C 227 46.98 31.34 -4.61
N GLU C 228 47.21 32.64 -4.79
CA GLU C 228 46.33 33.65 -4.23
C GLU C 228 45.14 33.90 -5.15
N ILE C 229 43.95 34.00 -4.57
CA ILE C 229 42.74 34.13 -5.36
C ILE C 229 42.65 35.53 -5.98
N GLU C 230 43.09 36.54 -5.25
CA GLU C 230 43.07 37.90 -5.78
C GLU C 230 44.06 38.04 -6.92
N GLY C 231 43.55 38.34 -8.11
CA GLY C 231 44.38 38.43 -9.31
C GLY C 231 44.51 37.13 -10.08
N ALA C 232 44.03 36.04 -9.50
CA ALA C 232 44.16 34.72 -10.13
C ALA C 232 43.34 34.61 -11.40
N ARG C 233 43.94 34.02 -12.44
CA ARG C 233 43.26 33.83 -13.71
C ARG C 233 42.46 32.52 -13.74
N ILE C 234 41.18 32.63 -14.06
CA ILE C 234 40.27 31.50 -14.10
C ILE C 234 39.71 31.30 -15.51
N ALA C 235 39.69 30.05 -15.97
CA ALA C 235 38.94 29.71 -17.17
C ALA C 235 37.82 28.78 -16.80
N VAL C 236 36.69 28.89 -17.50
CA VAL C 236 35.51 28.10 -17.16
C VAL C 236 34.87 27.54 -18.42
N GLN C 237 34.72 26.23 -18.48
CA GLN C 237 33.90 25.62 -19.53
C GLN C 237 32.51 25.37 -18.98
N GLY C 238 31.51 25.91 -19.66
CA GLY C 238 30.15 25.88 -19.16
C GLY C 238 29.90 27.17 -18.40
N PHE C 239 28.73 27.76 -18.59
CA PHE C 239 28.37 28.96 -17.84
C PHE C 239 26.93 28.89 -17.38
N GLY C 240 26.48 27.67 -17.12
CA GLY C 240 25.14 27.42 -16.62
C GLY C 240 25.08 27.49 -15.11
N ASN C 241 24.23 26.66 -14.52
CA ASN C 241 24.00 26.67 -13.08
C ASN C 241 25.31 26.48 -12.29
N VAL C 242 26.16 25.59 -12.75
CA VAL C 242 27.42 25.36 -12.04
C VAL C 242 28.49 26.37 -12.45
N GLY C 243 28.78 26.47 -13.75
CA GLY C 243 29.82 27.36 -14.23
C GLY C 243 29.58 28.83 -13.96
N GLY C 244 28.35 29.29 -14.14
CA GLY C 244 28.03 30.69 -13.92
C GLY C 244 28.25 31.11 -12.48
N ILE C 245 27.71 30.33 -11.54
CA ILE C 245 27.85 30.68 -10.12
C ILE C 245 29.31 30.58 -9.67
N ALA C 246 30.03 29.57 -10.14
CA ALA C 246 31.44 29.44 -9.79
C ALA C 246 32.24 30.67 -10.22
N ALA C 247 32.05 31.05 -11.48
CA ALA C 247 32.72 32.22 -12.05
C ALA C 247 32.36 33.50 -11.31
N LYS C 248 31.09 33.62 -10.94
CA LYS C 248 30.58 34.78 -10.22
C LYS C 248 31.25 34.92 -8.86
N LEU C 249 31.38 33.80 -8.16
CA LEU C 249 31.97 33.82 -6.82
C LEU C 249 33.47 34.10 -6.88
N PHE C 250 34.15 33.55 -7.88
CA PHE C 250 35.56 33.80 -8.03
C PHE C 250 35.87 35.26 -8.34
N GLN C 251 35.10 35.87 -9.23
CA GLN C 251 35.30 37.30 -9.48
C GLN C 251 35.04 38.11 -8.19
N GLU C 252 33.98 37.75 -7.46
CA GLU C 252 33.67 38.47 -6.21
C GLU C 252 34.78 38.28 -5.17
N ALA C 253 35.58 37.22 -5.32
CA ALA C 253 36.69 36.98 -4.40
C ALA C 253 37.98 37.65 -4.90
N GLY C 254 37.91 38.30 -6.06
CA GLY C 254 39.05 39.03 -6.58
C GLY C 254 39.75 38.38 -7.77
N ALA C 255 39.18 37.29 -8.29
CA ALA C 255 39.77 36.58 -9.43
C ALA C 255 39.37 37.19 -10.76
N LYS C 256 40.14 36.87 -11.80
CA LYS C 256 39.86 37.33 -13.15
C LYS C 256 39.42 36.16 -14.04
N VAL C 257 38.14 36.12 -14.38
CA VAL C 257 37.63 35.11 -15.30
C VAL C 257 37.96 35.52 -16.72
N ILE C 258 39.05 34.99 -17.27
CA ILE C 258 39.57 35.53 -18.53
C ILE C 258 39.11 34.76 -19.76
N ALA C 259 38.59 33.55 -19.57
CA ALA C 259 38.14 32.76 -20.72
C ALA C 259 36.96 31.90 -20.36
N VAL C 260 35.94 31.95 -21.19
CA VAL C 260 34.80 31.06 -21.03
C VAL C 260 34.46 30.34 -22.32
N GLN C 261 34.25 29.04 -22.25
CA GLN C 261 33.71 28.30 -23.39
C GLN C 261 32.41 27.63 -23.02
N ASP C 262 31.39 27.75 -23.86
CA ASP C 262 30.21 26.90 -23.71
C ASP C 262 29.80 26.32 -25.08
N HIS C 263 28.58 25.80 -25.20
CA HIS C 263 28.20 25.14 -26.45
C HIS C 263 28.05 26.12 -27.63
N THR C 264 28.10 27.42 -27.36
CA THR C 264 27.91 28.41 -28.43
C THR C 264 29.23 29.01 -28.93
N GLY C 265 30.31 28.81 -28.19
CA GLY C 265 31.59 29.38 -28.58
C GLY C 265 32.47 29.68 -27.41
N THR C 266 33.66 30.20 -27.70
CA THR C 266 34.62 30.56 -26.67
C THR C 266 34.88 32.06 -26.71
N ILE C 267 34.95 32.69 -25.55
CA ILE C 267 35.30 34.09 -25.46
C ILE C 267 36.52 34.28 -24.56
N HIS C 268 37.32 35.30 -24.86
CA HIS C 268 38.55 35.56 -24.14
C HIS C 268 38.64 37.05 -23.75
N GLN C 269 39.03 37.30 -22.51
CA GLN C 269 39.13 38.67 -21.98
C GLN C 269 40.12 38.70 -20.82
N PRO C 270 41.40 39.02 -21.11
CA PRO C 270 42.49 39.01 -20.11
C PRO C 270 42.29 39.99 -18.94
N ALA C 271 41.40 40.96 -19.10
CA ALA C 271 41.08 41.87 -18.00
C ALA C 271 40.06 41.21 -17.06
N GLY C 272 39.54 40.06 -17.45
CA GLY C 272 38.53 39.38 -16.66
C GLY C 272 37.14 39.88 -17.02
N VAL C 273 36.24 38.98 -17.35
CA VAL C 273 34.90 39.40 -17.78
C VAL C 273 34.06 39.85 -16.60
N ASP C 274 33.08 40.69 -16.90
CA ASP C 274 32.02 41.06 -15.95
C ASP C 274 31.05 39.89 -15.92
N THR C 275 31.13 39.08 -14.87
CA THR C 275 30.30 37.87 -14.81
C THR C 275 28.83 38.22 -14.68
N ALA C 276 28.54 39.33 -14.00
CA ALA C 276 27.16 39.81 -13.89
C ALA C 276 26.57 40.05 -15.27
N LYS C 277 27.28 40.81 -16.10
CA LYS C 277 26.85 41.08 -17.47
C LYS C 277 26.86 39.83 -18.37
N LEU C 278 27.83 38.94 -18.17
CA LEU C 278 27.89 37.72 -19.00
C LEU C 278 26.74 36.78 -18.66
N LEU C 279 26.42 36.68 -17.37
CA LEU C 279 25.30 35.87 -16.92
C LEU C 279 24.02 36.37 -17.55
N ASP C 280 23.84 37.69 -17.55
CA ASP C 280 22.68 38.30 -18.19
CA ASP C 280 22.68 38.30 -18.19
C ASP C 280 22.64 37.98 -19.68
N HIS C 281 23.78 38.12 -20.35
CA HIS C 281 23.89 37.87 -21.79
C HIS C 281 23.49 36.43 -22.16
N VAL C 282 24.01 35.48 -21.39
CA VAL C 282 23.71 34.07 -21.61
C VAL C 282 22.22 33.83 -21.39
N GLY C 283 21.62 34.63 -20.50
CA GLY C 283 20.20 34.55 -20.22
C GLY C 283 19.32 35.06 -21.36
N ARG C 284 19.77 36.11 -22.04
CA ARG C 284 19.01 36.70 -23.13
C ARG C 284 19.21 35.95 -24.46
N THR C 285 20.40 35.40 -24.67
CA THR C 285 20.77 34.87 -25.97
C THR C 285 20.95 33.35 -26.01
N GLY C 286 21.26 32.75 -24.87
CA GLY C 286 21.40 31.31 -24.80
C GLY C 286 22.83 30.82 -24.62
N GLY C 287 23.78 31.73 -24.69
CA GLY C 287 25.19 31.38 -24.59
C GLY C 287 26.12 32.58 -24.55
N VAL C 288 27.43 32.32 -24.50
CA VAL C 288 28.40 33.41 -24.36
C VAL C 288 28.78 34.03 -25.71
N ALA C 289 28.46 33.34 -26.79
CA ALA C 289 28.73 33.85 -28.13
C ALA C 289 28.13 35.24 -28.30
N GLY C 290 28.95 36.16 -28.80
CA GLY C 290 28.48 37.50 -29.10
C GLY C 290 28.57 38.48 -27.95
N PHE C 291 29.10 38.02 -26.81
CA PHE C 291 29.25 38.87 -25.63
C PHE C 291 30.10 40.12 -25.90
N GLU C 292 29.60 41.28 -25.49
CA GLU C 292 30.26 42.55 -25.76
C GLU C 292 31.63 42.69 -25.11
N GLY C 293 31.73 42.30 -23.85
CA GLY C 293 32.93 42.53 -23.06
C GLY C 293 34.04 41.53 -23.27
N ALA C 294 34.05 40.87 -24.41
CA ALA C 294 35.07 39.87 -24.71
C ALA C 294 35.37 39.77 -26.21
N GLU C 295 36.39 39.00 -26.55
CA GLU C 295 36.71 38.69 -27.94
C GLU C 295 36.43 37.23 -28.23
N PRO C 296 35.99 36.93 -29.46
CA PRO C 296 35.80 35.53 -29.84
C PRO C 296 37.15 34.82 -30.00
N MET C 297 37.20 33.56 -29.62
CA MET C 297 38.41 32.76 -29.71
C MET C 297 38.06 31.36 -30.23
N PRO C 298 38.96 30.77 -31.05
CA PRO C 298 38.78 29.39 -31.52
C PRO C 298 38.59 28.42 -30.35
N ASN C 299 37.64 27.50 -30.48
CA ASN C 299 37.25 26.62 -29.38
C ASN C 299 38.40 25.76 -28.86
N ASP C 300 39.25 25.28 -29.78
CA ASP C 300 40.41 24.47 -29.41
C ASP C 300 41.40 25.28 -28.59
N GLU C 301 41.47 26.57 -28.88
CA GLU C 301 42.44 27.45 -28.26
C GLU C 301 42.11 27.70 -26.79
N PHE C 302 40.85 27.47 -26.42
CA PHE C 302 40.41 27.67 -25.04
C PHE C 302 41.31 26.93 -24.05
N TRP C 303 41.68 25.69 -24.38
CA TRP C 303 42.47 24.85 -23.49
C TRP C 303 43.93 25.32 -23.32
N THR C 304 44.40 26.18 -24.22
CA THR C 304 45.79 26.63 -24.19
C THR C 304 46.01 27.94 -23.43
N VAL C 305 44.91 28.57 -23.00
CA VAL C 305 45.01 29.85 -22.29
C VAL C 305 45.60 29.65 -20.90
N GLU C 306 46.71 30.34 -20.62
CA GLU C 306 47.38 30.20 -19.32
C GLU C 306 46.53 30.77 -18.19
N THR C 307 46.33 29.95 -17.15
CA THR C 307 45.51 30.33 -16.01
C THR C 307 46.13 29.83 -14.70
N GLU C 308 45.50 30.20 -13.60
CA GLU C 308 45.78 29.61 -12.30
C GLU C 308 44.85 28.43 -12.04
N ILE C 309 43.58 28.61 -12.40
CA ILE C 309 42.55 27.60 -12.17
C ILE C 309 41.70 27.41 -13.40
N LEU C 310 41.54 26.15 -13.81
CA LEU C 310 40.65 25.78 -14.90
C LEU C 310 39.47 24.97 -14.35
N ILE C 311 38.26 25.37 -14.73
CA ILE C 311 37.05 24.75 -14.20
C ILE C 311 36.17 24.18 -15.31
N PRO C 312 36.34 22.89 -15.63
CA PRO C 312 35.40 22.26 -16.55
C PRO C 312 34.06 22.08 -15.84
N ALA C 313 33.04 22.82 -16.28
CA ALA C 313 31.70 22.69 -15.71
C ALA C 313 30.63 22.51 -16.80
N ALA C 314 30.96 21.77 -17.84
CA ALA C 314 29.98 21.48 -18.89
C ALA C 314 29.76 19.98 -18.93
N LEU C 315 30.10 19.32 -20.03
CA LEU C 315 29.82 17.88 -20.14
C LEU C 315 31.06 17.02 -19.88
N GLU C 316 30.91 15.71 -20.07
CA GLU C 316 31.98 14.78 -19.73
C GLU C 316 32.99 14.64 -20.88
N ASN C 317 34.16 14.06 -20.59
CA ASN C 317 35.14 13.70 -21.62
C ASN C 317 35.65 14.92 -22.40
N GLN C 318 35.96 15.99 -21.68
CA GLN C 318 36.34 17.25 -22.31
C GLN C 318 37.84 17.49 -22.20
N ILE C 319 38.46 16.95 -21.15
CA ILE C 319 39.91 16.96 -21.03
C ILE C 319 40.42 15.54 -21.24
N THR C 320 41.12 15.35 -22.35
CA THR C 320 41.47 14.02 -22.85
C THR C 320 42.96 13.91 -23.16
N GLU C 321 43.40 12.75 -23.60
CA GLU C 321 44.76 12.63 -24.12
C GLU C 321 45.01 13.55 -25.32
N LYS C 322 43.94 13.96 -26.01
CA LYS C 322 44.12 14.86 -27.16
C LYS C 322 44.58 16.24 -26.72
N ASN C 323 44.01 16.77 -25.64
CA ASN C 323 44.31 18.15 -25.28
C ASN C 323 44.97 18.38 -23.91
N ALA C 324 45.21 17.30 -23.16
CA ALA C 324 45.73 17.44 -21.80
C ALA C 324 47.16 18.02 -21.72
N SER C 325 48.01 17.70 -22.69
CA SER C 325 49.39 18.18 -22.69
CA SER C 325 49.39 18.19 -22.68
C SER C 325 49.46 19.67 -22.99
N LYS C 326 48.44 20.19 -23.68
CA LYS C 326 48.38 21.60 -24.06
C LYS C 326 47.95 22.52 -22.90
N ILE C 327 47.42 21.92 -21.83
CA ILE C 327 46.85 22.73 -20.76
C ILE C 327 47.94 23.37 -19.92
N ARG C 328 47.76 24.67 -19.67
CA ARG C 328 48.70 25.45 -18.88
CA ARG C 328 48.70 25.40 -18.84
C ARG C 328 47.97 26.09 -17.71
N THR C 329 47.90 25.38 -16.59
CA THR C 329 47.17 25.84 -15.42
C THR C 329 47.79 25.16 -14.22
N LYS C 330 47.51 25.69 -13.04
CA LYS C 330 48.05 25.14 -11.80
C LYS C 330 47.03 24.21 -11.14
N ILE C 331 45.75 24.53 -11.28
CA ILE C 331 44.69 23.74 -10.64
C ILE C 331 43.51 23.50 -11.56
N ILE C 332 43.08 22.25 -11.65
CA ILE C 332 41.80 21.94 -12.28
C ILE C 332 40.81 21.61 -11.19
N VAL C 333 39.65 22.27 -11.22
CA VAL C 333 38.59 21.96 -10.27
C VAL C 333 37.35 21.53 -11.04
N GLU C 334 36.98 20.27 -10.90
CA GLU C 334 35.93 19.66 -11.72
C GLU C 334 34.54 19.93 -11.18
N GLY C 335 33.84 20.86 -11.83
CA GLY C 335 32.44 21.11 -11.51
C GLY C 335 31.54 20.12 -12.25
N ALA C 336 31.88 19.85 -13.50
CA ALA C 336 31.17 18.85 -14.32
C ALA C 336 31.39 17.44 -13.79
N ASN C 337 30.50 16.54 -14.18
CA ASN C 337 30.70 15.12 -13.97
C ASN C 337 31.53 14.50 -15.10
N GLY C 338 32.55 13.73 -14.72
CA GLY C 338 33.44 13.05 -15.67
C GLY C 338 34.13 13.84 -16.78
N PRO C 339 34.58 15.08 -16.51
CA PRO C 339 35.14 15.86 -17.62
C PRO C 339 36.54 15.42 -18.02
N THR C 340 37.24 14.71 -17.13
CA THR C 340 38.66 14.36 -17.36
C THR C 340 38.89 12.85 -17.39
N THR C 341 39.50 12.34 -18.46
CA THR C 341 39.79 10.90 -18.55
C THR C 341 41.01 10.51 -17.71
N THR C 342 41.16 9.22 -17.43
CA THR C 342 42.28 8.74 -16.64
C THR C 342 43.61 8.96 -17.38
N ALA C 343 43.58 8.82 -18.71
CA ALA C 343 44.75 9.17 -19.53
C ALA C 343 45.15 10.64 -19.34
N ALA C 344 44.16 11.52 -19.32
CA ALA C 344 44.44 12.93 -19.08
C ALA C 344 45.00 13.14 -17.66
N ASP C 345 44.43 12.45 -16.66
CA ASP C 345 44.96 12.50 -15.30
C ASP C 345 46.47 12.27 -15.28
N ASP C 346 46.92 11.22 -15.96
CA ASP C 346 48.34 10.85 -15.98
C ASP C 346 49.20 11.95 -16.62
N ILE C 347 48.66 12.59 -17.65
CA ILE C 347 49.39 13.64 -18.34
C ILE C 347 49.48 14.90 -17.46
N LEU C 348 48.35 15.28 -16.89
CA LEU C 348 48.26 16.47 -16.03
C LEU C 348 49.15 16.34 -14.80
N SER C 349 49.21 15.12 -14.26
CA SER C 349 50.02 14.83 -13.09
C SER C 349 51.50 14.88 -13.45
N ALA C 350 51.83 14.36 -14.62
CA ALA C 350 53.19 14.43 -15.12
C ALA C 350 53.59 15.89 -15.32
N ASN C 351 52.61 16.72 -15.69
CA ASN C 351 52.87 18.14 -15.93
C ASN C 351 52.68 19.01 -14.68
N GLY C 352 52.48 18.37 -13.53
CA GLY C 352 52.40 19.10 -12.28
C GLY C 352 51.13 19.91 -12.07
N VAL C 353 50.05 19.50 -12.72
CA VAL C 353 48.77 20.15 -12.55
C VAL C 353 48.00 19.48 -11.42
N LEU C 354 47.48 20.28 -10.49
CA LEU C 354 46.65 19.74 -9.40
C LEU C 354 45.20 19.57 -9.86
N VAL C 355 44.72 18.32 -9.84
CA VAL C 355 43.36 18.01 -10.27
C VAL C 355 42.48 17.64 -9.08
N ILE C 356 41.46 18.45 -8.85
CA ILE C 356 40.47 18.17 -7.81
C ILE C 356 39.25 17.52 -8.46
N PRO C 357 38.96 16.26 -8.08
CA PRO C 357 37.97 15.43 -8.77
C PRO C 357 36.54 15.91 -8.62
N ASP C 358 35.72 15.65 -9.64
CA ASP C 358 34.29 15.94 -9.59
C ASP C 358 33.63 15.43 -8.30
N VAL C 359 33.94 14.20 -7.91
CA VAL C 359 33.22 13.54 -6.81
C VAL C 359 33.50 14.18 -5.44
N ILE C 360 34.39 15.16 -5.39
CA ILE C 360 34.52 16.03 -4.23
C ILE C 360 34.05 17.46 -4.55
N ALA C 361 34.58 18.03 -5.64
CA ALA C 361 34.36 19.43 -5.98
C ALA C 361 32.89 19.83 -6.25
N ASN C 362 32.09 18.94 -6.84
CA ASN C 362 30.75 19.35 -7.26
C ASN C 362 29.63 18.84 -6.34
N ALA C 363 30.02 18.26 -5.21
CA ALA C 363 29.08 17.66 -4.27
C ALA C 363 28.31 18.66 -3.39
N GLY C 364 28.49 19.96 -3.65
CA GLY C 364 27.78 20.98 -2.90
C GLY C 364 26.27 20.90 -3.12
N GLY C 365 25.86 20.49 -4.31
CA GLY C 365 24.45 20.36 -4.64
C GLY C 365 23.76 19.30 -3.81
N VAL C 366 24.22 18.06 -3.91
CA VAL C 366 23.59 16.94 -3.18
C VAL C 366 23.66 17.16 -1.68
N THR C 367 24.68 17.89 -1.23
CA THR C 367 24.77 18.28 0.17
C THR C 367 23.59 19.15 0.60
N VAL C 368 23.31 20.21 -0.15
CA VAL C 368 22.19 21.09 0.19
C VAL C 368 20.85 20.43 -0.24
N SER C 369 20.91 19.57 -1.25
CA SER C 369 19.75 18.72 -1.58
C SER C 369 19.33 17.94 -0.36
N TYR C 370 20.32 17.43 0.39
CA TYR C 370 20.03 16.70 1.62
C TYR C 370 19.35 17.62 2.63
N PHE C 371 19.80 18.87 2.67
CA PHE C 371 19.23 19.85 3.61
C PHE C 371 17.79 20.22 3.23
N GLU C 372 17.49 20.17 1.93
CA GLU C 372 16.14 20.43 1.40
C GLU C 372 15.19 19.29 1.76
N TRP C 373 15.65 18.08 1.47
CA TRP C 373 14.92 16.83 1.73
C TRP C 373 14.60 16.62 3.23
N VAL C 374 15.55 16.97 4.08
CA VAL C 374 15.42 16.74 5.51
C VAL C 374 14.46 17.74 6.17
N GLN C 375 14.35 18.93 5.59
CA GLN C 375 13.42 19.95 6.09
C GLN C 375 12.25 20.16 5.13
N TRP C 382 17.01 28.83 10.53
CA TRP C 382 18.32 28.80 9.89
C TRP C 382 18.32 29.66 8.61
N THR C 383 19.11 30.72 8.63
CA THR C 383 19.17 31.68 7.52
C THR C 383 19.84 31.06 6.29
N GLU C 384 19.76 31.74 5.15
CA GLU C 384 20.48 31.28 3.97
C GLU C 384 21.97 31.34 4.25
N ASP C 385 22.40 32.39 4.94
CA ASP C 385 23.81 32.56 5.27
C ASP C 385 24.29 31.40 6.15
N GLU C 386 23.44 31.00 7.09
CA GLU C 386 23.77 29.88 7.97
C GLU C 386 23.84 28.59 7.17
N ILE C 387 22.92 28.42 6.23
CA ILE C 387 22.90 27.25 5.36
C ILE C 387 24.15 27.20 4.47
N ASN C 388 24.53 28.35 3.93
CA ASN C 388 25.77 28.45 3.16
C ASN C 388 26.98 28.17 4.06
N HIS C 389 26.93 28.69 5.29
CA HIS C 389 28.04 28.56 6.22
C HIS C 389 28.29 27.10 6.58
N ARG C 390 27.23 26.30 6.63
CA ARG C 390 27.35 24.88 6.89
C ARG C 390 27.86 24.16 5.65
N LEU C 391 27.36 24.57 4.48
CA LEU C 391 27.82 24.00 3.21
C LEU C 391 29.31 24.23 3.05
N GLU C 392 29.73 25.49 3.13
CA GLU C 392 31.13 25.84 3.00
C GLU C 392 31.98 25.00 3.93
N ARG C 393 31.50 24.82 5.16
CA ARG C 393 32.21 24.07 6.18
C ARG C 393 32.25 22.57 5.89
N VAL C 394 31.15 22.03 5.39
CA VAL C 394 31.09 20.62 4.97
C VAL C 394 32.10 20.32 3.85
N MET C 395 32.17 21.20 2.87
CA MET C 395 33.08 20.99 1.72
C MET C 395 34.54 21.05 2.16
N ARG C 396 34.86 22.03 2.99
CA ARG C 396 36.20 22.14 3.57
C ARG C 396 36.60 20.87 4.31
N GLU C 397 35.68 20.31 5.09
CA GLU C 397 36.00 19.13 5.89
C GLU C 397 36.23 17.91 5.00
N ALA C 398 35.41 17.72 3.98
CA ALA C 398 35.56 16.57 3.10
C ALA C 398 36.85 16.67 2.29
N PHE C 399 37.14 17.87 1.81
CA PHE C 399 38.38 18.13 1.07
C PHE C 399 39.60 17.76 1.91
N ALA C 400 39.60 18.20 3.17
CA ALA C 400 40.75 17.98 4.05
C ALA C 400 40.91 16.50 4.36
N GLY C 401 39.79 15.80 4.47
CA GLY C 401 39.79 14.37 4.71
C GLY C 401 40.36 13.62 3.53
N VAL C 402 39.86 13.91 2.33
CA VAL C 402 40.40 13.29 1.13
C VAL C 402 41.88 13.63 0.93
N TRP C 403 42.25 14.89 1.14
CA TRP C 403 43.64 15.30 1.02
C TRP C 403 44.55 14.52 1.97
N ALA C 404 44.07 14.30 3.20
CA ALA C 404 44.83 13.53 4.18
C ALA C 404 45.08 12.11 3.69
N VAL C 405 44.09 11.54 3.02
CA VAL C 405 44.20 10.20 2.49
C VAL C 405 45.17 10.15 1.30
N ALA C 406 45.12 11.18 0.47
CA ALA C 406 46.06 11.29 -0.65
C ALA C 406 47.49 11.30 -0.14
N GLU C 407 47.75 12.07 0.91
CA GLU C 407 49.09 12.14 1.52
C GLU C 407 49.47 10.81 2.15
N GLU C 408 48.51 10.16 2.78
CA GLU C 408 48.75 8.90 3.46
C GLU C 408 49.21 7.82 2.48
N HIS C 409 48.60 7.79 1.30
CA HIS C 409 48.88 6.76 0.31
C HIS C 409 49.71 7.26 -0.87
N LYS C 410 50.09 8.53 -0.84
CA LYS C 410 50.84 9.15 -1.94
C LYS C 410 50.15 8.91 -3.28
N VAL C 411 48.86 9.18 -3.33
CA VAL C 411 48.08 9.09 -4.55
C VAL C 411 47.44 10.43 -4.89
N SER C 412 46.82 10.51 -6.05
CA SER C 412 46.09 11.71 -6.45
C SER C 412 44.86 11.91 -5.59
N VAL C 413 44.32 13.12 -5.63
CA VAL C 413 43.12 13.41 -4.88
C VAL C 413 41.94 12.62 -5.44
N ARG C 414 41.94 12.36 -6.75
CA ARG C 414 40.88 11.53 -7.33
C ARG C 414 40.91 10.11 -6.74
N THR C 415 42.09 9.48 -6.72
CA THR C 415 42.21 8.15 -6.17
C THR C 415 41.83 8.12 -4.70
N ALA C 416 42.27 9.14 -3.95
CA ALA C 416 41.96 9.22 -2.52
C ALA C 416 40.44 9.37 -2.28
N ALA C 417 39.79 10.18 -3.11
CA ALA C 417 38.34 10.35 -2.99
C ALA C 417 37.64 9.00 -3.23
N PHE C 418 38.15 8.21 -4.17
CA PHE C 418 37.59 6.88 -4.42
C PHE C 418 37.90 5.91 -3.28
N ILE C 419 39.09 6.06 -2.67
CA ILE C 419 39.45 5.23 -1.54
C ILE C 419 38.42 5.43 -0.44
N VAL C 420 38.22 6.68 -0.05
CA VAL C 420 37.25 7.03 0.99
C VAL C 420 35.84 6.57 0.67
N ALA C 421 35.41 6.85 -0.56
CA ALA C 421 34.03 6.60 -0.94
C ALA C 421 33.73 5.11 -1.07
N CYS C 422 34.63 4.39 -1.74
CA CYS C 422 34.39 2.98 -2.04
C CYS C 422 34.52 2.13 -0.79
N LYS C 423 35.37 2.56 0.15
CA LYS C 423 35.46 1.88 1.45
C LYS C 423 34.12 1.97 2.19
N ARG C 424 33.47 3.11 2.09
CA ARG C 424 32.17 3.31 2.75
C ARG C 424 31.08 2.51 2.04
N ILE C 425 31.09 2.57 0.73
CA ILE C 425 30.11 1.85 -0.07
C ILE C 425 30.27 0.33 0.04
N LEU C 426 31.50 -0.17 -0.04
CA LEU C 426 31.69 -1.62 0.01
C LEU C 426 31.64 -2.20 1.43
N MET C 427 32.01 -1.43 2.44
CA MET C 427 31.77 -1.88 3.82
C MET C 427 30.25 -2.02 4.08
N ALA C 428 29.44 -1.11 3.53
CA ALA C 428 27.99 -1.22 3.59
C ALA C 428 27.51 -2.51 2.92
N ARG C 429 28.03 -2.78 1.72
CA ARG C 429 27.73 -4.03 1.02
C ARG C 429 28.14 -5.24 1.85
N GLU C 430 29.35 -5.19 2.39
CA GLU C 430 29.90 -6.27 3.19
C GLU C 430 29.02 -6.59 4.40
N MET C 431 28.61 -5.55 5.13
CA MET C 431 27.78 -5.73 6.33
C MET C 431 26.37 -6.23 5.97
N ARG C 432 25.79 -5.69 4.90
CA ARG C 432 24.44 -6.08 4.49
C ARG C 432 24.41 -7.53 3.96
N GLY C 433 25.50 -7.95 3.32
CA GLY C 433 25.60 -9.32 2.83
C GLY C 433 24.72 -9.59 1.62
N LEU C 434 24.61 -10.86 1.23
CA LEU C 434 23.77 -11.20 0.08
C LEU C 434 22.60 -12.08 0.50
N TYR C 435 21.41 -11.78 -0.04
CA TYR C 435 20.17 -12.44 0.35
C TYR C 435 19.49 -13.03 -0.89
N PRO C 436 19.47 -14.37 -1.03
CA PRO C 436 20.07 -15.39 -0.18
C PRO C 436 21.56 -15.59 -0.47
N SER D 15 -6.10 -12.27 36.60
CA SER D 15 -5.53 -13.60 36.45
C SER D 15 -4.52 -13.59 35.31
N ILE D 16 -3.62 -14.57 35.31
CA ILE D 16 -2.62 -14.67 34.26
C ILE D 16 -3.27 -15.28 33.00
N PRO D 17 -2.68 -15.05 31.82
CA PRO D 17 -3.31 -15.63 30.63
C PRO D 17 -3.23 -17.16 30.62
N SER D 18 -4.21 -17.80 30.00
CA SER D 18 -4.27 -19.27 29.90
C SER D 18 -3.10 -19.89 29.11
N TYR D 19 -2.39 -19.10 28.34
CA TYR D 19 -1.29 -19.63 27.55
C TYR D 19 0.02 -19.67 28.35
N LEU D 20 -0.02 -19.16 29.58
CA LEU D 20 1.12 -19.29 30.49
C LEU D 20 0.75 -20.20 31.65
N HIS D 21 1.74 -20.81 32.29
CA HIS D 21 1.52 -21.59 33.51
C HIS D 21 2.03 -20.80 34.71
N ALA D 22 1.25 -20.78 35.78
CA ALA D 22 1.61 -20.02 36.98
C ALA D 22 2.94 -20.47 37.60
N ASP D 23 3.20 -21.78 37.62
CA ASP D 23 4.42 -22.27 38.26
C ASP D 23 5.62 -22.17 37.33
N ASP D 24 5.41 -21.57 36.15
CA ASP D 24 6.48 -21.42 35.17
C ASP D 24 6.40 -20.06 34.49
N LEU D 25 6.36 -18.99 35.30
CA LEU D 25 6.15 -17.64 34.78
C LEU D 25 7.43 -16.92 34.36
N GLY D 26 8.58 -17.48 34.69
CA GLY D 26 9.86 -16.81 34.48
C GLY D 26 9.88 -15.35 34.92
N PRO D 27 10.60 -14.51 34.17
CA PRO D 27 10.68 -13.05 34.36
C PRO D 27 9.32 -12.36 34.40
N TRP D 28 8.33 -12.98 33.76
CA TRP D 28 7.02 -12.36 33.69
C TRP D 28 6.42 -12.31 35.09
N GLY D 29 6.76 -13.31 35.90
CA GLY D 29 6.35 -13.35 37.29
C GLY D 29 6.84 -12.12 38.04
N ASN D 30 8.11 -11.79 37.84
CA ASN D 30 8.73 -10.67 38.54
C ASN D 30 8.09 -9.35 38.11
N TYR D 31 7.92 -9.17 36.80
CA TYR D 31 7.29 -7.96 36.27
C TYR D 31 5.88 -7.76 36.86
N LEU D 32 5.06 -8.82 36.89
CA LEU D 32 3.74 -8.73 37.52
C LEU D 32 3.80 -8.21 38.96
N GLN D 33 4.81 -8.64 39.71
CA GLN D 33 5.02 -8.18 41.09
C GLN D 33 5.32 -6.68 41.15
N GLN D 34 6.09 -6.21 40.19
CA GLN D 34 6.45 -4.80 40.09
C GLN D 34 5.22 -3.97 39.76
N VAL D 35 4.35 -4.50 38.91
CA VAL D 35 3.11 -3.80 38.60
C VAL D 35 2.27 -3.71 39.87
N ASP D 36 2.20 -4.80 40.63
CA ASP D 36 1.41 -4.80 41.88
C ASP D 36 1.87 -3.69 42.80
N ARG D 37 3.17 -3.40 42.78
CA ARG D 37 3.73 -2.42 43.70
C ARG D 37 3.41 -0.99 43.28
N VAL D 38 3.19 -0.76 41.98
CA VAL D 38 2.86 0.60 41.56
C VAL D 38 1.36 0.87 41.68
N ALA D 39 0.57 -0.20 41.78
CA ALA D 39 -0.91 -0.11 41.89
C ALA D 39 -1.44 0.94 42.87
N PRO D 40 -0.88 1.01 44.10
CA PRO D 40 -1.50 2.00 45.00
C PRO D 40 -1.25 3.46 44.61
N TYR D 41 -0.40 3.69 43.61
CA TYR D 41 -0.02 5.06 43.29
C TYR D 41 -0.69 5.60 42.02
N LEU D 42 -1.50 4.77 41.39
CA LEU D 42 -2.04 5.09 40.08
C LEU D 42 -3.21 6.06 40.14
N GLY D 43 -3.83 6.21 41.30
CA GLY D 43 -5.01 7.04 41.42
C GLY D 43 -6.15 6.55 40.55
N SER D 44 -6.77 7.45 39.81
CA SER D 44 -7.92 7.10 39.00
C SER D 44 -7.56 6.25 37.77
N LEU D 45 -6.26 6.12 37.49
CA LEU D 45 -5.81 5.34 36.34
C LEU D 45 -5.77 3.86 36.70
N SER D 46 -6.04 3.58 37.98
CA SER D 46 -6.11 2.21 38.50
C SER D 46 -7.06 1.34 37.69
N ARG D 47 -8.08 1.96 37.11
CA ARG D 47 -9.08 1.21 36.34
C ARG D 47 -8.47 0.58 35.09
N TRP D 48 -7.29 1.08 34.68
CA TRP D 48 -6.64 0.57 33.48
C TRP D 48 -5.42 -0.29 33.77
N ILE D 49 -5.24 -0.68 35.03
CA ILE D 49 -3.99 -1.35 35.41
C ILE D 49 -3.78 -2.66 34.67
N GLU D 50 -4.87 -3.32 34.26
CA GLU D 50 -4.70 -4.62 33.61
C GLU D 50 -4.07 -4.46 32.22
N THR D 51 -4.16 -3.26 31.65
CA THR D 51 -3.47 -2.95 30.38
C THR D 51 -1.97 -3.24 30.50
N LEU D 52 -1.41 -3.03 31.70
CA LEU D 52 0.02 -3.28 31.92
C LEU D 52 0.36 -4.77 31.94
N LYS D 53 -0.64 -5.59 32.24
CA LYS D 53 -0.45 -7.03 32.38
C LYS D 53 -0.89 -7.82 31.14
N ARG D 54 -1.24 -7.11 30.06
CA ARG D 54 -1.68 -7.78 28.84
C ARG D 54 -1.01 -7.15 27.62
N PRO D 55 -0.08 -7.89 26.99
CA PRO D 55 0.54 -7.32 25.77
C PRO D 55 -0.47 -7.20 24.65
N LYS D 56 -0.39 -6.09 23.94
CA LYS D 56 -1.22 -5.90 22.75
C LYS D 56 -1.15 -7.10 21.80
N ARG D 57 0.05 -7.54 21.53
CA ARG D 57 0.21 -8.44 20.41
C ARG D 57 1.41 -9.37 20.62
N ILE D 58 1.16 -10.67 20.53
CA ILE D 58 2.24 -11.65 20.61
C ILE D 58 2.37 -12.33 19.26
N LEU D 59 3.55 -12.26 18.66
CA LEU D 59 3.78 -12.96 17.40
C LEU D 59 4.83 -14.03 17.64
N ILE D 60 4.45 -15.30 17.47
CA ILE D 60 5.41 -16.40 17.52
C ILE D 60 5.55 -16.94 16.11
N VAL D 61 6.79 -17.01 15.62
CA VAL D 61 7.01 -17.43 14.25
C VAL D 61 7.94 -18.61 14.19
N ASP D 62 7.67 -19.50 13.25
CA ASP D 62 8.55 -20.60 12.92
C ASP D 62 9.77 -20.06 12.16
N VAL D 63 10.98 -20.46 12.55
CA VAL D 63 12.17 -20.02 11.83
C VAL D 63 12.91 -21.24 11.31
N PRO D 64 12.47 -21.75 10.15
CA PRO D 64 13.18 -22.90 9.58
C PRO D 64 14.35 -22.48 8.70
N ILE D 65 15.45 -23.22 8.79
CA ILE D 65 16.53 -23.09 7.83
C ILE D 65 17.09 -24.47 7.52
N GLU D 66 17.81 -24.59 6.42
CA GLU D 66 18.59 -25.80 6.22
C GLU D 66 19.93 -25.58 6.88
N LEU D 67 20.33 -26.55 7.70
CA LEU D 67 21.65 -26.51 8.34
C LEU D 67 22.75 -26.83 7.34
N ASP D 68 23.99 -26.56 7.72
CA ASP D 68 25.13 -26.90 6.86
C ASP D 68 25.25 -28.42 6.66
N ASN D 69 24.80 -29.20 7.64
CA ASN D 69 24.89 -30.65 7.57
C ASN D 69 23.78 -31.26 6.69
N GLY D 70 22.94 -30.41 6.12
CA GLY D 70 21.90 -30.86 5.21
C GLY D 70 20.52 -31.05 5.80
N THR D 71 20.42 -31.06 7.12
CA THR D 71 19.12 -31.28 7.75
C THR D 71 18.36 -29.96 7.97
N VAL D 72 17.04 -30.06 8.05
CA VAL D 72 16.19 -28.90 8.30
C VAL D 72 16.07 -28.68 9.80
N ALA D 73 16.34 -27.46 10.26
CA ALA D 73 16.18 -27.13 11.67
C ALA D 73 15.11 -26.05 11.89
N HIS D 74 14.31 -26.21 12.94
CA HIS D 74 13.26 -25.26 13.26
C HIS D 74 13.56 -24.49 14.54
N PHE D 75 13.68 -23.16 14.42
CA PHE D 75 13.89 -22.34 15.61
C PHE D 75 12.65 -21.49 15.92
N GLU D 76 12.43 -21.23 17.21
CA GLU D 76 11.29 -20.43 17.67
C GLU D 76 11.69 -18.97 17.61
N GLY D 77 10.88 -18.17 16.92
CA GLY D 77 11.09 -16.74 16.88
C GLY D 77 9.95 -15.98 17.51
N TYR D 78 10.27 -14.87 18.17
CA TYR D 78 9.29 -14.06 18.87
C TYR D 78 9.44 -12.59 18.56
N ARG D 79 8.32 -11.91 18.40
CA ARG D 79 8.27 -10.46 18.51
C ARG D 79 7.02 -10.12 19.31
N VAL D 80 7.21 -9.52 20.49
CA VAL D 80 6.08 -9.18 21.33
C VAL D 80 5.98 -7.67 21.40
N GLN D 81 4.79 -7.15 21.10
CA GLN D 81 4.54 -5.72 21.24
C GLN D 81 3.66 -5.54 22.45
N HIS D 82 4.26 -5.08 23.55
CA HIS D 82 3.58 -5.07 24.83
C HIS D 82 2.55 -3.94 24.90
N ASN D 83 2.99 -2.74 24.56
CA ASN D 83 2.13 -1.56 24.62
C ASN D 83 2.61 -0.54 23.62
N VAL D 84 1.70 -0.02 22.79
CA VAL D 84 2.07 1.01 21.83
C VAL D 84 1.15 2.24 21.93
N SER D 85 0.57 2.48 23.09
CA SER D 85 -0.27 3.65 23.30
CA SER D 85 -0.28 3.65 23.27
C SER D 85 0.48 4.94 23.01
N ARG D 86 1.76 4.99 23.41
CA ARG D 86 2.53 6.23 23.26
C ARG D 86 3.25 6.36 21.94
N GLY D 87 3.32 5.30 21.15
CA GLY D 87 4.02 5.40 19.88
C GLY D 87 4.36 4.06 19.28
N PRO D 88 5.20 4.06 18.23
CA PRO D 88 5.61 2.81 17.59
C PRO D 88 6.41 1.96 18.56
N GLY D 89 6.41 0.65 18.34
CA GLY D 89 7.13 -0.24 19.23
C GLY D 89 8.61 -0.04 19.02
N LYS D 90 9.38 -0.31 20.06
CA LYS D 90 10.83 -0.17 20.04
C LYS D 90 11.43 -1.12 21.07
N GLY D 91 12.44 -1.87 20.66
CA GLY D 91 13.06 -2.81 21.58
C GLY D 91 13.90 -3.86 20.87
N GLY D 92 14.83 -4.46 21.61
CA GLY D 92 15.88 -5.31 21.05
C GLY D 92 15.45 -6.72 20.71
N VAL D 93 16.38 -7.47 20.15
CA VAL D 93 16.20 -8.87 19.81
C VAL D 93 17.26 -9.69 20.52
N ARG D 94 16.82 -10.61 21.36
CA ARG D 94 17.75 -11.49 22.07
C ARG D 94 17.89 -12.83 21.37
N TYR D 95 19.12 -13.27 21.18
CA TYR D 95 19.40 -14.62 20.73
C TYR D 95 19.95 -15.41 21.93
N HIS D 96 19.18 -16.33 22.47
CA HIS D 96 19.65 -17.11 23.62
C HIS D 96 18.93 -18.43 23.73
N GLN D 97 19.62 -19.47 24.20
CA GLN D 97 19.04 -20.80 24.28
C GLN D 97 17.85 -20.86 25.24
N ASP D 98 17.76 -19.90 26.15
CA ASP D 98 16.68 -19.90 27.13
C ASP D 98 15.59 -18.87 26.82
N VAL D 99 15.61 -18.29 25.63
CA VAL D 99 14.51 -17.43 25.20
C VAL D 99 13.19 -18.20 25.23
N THR D 100 12.19 -17.61 25.88
CA THR D 100 10.86 -18.21 26.02
C THR D 100 9.82 -17.10 25.86
N LEU D 101 8.57 -17.50 25.61
CA LEU D 101 7.44 -16.56 25.52
C LEU D 101 7.37 -15.64 26.73
N SER D 102 7.31 -16.23 27.92
CA SER D 102 7.28 -15.45 29.16
C SER D 102 8.45 -14.46 29.25
N GLU D 103 9.64 -14.88 28.81
CA GLU D 103 10.80 -13.97 28.84
C GLU D 103 10.66 -12.80 27.88
N VAL D 104 10.26 -13.07 26.63
CA VAL D 104 10.16 -12.00 25.65
C VAL D 104 9.04 -11.04 26.07
N MET D 105 7.95 -11.58 26.61
CA MET D 105 6.88 -10.75 27.20
C MET D 105 7.40 -9.80 28.27
N ALA D 106 8.08 -10.34 29.28
CA ALA D 106 8.64 -9.52 30.34
C ALA D 106 9.57 -8.45 29.77
N LEU D 107 10.55 -8.86 28.94
CA LEU D 107 11.44 -7.92 28.28
C LEU D 107 10.67 -6.82 27.51
N SER D 108 9.59 -7.19 26.83
CA SER D 108 8.82 -6.18 26.06
C SER D 108 8.09 -5.20 26.98
N ALA D 109 7.66 -5.66 28.14
CA ALA D 109 6.99 -4.79 29.09
C ALA D 109 7.99 -3.81 29.75
N TRP D 110 9.19 -4.29 30.10
CA TRP D 110 10.21 -3.37 30.64
C TRP D 110 10.62 -2.32 29.60
N MET D 111 10.50 -2.66 28.32
CA MET D 111 10.70 -1.67 27.27
C MET D 111 9.63 -0.59 27.35
N SER D 112 8.36 -0.99 27.44
CA SER D 112 7.24 -0.04 27.59
C SER D 112 7.50 0.92 28.74
N VAL D 113 7.97 0.35 29.84
CA VAL D 113 8.13 1.11 31.06
C VAL D 113 9.36 2.03 30.95
N LYS D 114 10.50 1.48 30.52
CA LYS D 114 11.70 2.31 30.40
C LYS D 114 11.48 3.43 29.36
N ASN D 115 10.77 3.13 28.28
CA ASN D 115 10.55 4.15 27.24
C ASN D 115 9.74 5.32 27.81
N ALA D 116 8.74 5.01 28.62
CA ALA D 116 7.88 6.04 29.23
C ALA D 116 8.62 6.80 30.32
N ALA D 117 9.48 6.08 31.07
CA ALA D 117 10.28 6.65 32.16
C ALA D 117 11.28 7.71 31.69
N VAL D 118 11.89 7.49 30.52
CA VAL D 118 12.86 8.47 30.00
C VAL D 118 12.19 9.34 28.95
N ASN D 119 10.91 9.07 28.71
CA ASN D 119 10.06 9.94 27.90
C ASN D 119 10.45 9.98 26.42
N VAL D 120 10.80 8.82 25.85
CA VAL D 120 10.94 8.73 24.40
C VAL D 120 9.58 8.29 23.85
N PRO D 121 9.23 8.74 22.64
CA PRO D 121 7.90 8.49 22.10
C PRO D 121 7.78 7.09 21.45
N TYR D 122 8.02 6.05 22.25
CA TYR D 122 7.98 4.67 21.78
C TYR D 122 7.18 3.79 22.71
N GLY D 123 6.41 2.86 22.15
CA GLY D 123 5.84 1.81 22.97
C GLY D 123 6.89 0.72 23.20
N GLY D 124 6.54 -0.28 24.01
CA GLY D 124 7.47 -1.33 24.36
C GLY D 124 7.35 -2.58 23.49
N ALA D 125 8.46 -3.00 22.90
CA ALA D 125 8.48 -4.21 22.09
C ALA D 125 9.76 -5.01 22.34
N LYS D 126 9.75 -6.30 22.05
CA LYS D 126 10.96 -7.09 22.17
C LYS D 126 10.88 -8.30 21.26
N GLY D 127 12.04 -8.74 20.78
CA GLY D 127 12.09 -9.93 19.96
C GLY D 127 13.06 -10.92 20.57
N GLY D 128 12.95 -12.17 20.14
CA GLY D 128 13.86 -13.21 20.60
C GLY D 128 13.84 -14.39 19.66
N ILE D 129 14.99 -15.03 19.55
CA ILE D 129 15.10 -16.32 18.89
C ILE D 129 15.66 -17.30 19.92
N ARG D 130 15.02 -18.44 20.11
CA ARG D 130 15.52 -19.43 21.06
C ARG D 130 16.63 -20.23 20.36
N VAL D 131 17.86 -19.74 20.49
CA VAL D 131 19.03 -20.36 19.84
C VAL D 131 20.31 -19.97 20.55
N ASP D 132 21.26 -20.90 20.59
CA ASP D 132 22.60 -20.58 21.05
C ASP D 132 23.48 -20.29 19.83
N PRO D 133 23.85 -19.02 19.63
CA PRO D 133 24.68 -18.66 18.47
C PRO D 133 26.03 -19.38 18.45
N ARG D 134 26.46 -19.87 19.61
CA ARG D 134 27.69 -20.64 19.66
C ARG D 134 27.54 -21.97 18.94
N LYS D 135 26.31 -22.48 18.83
CA LYS D 135 26.10 -23.78 18.19
C LYS D 135 25.85 -23.63 16.68
N LEU D 136 25.88 -22.40 16.17
CA LEU D 136 25.65 -22.15 14.75
C LEU D 136 26.87 -21.61 14.02
N SER D 137 27.09 -22.06 12.79
CA SER D 137 28.11 -21.44 11.92
C SER D 137 27.66 -20.02 11.59
N ARG D 138 28.54 -19.24 10.97
CA ARG D 138 28.19 -17.86 10.60
C ARG D 138 27.09 -17.81 9.54
N GLY D 139 27.13 -18.73 8.58
CA GLY D 139 26.11 -18.84 7.55
C GLY D 139 24.78 -19.24 8.15
N GLU D 140 24.81 -20.22 9.05
CA GLU D 140 23.60 -20.65 9.73
C GLU D 140 22.96 -19.51 10.53
N LEU D 141 23.80 -18.72 11.19
CA LEU D 141 23.31 -17.60 12.00
C LEU D 141 22.70 -16.50 11.13
N GLU D 142 23.33 -16.23 9.98
CA GLU D 142 22.78 -15.28 9.00
C GLU D 142 21.44 -15.78 8.45
N ARG D 143 21.36 -17.05 8.09
CA ARG D 143 20.11 -17.58 7.56
C ARG D 143 18.96 -17.51 8.57
N VAL D 144 19.23 -17.92 9.80
CA VAL D 144 18.24 -17.75 10.87
C VAL D 144 17.76 -16.30 11.00
N THR D 145 18.72 -15.37 11.01
CA THR D 145 18.44 -13.95 11.16
C THR D 145 17.54 -13.46 10.04
N ARG D 146 17.90 -13.82 8.82
CA ARG D 146 17.12 -13.34 7.67
C ARG D 146 15.71 -13.93 7.65
N ARG D 147 15.58 -15.22 7.92
CA ARG D 147 14.26 -15.86 7.94
C ARG D 147 13.36 -15.27 9.02
N TYR D 148 13.91 -15.11 10.22
CA TYR D 148 13.20 -14.44 11.32
C TYR D 148 12.66 -13.06 10.88
N THR D 149 13.50 -12.29 10.22
CA THR D 149 13.13 -10.94 9.81
C THR D 149 12.00 -10.99 8.79
N SER D 150 12.06 -11.93 7.85
CA SER D 150 10.99 -12.04 6.86
CA SER D 150 10.99 -11.98 6.87
C SER D 150 9.69 -12.44 7.53
N GLU D 151 9.77 -13.28 8.55
CA GLU D 151 8.55 -13.73 9.23
C GLU D 151 7.90 -12.65 10.10
N ILE D 152 8.69 -11.80 10.73
CA ILE D 152 8.11 -10.75 11.58
C ILE D 152 7.91 -9.44 10.81
N GLY D 153 8.26 -9.46 9.53
CA GLY D 153 8.10 -8.29 8.67
C GLY D 153 6.69 -7.72 8.75
N ILE D 154 5.69 -8.60 8.81
CA ILE D 154 4.29 -8.17 8.88
C ILE D 154 4.00 -7.15 9.98
N ILE D 155 4.79 -7.13 11.05
CA ILE D 155 4.47 -6.16 12.12
C ILE D 155 5.59 -5.18 12.46
N ILE D 156 6.73 -5.27 11.79
CA ILE D 156 7.82 -4.34 12.04
C ILE D 156 7.94 -3.39 10.86
N GLY D 157 8.60 -2.26 11.08
CA GLY D 157 8.75 -1.24 10.05
C GLY D 157 9.26 0.02 10.70
N PRO D 158 9.83 0.93 9.87
CA PRO D 158 10.38 2.21 10.32
C PRO D 158 9.35 3.02 11.11
N ASN D 159 8.07 2.89 10.74
CA ASN D 159 7.03 3.66 11.43
C ASN D 159 6.12 2.81 12.31
N THR D 160 6.53 1.58 12.60
CA THR D 160 5.62 0.63 13.24
C THR D 160 6.20 -0.08 14.45
N ASP D 161 7.38 -0.68 14.29
CA ASP D 161 8.06 -1.42 15.36
C ASP D 161 9.52 -1.60 14.93
N ILE D 162 10.44 -1.08 15.75
CA ILE D 162 11.85 -0.94 15.36
C ILE D 162 12.80 -1.73 16.29
N PRO D 163 13.29 -2.88 15.82
CA PRO D 163 14.24 -3.71 16.58
C PRO D 163 15.61 -3.04 16.82
N ALA D 164 16.47 -3.76 17.55
CA ALA D 164 17.72 -3.20 18.07
C ALA D 164 18.49 -4.37 18.67
N PRO D 165 19.74 -4.13 19.11
CA PRO D 165 20.44 -5.28 19.68
C PRO D 165 19.91 -5.65 21.06
N ASP D 166 20.28 -6.84 21.49
CA ASP D 166 20.14 -7.27 22.88
C ASP D 166 21.18 -8.37 23.03
N VAL D 167 20.95 -9.32 23.94
CA VAL D 167 21.96 -10.36 24.20
C VAL D 167 22.25 -11.18 22.94
N ASN D 168 23.53 -11.37 22.66
CA ASN D 168 24.02 -12.11 21.50
C ASN D 168 23.63 -11.51 20.15
N THR D 169 23.12 -10.28 20.14
CA THR D 169 22.92 -9.61 18.85
C THR D 169 23.66 -8.27 18.92
N ASN D 170 23.79 -7.62 17.76
CA ASN D 170 24.83 -6.62 17.56
C ASN D 170 24.68 -5.96 16.20
N GLU D 171 25.65 -5.13 15.81
CA GLU D 171 25.68 -4.42 14.52
CA GLU D 171 25.51 -4.41 14.55
C GLU D 171 25.48 -5.35 13.34
N GLN D 172 26.11 -6.53 13.41
CA GLN D 172 26.02 -7.44 12.27
C GLN D 172 24.61 -8.00 12.11
N ILE D 173 24.01 -8.42 13.22
CA ILE D 173 22.63 -8.94 13.18
C ILE D 173 21.69 -7.85 12.65
N MET D 174 21.88 -6.61 13.10
CA MET D 174 21.05 -5.50 12.68
C MET D 174 21.24 -5.21 11.19
N ALA D 175 22.48 -5.36 10.71
CA ALA D 175 22.72 -5.14 9.30
C ALA D 175 21.96 -6.16 8.46
N TRP D 176 21.97 -7.42 8.90
CA TRP D 176 21.25 -8.49 8.19
C TRP D 176 19.73 -8.27 8.26
N MET D 177 19.25 -7.82 9.43
CA MET D 177 17.84 -7.54 9.56
C MET D 177 17.45 -6.37 8.64
N MET D 178 18.24 -5.30 8.63
CA MET D 178 17.90 -4.13 7.81
C MET D 178 17.92 -4.48 6.33
N ASP D 179 18.91 -5.27 5.90
CA ASP D 179 19.00 -5.66 4.49
C ASP D 179 17.82 -6.56 4.09
N THR D 180 17.46 -7.50 4.97
CA THR D 180 16.41 -8.46 4.67
C THR D 180 15.07 -7.75 4.51
N TYR D 181 14.77 -6.88 5.46
CA TYR D 181 13.56 -6.07 5.40
C TYR D 181 13.56 -5.22 4.14
N SER D 182 14.69 -4.58 3.85
CA SER D 182 14.81 -3.75 2.65
C SER D 182 14.59 -4.54 1.35
N MET D 183 15.12 -5.76 1.29
CA MET D 183 14.97 -6.56 0.09
C MET D 183 13.53 -7.05 -0.02
N ASN D 184 12.94 -7.52 1.09
CA ASN D 184 11.52 -7.90 1.08
C ASN D 184 10.62 -6.76 0.63
N GLN D 185 10.89 -5.54 1.11
CA GLN D 185 10.07 -4.36 0.80
C GLN D 185 10.37 -3.74 -0.57
N GLY D 186 11.59 -3.92 -1.04
CA GLY D 186 11.96 -3.40 -2.36
C GLY D 186 12.67 -2.06 -2.32
N GLN D 187 12.92 -1.53 -1.12
CA GLN D 187 13.73 -0.32 -0.99
C GLN D 187 14.56 -0.33 0.28
N THR D 188 15.77 0.26 0.22
CA THR D 188 16.61 0.47 1.39
C THR D 188 15.83 1.23 2.48
N ALA D 189 15.71 0.60 3.64
CA ALA D 189 14.96 1.17 4.76
C ALA D 189 15.84 1.22 6.02
N THR D 190 16.69 2.24 6.12
CA THR D 190 17.67 2.27 7.22
C THR D 190 17.03 2.44 8.59
N GLY D 191 15.82 3.01 8.63
CA GLY D 191 15.18 3.27 9.91
C GLY D 191 14.48 2.08 10.56
N VAL D 192 14.58 0.89 9.97
CA VAL D 192 13.77 -0.24 10.41
C VAL D 192 14.37 -0.88 11.66
N VAL D 193 15.69 -0.77 11.82
CA VAL D 193 16.37 -1.15 13.07
C VAL D 193 17.32 -0.04 13.54
N THR D 194 17.67 -0.06 14.82
CA THR D 194 18.73 0.78 15.34
C THR D 194 19.87 -0.11 15.86
N GLY D 195 20.95 0.50 16.32
CA GLY D 195 22.15 -0.27 16.62
C GLY D 195 22.91 -0.67 15.36
N LYS D 196 22.69 0.07 14.27
CA LYS D 196 23.35 -0.23 12.99
C LYS D 196 24.85 0.02 13.00
N PRO D 197 25.58 -0.61 12.07
CA PRO D 197 26.97 -0.20 11.82
C PRO D 197 26.99 1.21 11.27
N ILE D 198 28.04 1.98 11.52
CA ILE D 198 28.09 3.35 11.03
C ILE D 198 27.99 3.41 9.50
N SER D 199 28.56 2.41 8.81
CA SER D 199 28.50 2.38 7.34
C SER D 199 27.07 2.34 6.77
N LEU D 200 26.10 2.03 7.64
CA LEU D 200 24.69 2.04 7.28
C LEU D 200 23.87 3.02 8.13
N GLY D 201 24.54 3.91 8.87
CA GLY D 201 23.84 4.95 9.59
C GLY D 201 23.92 4.97 11.12
N GLY D 202 24.73 4.11 11.72
CA GLY D 202 24.88 4.06 13.17
C GLY D 202 26.13 4.79 13.67
N SER D 203 26.45 4.61 14.95
CA SER D 203 27.60 5.31 15.56
C SER D 203 28.27 4.58 16.72
N LEU D 204 29.48 5.02 17.05
CA LEU D 204 30.18 4.57 18.25
C LEU D 204 29.41 5.11 19.47
N GLY D 205 28.66 6.20 19.23
CA GLY D 205 27.74 6.72 20.23
C GLY D 205 26.69 5.71 20.65
N ARG D 206 25.98 5.13 19.68
CA ARG D 206 24.95 4.15 20.00
C ARG D 206 25.57 2.91 20.63
N LYS D 207 26.72 2.47 20.10
CA LYS D 207 27.34 1.26 20.61
C LYS D 207 27.66 1.36 22.11
N GLU D 208 28.09 2.53 22.56
CA GLU D 208 28.47 2.71 23.96
C GLU D 208 27.35 3.32 24.81
N ALA D 209 26.21 3.57 24.18
CA ALA D 209 25.11 4.30 24.79
C ALA D 209 24.61 3.71 26.10
N THR D 210 24.36 2.41 26.11
CA THR D 210 23.75 1.79 27.28
C THR D 210 24.70 1.76 28.46
N GLY D 211 25.92 1.29 28.22
CA GLY D 211 26.98 1.34 29.21
C GLY D 211 27.24 2.76 29.71
N ARG D 212 27.16 3.75 28.82
CA ARG D 212 27.41 5.13 29.26
C ARG D 212 26.29 5.63 30.17
N GLY D 213 25.04 5.31 29.82
CA GLY D 213 23.92 5.66 30.67
C GLY D 213 24.02 5.02 32.06
N VAL D 214 24.48 3.77 32.09
CA VAL D 214 24.65 3.06 33.36
C VAL D 214 25.64 3.83 34.24
N PHE D 215 26.72 4.26 33.60
CA PHE D 215 27.75 5.07 34.25
C PHE D 215 27.22 6.43 34.73
N VAL D 216 26.53 7.16 33.86
CA VAL D 216 26.02 8.48 34.23
C VAL D 216 25.08 8.38 35.43
N VAL D 217 24.11 7.47 35.34
CA VAL D 217 23.13 7.26 36.39
C VAL D 217 23.79 6.74 37.69
N GLY D 218 24.75 5.85 37.54
CA GLY D 218 25.55 5.40 38.66
C GLY D 218 26.27 6.53 39.38
N CYS D 219 26.85 7.46 38.62
CA CYS D 219 27.50 8.63 39.21
C CYS D 219 26.50 9.55 39.93
N GLU D 220 25.31 9.72 39.36
CA GLU D 220 24.25 10.51 40.00
C GLU D 220 23.83 9.90 41.34
N ALA D 221 23.69 8.58 41.34
CA ALA D 221 23.35 7.84 42.55
C ALA D 221 24.46 7.94 43.60
N ALA D 222 25.71 8.03 43.13
CA ALA D 222 26.84 8.15 44.02
C ALA D 222 26.84 9.51 44.75
N LYS D 223 26.47 10.56 44.04
CA LYS D 223 26.40 11.90 44.64
C LYS D 223 25.38 11.89 45.77
N LYS D 224 24.22 11.29 45.50
CA LYS D 224 23.17 11.18 46.51
C LYS D 224 23.65 10.46 47.76
N LYS D 225 24.35 9.35 47.57
CA LYS D 225 24.76 8.52 48.70
C LYS D 225 26.15 8.93 49.19
N GLY D 226 26.64 10.05 48.69
CA GLY D 226 27.91 10.61 49.11
C GLY D 226 29.09 9.69 48.88
N VAL D 227 29.04 8.91 47.81
CA VAL D 227 30.09 7.96 47.48
C VAL D 227 31.05 8.53 46.43
N GLU D 228 32.35 8.53 46.76
CA GLU D 228 33.39 8.99 45.83
C GLU D 228 33.61 8.00 44.67
N ILE D 229 33.70 8.51 43.45
CA ILE D 229 33.95 7.67 42.28
C ILE D 229 35.42 7.27 42.24
N GLU D 230 36.29 8.21 42.61
CA GLU D 230 37.72 7.95 42.67
C GLU D 230 38.04 6.92 43.74
N GLY D 231 38.47 5.74 43.30
CA GLY D 231 38.89 4.70 44.22
C GLY D 231 37.76 3.76 44.62
N ALA D 232 36.58 3.97 44.04
CA ALA D 232 35.43 3.12 44.34
C ALA D 232 35.66 1.70 43.81
N ARG D 233 35.24 0.72 44.62
CA ARG D 233 35.26 -0.68 44.21
C ARG D 233 34.01 -0.98 43.40
N ILE D 234 34.21 -1.50 42.20
CA ILE D 234 33.12 -1.86 41.32
C ILE D 234 33.17 -3.36 40.99
N ALA D 235 32.00 -4.00 41.00
CA ALA D 235 31.89 -5.37 40.52
C ALA D 235 30.83 -5.42 39.42
N VAL D 236 31.12 -6.17 38.35
CA VAL D 236 30.19 -6.21 37.23
C VAL D 236 29.84 -7.64 36.85
N GLN D 237 28.56 -7.93 36.70
CA GLN D 237 28.19 -9.25 36.17
C GLN D 237 27.84 -9.04 34.70
N GLY D 238 28.50 -9.79 33.83
CA GLY D 238 28.36 -9.55 32.40
C GLY D 238 29.47 -8.61 31.95
N PHE D 239 30.01 -8.85 30.78
CA PHE D 239 31.07 -8.01 30.26
C PHE D 239 30.95 -7.83 28.76
N GLY D 240 29.71 -7.91 28.26
CA GLY D 240 29.38 -7.73 26.86
C GLY D 240 29.16 -6.26 26.53
N ASN D 241 28.21 -5.96 25.65
CA ASN D 241 28.02 -4.58 25.20
C ASN D 241 27.77 -3.59 26.35
N VAL D 242 26.99 -4.03 27.33
CA VAL D 242 26.58 -3.17 28.44
C VAL D 242 27.62 -3.15 29.57
N GLY D 243 27.91 -4.34 30.09
CA GLY D 243 28.87 -4.49 31.19
C GLY D 243 30.27 -4.02 30.85
N GLY D 244 30.79 -4.43 29.69
CA GLY D 244 32.15 -4.10 29.33
C GLY D 244 32.38 -2.60 29.22
N ILE D 245 31.38 -1.90 28.71
CA ILE D 245 31.48 -0.46 28.48
C ILE D 245 31.24 0.31 29.78
N ALA D 246 30.29 -0.14 30.59
CA ALA D 246 30.11 0.46 31.91
C ALA D 246 31.42 0.38 32.71
N ALA D 247 32.07 -0.79 32.68
CA ALA D 247 33.32 -1.02 33.40
C ALA D 247 34.45 -0.15 32.87
N LYS D 248 34.52 -0.04 31.54
CA LYS D 248 35.52 0.79 30.90
C LYS D 248 35.44 2.23 31.40
N LEU D 249 34.22 2.72 31.53
CA LEU D 249 34.03 4.13 31.85
C LEU D 249 34.24 4.39 33.34
N PHE D 250 33.93 3.41 34.18
CA PHE D 250 34.17 3.58 35.60
C PHE D 250 35.66 3.58 35.89
N GLN D 251 36.42 2.76 35.19
CA GLN D 251 37.88 2.80 35.41
C GLN D 251 38.46 4.15 34.99
N GLU D 252 38.04 4.66 33.84
CA GLU D 252 38.54 5.94 33.34
C GLU D 252 38.17 7.08 34.28
N ALA D 253 37.11 6.89 35.08
CA ALA D 253 36.71 7.91 36.06
C ALA D 253 37.48 7.76 37.38
N GLY D 254 38.37 6.78 37.47
CA GLY D 254 39.20 6.59 38.64
C GLY D 254 38.74 5.49 39.57
N ALA D 255 37.66 4.81 39.21
CA ALA D 255 37.13 3.73 40.03
C ALA D 255 37.94 2.44 39.80
N LYS D 256 37.76 1.45 40.66
CA LYS D 256 38.46 0.16 40.51
C LYS D 256 37.49 -0.99 40.21
N VAL D 257 37.64 -1.61 39.05
CA VAL D 257 36.80 -2.75 38.71
C VAL D 257 37.46 -4.02 39.23
N ILE D 258 37.02 -4.45 40.41
CA ILE D 258 37.74 -5.48 41.15
C ILE D 258 37.19 -6.90 41.01
N ALA D 259 36.01 -7.05 40.41
CA ALA D 259 35.48 -8.38 40.21
C ALA D 259 34.53 -8.42 39.01
N VAL D 260 34.64 -9.48 38.21
CA VAL D 260 33.79 -9.64 37.02
C VAL D 260 33.35 -11.09 36.90
N GLN D 261 32.05 -11.29 36.69
CA GLN D 261 31.50 -12.60 36.41
C GLN D 261 30.75 -12.55 35.10
N ASP D 262 31.04 -13.52 34.23
CA ASP D 262 30.20 -13.74 33.07
C ASP D 262 29.87 -15.23 32.95
N HIS D 263 29.42 -15.66 31.77
CA HIS D 263 28.96 -17.04 31.61
C HIS D 263 30.10 -18.05 31.62
N THR D 264 31.35 -17.57 31.53
CA THR D 264 32.51 -18.48 31.58
C THR D 264 33.15 -18.59 32.96
N GLY D 265 32.82 -17.67 33.86
CA GLY D 265 33.36 -17.75 35.22
C GLY D 265 33.50 -16.39 35.86
N THR D 266 34.32 -16.35 36.90
CA THR D 266 34.47 -15.15 37.72
C THR D 266 35.95 -14.89 37.97
N ILE D 267 36.37 -13.63 37.83
CA ILE D 267 37.72 -13.23 38.21
C ILE D 267 37.69 -12.14 39.25
N HIS D 268 38.80 -12.03 39.98
CA HIS D 268 38.91 -11.10 41.08
C HIS D 268 40.28 -10.42 41.01
N GLN D 269 40.30 -9.11 41.22
CA GLN D 269 41.53 -8.32 41.16
C GLN D 269 41.38 -7.02 41.99
N PRO D 270 41.81 -7.07 43.26
CA PRO D 270 41.69 -5.98 44.25
C PRO D 270 42.24 -4.63 43.78
N ALA D 271 43.17 -4.61 42.83
CA ALA D 271 43.74 -3.35 42.34
C ALA D 271 42.96 -2.79 41.16
N GLY D 272 41.92 -3.52 40.75
CA GLY D 272 41.16 -3.15 39.57
C GLY D 272 41.78 -3.77 38.34
N VAL D 273 40.97 -4.48 37.55
CA VAL D 273 41.44 -5.05 36.29
C VAL D 273 41.68 -3.95 35.27
N ASP D 274 42.61 -4.21 34.35
CA ASP D 274 42.75 -3.40 33.15
C ASP D 274 41.58 -3.73 32.23
N THR D 275 40.57 -2.85 32.20
CA THR D 275 39.34 -3.12 31.46
C THR D 275 39.59 -3.16 29.95
N ALA D 276 40.56 -2.39 29.48
CA ALA D 276 40.92 -2.41 28.07
C ALA D 276 41.43 -3.79 27.70
N LYS D 277 42.39 -4.31 28.47
CA LYS D 277 42.93 -5.63 28.20
C LYS D 277 41.88 -6.73 28.41
N LEU D 278 40.98 -6.54 29.37
CA LEU D 278 39.91 -7.51 29.60
C LEU D 278 38.89 -7.47 28.46
N LEU D 279 38.59 -6.27 27.96
CA LEU D 279 37.71 -6.14 26.79
C LEU D 279 38.30 -6.92 25.61
N ASP D 280 39.62 -6.80 25.46
CA ASP D 280 40.30 -7.48 24.36
C ASP D 280 40.33 -8.99 24.58
N HIS D 281 40.52 -9.41 25.82
CA HIS D 281 40.55 -10.83 26.16
C HIS D 281 39.20 -11.49 25.93
N VAL D 282 38.12 -10.82 26.34
CA VAL D 282 36.77 -11.35 26.12
C VAL D 282 36.46 -11.46 24.63
N GLY D 283 36.94 -10.50 23.85
CA GLY D 283 36.72 -10.53 22.42
C GLY D 283 37.43 -11.70 21.76
N ARG D 284 38.64 -12.00 22.23
CA ARG D 284 39.48 -13.04 21.65
C ARG D 284 39.06 -14.45 22.09
N THR D 285 38.66 -14.60 23.35
CA THR D 285 38.40 -15.93 23.89
C THR D 285 36.92 -16.21 24.16
N GLY D 286 36.09 -15.17 24.22
CA GLY D 286 34.67 -15.35 24.45
C GLY D 286 34.18 -15.03 25.86
N GLY D 287 35.10 -14.85 26.81
CA GLY D 287 34.70 -14.55 28.18
C GLY D 287 35.89 -14.20 29.04
N VAL D 288 35.63 -13.86 30.30
CA VAL D 288 36.71 -13.40 31.20
C VAL D 288 37.63 -14.51 31.70
N ALA D 289 37.17 -15.75 31.62
CA ALA D 289 37.97 -16.87 32.13
C ALA D 289 39.30 -16.93 31.40
N GLY D 290 40.37 -17.19 32.15
CA GLY D 290 41.70 -17.23 31.59
C GLY D 290 42.42 -15.89 31.58
N PHE D 291 41.77 -14.84 32.08
CA PHE D 291 42.37 -13.51 32.07
C PHE D 291 43.62 -13.46 32.93
N GLU D 292 44.75 -13.07 32.32
CA GLU D 292 46.02 -13.09 33.03
C GLU D 292 46.16 -11.98 34.07
N GLY D 293 45.47 -10.87 33.87
CA GLY D 293 45.52 -9.76 34.80
C GLY D 293 44.63 -9.88 36.02
N ALA D 294 44.21 -11.10 36.35
CA ALA D 294 43.33 -11.34 37.49
C ALA D 294 43.48 -12.76 38.03
N GLU D 295 42.83 -13.01 39.16
CA GLU D 295 42.77 -14.35 39.76
C GLU D 295 41.42 -14.99 39.48
N PRO D 296 41.39 -16.32 39.25
CA PRO D 296 40.09 -16.99 39.18
C PRO D 296 39.38 -16.99 40.54
N MET D 297 38.05 -17.02 40.53
CA MET D 297 37.28 -17.02 41.76
C MET D 297 36.03 -17.88 41.59
N PRO D 298 35.67 -18.65 42.64
CA PRO D 298 34.42 -19.43 42.55
C PRO D 298 33.22 -18.53 42.32
N ASN D 299 32.34 -18.92 41.42
CA ASN D 299 31.26 -18.04 40.96
C ASN D 299 30.42 -17.46 42.10
N ASP D 300 30.09 -18.30 43.07
CA ASP D 300 29.25 -17.86 44.18
C ASP D 300 29.91 -16.78 45.04
N GLU D 301 31.24 -16.81 45.13
CA GLU D 301 31.99 -15.78 45.83
C GLU D 301 31.87 -14.38 45.19
N PHE D 302 31.39 -14.32 43.95
CA PHE D 302 31.21 -13.02 43.30
C PHE D 302 30.27 -12.12 44.13
N TRP D 303 29.21 -12.73 44.64
CA TRP D 303 28.18 -11.97 45.34
C TRP D 303 28.63 -11.44 46.70
N THR D 304 29.69 -12.01 47.26
CA THR D 304 30.15 -11.57 48.59
C THR D 304 31.41 -10.70 48.50
N VAL D 305 31.86 -10.37 47.29
CA VAL D 305 32.92 -9.37 47.16
C VAL D 305 32.37 -7.99 47.57
N GLU D 306 32.96 -7.40 48.60
CA GLU D 306 32.49 -6.13 49.10
C GLU D 306 32.85 -5.03 48.09
N THR D 307 31.88 -4.16 47.77
CA THR D 307 32.06 -3.10 46.79
C THR D 307 31.40 -1.78 47.20
N GLU D 308 31.63 -0.75 46.40
CA GLU D 308 30.84 0.47 46.46
C GLU D 308 29.64 0.37 45.52
N ILE D 309 29.87 -0.15 44.32
CA ILE D 309 28.84 -0.25 43.31
C ILE D 309 28.85 -1.63 42.67
N LEU D 310 27.67 -2.24 42.61
CA LEU D 310 27.51 -3.52 41.95
C LEU D 310 26.62 -3.35 40.72
N ILE D 311 27.12 -3.83 39.57
CA ILE D 311 26.42 -3.66 38.32
C ILE D 311 26.04 -4.99 37.69
N PRO D 312 24.80 -5.43 37.91
CA PRO D 312 24.31 -6.61 37.18
C PRO D 312 24.01 -6.25 35.73
N ALA D 313 24.79 -6.78 34.81
CA ALA D 313 24.63 -6.49 33.40
C ALA D 313 24.69 -7.76 32.56
N ALA D 314 24.15 -8.85 33.12
CA ALA D 314 24.00 -10.12 32.42
C ALA D 314 22.51 -10.39 32.21
N LEU D 315 22.02 -11.57 32.61
CA LEU D 315 20.62 -11.91 32.33
C LEU D 315 19.72 -11.66 33.54
N GLU D 316 18.51 -12.17 33.51
CA GLU D 316 17.55 -11.81 34.54
C GLU D 316 17.68 -12.73 35.75
N ASN D 317 17.04 -12.34 36.85
CA ASN D 317 16.85 -13.20 38.01
C ASN D 317 18.17 -13.61 38.66
N GLN D 318 19.09 -12.66 38.76
CA GLN D 318 20.44 -12.95 39.26
C GLN D 318 20.59 -12.54 40.72
N ILE D 319 19.85 -11.50 41.11
CA ILE D 319 19.81 -11.07 42.51
C ILE D 319 18.43 -11.38 43.08
N THR D 320 18.39 -12.38 43.95
CA THR D 320 17.15 -12.96 44.45
C THR D 320 17.22 -13.08 45.97
N GLU D 321 16.22 -13.68 46.60
CA GLU D 321 16.28 -13.89 48.04
C GLU D 321 17.32 -14.96 48.38
N LYS D 322 17.81 -15.64 47.34
CA LYS D 322 18.84 -16.66 47.52
C LYS D 322 20.21 -16.05 47.80
N ASN D 323 20.49 -14.84 47.30
CA ASN D 323 21.80 -14.24 47.56
C ASN D 323 21.81 -12.76 48.01
N ALA D 324 20.64 -12.14 48.14
CA ALA D 324 20.61 -10.69 48.32
C ALA D 324 21.07 -10.23 49.71
N SER D 325 20.92 -11.08 50.72
CA SER D 325 21.23 -10.68 52.09
C SER D 325 22.72 -10.57 52.32
N LYS D 326 23.50 -11.31 51.54
CA LYS D 326 24.94 -11.35 51.74
C LYS D 326 25.70 -10.42 50.79
N ILE D 327 24.97 -9.66 49.99
CA ILE D 327 25.58 -8.65 49.14
C ILE D 327 25.95 -7.41 49.97
N ARG D 328 27.23 -7.05 49.95
CA ARG D 328 27.73 -5.87 50.64
C ARG D 328 28.16 -4.80 49.65
N THR D 329 27.27 -3.87 49.36
CA THR D 329 27.52 -2.81 48.39
C THR D 329 26.74 -1.60 48.85
N LYS D 330 27.06 -0.43 48.33
CA LYS D 330 26.27 0.75 48.66
C LYS D 330 25.18 0.99 47.59
N ILE D 331 25.52 0.73 46.34
CA ILE D 331 24.64 1.04 45.21
C ILE D 331 24.59 -0.09 44.20
N ILE D 332 23.39 -0.54 43.86
CA ILE D 332 23.22 -1.46 42.74
C ILE D 332 22.67 -0.68 41.56
N VAL D 333 23.34 -0.78 40.41
CA VAL D 333 22.93 -0.11 39.19
C VAL D 333 22.63 -1.14 38.10
N GLU D 334 21.35 -1.30 37.78
CA GLU D 334 20.91 -2.36 36.85
C GLU D 334 21.12 -2.05 35.37
N GLY D 335 22.14 -2.69 34.78
CA GLY D 335 22.35 -2.64 33.34
C GLY D 335 21.45 -3.64 32.65
N ALA D 336 21.39 -4.85 33.21
CA ALA D 336 20.52 -5.91 32.69
C ALA D 336 19.04 -5.59 32.82
N ASN D 337 18.22 -6.22 31.98
CA ASN D 337 16.79 -6.22 32.24
C ASN D 337 16.47 -7.30 33.28
N GLY D 338 15.68 -6.91 34.29
CA GLY D 338 15.23 -7.79 35.35
C GLY D 338 16.22 -8.60 36.15
N PRO D 339 17.36 -8.01 36.56
CA PRO D 339 18.32 -8.87 37.29
C PRO D 339 17.92 -9.12 38.74
N THR D 340 17.03 -8.29 39.25
CA THR D 340 16.73 -8.29 40.67
C THR D 340 15.25 -8.52 40.91
N THR D 341 14.92 -9.43 41.83
CA THR D 341 13.51 -9.70 42.11
C THR D 341 12.95 -8.76 43.18
N THR D 342 11.63 -8.69 43.30
CA THR D 342 11.01 -7.86 44.32
C THR D 342 11.38 -8.34 45.72
N ALA D 343 11.53 -9.65 45.89
CA ALA D 343 11.94 -10.18 47.20
C ALA D 343 13.34 -9.68 47.56
N ALA D 344 14.24 -9.62 46.58
CA ALA D 344 15.57 -9.08 46.77
C ALA D 344 15.54 -7.57 47.07
N ASP D 345 14.73 -6.82 46.31
CA ASP D 345 14.49 -5.39 46.58
C ASP D 345 14.28 -5.13 48.07
N ASP D 346 13.39 -5.92 48.67
CA ASP D 346 13.02 -5.73 50.07
C ASP D 346 14.20 -6.03 51.00
N ILE D 347 14.91 -7.12 50.74
CA ILE D 347 16.11 -7.44 51.51
C ILE D 347 17.16 -6.32 51.39
N LEU D 348 17.41 -5.88 50.16
CA LEU D 348 18.44 -4.86 49.88
C LEU D 348 18.10 -3.52 50.52
N SER D 349 16.83 -3.16 50.45
CA SER D 349 16.36 -1.93 51.07
C SER D 349 16.58 -2.00 52.58
N ALA D 350 16.23 -3.14 53.16
CA ALA D 350 16.38 -3.35 54.60
C ALA D 350 17.85 -3.23 54.99
N ASN D 351 18.74 -3.63 54.09
CA ASN D 351 20.16 -3.62 54.38
C ASN D 351 20.85 -2.30 54.01
N GLY D 352 20.08 -1.31 53.57
CA GLY D 352 20.64 0.00 53.30
C GLY D 352 21.23 0.19 51.91
N VAL D 353 20.97 -0.77 51.02
CA VAL D 353 21.52 -0.72 49.67
C VAL D 353 20.62 0.09 48.75
N LEU D 354 21.22 1.08 48.06
CA LEU D 354 20.49 1.88 47.07
C LEU D 354 20.39 1.14 45.74
N VAL D 355 19.18 0.79 45.34
CA VAL D 355 18.97 0.08 44.07
C VAL D 355 18.43 1.01 42.99
N ILE D 356 19.26 1.23 41.96
CA ILE D 356 18.83 1.99 40.79
C ILE D 356 18.33 1.04 39.71
N PRO D 357 17.05 1.18 39.35
CA PRO D 357 16.39 0.14 38.56
C PRO D 357 16.76 0.15 37.10
N ASP D 358 16.74 -1.04 36.50
CA ASP D 358 16.95 -1.23 35.08
C ASP D 358 16.19 -0.21 34.22
N VAL D 359 14.90 -0.01 34.48
CA VAL D 359 14.09 0.85 33.60
C VAL D 359 14.51 2.31 33.59
N ILE D 360 15.43 2.69 34.47
CA ILE D 360 16.07 3.99 34.38
C ILE D 360 17.52 3.84 33.92
N ALA D 361 18.24 2.91 34.53
CA ALA D 361 19.69 2.88 34.40
C ALA D 361 20.14 2.43 33.02
N ASN D 362 19.42 1.50 32.39
CA ASN D 362 19.85 1.00 31.10
C ASN D 362 19.17 1.63 29.89
N ALA D 363 18.52 2.78 30.07
CA ALA D 363 17.76 3.37 28.98
C ALA D 363 18.61 4.29 28.10
N GLY D 364 19.92 4.30 28.32
CA GLY D 364 20.82 5.01 27.43
C GLY D 364 20.67 4.51 26.01
N GLY D 365 20.50 3.20 25.85
CA GLY D 365 20.43 2.61 24.54
C GLY D 365 19.23 3.06 23.72
N VAL D 366 18.05 3.02 24.33
CA VAL D 366 16.84 3.37 23.60
C VAL D 366 16.89 4.87 23.30
N THR D 367 17.51 5.63 24.20
CA THR D 367 17.64 7.07 24.05
C THR D 367 18.43 7.40 22.79
N VAL D 368 19.60 6.77 22.63
CA VAL D 368 20.41 7.02 21.44
C VAL D 368 19.81 6.33 20.20
N SER D 369 19.15 5.19 20.39
CA SER D 369 18.37 4.58 19.30
C SER D 369 17.34 5.57 18.73
N TYR D 370 16.72 6.35 19.60
CA TYR D 370 15.80 7.38 19.16
C TYR D 370 16.54 8.37 18.27
N PHE D 371 17.74 8.75 18.71
CA PHE D 371 18.57 9.67 17.95
C PHE D 371 18.90 9.10 16.56
N GLU D 372 19.21 7.80 16.52
CA GLU D 372 19.56 7.12 15.27
C GLU D 372 18.34 7.08 14.35
N TRP D 373 17.18 6.72 14.90
CA TRP D 373 15.92 6.67 14.16
C TRP D 373 15.60 8.03 13.49
N VAL D 374 15.88 9.10 14.23
CA VAL D 374 15.69 10.48 13.75
C VAL D 374 16.73 10.84 12.69
N GLN D 375 17.95 10.34 12.86
CA GLN D 375 19.06 10.63 11.96
C GLN D 375 18.77 10.23 10.51
N THR D 383 28.42 15.97 16.43
CA THR D 383 29.60 15.23 16.85
C THR D 383 29.21 14.08 17.78
N GLU D 384 30.09 13.09 17.90
CA GLU D 384 29.90 12.02 18.88
C GLU D 384 29.86 12.63 20.28
N ASP D 385 30.72 13.61 20.52
CA ASP D 385 30.76 14.32 21.79
C ASP D 385 29.41 14.94 22.12
N GLU D 386 28.80 15.59 21.12
CA GLU D 386 27.49 16.19 21.27
C GLU D 386 26.41 15.15 21.57
N ILE D 387 26.44 14.04 20.82
CA ILE D 387 25.53 12.93 21.06
C ILE D 387 25.60 12.42 22.51
N ASN D 388 26.82 12.24 23.01
CA ASN D 388 27.02 11.78 24.37
C ASN D 388 26.55 12.79 25.41
N HIS D 389 26.62 14.07 25.08
CA HIS D 389 26.22 15.11 26.02
C HIS D 389 24.71 15.23 26.09
N ARG D 390 24.04 15.01 24.97
CA ARG D 390 22.57 14.97 24.97
C ARG D 390 22.09 13.74 25.75
N LEU D 391 22.77 12.61 25.56
CA LEU D 391 22.50 11.39 26.30
C LEU D 391 22.65 11.62 27.80
N GLU D 392 23.76 12.23 28.20
CA GLU D 392 24.02 12.48 29.62
C GLU D 392 22.96 13.42 30.17
N ARG D 393 22.63 14.45 29.40
CA ARG D 393 21.55 15.35 29.76
C ARG D 393 20.26 14.59 30.04
N VAL D 394 19.82 13.76 29.09
CA VAL D 394 18.59 13.01 29.22
C VAL D 394 18.60 12.11 30.45
N MET D 395 19.72 11.42 30.68
CA MET D 395 19.81 10.44 31.75
C MET D 395 19.76 11.08 33.14
N ARG D 396 20.56 12.13 33.35
CA ARG D 396 20.53 12.88 34.61
C ARG D 396 19.14 13.45 34.90
N GLU D 397 18.53 14.05 33.88
CA GLU D 397 17.22 14.65 34.06
C GLU D 397 16.18 13.59 34.40
N ALA D 398 16.25 12.43 33.74
CA ALA D 398 15.34 11.32 34.05
C ALA D 398 15.55 10.83 35.49
N PHE D 399 16.81 10.61 35.85
CA PHE D 399 17.18 10.20 37.21
C PHE D 399 16.65 11.18 38.25
N ALA D 400 16.92 12.46 38.03
CA ALA D 400 16.52 13.53 38.94
C ALA D 400 15.00 13.63 39.09
N GLY D 401 14.29 13.29 38.02
CA GLY D 401 12.83 13.27 38.04
C GLY D 401 12.27 12.09 38.83
N VAL D 402 12.83 10.91 38.62
CA VAL D 402 12.38 9.74 39.37
C VAL D 402 12.77 9.86 40.83
N TRP D 403 13.97 10.39 41.09
CA TRP D 403 14.42 10.59 42.46
C TRP D 403 13.45 11.50 43.24
N ALA D 404 12.97 12.57 42.60
CA ALA D 404 12.02 13.48 43.26
C ALA D 404 10.70 12.77 43.57
N VAL D 405 10.25 11.91 42.67
CA VAL D 405 9.03 11.14 42.88
C VAL D 405 9.23 10.16 44.04
N ALA D 406 10.42 9.57 44.09
CA ALA D 406 10.77 8.65 45.17
C ALA D 406 10.72 9.35 46.52
N GLU D 407 11.24 10.58 46.54
CA GLU D 407 11.28 11.36 47.78
C GLU D 407 9.88 11.85 48.12
N GLU D 408 9.10 12.18 47.09
CA GLU D 408 7.76 12.71 47.32
C GLU D 408 6.85 11.68 47.99
N HIS D 409 6.99 10.43 47.54
CA HIS D 409 6.08 9.37 47.96
C HIS D 409 6.70 8.43 48.99
N LYS D 410 7.96 8.70 49.32
CA LYS D 410 8.73 7.85 50.23
C LYS D 410 8.71 6.41 49.76
N VAL D 411 9.06 6.18 48.49
CA VAL D 411 9.16 4.84 47.96
C VAL D 411 10.53 4.63 47.33
N SER D 412 10.82 3.39 46.97
CA SER D 412 12.10 3.06 46.34
C SER D 412 12.18 3.69 44.96
N VAL D 413 13.40 3.82 44.45
CA VAL D 413 13.57 4.38 43.11
C VAL D 413 12.87 3.51 42.05
N ARG D 414 12.85 2.19 42.23
CA ARG D 414 12.19 1.32 41.26
C ARG D 414 10.70 1.61 41.21
N THR D 415 10.08 1.72 42.38
CA THR D 415 8.66 2.05 42.46
C THR D 415 8.41 3.43 41.83
N ALA D 416 9.25 4.40 42.16
CA ALA D 416 9.11 5.76 41.60
C ALA D 416 9.16 5.73 40.07
N ALA D 417 10.11 4.99 39.53
CA ALA D 417 10.26 4.81 38.09
C ALA D 417 8.98 4.27 37.47
N PHE D 418 8.33 3.34 38.17
CA PHE D 418 7.08 2.77 37.68
C PHE D 418 5.93 3.75 37.79
N ILE D 419 5.96 4.58 38.83
CA ILE D 419 4.96 5.63 38.99
C ILE D 419 5.01 6.60 37.80
N VAL D 420 6.20 7.13 37.51
CA VAL D 420 6.35 8.04 36.37
C VAL D 420 5.91 7.38 35.06
N ALA D 421 6.46 6.21 34.80
CA ALA D 421 6.25 5.48 33.55
C ALA D 421 4.80 5.06 33.39
N CYS D 422 4.22 4.46 34.42
CA CYS D 422 2.90 3.88 34.30
C CYS D 422 1.84 4.96 34.29
N LYS D 423 2.13 6.10 34.90
CA LYS D 423 1.18 7.21 34.78
C LYS D 423 1.12 7.70 33.35
N ARG D 424 2.27 7.75 32.67
CA ARG D 424 2.30 8.14 31.27
C ARG D 424 1.64 7.08 30.38
N ILE D 425 1.91 5.81 30.63
CA ILE D 425 1.34 4.75 29.77
C ILE D 425 -0.19 4.67 29.95
N LEU D 426 -0.68 4.72 31.19
CA LEU D 426 -2.10 4.52 31.39
C LEU D 426 -2.91 5.78 31.13
N MET D 427 -2.27 6.94 31.18
CA MET D 427 -2.95 8.16 30.78
C MET D 427 -3.09 8.15 29.25
N ALA D 428 -2.06 7.69 28.56
CA ALA D 428 -2.17 7.49 27.12
C ALA D 428 -3.34 6.53 26.84
N ARG D 429 -3.39 5.41 27.54
CA ARG D 429 -4.51 4.47 27.39
C ARG D 429 -5.86 5.13 27.70
N GLU D 430 -5.92 5.89 28.79
CA GLU D 430 -7.16 6.55 29.22
C GLU D 430 -7.65 7.54 28.17
N MET D 431 -6.73 8.34 27.63
CA MET D 431 -7.11 9.35 26.66
C MET D 431 -7.53 8.70 25.35
N ARG D 432 -6.85 7.61 24.97
CA ARG D 432 -7.14 6.97 23.70
C ARG D 432 -8.45 6.18 23.74
N GLY D 433 -8.76 5.62 24.92
CA GLY D 433 -10.00 4.92 25.13
C GLY D 433 -10.03 3.58 24.42
N LEU D 434 -11.21 2.96 24.39
CA LEU D 434 -11.41 1.69 23.71
C LEU D 434 -12.35 1.85 22.51
N TYR D 435 -11.98 1.21 21.41
CA TYR D 435 -12.64 1.30 20.13
C TYR D 435 -12.92 -0.12 19.63
N PRO D 436 -14.19 -0.56 19.68
CA PRO D 436 -15.39 0.14 20.16
C PRO D 436 -15.55 0.06 21.69
N SER E 15 -17.89 33.40 -10.72
CA SER E 15 -19.03 32.48 -10.69
C SER E 15 -18.91 31.46 -9.56
N ILE E 16 -19.93 31.43 -8.69
CA ILE E 16 -19.95 30.50 -7.57
C ILE E 16 -20.37 29.10 -8.03
N PRO E 17 -19.89 28.06 -7.35
CA PRO E 17 -20.24 26.68 -7.73
C PRO E 17 -21.74 26.40 -7.62
N SER E 18 -22.25 25.42 -8.38
CA SER E 18 -23.68 25.20 -8.42
C SER E 18 -24.22 24.56 -7.13
N TYR E 19 -23.32 23.96 -6.34
CA TYR E 19 -23.74 23.27 -5.12
C TYR E 19 -23.92 24.23 -3.93
N LEU E 20 -23.58 25.50 -4.14
CA LEU E 20 -23.91 26.54 -3.18
C LEU E 20 -25.10 27.37 -3.67
N HIS E 21 -25.71 28.12 -2.76
CA HIS E 21 -26.75 29.08 -3.13
C HIS E 21 -26.25 30.49 -2.90
N ALA E 22 -26.46 31.37 -3.89
CA ALA E 22 -25.92 32.73 -3.83
C ALA E 22 -26.49 33.55 -2.68
N ASP E 23 -27.74 33.26 -2.29
CA ASP E 23 -28.40 34.02 -1.24
C ASP E 23 -28.13 33.42 0.14
N ASP E 24 -27.30 32.38 0.16
CA ASP E 24 -27.04 31.63 1.38
C ASP E 24 -25.60 31.16 1.38
N LEU E 25 -24.66 32.08 1.20
CA LEU E 25 -23.25 31.75 1.08
C LEU E 25 -22.53 31.64 2.41
N GLY E 26 -23.11 32.19 3.47
CA GLY E 26 -22.46 32.21 4.76
C GLY E 26 -21.05 32.76 4.66
N PRO E 27 -20.15 32.29 5.51
CA PRO E 27 -18.78 32.83 5.54
C PRO E 27 -18.04 32.73 4.21
N TRP E 28 -18.47 31.84 3.33
CA TRP E 28 -17.82 31.71 2.04
C TRP E 28 -17.99 32.99 1.24
N GLY E 29 -19.13 33.66 1.42
CA GLY E 29 -19.38 34.94 0.78
C GLY E 29 -18.38 36.00 1.21
N ASN E 30 -18.09 36.04 2.49
CA ASN E 30 -17.10 36.99 3.03
C ASN E 30 -15.71 36.66 2.47
N TYR E 31 -15.36 35.36 2.44
CA TYR E 31 -14.05 34.95 1.95
C TYR E 31 -13.91 35.40 0.50
N LEU E 32 -14.97 35.24 -0.29
CA LEU E 32 -14.93 35.61 -1.71
C LEU E 32 -14.69 37.10 -1.90
N GLN E 33 -15.33 37.94 -1.08
CA GLN E 33 -15.07 39.37 -1.11
C GLN E 33 -13.60 39.70 -0.80
N GLN E 34 -13.00 38.96 0.15
CA GLN E 34 -11.59 39.15 0.49
C GLN E 34 -10.68 38.83 -0.70
N VAL E 35 -11.02 37.78 -1.45
CA VAL E 35 -10.27 37.43 -2.64
C VAL E 35 -10.40 38.52 -3.71
N ASP E 36 -11.59 39.09 -3.84
CA ASP E 36 -11.81 40.18 -4.79
C ASP E 36 -10.95 41.37 -4.41
N ARG E 37 -10.68 41.52 -3.13
CA ARG E 37 -9.93 42.70 -2.70
C ARG E 37 -8.43 42.52 -2.90
N VAL E 38 -7.99 41.27 -3.14
CA VAL E 38 -6.57 41.06 -3.39
C VAL E 38 -6.25 40.97 -4.89
N ALA E 39 -7.26 40.67 -5.70
CA ALA E 39 -7.08 40.55 -7.16
C ALA E 39 -6.27 41.67 -7.85
N PRO E 40 -6.52 42.95 -7.50
CA PRO E 40 -5.73 43.99 -8.19
C PRO E 40 -4.22 43.92 -7.91
N TYR E 41 -3.79 43.16 -6.92
CA TYR E 41 -2.38 43.15 -6.52
C TYR E 41 -1.61 41.88 -6.88
N LEU E 42 -2.21 41.00 -7.67
CA LEU E 42 -1.61 39.70 -7.98
C LEU E 42 -0.71 39.70 -9.22
N GLY E 43 -0.82 40.73 -10.05
CA GLY E 43 -0.05 40.82 -11.26
C GLY E 43 -0.23 39.62 -12.17
N SER E 44 0.86 39.06 -12.64
CA SER E 44 0.82 37.94 -13.58
C SER E 44 0.12 36.70 -13.00
N LEU E 45 -0.03 36.66 -11.68
CA LEU E 45 -0.68 35.52 -11.02
C LEU E 45 -2.20 35.64 -11.04
N SER E 46 -2.72 36.77 -11.54
CA SER E 46 -4.16 36.97 -11.70
C SER E 46 -4.79 35.86 -12.53
N ARG E 47 -4.04 35.38 -13.52
CA ARG E 47 -4.45 34.27 -14.36
C ARG E 47 -5.01 33.08 -13.57
N TRP E 48 -4.48 32.88 -12.36
CA TRP E 48 -4.85 31.72 -11.57
C TRP E 48 -5.81 32.03 -10.43
N ILE E 49 -6.44 33.18 -10.44
CA ILE E 49 -7.11 33.61 -9.22
C ILE E 49 -8.30 32.71 -8.85
N GLU E 50 -8.85 31.99 -9.82
CA GLU E 50 -10.00 31.13 -9.54
C GLU E 50 -9.62 29.94 -8.65
N THR E 51 -8.33 29.58 -8.62
CA THR E 51 -7.84 28.51 -7.76
C THR E 51 -8.18 28.79 -6.30
N LEU E 52 -8.17 30.06 -5.93
CA LEU E 52 -8.51 30.49 -4.58
C LEU E 52 -9.98 30.28 -4.30
N LYS E 53 -10.78 30.27 -5.36
CA LYS E 53 -12.23 30.25 -5.27
C LYS E 53 -12.79 28.83 -5.36
N ARG E 54 -11.91 27.85 -5.62
CA ARG E 54 -12.34 26.46 -5.76
C ARG E 54 -11.50 25.51 -4.93
N PRO E 55 -12.13 24.87 -3.95
CA PRO E 55 -11.47 23.87 -3.14
C PRO E 55 -11.12 22.65 -3.98
N LYS E 56 -9.90 22.16 -3.82
CA LYS E 56 -9.49 20.95 -4.53
C LYS E 56 -10.43 19.79 -4.24
N ARG E 57 -10.79 19.63 -2.96
CA ARG E 57 -11.51 18.44 -2.51
C ARG E 57 -12.54 18.74 -1.41
N ILE E 58 -13.78 18.36 -1.62
CA ILE E 58 -14.82 18.42 -0.60
C ILE E 58 -15.29 16.99 -0.32
N LEU E 59 -15.17 16.57 0.94
CA LEU E 59 -15.67 15.25 1.32
C LEU E 59 -16.80 15.41 2.36
N ILE E 60 -18.01 14.99 2.00
CA ILE E 60 -19.14 14.98 2.95
C ILE E 60 -19.48 13.54 3.30
N VAL E 61 -19.48 13.22 4.58
CA VAL E 61 -19.65 11.84 5.01
C VAL E 61 -20.83 11.69 5.95
N ASP E 62 -21.56 10.60 5.81
CA ASP E 62 -22.57 10.22 6.79
C ASP E 62 -21.87 9.78 8.07
N VAL E 63 -22.35 10.26 9.22
CA VAL E 63 -21.78 9.82 10.50
C VAL E 63 -22.90 9.26 11.35
N PRO E 64 -23.26 7.98 11.11
CA PRO E 64 -24.35 7.39 11.90
C PRO E 64 -23.84 6.75 13.20
N ILE E 65 -24.58 6.96 14.28
CA ILE E 65 -24.31 6.23 15.51
C ILE E 65 -25.62 5.77 16.09
N GLU E 66 -25.53 4.83 17.01
CA GLU E 66 -26.67 4.46 17.80
C GLU E 66 -26.66 5.34 19.05
N LEU E 67 -27.74 6.06 19.29
CA LEU E 67 -27.84 6.93 20.46
C LEU E 67 -27.98 6.09 21.72
N ASP E 68 -27.72 6.70 22.87
CA ASP E 68 -27.99 6.05 24.15
C ASP E 68 -29.44 5.62 24.29
N ASN E 69 -30.37 6.40 23.73
CA ASN E 69 -31.79 6.06 23.87
C ASN E 69 -32.25 4.93 22.93
N GLY E 70 -31.29 4.29 22.28
CA GLY E 70 -31.58 3.16 21.41
C GLY E 70 -31.93 3.45 19.95
N THR E 71 -31.95 4.72 19.55
CA THR E 71 -32.30 5.04 18.17
C THR E 71 -31.05 5.41 17.35
N VAL E 72 -31.17 5.38 16.02
CA VAL E 72 -30.06 5.75 15.16
C VAL E 72 -30.10 7.24 14.84
N ALA E 73 -28.96 7.91 15.05
CA ALA E 73 -28.79 9.30 14.66
C ALA E 73 -27.78 9.44 13.54
N HIS E 74 -28.08 10.31 12.59
CA HIS E 74 -27.19 10.59 11.46
C HIS E 74 -26.70 12.02 11.55
N PHE E 75 -25.38 12.20 11.65
CA PHE E 75 -24.82 13.55 11.63
C PHE E 75 -24.07 13.80 10.34
N GLU E 76 -24.00 15.06 9.95
CA GLU E 76 -23.19 15.47 8.81
C GLU E 76 -21.74 15.68 9.22
N GLY E 77 -20.83 15.01 8.52
CA GLY E 77 -19.40 15.21 8.71
C GLY E 77 -18.78 15.76 7.45
N TYR E 78 -17.76 16.62 7.63
CA TYR E 78 -17.09 17.29 6.52
C TYR E 78 -15.59 17.27 6.70
N ARG E 79 -14.88 17.08 5.60
CA ARG E 79 -13.47 17.42 5.55
C ARG E 79 -13.28 18.09 4.20
N VAL E 80 -12.81 19.34 4.21
CA VAL E 80 -12.56 20.07 2.98
C VAL E 80 -11.07 20.40 2.90
N GLN E 81 -10.47 20.01 1.79
CA GLN E 81 -9.10 20.38 1.49
C GLN E 81 -9.15 21.46 0.41
N HIS E 82 -8.90 22.70 0.83
CA HIS E 82 -9.09 23.83 -0.06
C HIS E 82 -7.96 23.97 -1.06
N ASN E 83 -6.74 23.88 -0.57
CA ASN E 83 -5.59 24.00 -1.44
C ASN E 83 -4.43 23.26 -0.82
N VAL E 84 -3.80 22.37 -1.58
CA VAL E 84 -2.61 21.66 -1.11
C VAL E 84 -1.39 21.84 -2.04
N SER E 85 -1.33 22.95 -2.76
CA SER E 85 -0.18 23.26 -3.62
CA SER E 85 -0.19 23.22 -3.63
C SER E 85 1.16 23.25 -2.88
N ARG E 86 1.17 23.87 -1.70
CA ARG E 86 2.42 24.08 -0.94
C ARG E 86 2.81 22.94 0.01
N GLY E 87 1.93 21.96 0.17
CA GLY E 87 2.16 20.91 1.15
C GLY E 87 0.90 20.18 1.57
N PRO E 88 1.01 19.27 2.55
CA PRO E 88 -0.16 18.52 3.03
C PRO E 88 -1.20 19.42 3.71
N GLY E 89 -2.46 18.98 3.69
CA GLY E 89 -3.53 19.73 4.32
C GLY E 89 -3.28 19.84 5.82
N LYS E 90 -3.72 20.94 6.40
CA LYS E 90 -3.61 21.17 7.83
C LYS E 90 -4.77 22.03 8.25
N GLY E 91 -5.43 21.68 9.35
CA GLY E 91 -6.52 22.51 9.84
C GLY E 91 -7.45 21.76 10.77
N GLY E 92 -8.12 22.52 11.63
CA GLY E 92 -8.88 21.95 12.74
C GLY E 92 -10.20 21.30 12.37
N VAL E 93 -10.87 20.77 13.39
CA VAL E 93 -12.20 20.21 13.25
C VAL E 93 -13.16 20.92 14.20
N ARG E 94 -14.22 21.50 13.65
CA ARG E 94 -15.27 22.18 14.41
C ARG E 94 -16.46 21.25 14.66
N TYR E 95 -16.88 21.14 15.91
CA TYR E 95 -18.18 20.56 16.25
C TYR E 95 -19.11 21.69 16.65
N HIS E 96 -20.13 21.96 15.85
CA HIS E 96 -21.06 23.03 16.18
C HIS E 96 -22.35 22.79 15.41
N GLN E 97 -23.49 23.16 16.01
CA GLN E 97 -24.80 22.92 15.41
C GLN E 97 -24.99 23.65 14.07
N ASP E 98 -24.20 24.68 13.82
CA ASP E 98 -24.37 25.49 12.61
C ASP E 98 -23.26 25.23 11.59
N VAL E 99 -22.51 24.14 11.78
CA VAL E 99 -21.55 23.68 10.75
C VAL E 99 -22.29 23.40 9.45
N THR E 100 -21.77 23.94 8.35
CA THR E 100 -22.39 23.79 7.03
C THR E 100 -21.28 23.66 6.00
N LEU E 101 -21.62 23.16 4.81
CA LEU E 101 -20.64 23.06 3.74
C LEU E 101 -19.94 24.40 3.53
N SER E 102 -20.71 25.45 3.27
CA SER E 102 -20.12 26.77 3.00
C SER E 102 -19.20 27.24 4.14
N GLU E 103 -19.55 26.94 5.38
CA GLU E 103 -18.70 27.36 6.50
C GLU E 103 -17.39 26.57 6.54
N VAL E 104 -17.45 25.27 6.29
CA VAL E 104 -16.23 24.47 6.41
C VAL E 104 -15.28 24.84 5.25
N MET E 105 -15.86 25.11 4.08
CA MET E 105 -15.13 25.63 2.93
C MET E 105 -14.37 26.91 3.28
N ALA E 106 -15.10 27.89 3.82
CA ALA E 106 -14.50 29.17 4.20
C ALA E 106 -13.36 28.97 5.20
N LEU E 107 -13.62 28.16 6.23
CA LEU E 107 -12.60 27.88 7.24
C LEU E 107 -11.37 27.17 6.62
N SER E 108 -11.59 26.27 5.67
CA SER E 108 -10.45 25.62 5.02
C SER E 108 -9.66 26.63 4.15
N ALA E 109 -10.38 27.55 3.53
CA ALA E 109 -9.72 28.55 2.70
C ALA E 109 -8.91 29.52 3.56
N TRP E 110 -9.42 29.90 4.74
CA TRP E 110 -8.64 30.78 5.61
C TRP E 110 -7.40 30.04 6.11
N MET E 111 -7.51 28.72 6.26
CA MET E 111 -6.34 27.90 6.62
C MET E 111 -5.26 28.01 5.56
N SER E 112 -5.63 27.83 4.30
CA SER E 112 -4.68 27.94 3.19
C SER E 112 -3.95 29.26 3.24
N VAL E 113 -4.72 30.33 3.47
CA VAL E 113 -4.19 31.67 3.43
C VAL E 113 -3.30 31.97 4.64
N LYS E 114 -3.75 31.58 5.83
CA LYS E 114 -2.94 31.83 7.01
C LYS E 114 -1.66 31.00 6.96
N ASN E 115 -1.74 29.79 6.43
CA ASN E 115 -0.58 28.91 6.37
C ASN E 115 0.49 29.49 5.45
N ALA E 116 0.06 30.14 4.37
CA ALA E 116 0.99 30.79 3.47
C ALA E 116 1.49 32.13 4.03
N ALA E 117 0.63 32.87 4.75
CA ALA E 117 1.04 34.15 5.33
C ALA E 117 2.16 33.96 6.36
N VAL E 118 2.06 32.90 7.17
CA VAL E 118 3.02 32.67 8.23
C VAL E 118 4.13 31.76 7.69
N ASN E 119 3.91 31.25 6.48
CA ASN E 119 4.88 30.43 5.74
C ASN E 119 5.22 29.08 6.39
N VAL E 120 4.21 28.38 6.89
CA VAL E 120 4.40 26.97 7.24
C VAL E 120 4.10 26.15 5.97
N PRO E 121 4.75 24.98 5.83
CA PRO E 121 4.66 24.20 4.58
C PRO E 121 3.41 23.32 4.53
N TYR E 122 2.25 23.96 4.67
CA TYR E 122 0.98 23.28 4.72
C TYR E 122 -0.03 23.91 3.80
N GLY E 123 -0.80 23.08 3.10
CA GLY E 123 -2.03 23.54 2.49
C GLY E 123 -3.14 23.70 3.53
N GLY E 124 -4.27 24.25 3.09
CA GLY E 124 -5.40 24.52 3.96
C GLY E 124 -6.47 23.45 3.91
N ALA E 125 -6.91 23.04 5.09
CA ALA E 125 -7.98 22.05 5.19
C ALA E 125 -8.79 22.30 6.44
N LYS E 126 -10.01 21.81 6.46
CA LYS E 126 -10.84 21.98 7.66
C LYS E 126 -11.85 20.86 7.75
N GLY E 127 -12.20 20.52 8.99
CA GLY E 127 -13.22 19.52 9.24
C GLY E 127 -14.36 20.09 10.04
N GLY E 128 -15.51 19.42 9.97
CA GLY E 128 -16.62 19.81 10.81
C GLY E 128 -17.65 18.72 10.98
N ILE E 129 -18.33 18.71 12.12
CA ILE E 129 -19.48 17.85 12.34
C ILE E 129 -20.63 18.75 12.82
N ARG E 130 -21.77 18.66 12.14
CA ARG E 130 -22.92 19.48 12.47
C ARG E 130 -23.60 18.81 13.65
N VAL E 131 -23.14 19.15 14.85
CA VAL E 131 -23.63 18.61 16.09
C VAL E 131 -23.41 19.62 17.22
N ASP E 132 -24.34 19.68 18.15
CA ASP E 132 -24.15 20.42 19.39
C ASP E 132 -23.78 19.45 20.50
N PRO E 133 -22.48 19.40 20.87
CA PRO E 133 -21.96 18.45 21.86
C PRO E 133 -22.70 18.52 23.19
N ARG E 134 -23.27 19.67 23.52
CA ARG E 134 -24.06 19.81 24.75
C ARG E 134 -25.27 18.88 24.77
N LYS E 135 -25.67 18.39 23.60
CA LYS E 135 -26.83 17.54 23.50
C LYS E 135 -26.47 16.06 23.36
N LEU E 136 -25.17 15.76 23.52
CA LEU E 136 -24.68 14.39 23.47
C LEU E 136 -24.04 13.96 24.78
N SER E 137 -24.25 12.71 25.18
CA SER E 137 -23.50 12.16 26.29
C SER E 137 -22.05 11.99 25.84
N ARG E 138 -21.15 11.75 26.78
CA ARG E 138 -19.76 11.52 26.47
C ARG E 138 -19.58 10.30 25.54
N GLY E 139 -20.38 9.27 25.79
CA GLY E 139 -20.35 8.07 24.96
C GLY E 139 -20.69 8.42 23.52
N GLU E 140 -21.81 9.10 23.35
CA GLU E 140 -22.29 9.53 22.04
C GLU E 140 -21.28 10.41 21.29
N LEU E 141 -20.65 11.35 22.01
CA LEU E 141 -19.66 12.24 21.42
C LEU E 141 -18.44 11.47 20.96
N GLU E 142 -18.00 10.53 21.78
CA GLU E 142 -16.93 9.59 21.37
C GLU E 142 -17.30 8.77 20.14
N ARG E 143 -18.47 8.12 20.16
CA ARG E 143 -18.88 7.31 19.01
C ARG E 143 -18.95 8.15 17.74
N VAL E 144 -19.48 9.38 17.83
CA VAL E 144 -19.50 10.29 16.69
C VAL E 144 -18.09 10.62 16.19
N THR E 145 -17.20 10.86 17.15
CA THR E 145 -15.83 11.25 16.80
C THR E 145 -15.15 10.12 16.04
N ARG E 146 -15.32 8.89 16.53
CA ARG E 146 -14.69 7.73 15.94
C ARG E 146 -15.24 7.38 14.56
N ARG E 147 -16.57 7.38 14.42
CA ARG E 147 -17.19 7.08 13.13
C ARG E 147 -16.73 8.12 12.09
N TYR E 148 -16.68 9.37 12.50
CA TYR E 148 -16.25 10.46 11.64
C TYR E 148 -14.82 10.24 11.18
N THR E 149 -13.94 9.87 12.11
CA THR E 149 -12.54 9.60 11.75
C THR E 149 -12.40 8.42 10.78
N SER E 150 -13.14 7.35 11.00
CA SER E 150 -13.11 6.19 10.10
CA SER E 150 -13.05 6.21 10.10
C SER E 150 -13.57 6.59 8.72
N GLU E 151 -14.61 7.41 8.67
CA GLU E 151 -15.17 7.83 7.39
C GLU E 151 -14.28 8.76 6.58
N ILE E 152 -13.56 9.68 7.23
CA ILE E 152 -12.69 10.55 6.49
C ILE E 152 -11.26 9.99 6.41
N GLY E 153 -11.05 8.83 7.02
CA GLY E 153 -9.73 8.19 7.06
C GLY E 153 -9.08 8.17 5.69
N ILE E 154 -9.91 7.96 4.67
CA ILE E 154 -9.43 7.74 3.31
C ILE E 154 -8.71 8.96 2.72
N ILE E 155 -8.94 10.16 3.26
CA ILE E 155 -8.21 11.33 2.76
C ILE E 155 -7.35 12.07 3.80
N ILE E 156 -7.22 11.53 5.01
CA ILE E 156 -6.30 12.13 6.00
C ILE E 156 -5.12 11.19 6.28
N GLY E 157 -4.18 11.68 7.08
CA GLY E 157 -2.98 10.91 7.43
C GLY E 157 -1.82 11.82 7.74
N PRO E 158 -0.79 11.30 8.43
CA PRO E 158 0.39 12.07 8.88
C PRO E 158 1.08 12.82 7.74
N ASN E 159 0.99 12.30 6.52
CA ASN E 159 1.66 12.91 5.39
C ASN E 159 0.70 13.46 4.35
N THR E 160 -0.58 13.55 4.71
CA THR E 160 -1.60 13.87 3.71
C THR E 160 -2.51 15.03 4.13
N ASP E 161 -3.09 14.91 5.32
CA ASP E 161 -3.98 15.92 5.87
C ASP E 161 -4.05 15.69 7.38
N ILE E 162 -3.68 16.71 8.14
CA ILE E 162 -3.50 16.58 9.59
C ILE E 162 -4.52 17.45 10.33
N PRO E 163 -5.58 16.82 10.86
CA PRO E 163 -6.53 17.61 11.64
C PRO E 163 -5.99 18.17 12.95
N ALA E 164 -6.85 18.92 13.64
CA ALA E 164 -6.47 19.67 14.83
C ALA E 164 -7.76 20.13 15.56
N PRO E 165 -7.62 20.74 16.76
CA PRO E 165 -8.81 21.29 17.40
C PRO E 165 -9.37 22.52 16.68
N ASP E 166 -10.59 22.90 17.10
CA ASP E 166 -11.28 24.12 16.71
C ASP E 166 -12.45 24.23 17.70
N VAL E 167 -13.54 24.88 17.31
CA VAL E 167 -14.63 25.12 18.26
C VAL E 167 -15.22 23.81 18.77
N ASN E 168 -15.36 23.70 20.09
CA ASN E 168 -15.87 22.48 20.76
C ASN E 168 -15.06 21.20 20.56
N THR E 169 -13.84 21.30 20.03
CA THR E 169 -12.95 20.13 20.04
C THR E 169 -11.67 20.55 20.73
N ASN E 170 -10.81 19.59 21.03
CA ASN E 170 -9.84 19.73 22.13
C ASN E 170 -8.95 18.50 22.17
N GLU E 171 -8.15 18.35 23.22
CA GLU E 171 -7.22 17.24 23.25
CA GLU E 171 -7.23 17.22 23.33
C GLU E 171 -7.92 15.87 23.31
N GLN E 172 -9.09 15.80 23.95
CA GLN E 172 -9.77 14.52 24.04
C GLN E 172 -10.35 14.10 22.68
N ILE E 173 -10.92 15.05 21.94
CA ILE E 173 -11.40 14.71 20.62
C ILE E 173 -10.22 14.26 19.76
N MET E 174 -9.09 14.95 19.85
CA MET E 174 -7.89 14.58 19.06
C MET E 174 -7.37 13.20 19.46
N ALA E 175 -7.40 12.89 20.75
CA ALA E 175 -6.95 11.58 21.22
C ALA E 175 -7.81 10.47 20.62
N TRP E 176 -9.11 10.70 20.54
CA TRP E 176 -10.02 9.72 19.96
C TRP E 176 -9.81 9.60 18.46
N MET E 177 -9.63 10.75 17.78
CA MET E 177 -9.30 10.69 16.34
C MET E 177 -8.02 9.92 16.07
N MET E 178 -6.96 10.23 16.82
CA MET E 178 -5.66 9.58 16.62
C MET E 178 -5.73 8.07 16.89
N ASP E 179 -6.44 7.70 17.96
CA ASP E 179 -6.60 6.29 18.29
C ASP E 179 -7.39 5.54 17.22
N THR E 180 -8.47 6.16 16.72
CA THR E 180 -9.33 5.50 15.76
C THR E 180 -8.57 5.22 14.46
N TYR E 181 -7.88 6.25 13.99
CA TYR E 181 -7.05 6.15 12.80
C TYR E 181 -5.96 5.11 13.00
N SER E 182 -5.31 5.12 14.16
CA SER E 182 -4.28 4.09 14.44
C SER E 182 -4.86 2.68 14.38
N MET E 183 -6.02 2.49 15.02
CA MET E 183 -6.67 1.17 15.05
C MET E 183 -7.16 0.75 13.66
N ASN E 184 -7.73 1.67 12.88
CA ASN E 184 -8.12 1.37 11.51
C ASN E 184 -6.92 0.98 10.64
N GLN E 185 -5.81 1.71 10.80
CA GLN E 185 -4.61 1.46 9.98
C GLN E 185 -3.75 0.30 10.49
N GLY E 186 -3.92 -0.07 11.75
CA GLY E 186 -3.15 -1.15 12.35
C GLY E 186 -1.86 -0.78 13.06
N GLN E 187 -1.61 0.51 13.23
CA GLN E 187 -0.38 0.94 13.89
C GLN E 187 -0.56 2.32 14.52
N THR E 188 0.16 2.57 15.62
CA THR E 188 0.09 3.88 16.26
C THR E 188 0.66 4.96 15.35
N ALA E 189 -0.14 5.96 15.05
CA ALA E 189 0.30 7.03 14.18
C ALA E 189 0.04 8.36 14.85
N THR E 190 1.02 8.85 15.61
CA THR E 190 0.75 10.01 16.47
C THR E 190 0.72 11.31 15.68
N GLY E 191 1.24 11.29 14.46
CA GLY E 191 1.30 12.48 13.64
C GLY E 191 0.07 12.77 12.81
N VAL E 192 -0.98 11.95 12.98
CA VAL E 192 -2.17 12.10 12.14
C VAL E 192 -3.00 13.32 12.54
N VAL E 193 -2.91 13.75 13.81
CA VAL E 193 -3.53 14.99 14.27
C VAL E 193 -2.55 15.80 15.13
N THR E 194 -2.84 17.08 15.29
CA THR E 194 -2.10 17.88 16.27
C THR E 194 -3.08 18.30 17.35
N GLY E 195 -2.60 19.01 18.37
CA GLY E 195 -3.44 19.35 19.50
C GLY E 195 -3.64 18.18 20.45
N LYS E 196 -2.72 17.21 20.40
CA LYS E 196 -2.85 15.98 21.20
C LYS E 196 -2.58 16.24 22.67
N PRO E 197 -3.10 15.38 23.56
CA PRO E 197 -2.70 15.51 24.96
C PRO E 197 -1.21 15.21 25.14
N ILE E 198 -0.62 15.76 26.20
CA ILE E 198 0.77 15.54 26.52
C ILE E 198 1.14 14.04 26.52
N SER E 199 0.29 13.21 27.11
CA SER E 199 0.50 11.76 27.18
C SER E 199 0.63 11.10 25.80
N LEU E 200 0.13 11.76 24.77
CA LEU E 200 0.23 11.22 23.42
C LEU E 200 1.18 12.01 22.50
N GLY E 201 1.98 12.90 23.08
CA GLY E 201 2.94 13.67 22.31
C GLY E 201 2.75 15.18 22.31
N GLY E 202 1.64 15.67 22.84
CA GLY E 202 1.33 17.09 22.78
C GLY E 202 1.93 17.96 23.87
N SER E 203 1.64 19.27 23.82
CA SER E 203 2.24 20.20 24.77
C SER E 203 1.28 21.28 25.28
N LEU E 204 1.66 21.89 26.41
CA LEU E 204 0.99 23.07 26.91
C LEU E 204 1.28 24.26 25.97
N GLY E 205 2.47 24.23 25.36
CA GLY E 205 2.83 25.18 24.32
C GLY E 205 1.83 25.22 23.18
N ARG E 206 1.40 24.05 22.69
CA ARG E 206 0.38 24.02 21.63
C ARG E 206 -0.97 24.49 22.15
N LYS E 207 -1.31 24.13 23.38
CA LYS E 207 -2.63 24.44 23.92
C LYS E 207 -2.82 25.97 24.03
N GLU E 208 -1.74 26.69 24.33
CA GLU E 208 -1.81 28.13 24.53
C GLU E 208 -1.34 28.92 23.30
N ALA E 209 -1.01 28.20 22.24
CA ALA E 209 -0.33 28.80 21.09
C ALA E 209 -1.16 29.86 20.37
N THR E 210 -2.44 29.58 20.16
CA THR E 210 -3.24 30.50 19.37
C THR E 210 -3.44 31.80 20.13
N GLY E 211 -3.86 31.69 21.39
CA GLY E 211 -4.01 32.84 22.26
C GLY E 211 -2.72 33.63 22.42
N ARG E 212 -1.59 32.93 22.50
CA ARG E 212 -0.32 33.62 22.67
C ARG E 212 0.02 34.40 21.40
N GLY E 213 -0.26 33.80 20.25
CA GLY E 213 -0.04 34.47 18.98
C GLY E 213 -0.87 35.73 18.89
N VAL E 214 -2.13 35.65 19.34
CA VAL E 214 -3.01 36.82 19.36
C VAL E 214 -2.46 37.91 20.25
N PHE E 215 -1.96 37.52 21.41
CA PHE E 215 -1.32 38.46 22.33
C PHE E 215 -0.07 39.11 21.72
N VAL E 216 0.83 38.29 21.16
CA VAL E 216 2.03 38.82 20.51
C VAL E 216 1.70 39.86 19.44
N VAL E 217 0.87 39.46 18.48
CA VAL E 217 0.49 40.34 17.40
C VAL E 217 -0.19 41.60 17.90
N GLY E 218 -1.08 41.45 18.90
CA GLY E 218 -1.75 42.59 19.49
C GLY E 218 -0.77 43.61 20.05
N CYS E 219 0.31 43.12 20.65
CA CYS E 219 1.33 44.02 21.22
C CYS E 219 2.10 44.75 20.13
N GLU E 220 2.39 44.06 19.04
CA GLU E 220 3.05 44.67 17.89
C GLU E 220 2.19 45.76 17.26
N ALA E 221 0.88 45.54 17.20
CA ALA E 221 -0.02 46.56 16.67
C ALA E 221 -0.08 47.74 17.63
N ALA E 222 -0.07 47.44 18.92
CA ALA E 222 -0.13 48.47 19.96
C ALA E 222 1.06 49.45 19.84
N LYS E 223 2.25 48.92 19.61
CA LYS E 223 3.43 49.74 19.37
C LYS E 223 3.23 50.64 18.17
N LYS E 224 2.62 50.11 17.12
CA LYS E 224 2.38 50.89 15.90
C LYS E 224 1.39 52.01 16.19
N LYS E 225 0.42 51.75 17.06
CA LYS E 225 -0.64 52.74 17.31
C LYS E 225 -0.38 53.55 18.58
N GLY E 226 0.73 53.28 19.25
CA GLY E 226 1.09 54.02 20.45
C GLY E 226 0.19 53.71 21.64
N VAL E 227 -0.42 52.53 21.61
CA VAL E 227 -1.27 52.06 22.69
C VAL E 227 -0.44 51.32 23.75
N GLU E 228 -0.40 51.84 24.97
CA GLU E 228 0.34 51.15 26.04
C GLU E 228 -0.46 49.95 26.54
N ILE E 229 0.20 48.81 26.70
CA ILE E 229 -0.52 47.61 27.15
C ILE E 229 -0.89 47.79 28.62
N GLU E 230 0.01 48.43 29.37
CA GLU E 230 -0.19 48.74 30.76
C GLU E 230 -1.40 49.64 30.94
N GLY E 231 -2.46 49.08 31.54
CA GLY E 231 -3.69 49.83 31.79
C GLY E 231 -4.67 49.84 30.63
N ALA E 232 -4.33 49.15 29.55
CA ALA E 232 -5.20 49.13 28.38
C ALA E 232 -6.50 48.38 28.67
N ARG E 233 -7.62 48.91 28.18
CA ARG E 233 -8.90 48.24 28.35
C ARG E 233 -9.06 47.23 27.22
N ILE E 234 -9.29 45.97 27.57
CA ILE E 234 -9.48 44.90 26.60
C ILE E 234 -10.89 44.30 26.68
N ALA E 235 -11.49 44.05 25.51
CA ALA E 235 -12.75 43.31 25.44
C ALA E 235 -12.57 42.06 24.60
N VAL E 236 -13.07 40.94 25.09
CA VAL E 236 -12.90 39.66 24.41
C VAL E 236 -14.26 39.01 24.17
N GLN E 237 -14.52 38.60 22.93
CA GLN E 237 -15.71 37.79 22.65
C GLN E 237 -15.26 36.34 22.51
N GLY E 238 -15.86 35.43 23.28
CA GLY E 238 -15.38 34.06 23.38
C GLY E 238 -14.37 33.96 24.51
N PHE E 239 -14.45 32.89 25.30
CA PHE E 239 -13.52 32.70 26.41
C PHE E 239 -13.10 31.23 26.45
N GLY E 240 -12.98 30.64 25.27
CA GLY E 240 -12.56 29.26 25.13
C GLY E 240 -11.05 29.21 24.99
N ASN E 241 -10.57 28.29 24.18
CA ASN E 241 -9.14 28.08 24.04
C ASN E 241 -8.37 29.32 23.56
N VAL E 242 -8.95 30.03 22.60
CA VAL E 242 -8.32 31.23 22.05
C VAL E 242 -8.55 32.44 22.97
N GLY E 243 -9.82 32.77 23.15
CA GLY E 243 -10.19 33.92 23.94
C GLY E 243 -9.70 33.88 25.38
N GLY E 244 -9.88 32.74 26.04
CA GLY E 244 -9.45 32.61 27.43
C GLY E 244 -7.96 32.85 27.61
N ILE E 245 -7.16 32.29 26.72
CA ILE E 245 -5.71 32.36 26.83
C ILE E 245 -5.20 33.76 26.51
N ALA E 246 -5.76 34.39 25.48
CA ALA E 246 -5.37 35.77 25.16
C ALA E 246 -5.67 36.76 26.30
N ALA E 247 -6.85 36.62 26.90
CA ALA E 247 -7.25 37.53 27.97
C ALA E 247 -6.29 37.37 29.13
N LYS E 248 -5.94 36.11 29.41
CA LYS E 248 -5.04 35.76 30.49
C LYS E 248 -3.67 36.40 30.29
N LEU E 249 -3.12 36.30 29.08
CA LEU E 249 -1.81 36.88 28.80
C LEU E 249 -1.85 38.41 28.86
N PHE E 250 -2.93 39.01 28.39
CA PHE E 250 -3.06 40.47 28.44
C PHE E 250 -3.13 40.98 29.88
N GLN E 251 -3.87 40.28 30.76
CA GLN E 251 -3.91 40.67 32.16
C GLN E 251 -2.53 40.52 32.81
N GLU E 252 -1.82 39.45 32.45
CA GLU E 252 -0.47 39.25 32.99
C GLU E 252 0.46 40.37 32.52
N ALA E 253 0.22 40.88 31.31
CA ALA E 253 0.98 42.01 30.80
C ALA E 253 0.54 43.35 31.41
N GLY E 254 -0.52 43.34 32.20
CA GLY E 254 -0.94 44.53 32.93
C GLY E 254 -2.16 45.22 32.35
N ALA E 255 -2.81 44.57 31.38
CA ALA E 255 -4.01 45.13 30.78
C ALA E 255 -5.25 44.79 31.59
N LYS E 256 -6.31 45.55 31.39
CA LYS E 256 -7.57 45.32 32.09
C LYS E 256 -8.58 44.70 31.15
N VAL E 257 -8.98 43.47 31.44
CA VAL E 257 -9.99 42.80 30.63
C VAL E 257 -11.34 43.14 31.22
N ILE E 258 -12.03 44.09 30.58
CA ILE E 258 -13.18 44.76 31.19
C ILE E 258 -14.54 44.26 30.70
N ALA E 259 -14.55 43.53 29.59
CA ALA E 259 -15.78 43.03 29.02
C ALA E 259 -15.57 41.70 28.33
N VAL E 260 -16.34 40.69 28.72
CA VAL E 260 -16.28 39.39 28.06
C VAL E 260 -17.66 38.94 27.63
N GLN E 261 -17.78 38.56 26.36
CA GLN E 261 -19.04 37.97 25.86
C GLN E 261 -18.78 36.57 25.35
N ASP E 262 -19.62 35.61 25.75
CA ASP E 262 -19.61 34.30 25.14
C ASP E 262 -21.04 33.83 24.84
N HIS E 263 -21.22 32.57 24.48
CA HIS E 263 -22.56 32.13 24.07
C HIS E 263 -23.62 32.20 25.19
N THR E 264 -23.18 32.34 26.44
CA THR E 264 -24.13 32.36 27.55
C THR E 264 -24.51 33.78 28.00
N GLY E 265 -23.70 34.77 27.65
CA GLY E 265 -24.01 36.14 27.94
C GLY E 265 -22.80 37.06 27.86
N THR E 266 -22.96 38.23 28.48
CA THR E 266 -21.92 39.25 28.52
C THR E 266 -21.73 39.69 29.97
N ILE E 267 -20.48 39.90 30.37
CA ILE E 267 -20.18 40.47 31.67
C ILE E 267 -19.29 41.71 31.54
N HIS E 268 -19.31 42.56 32.56
CA HIS E 268 -18.62 43.83 32.54
C HIS E 268 -17.94 44.08 33.90
N GLN E 269 -16.68 44.51 33.85
CA GLN E 269 -15.91 44.77 35.06
C GLN E 269 -14.83 45.83 34.76
N PRO E 270 -15.17 47.12 34.93
CA PRO E 270 -14.27 48.23 34.62
C PRO E 270 -12.90 48.13 35.30
N ALA E 271 -12.82 47.41 36.41
CA ALA E 271 -11.55 47.20 37.10
C ALA E 271 -10.71 46.14 36.40
N GLY E 272 -11.36 45.38 35.51
CA GLY E 272 -10.72 44.26 34.82
C GLY E 272 -10.94 42.97 35.57
N VAL E 273 -11.54 41.98 34.91
CA VAL E 273 -11.86 40.71 35.56
C VAL E 273 -10.60 39.96 35.98
N ASP E 274 -10.71 39.19 37.06
CA ASP E 274 -9.70 38.20 37.39
C ASP E 274 -9.83 37.08 36.36
N THR E 275 -8.93 37.06 35.38
CA THR E 275 -9.06 36.13 34.26
C THR E 275 -8.91 34.69 34.71
N ALA E 276 -8.08 34.49 35.73
CA ALA E 276 -7.85 33.16 36.29
C ALA E 276 -9.14 32.60 36.91
N LYS E 277 -9.82 33.43 37.70
CA LYS E 277 -11.10 33.02 38.29
C LYS E 277 -12.18 32.84 37.23
N LEU E 278 -12.15 33.67 36.19
CA LEU E 278 -13.17 33.59 35.15
C LEU E 278 -12.96 32.30 34.36
N LEU E 279 -11.70 31.94 34.12
CA LEU E 279 -11.37 30.68 33.45
C LEU E 279 -11.95 29.51 34.24
N ASP E 280 -11.77 29.52 35.56
CA ASP E 280 -12.30 28.49 36.43
CA ASP E 280 -12.30 28.49 36.43
C ASP E 280 -13.82 28.44 36.38
N HIS E 281 -14.44 29.62 36.39
CA HIS E 281 -15.90 29.72 36.35
C HIS E 281 -16.48 29.14 35.06
N VAL E 282 -15.91 29.53 33.93
CA VAL E 282 -16.30 29.00 32.62
C VAL E 282 -16.14 27.50 32.59
N GLY E 283 -15.03 27.02 33.17
CA GLY E 283 -14.75 25.60 33.20
C GLY E 283 -15.78 24.80 33.97
N ARG E 284 -16.37 25.43 35.00
CA ARG E 284 -17.31 24.72 35.88
C ARG E 284 -18.78 24.86 35.45
N THR E 285 -19.14 26.04 34.94
CA THR E 285 -20.54 26.35 34.64
C THR E 285 -20.90 26.29 33.15
N GLY E 286 -19.87 26.30 32.29
CA GLY E 286 -20.10 26.28 30.86
C GLY E 286 -19.87 27.59 30.13
N GLY E 287 -19.86 28.70 30.87
CA GLY E 287 -19.71 30.03 30.28
C GLY E 287 -19.52 31.10 31.34
N VAL E 288 -19.36 32.34 30.89
CA VAL E 288 -19.06 33.44 31.82
C VAL E 288 -20.28 33.91 32.61
N ALA E 289 -21.49 33.59 32.15
CA ALA E 289 -22.71 34.03 32.81
C ALA E 289 -22.74 33.60 34.27
N GLY E 290 -23.05 34.55 35.15
CA GLY E 290 -23.13 34.27 36.57
C GLY E 290 -21.82 34.43 37.31
N PHE E 291 -20.77 34.83 36.58
CA PHE E 291 -19.48 35.13 37.18
C PHE E 291 -19.65 36.17 38.28
N GLU E 292 -19.11 35.86 39.45
CA GLU E 292 -19.32 36.68 40.65
C GLU E 292 -18.55 38.00 40.62
N GLY E 293 -17.38 38.00 39.96
CA GLY E 293 -16.52 39.18 39.93
C GLY E 293 -16.79 40.12 38.77
N ALA E 294 -18.07 40.27 38.41
CA ALA E 294 -18.46 41.10 37.27
C ALA E 294 -19.97 41.36 37.26
N GLU E 295 -20.39 42.36 36.50
CA GLU E 295 -21.80 42.66 36.35
C GLU E 295 -22.29 42.17 35.00
N PRO E 296 -23.46 41.51 34.98
CA PRO E 296 -24.05 41.12 33.70
C PRO E 296 -24.39 42.37 32.89
N MET E 297 -24.42 42.22 31.57
CA MET E 297 -24.68 43.34 30.67
C MET E 297 -25.32 42.77 29.41
N PRO E 298 -26.24 43.53 28.80
CA PRO E 298 -26.90 43.10 27.56
C PRO E 298 -25.88 42.73 26.49
N ASN E 299 -26.17 41.72 25.68
CA ASN E 299 -25.22 41.29 24.66
C ASN E 299 -24.85 42.44 23.74
N ASP E 300 -25.85 43.15 23.24
CA ASP E 300 -25.60 44.22 22.28
C ASP E 300 -24.68 45.32 22.82
N GLU E 301 -24.74 45.58 24.12
CA GLU E 301 -23.94 46.66 24.70
C GLU E 301 -22.45 46.36 24.69
N PHE E 302 -22.11 45.08 24.53
CA PHE E 302 -20.72 44.63 24.47
C PHE E 302 -19.92 45.41 23.43
N TRP E 303 -20.52 45.59 22.27
CA TRP E 303 -19.83 46.19 21.13
C TRP E 303 -19.66 47.69 21.26
N THR E 304 -20.28 48.29 22.27
CA THR E 304 -20.22 49.73 22.44
C THR E 304 -19.32 50.14 23.61
N VAL E 305 -18.85 49.16 24.37
CA VAL E 305 -17.93 49.43 25.47
C VAL E 305 -16.59 49.94 24.94
N GLU E 306 -16.23 51.15 25.34
CA GLU E 306 -14.99 51.77 24.87
C GLU E 306 -13.78 51.01 25.38
N THR E 307 -12.88 50.63 24.47
CA THR E 307 -11.69 49.85 24.81
C THR E 307 -10.47 50.35 24.04
N GLU E 308 -9.30 49.83 24.39
CA GLU E 308 -8.11 50.04 23.56
C GLU E 308 -7.99 48.91 22.54
N ILE E 309 -8.31 47.69 22.98
CA ILE E 309 -8.18 46.54 22.11
C ILE E 309 -9.40 45.65 22.20
N LEU E 310 -9.95 45.29 21.05
CA LEU E 310 -11.10 44.40 20.94
C LEU E 310 -10.70 43.09 20.26
N ILE E 311 -10.98 41.97 20.92
CA ILE E 311 -10.57 40.66 20.42
C ILE E 311 -11.76 39.72 20.16
N PRO E 312 -12.25 39.68 18.91
CA PRO E 312 -13.28 38.68 18.59
C PRO E 312 -12.67 37.29 18.51
N ALA E 313 -13.02 36.41 19.45
CA ALA E 313 -12.43 35.07 19.47
C ALA E 313 -13.53 34.04 19.66
N ALA E 314 -14.64 34.29 19.00
CA ALA E 314 -15.75 33.35 19.01
C ALA E 314 -16.00 32.88 17.58
N LEU E 315 -17.19 33.09 17.06
CA LEU E 315 -17.51 32.54 15.73
C LEU E 315 -17.42 33.64 14.68
N GLU E 316 -17.85 33.33 13.45
CA GLU E 316 -17.68 34.26 12.34
C GLU E 316 -18.83 35.27 12.28
N ASN E 317 -18.65 36.32 11.48
CA ASN E 317 -19.72 37.24 11.12
C ASN E 317 -20.29 37.93 12.36
N GLN E 318 -19.39 38.39 13.23
CA GLN E 318 -19.78 39.01 14.49
C GLN E 318 -19.63 40.52 14.47
N ILE E 319 -18.70 41.01 13.64
CA ILE E 319 -18.49 42.43 13.43
C ILE E 319 -18.92 42.71 12.00
N THR E 320 -20.05 43.40 11.87
CA THR E 320 -20.74 43.48 10.60
C THR E 320 -21.11 44.91 10.25
N GLU E 321 -21.82 45.09 9.13
CA GLU E 321 -22.35 46.40 8.79
C GLU E 321 -23.32 46.91 9.86
N LYS E 322 -23.95 46.00 10.60
CA LYS E 322 -24.95 46.41 11.59
C LYS E 322 -24.35 47.05 12.85
N ASN E 323 -23.15 46.66 13.26
CA ASN E 323 -22.60 47.17 14.53
C ASN E 323 -21.21 47.82 14.45
N ALA E 324 -20.60 47.83 13.27
CA ALA E 324 -19.21 48.29 13.16
C ALA E 324 -19.06 49.76 13.53
N SER E 325 -20.06 50.57 13.17
CA SER E 325 -20.07 51.99 13.48
CA SER E 325 -20.01 51.99 13.48
C SER E 325 -20.09 52.25 14.97
N LYS E 326 -20.67 51.32 15.72
CA LYS E 326 -20.84 51.48 17.17
C LYS E 326 -19.54 51.23 17.94
N ILE E 327 -18.60 50.54 17.31
CA ILE E 327 -17.40 50.12 18.00
C ILE E 327 -16.50 51.30 18.35
N ARG E 328 -16.06 51.33 19.60
CA ARG E 328 -15.16 52.37 20.07
C ARG E 328 -13.89 51.72 20.65
N THR E 329 -12.94 51.45 19.77
CA THR E 329 -11.70 50.79 20.15
C THR E 329 -10.59 51.36 19.26
N LYS E 330 -9.34 51.01 19.54
CA LYS E 330 -8.24 51.52 18.75
C LYS E 330 -7.70 50.42 17.85
N ILE E 331 -7.73 49.18 18.37
CA ILE E 331 -7.27 48.01 17.62
C ILE E 331 -8.24 46.83 17.70
N ILE E 332 -8.51 46.18 16.57
CA ILE E 332 -9.18 44.88 16.56
C ILE E 332 -8.19 43.77 16.19
N VAL E 333 -8.04 42.79 17.08
CA VAL E 333 -7.18 41.64 16.81
C VAL E 333 -8.02 40.39 16.68
N GLU E 334 -8.07 39.83 15.47
CA GLU E 334 -9.00 38.72 15.20
C GLU E 334 -8.44 37.36 15.63
N GLY E 335 -8.99 36.83 16.73
CA GLY E 335 -8.66 35.48 17.15
C GLY E 335 -9.51 34.46 16.41
N ALA E 336 -10.79 34.75 16.28
CA ALA E 336 -11.68 33.87 15.54
C ALA E 336 -11.31 33.85 14.07
N ASN E 337 -11.77 32.83 13.37
CA ASN E 337 -11.76 32.85 11.92
C ASN E 337 -12.97 33.65 11.41
N GLY E 338 -12.69 34.61 10.55
CA GLY E 338 -13.70 35.41 9.88
C GLY E 338 -14.74 36.13 10.71
N PRO E 339 -14.33 36.79 11.83
CA PRO E 339 -15.32 37.48 12.68
C PRO E 339 -15.81 38.80 12.07
N THR E 340 -15.07 39.33 11.09
CA THR E 340 -15.33 40.67 10.57
C THR E 340 -15.63 40.67 9.08
N THR E 341 -16.77 41.22 8.67
CA THR E 341 -17.08 41.27 7.24
C THR E 341 -16.35 42.41 6.53
N THR E 342 -16.30 42.35 5.20
CA THR E 342 -15.60 43.37 4.42
C THR E 342 -16.34 44.72 4.50
N ALA E 343 -17.66 44.69 4.63
CA ALA E 343 -18.38 45.95 4.82
C ALA E 343 -17.96 46.60 6.12
N ALA E 344 -17.70 45.76 7.13
CA ALA E 344 -17.30 46.25 8.44
C ALA E 344 -15.87 46.81 8.39
N ASP E 345 -14.99 46.14 7.65
CA ASP E 345 -13.62 46.63 7.45
C ASP E 345 -13.61 48.08 6.98
N ASP E 346 -14.45 48.38 5.98
CA ASP E 346 -14.52 49.72 5.40
C ASP E 346 -14.97 50.76 6.42
N ILE E 347 -16.01 50.43 7.18
CA ILE E 347 -16.54 51.31 8.22
C ILE E 347 -15.48 51.55 9.30
N LEU E 348 -14.84 50.47 9.72
CA LEU E 348 -13.76 50.51 10.71
C LEU E 348 -12.59 51.35 10.22
N SER E 349 -12.17 51.10 8.98
CA SER E 349 -11.14 51.90 8.33
C SER E 349 -11.46 53.39 8.42
N ALA E 350 -12.67 53.76 8.04
CA ALA E 350 -13.09 55.17 8.04
C ALA E 350 -13.08 55.76 9.45
N ASN E 351 -13.21 54.91 10.46
CA ASN E 351 -13.23 55.37 11.84
C ASN E 351 -11.86 55.27 12.53
N GLY E 352 -10.82 54.98 11.76
CA GLY E 352 -9.47 54.98 12.29
C GLY E 352 -9.16 53.81 13.22
N VAL E 353 -9.94 52.73 13.11
CA VAL E 353 -9.70 51.53 13.90
C VAL E 353 -8.70 50.64 13.17
N LEU E 354 -7.62 50.25 13.84
CA LEU E 354 -6.66 49.32 13.24
C LEU E 354 -7.18 47.90 13.35
N VAL E 355 -7.36 47.23 12.21
CA VAL E 355 -7.83 45.86 12.20
C VAL E 355 -6.72 44.88 11.81
N ILE E 356 -6.32 44.03 12.75
CA ILE E 356 -5.32 43.00 12.47
C ILE E 356 -6.02 41.68 12.13
N PRO E 357 -5.83 41.22 10.89
CA PRO E 357 -6.63 40.11 10.34
C PRO E 357 -6.38 38.74 10.98
N ASP E 358 -7.43 37.92 11.05
CA ASP E 358 -7.37 36.57 11.57
C ASP E 358 -6.20 35.79 11.01
N VAL E 359 -6.04 35.87 9.68
CA VAL E 359 -5.04 35.06 8.98
C VAL E 359 -3.60 35.41 9.34
N ILE E 360 -3.40 36.48 10.12
CA ILE E 360 -2.11 36.69 10.78
C ILE E 360 -2.23 36.42 12.29
N ALA E 361 -3.21 37.06 12.93
CA ALA E 361 -3.30 37.05 14.38
C ALA E 361 -3.48 35.68 15.00
N ASN E 362 -4.21 34.77 14.35
CA ASN E 362 -4.51 33.49 15.01
C ASN E 362 -3.66 32.33 14.49
N ALA E 363 -2.61 32.66 13.75
CA ALA E 363 -1.73 31.66 13.14
C ALA E 363 -0.77 30.97 14.13
N GLY E 364 -0.84 31.34 15.41
CA GLY E 364 0.00 30.72 16.42
C GLY E 364 -0.27 29.23 16.60
N GLY E 365 -1.52 28.83 16.41
CA GLY E 365 -1.91 27.43 16.59
C GLY E 365 -1.23 26.56 15.56
N VAL E 366 -1.51 26.82 14.28
CA VAL E 366 -0.92 26.05 13.19
C VAL E 366 0.62 26.08 13.22
N THR E 367 1.19 27.19 13.69
CA THR E 367 2.64 27.30 13.74
C THR E 367 3.23 26.33 14.78
N VAL E 368 2.59 26.23 15.92
CA VAL E 368 3.05 25.28 16.93
C VAL E 368 2.53 23.87 16.59
N SER E 369 1.38 23.78 15.91
CA SER E 369 0.93 22.49 15.37
C SER E 369 2.00 21.93 14.44
N TYR E 370 2.57 22.80 13.63
CA TYR E 370 3.70 22.43 12.77
C TYR E 370 4.85 21.92 13.65
N PHE E 371 5.12 22.64 14.73
CA PHE E 371 6.18 22.24 15.66
C PHE E 371 5.90 20.86 16.26
N GLU E 372 4.60 20.58 16.47
CA GLU E 372 4.15 19.29 17.00
C GLU E 372 4.30 18.16 15.98
N TRP E 373 3.92 18.45 14.74
CA TRP E 373 3.98 17.49 13.63
C TRP E 373 5.42 17.05 13.33
N VAL E 374 6.37 17.96 13.52
CA VAL E 374 7.78 17.63 13.32
C VAL E 374 8.32 16.80 14.50
N GLN E 375 7.94 17.17 15.73
CA GLN E 375 8.40 16.46 16.93
C GLN E 375 7.72 15.11 17.09
N THR E 383 11.93 21.93 25.19
CA THR E 383 11.60 22.92 26.21
C THR E 383 10.19 23.47 25.96
N GLU E 384 9.72 24.34 26.83
CA GLU E 384 8.47 25.06 26.56
C GLU E 384 8.77 26.53 26.32
N ASP E 385 9.71 27.07 27.11
CA ASP E 385 10.11 28.46 26.96
C ASP E 385 10.76 28.69 25.62
N GLU E 386 11.56 27.72 25.18
CA GLU E 386 12.22 27.79 23.88
C GLU E 386 11.18 27.70 22.78
N ILE E 387 10.21 26.82 22.96
CA ILE E 387 9.13 26.62 21.99
C ILE E 387 8.27 27.89 21.85
N ASN E 388 8.02 28.56 22.96
CA ASN E 388 7.27 29.81 22.95
C ASN E 388 8.10 30.97 22.41
N HIS E 389 9.41 30.94 22.67
CA HIS E 389 10.32 31.98 22.20
C HIS E 389 10.41 31.96 20.68
N ARG E 390 10.21 30.79 20.09
CA ARG E 390 10.25 30.65 18.63
C ARG E 390 8.85 30.85 18.03
N LEU E 391 7.82 30.73 18.85
CA LEU E 391 6.47 31.10 18.41
C LEU E 391 6.39 32.61 18.29
N GLU E 392 6.90 33.30 19.31
CA GLU E 392 6.84 34.76 19.37
C GLU E 392 7.66 35.40 18.26
N ARG E 393 8.78 34.80 17.91
CA ARG E 393 9.66 35.34 16.86
C ARG E 393 9.02 35.20 15.48
N VAL E 394 8.44 34.03 15.22
CA VAL E 394 7.72 33.77 13.97
C VAL E 394 6.55 34.75 13.78
N MET E 395 5.81 35.01 14.85
CA MET E 395 4.64 35.88 14.77
C MET E 395 5.04 37.35 14.51
N ARG E 396 6.07 37.83 15.21
CA ARG E 396 6.53 39.20 15.02
C ARG E 396 7.05 39.42 13.60
N GLU E 397 7.85 38.47 13.13
CA GLU E 397 8.42 38.56 11.79
C GLU E 397 7.33 38.48 10.71
N ALA E 398 6.32 37.63 10.90
CA ALA E 398 5.19 37.57 9.97
C ALA E 398 4.41 38.89 9.98
N PHE E 399 4.24 39.46 11.15
CA PHE E 399 3.51 40.72 11.29
C PHE E 399 4.26 41.89 10.64
N ALA E 400 5.56 41.97 10.92
CA ALA E 400 6.35 43.05 10.34
C ALA E 400 6.35 42.95 8.81
N GLY E 401 6.42 41.73 8.30
CA GLY E 401 6.45 41.50 6.87
C GLY E 401 5.14 41.97 6.23
N VAL E 402 4.02 41.59 6.82
CA VAL E 402 2.72 42.02 6.30
C VAL E 402 2.59 43.54 6.45
N TRP E 403 3.01 44.08 7.59
CA TRP E 403 2.95 45.53 7.78
C TRP E 403 3.73 46.25 6.68
N ALA E 404 4.92 45.76 6.36
CA ALA E 404 5.72 46.33 5.27
C ALA E 404 4.95 46.34 3.94
N VAL E 405 4.28 45.23 3.64
CA VAL E 405 3.51 45.10 2.40
C VAL E 405 2.33 46.08 2.38
N ALA E 406 1.71 46.29 3.54
CA ALA E 406 0.56 47.19 3.65
C ALA E 406 0.98 48.60 3.33
N GLU E 407 2.13 49.01 3.85
CA GLU E 407 2.65 50.35 3.61
C GLU E 407 3.14 50.50 2.18
N GLU E 408 3.83 49.48 1.69
CA GLU E 408 4.34 49.47 0.33
C GLU E 408 3.22 49.67 -0.70
N HIS E 409 2.06 49.07 -0.46
CA HIS E 409 0.96 49.12 -1.43
C HIS E 409 -0.19 50.07 -1.05
N LYS E 410 -0.10 50.67 0.14
CA LYS E 410 -1.17 51.51 0.69
C LYS E 410 -2.47 50.72 0.75
N VAL E 411 -2.45 49.60 1.48
CA VAL E 411 -3.63 48.79 1.67
C VAL E 411 -3.75 48.43 3.14
N SER E 412 -4.90 47.88 3.53
CA SER E 412 -5.12 47.44 4.89
C SER E 412 -4.20 46.27 5.24
N VAL E 413 -4.05 45.99 6.54
CA VAL E 413 -3.25 44.85 6.98
C VAL E 413 -3.86 43.56 6.43
N ARG E 414 -5.20 43.46 6.42
CA ARG E 414 -5.85 42.25 5.89
C ARG E 414 -5.48 42.04 4.41
N THR E 415 -5.69 43.07 3.60
CA THR E 415 -5.36 43.00 2.19
C THR E 415 -3.89 42.61 1.99
N ALA E 416 -3.00 43.26 2.76
CA ALA E 416 -1.57 42.95 2.69
C ALA E 416 -1.28 41.49 3.03
N ALA E 417 -1.95 40.97 4.05
CA ALA E 417 -1.79 39.56 4.41
C ALA E 417 -2.18 38.64 3.23
N PHE E 418 -3.29 38.97 2.56
CA PHE E 418 -3.71 38.19 1.39
C PHE E 418 -2.71 38.32 0.25
N ILE E 419 -2.16 39.52 0.07
CA ILE E 419 -1.13 39.75 -0.94
C ILE E 419 0.04 38.77 -0.73
N VAL E 420 0.58 38.75 0.49
CA VAL E 420 1.67 37.83 0.82
C VAL E 420 1.26 36.38 0.63
N ALA E 421 0.11 36.02 1.18
CA ALA E 421 -0.34 34.63 1.19
C ALA E 421 -0.67 34.13 -0.21
N CYS E 422 -1.44 34.93 -0.95
CA CYS E 422 -1.94 34.49 -2.25
C CYS E 422 -0.88 34.49 -3.34
N LYS E 423 0.12 35.38 -3.22
CA LYS E 423 1.25 35.33 -4.14
C LYS E 423 2.02 34.03 -3.95
N ARG E 424 2.08 33.54 -2.71
CA ARG E 424 2.79 32.30 -2.42
C ARG E 424 1.99 31.06 -2.87
N ILE E 425 0.69 31.08 -2.57
CA ILE E 425 -0.19 30.03 -3.03
C ILE E 425 -0.25 29.93 -4.55
N LEU E 426 -0.48 31.05 -5.22
CA LEU E 426 -0.65 31.01 -6.67
C LEU E 426 0.66 30.84 -7.43
N MET E 427 1.78 31.24 -6.84
CA MET E 427 3.05 30.95 -7.47
C MET E 427 3.34 29.44 -7.38
N ALA E 428 2.89 28.79 -6.32
CA ALA E 428 3.05 27.33 -6.24
C ALA E 428 2.19 26.67 -7.31
N ARG E 429 0.98 27.18 -7.51
CA ARG E 429 0.08 26.72 -8.57
C ARG E 429 0.67 26.91 -9.97
N GLU E 430 1.18 28.11 -10.21
CA GLU E 430 1.81 28.48 -11.48
C GLU E 430 2.95 27.53 -11.82
N MET E 431 3.80 27.28 -10.83
CA MET E 431 4.98 26.44 -11.03
C MET E 431 4.59 24.98 -11.22
N ARG E 432 3.62 24.50 -10.45
CA ARG E 432 3.19 23.10 -10.55
C ARG E 432 2.45 22.82 -11.86
N GLY E 433 1.68 23.80 -12.31
CA GLY E 433 0.96 23.73 -13.57
C GLY E 433 -0.25 22.82 -13.48
N LEU E 434 -0.80 22.48 -14.65
CA LEU E 434 -2.00 21.64 -14.72
C LEU E 434 -1.66 20.33 -15.45
N TYR E 435 -2.14 19.23 -14.88
CA TYR E 435 -1.83 17.89 -15.34
C TYR E 435 -3.13 17.13 -15.51
N PRO E 436 -3.59 16.95 -16.76
CA PRO E 436 -2.94 17.36 -18.01
C PRO E 436 -3.26 18.81 -18.37
N SER F 15 10.74 -32.67 19.24
CA SER F 15 10.58 -31.83 20.42
C SER F 15 9.39 -30.88 20.31
N ILE F 16 8.64 -30.74 21.40
CA ILE F 16 7.54 -29.78 21.43
C ILE F 16 8.10 -28.37 21.67
N PRO F 17 7.41 -27.35 21.16
CA PRO F 17 7.98 -26.00 21.36
C PRO F 17 7.98 -25.59 22.83
N SER F 18 8.91 -24.71 23.19
CA SER F 18 9.10 -24.35 24.59
C SER F 18 7.91 -23.59 25.17
N TYR F 19 7.09 -23.00 24.29
CA TYR F 19 5.94 -22.20 24.77
C TYR F 19 4.74 -23.08 25.13
N LEU F 20 4.86 -24.38 24.91
CA LEU F 20 3.85 -25.34 25.38
C LEU F 20 4.39 -26.14 26.56
N HIS F 21 3.51 -26.74 27.35
CA HIS F 21 3.93 -27.63 28.44
C HIS F 21 3.54 -29.06 28.11
N ALA F 22 4.46 -29.99 28.32
CA ALA F 22 4.28 -31.39 27.91
C ALA F 22 3.10 -32.07 28.60
N ASP F 23 2.76 -31.62 29.80
CA ASP F 23 1.64 -32.24 30.51
C ASP F 23 0.32 -31.52 30.23
N ASP F 24 0.31 -30.67 29.22
CA ASP F 24 -0.85 -29.81 28.97
C ASP F 24 -0.98 -29.44 27.50
N LEU F 25 -0.88 -30.44 26.63
CA LEU F 25 -0.91 -30.17 25.20
C LEU F 25 -2.33 -30.05 24.65
N GLY F 26 -3.31 -30.50 25.41
CA GLY F 26 -4.68 -30.58 24.92
C GLY F 26 -4.73 -31.30 23.58
N PRO F 27 -5.58 -30.82 22.67
CA PRO F 27 -5.78 -31.48 21.37
C PRO F 27 -4.52 -31.45 20.50
N TRP F 28 -3.58 -30.55 20.81
CA TRP F 28 -2.32 -30.53 20.07
C TRP F 28 -1.54 -31.82 20.25
N GLY F 29 -1.67 -32.43 21.44
CA GLY F 29 -1.04 -33.71 21.68
C GLY F 29 -1.61 -34.80 20.80
N ASN F 30 -2.93 -34.76 20.60
CA ASN F 30 -3.61 -35.76 19.78
C ASN F 30 -3.21 -35.61 18.32
N TYR F 31 -3.10 -34.36 17.87
CA TYR F 31 -2.70 -34.08 16.49
C TYR F 31 -1.29 -34.59 16.20
N LEU F 32 -0.38 -34.40 17.17
CA LEU F 32 1.00 -34.84 17.03
C LEU F 32 1.06 -36.36 16.89
N GLN F 33 0.21 -37.07 17.63
CA GLN F 33 0.15 -38.52 17.52
C GLN F 33 -0.31 -38.93 16.13
N GLN F 34 -1.22 -38.14 15.56
CA GLN F 34 -1.71 -38.40 14.22
C GLN F 34 -0.60 -38.21 13.19
N VAL F 35 0.24 -37.19 13.40
CA VAL F 35 1.37 -36.95 12.51
C VAL F 35 2.36 -38.11 12.63
N ASP F 36 2.60 -38.60 13.84
CA ASP F 36 3.48 -39.76 14.04
C ASP F 36 3.02 -40.96 13.22
N ARG F 37 1.71 -41.12 13.11
CA ARG F 37 1.17 -42.29 12.42
C ARG F 37 1.27 -42.16 10.91
N VAL F 38 1.47 -40.95 10.40
CA VAL F 38 1.61 -40.80 8.95
C VAL F 38 3.09 -40.80 8.53
N ALA F 39 3.99 -40.63 9.50
CA ALA F 39 5.44 -40.57 9.23
C ALA F 39 6.02 -41.75 8.43
N PRO F 40 5.64 -43.01 8.75
CA PRO F 40 6.23 -44.11 7.97
C PRO F 40 5.87 -44.11 6.48
N TYR F 41 4.88 -43.31 6.09
CA TYR F 41 4.33 -43.38 4.74
C TYR F 41 4.73 -42.21 3.83
N LEU F 42 5.49 -41.26 4.36
CA LEU F 42 5.80 -40.02 3.65
C LEU F 42 6.92 -40.14 2.61
N GLY F 43 7.69 -41.23 2.66
CA GLY F 43 8.79 -41.43 1.74
C GLY F 43 9.85 -40.36 1.86
N SER F 44 10.31 -39.84 0.73
CA SER F 44 11.37 -38.84 0.71
C SER F 44 10.91 -37.51 1.33
N LEU F 45 9.60 -37.35 1.49
CA LEU F 45 9.05 -36.14 2.09
C LEU F 45 9.24 -36.11 3.60
N SER F 46 9.76 -37.21 4.15
CA SER F 46 10.00 -37.35 5.58
C SER F 46 10.95 -36.28 6.13
N ARG F 47 11.88 -35.81 5.30
CA ARG F 47 12.83 -34.80 5.76
C ARG F 47 12.10 -33.55 6.23
N TRP F 48 10.86 -33.40 5.77
CA TRP F 48 10.10 -32.19 6.06
C TRP F 48 9.02 -32.37 7.13
N ILE F 49 8.99 -33.51 7.81
CA ILE F 49 7.83 -33.80 8.66
C ILE F 49 7.65 -32.79 9.80
N GLU F 50 8.75 -32.16 10.25
CA GLU F 50 8.63 -31.21 11.35
C GLU F 50 7.76 -30.02 10.95
N THR F 51 7.77 -29.67 9.66
CA THR F 51 6.87 -28.64 9.16
C THR F 51 5.43 -28.83 9.61
N LEU F 52 4.97 -30.08 9.71
CA LEU F 52 3.62 -30.35 10.17
C LEU F 52 3.48 -30.01 11.67
N LYS F 53 4.60 -30.04 12.38
CA LYS F 53 4.58 -29.91 13.82
C LYS F 53 4.81 -28.46 14.27
N ARG F 54 5.01 -27.55 13.32
CA ARG F 54 5.32 -26.15 13.66
C ARG F 54 4.50 -25.17 12.82
N PRO F 55 3.61 -24.40 13.48
CA PRO F 55 2.80 -23.44 12.71
C PRO F 55 3.65 -22.30 12.20
N LYS F 56 3.39 -21.85 10.99
CA LYS F 56 4.10 -20.70 10.45
C LYS F 56 3.98 -19.49 11.36
N ARG F 57 2.77 -19.25 11.84
CA ARG F 57 2.46 -17.99 12.48
C ARG F 57 1.41 -18.13 13.60
N ILE F 58 1.77 -17.70 14.80
CA ILE F 58 0.85 -17.64 15.93
C ILE F 58 0.66 -16.19 16.31
N LEU F 59 -0.57 -15.71 16.27
CA LEU F 59 -0.88 -14.35 16.71
C LEU F 59 -1.81 -14.43 17.92
N ILE F 60 -1.35 -13.90 19.06
CA ILE F 60 -2.19 -13.75 20.24
C ILE F 60 -2.41 -12.28 20.52
N VAL F 61 -3.67 -11.87 20.61
CA VAL F 61 -3.99 -10.46 20.79
C VAL F 61 -4.81 -10.23 22.04
N ASP F 62 -4.56 -9.08 22.62
CA ASP F 62 -5.41 -8.57 23.69
C ASP F 62 -6.71 -8.08 23.06
N VAL F 63 -7.84 -8.49 23.62
CA VAL F 63 -9.14 -7.98 23.18
C VAL F 63 -9.84 -7.26 24.34
N PRO F 64 -9.47 -6.00 24.61
CA PRO F 64 -10.13 -5.30 25.70
C PRO F 64 -11.44 -4.61 25.28
N ILE F 65 -12.44 -4.67 26.15
CA ILE F 65 -13.67 -3.90 25.94
C ILE F 65 -14.15 -3.34 27.26
N GLU F 66 -15.01 -2.33 27.18
CA GLU F 66 -15.73 -1.90 28.37
C GLU F 66 -16.97 -2.76 28.49
N LEU F 67 -17.14 -3.42 29.64
CA LEU F 67 -18.36 -4.16 29.91
C LEU F 67 -19.51 -3.20 30.12
N ASP F 68 -20.73 -3.69 29.97
CA ASP F 68 -21.93 -2.90 30.24
C ASP F 68 -21.94 -2.26 31.63
N ASN F 69 -21.24 -2.87 32.59
CA ASN F 69 -21.23 -2.31 33.94
C ASN F 69 -20.15 -1.24 34.16
N GLY F 70 -19.42 -0.91 33.10
CA GLY F 70 -18.39 0.12 33.15
C GLY F 70 -17.00 -0.35 33.52
N THR F 71 -16.79 -1.65 33.66
CA THR F 71 -15.47 -2.17 33.97
C THR F 71 -14.80 -2.68 32.71
N VAL F 72 -13.47 -2.59 32.68
CA VAL F 72 -12.71 -3.03 31.52
C VAL F 72 -12.45 -4.53 31.65
N ALA F 73 -12.76 -5.27 30.60
CA ALA F 73 -12.46 -6.70 30.56
C ALA F 73 -11.47 -7.01 29.45
N HIS F 74 -10.56 -7.94 29.72
CA HIS F 74 -9.53 -8.35 28.76
C HIS F 74 -9.72 -9.81 28.35
N PHE F 75 -9.97 -10.05 27.07
CA PHE F 75 -10.14 -11.42 26.60
C PHE F 75 -8.97 -11.83 25.74
N GLU F 76 -8.62 -13.12 25.74
CA GLU F 76 -7.57 -13.66 24.89
C GLU F 76 -8.08 -13.96 23.50
N GLY F 77 -7.40 -13.45 22.48
CA GLY F 77 -7.78 -13.64 21.11
C GLY F 77 -6.61 -14.28 20.38
N TYR F 78 -6.93 -15.20 19.48
CA TYR F 78 -5.93 -15.95 18.74
C TYR F 78 -6.26 -16.00 17.25
N ARG F 79 -5.21 -15.92 16.43
CA ARG F 79 -5.25 -16.35 15.04
C ARG F 79 -3.99 -17.16 14.76
N VAL F 80 -4.17 -18.42 14.36
CA VAL F 80 -3.01 -19.25 14.08
C VAL F 80 -3.07 -19.64 12.63
N GLN F 81 -2.00 -19.31 11.92
CA GLN F 81 -1.84 -19.78 10.56
C GLN F 81 -0.83 -20.93 10.62
N HIS F 82 -1.35 -22.16 10.53
CA HIS F 82 -0.52 -23.35 10.73
C HIS F 82 0.36 -23.62 9.52
N ASN F 83 -0.25 -23.61 8.34
CA ASN F 83 0.49 -23.84 7.10
C ASN F 83 -0.18 -23.15 5.92
N VAL F 84 0.59 -22.39 5.15
CA VAL F 84 0.06 -21.70 3.97
C VAL F 84 0.87 -21.99 2.71
N SER F 85 1.55 -23.14 2.71
CA SER F 85 2.32 -23.57 1.54
CA SER F 85 2.32 -23.56 1.55
C SER F 85 1.47 -23.63 0.28
N ARG F 86 0.24 -24.14 0.42
CA ARG F 86 -0.64 -24.35 -0.74
C ARG F 86 -1.55 -23.16 -1.11
N GLY F 87 -1.62 -22.15 -0.26
CA GLY F 87 -2.52 -21.03 -0.53
C GLY F 87 -2.77 -20.17 0.70
N PRO F 88 -3.68 -19.18 0.58
CA PRO F 88 -4.04 -18.31 1.70
C PRO F 88 -4.62 -19.12 2.86
N GLY F 89 -4.55 -18.58 4.08
CA GLY F 89 -5.13 -19.25 5.24
C GLY F 89 -6.64 -19.34 5.13
N LYS F 90 -7.22 -20.42 5.65
CA LYS F 90 -8.67 -20.57 5.75
C LYS F 90 -9.06 -21.34 7.02
N GLY F 91 -10.01 -20.80 7.78
CA GLY F 91 -10.49 -21.50 8.94
C GLY F 91 -11.34 -20.68 9.90
N GLY F 92 -12.21 -21.36 10.62
CA GLY F 92 -13.19 -20.72 11.46
C GLY F 92 -12.66 -20.03 12.72
N VAL F 93 -13.58 -19.36 13.42
CA VAL F 93 -13.29 -18.69 14.67
C VAL F 93 -14.17 -19.27 15.77
N ARG F 94 -13.56 -19.82 16.82
CA ARG F 94 -14.32 -20.41 17.92
C ARG F 94 -14.43 -19.45 19.12
N TYR F 95 -15.67 -19.21 19.56
CA TYR F 95 -15.88 -18.51 20.84
C TYR F 95 -16.26 -19.55 21.88
N HIS F 96 -15.35 -19.82 22.82
CA HIS F 96 -15.62 -20.81 23.85
C HIS F 96 -14.73 -20.54 25.05
N GLN F 97 -15.23 -20.84 26.23
CA GLN F 97 -14.54 -20.48 27.47
C GLN F 97 -13.25 -21.27 27.65
N ASP F 98 -13.11 -22.37 26.92
CA ASP F 98 -11.91 -23.21 27.05
C ASP F 98 -10.95 -23.07 25.87
N VAL F 99 -11.17 -22.07 25.03
CA VAL F 99 -10.20 -21.76 23.98
C VAL F 99 -8.81 -21.47 24.61
N THR F 100 -7.80 -22.16 24.10
CA THR F 100 -6.43 -22.01 24.57
C THR F 100 -5.49 -22.03 23.35
N LEU F 101 -4.24 -21.58 23.52
CA LEU F 101 -3.28 -21.59 22.41
C LEU F 101 -3.18 -22.98 21.78
N SER F 102 -2.94 -23.99 22.59
CA SER F 102 -2.77 -25.34 22.07
C SER F 102 -4.03 -25.82 21.32
N GLU F 103 -5.22 -25.42 21.76
CA GLU F 103 -6.44 -25.84 21.05
C GLU F 103 -6.55 -25.19 19.66
N VAL F 104 -6.30 -23.88 19.59
CA VAL F 104 -6.38 -23.16 18.31
C VAL F 104 -5.28 -23.64 17.36
N MET F 105 -4.12 -23.95 17.90
CA MET F 105 -3.05 -24.54 17.11
C MET F 105 -3.49 -25.85 16.47
N ALA F 106 -4.08 -26.75 17.26
CA ALA F 106 -4.54 -28.05 16.72
C ALA F 106 -5.65 -27.84 15.70
N LEU F 107 -6.60 -26.97 16.01
CA LEU F 107 -7.69 -26.69 15.07
C LEU F 107 -7.14 -26.16 13.73
N SER F 108 -6.15 -25.30 13.79
CA SER F 108 -5.55 -24.76 12.56
C SER F 108 -4.79 -25.82 11.78
N ALA F 109 -4.15 -26.76 12.49
CA ALA F 109 -3.44 -27.84 11.81
C ALA F 109 -4.43 -28.75 11.12
N TRP F 110 -5.52 -29.09 11.80
CA TRP F 110 -6.56 -29.92 11.19
C TRP F 110 -7.15 -29.21 9.96
N MET F 111 -7.20 -27.88 9.97
CA MET F 111 -7.62 -27.15 8.78
C MET F 111 -6.66 -27.36 7.59
N SER F 112 -5.36 -27.26 7.84
CA SER F 112 -4.35 -27.51 6.80
C SER F 112 -4.59 -28.88 6.18
N VAL F 113 -4.85 -29.86 7.04
CA VAL F 113 -4.95 -31.25 6.63
C VAL F 113 -6.23 -31.45 5.82
N LYS F 114 -7.37 -31.00 6.35
CA LYS F 114 -8.63 -31.23 5.66
C LYS F 114 -8.67 -30.50 4.30
N ASN F 115 -8.14 -29.28 4.26
CA ASN F 115 -8.07 -28.52 3.02
C ASN F 115 -7.23 -29.25 1.96
N ALA F 116 -6.11 -29.82 2.39
CA ALA F 116 -5.28 -30.60 1.47
C ALA F 116 -5.97 -31.90 1.08
N ALA F 117 -6.69 -32.50 2.04
CA ALA F 117 -7.37 -33.77 1.79
C ALA F 117 -8.44 -33.66 0.72
N VAL F 118 -9.23 -32.58 0.76
CA VAL F 118 -10.31 -32.42 -0.23
C VAL F 118 -9.89 -31.53 -1.39
N ASN F 119 -8.63 -31.11 -1.36
CA ASN F 119 -7.99 -30.37 -2.45
C ASN F 119 -8.58 -28.99 -2.70
N VAL F 120 -8.74 -28.20 -1.65
CA VAL F 120 -9.03 -26.80 -1.85
C VAL F 120 -7.73 -26.02 -1.74
N PRO F 121 -7.58 -24.96 -2.55
CA PRO F 121 -6.30 -24.23 -2.58
C PRO F 121 -6.16 -23.29 -1.38
N TYR F 122 -6.21 -23.86 -0.18
CA TYR F 122 -6.10 -23.10 1.06
C TYR F 122 -5.11 -23.72 2.03
N GLY F 123 -4.37 -22.85 2.71
CA GLY F 123 -3.65 -23.24 3.89
C GLY F 123 -4.63 -23.37 5.05
N GLY F 124 -4.19 -23.85 6.19
CA GLY F 124 -5.07 -24.01 7.33
C GLY F 124 -4.81 -22.91 8.36
N ALA F 125 -5.88 -22.37 8.92
CA ALA F 125 -5.76 -21.35 9.94
C ALA F 125 -6.95 -21.48 10.87
N LYS F 126 -6.86 -20.89 12.05
CA LYS F 126 -7.99 -20.92 12.97
C LYS F 126 -7.90 -19.74 13.92
N GLY F 127 -9.05 -19.31 14.42
CA GLY F 127 -9.10 -18.22 15.34
C GLY F 127 -9.88 -18.66 16.54
N GLY F 128 -9.69 -17.96 17.66
CA GLY F 128 -10.44 -18.26 18.87
C GLY F 128 -10.49 -17.06 19.79
N ILE F 129 -11.55 -16.96 20.59
CA ILE F 129 -11.60 -16.02 21.69
C ILE F 129 -11.99 -16.81 22.94
N ARG F 130 -11.18 -16.71 24.00
CA ARG F 130 -11.45 -17.44 25.23
C ARG F 130 -12.54 -16.68 26.00
N VAL F 131 -13.79 -17.06 25.78
CA VAL F 131 -14.94 -16.39 26.37
C VAL F 131 -16.18 -17.27 26.22
N ASP F 132 -17.04 -17.29 27.24
CA ASP F 132 -18.38 -17.85 27.09
C ASP F 132 -19.29 -16.75 26.54
N PRO F 133 -19.56 -16.79 25.23
CA PRO F 133 -20.33 -15.73 24.57
C PRO F 133 -21.75 -15.65 25.09
N ARG F 134 -22.31 -16.79 25.51
CA ARG F 134 -23.62 -16.86 26.17
C ARG F 134 -23.76 -15.88 27.35
N LYS F 135 -22.65 -15.57 28.01
CA LYS F 135 -22.69 -14.76 29.23
C LYS F 135 -22.42 -13.28 28.96
N LEU F 136 -22.09 -12.97 27.72
CA LEU F 136 -21.98 -11.59 27.30
C LEU F 136 -23.34 -11.06 26.89
N SER F 137 -23.60 -9.78 27.10
CA SER F 137 -24.77 -9.15 26.48
C SER F 137 -24.55 -9.06 24.98
N ARG F 138 -25.60 -8.79 24.23
CA ARG F 138 -25.45 -8.67 22.79
C ARG F 138 -24.50 -7.53 22.42
N GLY F 139 -24.59 -6.42 23.14
CA GLY F 139 -23.67 -5.31 22.98
C GLY F 139 -22.22 -5.73 23.22
N GLU F 140 -21.95 -6.36 24.36
CA GLU F 140 -20.60 -6.83 24.67
C GLU F 140 -20.05 -7.78 23.62
N LEU F 141 -20.91 -8.68 23.13
CA LEU F 141 -20.48 -9.69 22.18
C LEU F 141 -20.06 -9.06 20.84
N GLU F 142 -20.78 -8.04 20.42
CA GLU F 142 -20.42 -7.27 19.22
C GLU F 142 -19.09 -6.52 19.44
N ARG F 143 -18.94 -5.85 20.59
CA ARG F 143 -17.70 -5.10 20.87
C ARG F 143 -16.49 -6.01 20.90
N VAL F 144 -16.63 -7.17 21.55
CA VAL F 144 -15.56 -8.17 21.56
C VAL F 144 -15.24 -8.61 20.13
N THR F 145 -16.26 -8.88 19.33
CA THR F 145 -16.02 -9.32 17.95
C THR F 145 -15.29 -8.28 17.11
N ARG F 146 -15.73 -7.03 17.19
CA ARG F 146 -15.11 -5.97 16.40
C ARG F 146 -13.67 -5.69 16.85
N ARG F 147 -13.43 -5.69 18.16
CA ARG F 147 -12.06 -5.43 18.66
C ARG F 147 -11.09 -6.53 18.22
N TYR F 148 -11.52 -7.79 18.32
CA TYR F 148 -10.75 -8.93 17.84
C TYR F 148 -10.41 -8.80 16.35
N THR F 149 -11.43 -8.46 15.57
CA THR F 149 -11.24 -8.28 14.14
C THR F 149 -10.22 -7.18 13.85
N SER F 150 -10.31 -6.05 14.55
CA SER F 150 -9.36 -4.96 14.33
CA SER F 150 -9.35 -4.98 14.27
C SER F 150 -7.95 -5.42 14.69
N GLU F 151 -7.85 -6.22 15.75
CA GLU F 151 -6.54 -6.64 16.22
C GLU F 151 -5.84 -7.67 15.34
N ILE F 152 -6.60 -8.59 14.73
CA ILE F 152 -5.99 -9.58 13.86
C ILE F 152 -6.01 -9.11 12.39
N GLY F 153 -6.53 -7.91 12.15
CA GLY F 153 -6.60 -7.37 10.80
C GLY F 153 -5.26 -7.38 10.09
N ILE F 154 -4.18 -7.13 10.83
CA ILE F 154 -2.82 -7.16 10.26
C ILE F 154 -2.45 -8.44 9.53
N ILE F 155 -3.08 -9.57 9.86
CA ILE F 155 -2.74 -10.81 9.14
C ILE F 155 -3.93 -11.51 8.48
N ILE F 156 -5.07 -10.85 8.39
CA ILE F 156 -6.18 -11.45 7.62
C ILE F 156 -6.52 -10.57 6.43
N GLY F 157 -7.40 -11.07 5.57
CA GLY F 157 -7.73 -10.41 4.33
C GLY F 157 -8.24 -11.40 3.30
N PRO F 158 -9.02 -10.92 2.32
CA PRO F 158 -9.63 -11.76 1.29
C PRO F 158 -8.60 -12.58 0.53
N ASN F 159 -7.36 -12.12 0.50
CA ASN F 159 -6.30 -12.79 -0.27
C ASN F 159 -5.18 -13.33 0.61
N THR F 160 -5.42 -13.38 1.92
CA THR F 160 -4.34 -13.66 2.89
C THR F 160 -4.72 -14.75 3.87
N ASP F 161 -5.88 -14.57 4.49
CA ASP F 161 -6.39 -15.47 5.52
C ASP F 161 -7.87 -15.12 5.72
N ILE F 162 -8.73 -16.11 5.58
CA ILE F 162 -10.16 -15.86 5.50
C ILE F 162 -10.92 -16.65 6.59
N PRO F 163 -11.29 -15.96 7.68
CA PRO F 163 -12.06 -16.61 8.75
C PRO F 163 -13.43 -17.11 8.31
N ALA F 164 -14.15 -17.72 9.25
CA ALA F 164 -15.39 -18.45 8.98
C ALA F 164 -16.00 -18.81 10.34
N PRO F 165 -17.24 -19.34 10.34
CA PRO F 165 -17.78 -19.69 11.66
C PRO F 165 -17.13 -20.95 12.25
N ASP F 166 -17.32 -21.14 13.55
CA ASP F 166 -16.99 -22.41 14.23
C ASP F 166 -17.91 -22.47 15.47
N VAL F 167 -17.48 -23.08 16.57
CA VAL F 167 -18.35 -23.20 17.75
C VAL F 167 -18.72 -21.82 18.30
N ASN F 168 -20.02 -21.63 18.53
CA ASN F 168 -20.62 -20.36 19.00
C ASN F 168 -20.42 -19.15 18.11
N THR F 169 -20.03 -19.34 16.85
CA THR F 169 -20.08 -18.23 15.92
C THR F 169 -20.92 -18.65 14.71
N ASN F 170 -21.18 -17.70 13.82
CA ASN F 170 -22.34 -17.80 12.93
C ASN F 170 -22.35 -16.63 11.97
N GLU F 171 -23.46 -16.46 11.25
CA GLU F 171 -23.63 -15.39 10.26
CA GLU F 171 -23.49 -15.41 10.23
C GLU F 171 -23.47 -14.01 10.85
N GLN F 172 -24.04 -13.82 12.04
CA GLN F 172 -23.98 -12.51 12.69
C GLN F 172 -22.56 -12.15 13.05
N ILE F 173 -21.83 -13.10 13.63
CA ILE F 173 -20.45 -12.86 13.99
C ILE F 173 -19.65 -12.55 12.71
N MET F 174 -19.95 -13.27 11.63
CA MET F 174 -19.23 -13.05 10.37
C MET F 174 -19.53 -11.68 9.81
N ALA F 175 -20.80 -11.27 9.93
CA ALA F 175 -21.21 -9.95 9.45
C ALA F 175 -20.43 -8.86 10.18
N TRP F 176 -20.33 -8.96 11.51
CA TRP F 176 -19.63 -7.95 12.31
C TRP F 176 -18.12 -7.95 11.98
N MET F 177 -17.56 -9.14 11.75
CA MET F 177 -16.14 -9.24 11.35
C MET F 177 -15.94 -8.55 9.99
N MET F 178 -16.83 -8.84 9.06
CA MET F 178 -16.72 -8.29 7.71
C MET F 178 -16.86 -6.76 7.73
N ASP F 179 -17.82 -6.28 8.49
CA ASP F 179 -18.02 -4.83 8.62
C ASP F 179 -16.81 -4.18 9.25
N THR F 180 -16.32 -4.73 10.36
CA THR F 180 -15.17 -4.15 11.06
C THR F 180 -13.96 -4.06 10.14
N TYR F 181 -13.67 -5.15 9.44
CA TYR F 181 -12.53 -5.16 8.54
C TYR F 181 -12.72 -4.12 7.43
N SER F 182 -13.93 -4.02 6.90
CA SER F 182 -14.21 -3.07 5.83
C SER F 182 -14.03 -1.60 6.32
N MET F 183 -14.53 -1.32 7.52
CA MET F 183 -14.44 0.05 8.02
C MET F 183 -12.99 0.39 8.34
N ASN F 184 -12.24 -0.55 8.90
CA ASN F 184 -10.81 -0.33 9.14
C ASN F 184 -10.08 -0.04 7.81
N GLN F 185 -10.29 -0.89 6.80
CA GLN F 185 -9.61 -0.77 5.50
C GLN F 185 -10.11 0.38 4.63
N GLY F 186 -11.36 0.80 4.83
CA GLY F 186 -11.89 1.94 4.09
C GLY F 186 -12.76 1.56 2.89
N GLN F 187 -12.96 0.26 2.69
CA GLN F 187 -13.79 -0.22 1.59
C GLN F 187 -14.50 -1.52 1.96
N THR F 188 -15.74 -1.68 1.51
CA THR F 188 -16.45 -2.96 1.67
C THR F 188 -15.60 -4.08 1.07
N ALA F 189 -15.32 -5.09 1.88
CA ALA F 189 -14.60 -6.28 1.42
C ALA F 189 -15.37 -7.55 1.79
N THR F 190 -16.32 -7.95 0.96
CA THR F 190 -17.18 -9.09 1.30
C THR F 190 -16.41 -10.41 1.42
N GLY F 191 -15.29 -10.52 0.73
CA GLY F 191 -14.54 -11.77 0.72
C GLY F 191 -13.62 -12.02 1.91
N VAL F 192 -13.67 -11.17 2.93
CA VAL F 192 -12.70 -11.30 4.03
C VAL F 192 -13.06 -12.47 4.96
N VAL F 193 -14.34 -12.83 4.98
CA VAL F 193 -14.83 -13.97 5.75
C VAL F 193 -15.81 -14.77 4.91
N THR F 194 -16.04 -16.02 5.29
CA THR F 194 -17.13 -16.82 4.72
C THR F 194 -18.11 -17.18 5.84
N GLY F 195 -19.22 -17.81 5.46
CA GLY F 195 -20.31 -18.00 6.40
C GLY F 195 -21.14 -16.74 6.62
N LYS F 196 -21.12 -15.85 5.64
CA LYS F 196 -21.87 -14.58 5.69
C LYS F 196 -23.38 -14.78 5.61
N PRO F 197 -24.17 -13.81 6.12
CA PRO F 197 -25.60 -13.90 5.80
C PRO F 197 -25.81 -13.72 4.30
N ILE F 198 -26.91 -14.25 3.76
CA ILE F 198 -27.18 -14.13 2.33
C ILE F 198 -27.16 -12.66 1.88
N SER F 199 -27.72 -11.78 2.71
CA SER F 199 -27.79 -10.35 2.38
C SER F 199 -26.40 -9.73 2.17
N LEU F 200 -25.37 -10.34 2.75
CA LEU F 200 -24.02 -9.89 2.56
C LEU F 200 -23.23 -10.82 1.62
N GLY F 201 -23.92 -11.72 0.94
CA GLY F 201 -23.29 -12.59 -0.04
C GLY F 201 -23.20 -14.09 0.25
N GLY F 202 -23.56 -14.50 1.45
CA GLY F 202 -23.49 -15.90 1.83
C GLY F 202 -24.66 -16.72 1.30
N SER F 203 -24.72 -17.99 1.69
CA SER F 203 -25.75 -18.92 1.20
C SER F 203 -26.31 -19.84 2.31
N LEU F 204 -27.54 -20.31 2.11
CA LEU F 204 -28.09 -21.39 2.96
C LEU F 204 -27.42 -22.71 2.57
N GLY F 205 -26.83 -22.71 1.38
CA GLY F 205 -25.94 -23.78 0.97
C GLY F 205 -24.76 -23.88 1.93
N ARG F 206 -24.09 -22.76 2.18
CA ARG F 206 -22.97 -22.74 3.12
C ARG F 206 -23.38 -23.12 4.54
N LYS F 207 -24.53 -22.59 4.97
CA LYS F 207 -25.11 -22.88 6.28
C LYS F 207 -25.22 -24.39 6.56
N GLU F 208 -25.63 -25.16 5.56
CA GLU F 208 -25.85 -26.59 5.74
C GLU F 208 -24.70 -27.44 5.23
N ALA F 209 -23.68 -26.79 4.66
CA ALA F 209 -22.61 -27.49 3.96
C ALA F 209 -21.91 -28.57 4.80
N THR F 210 -21.53 -28.22 6.02
CA THR F 210 -20.78 -29.17 6.87
C THR F 210 -21.63 -30.38 7.26
N GLY F 211 -22.87 -30.12 7.68
CA GLY F 211 -23.77 -31.21 8.01
C GLY F 211 -24.06 -32.07 6.80
N ARG F 212 -24.18 -31.43 5.64
CA ARG F 212 -24.43 -32.13 4.39
C ARG F 212 -23.28 -33.08 4.07
N GLY F 213 -22.06 -32.59 4.22
CA GLY F 213 -20.88 -33.39 3.96
C GLY F 213 -20.77 -34.57 4.90
N VAL F 214 -21.11 -34.33 6.17
CA VAL F 214 -21.15 -35.41 7.15
C VAL F 214 -22.14 -36.49 6.69
N PHE F 215 -23.31 -36.06 6.23
CA PHE F 215 -24.33 -36.99 5.74
C PHE F 215 -23.86 -37.76 4.50
N VAL F 216 -23.31 -37.04 3.53
CA VAL F 216 -22.82 -37.65 2.28
C VAL F 216 -21.75 -38.68 2.56
N VAL F 217 -20.77 -38.30 3.37
CA VAL F 217 -19.66 -39.19 3.68
C VAL F 217 -20.18 -40.39 4.49
N GLY F 218 -21.08 -40.15 5.42
CA GLY F 218 -21.69 -41.22 6.19
C GLY F 218 -22.41 -42.28 5.36
N CYS F 219 -23.10 -41.85 4.31
CA CYS F 219 -23.78 -42.78 3.40
C CYS F 219 -22.78 -43.58 2.58
N GLU F 220 -21.67 -42.95 2.21
CA GLU F 220 -20.63 -43.64 1.45
C GLU F 220 -19.98 -44.73 2.29
N ALA F 221 -19.74 -44.44 3.56
CA ALA F 221 -19.18 -45.42 4.48
C ALA F 221 -20.18 -46.55 4.78
N ALA F 222 -21.46 -46.19 4.86
CA ALA F 222 -22.51 -47.19 5.07
C ALA F 222 -22.65 -48.12 3.85
N LYS F 223 -22.41 -47.60 2.65
CA LYS F 223 -22.38 -48.43 1.44
C LYS F 223 -21.30 -49.49 1.55
N LYS F 224 -20.14 -49.09 2.09
CA LYS F 224 -18.99 -49.98 2.22
C LYS F 224 -19.19 -50.99 3.34
N LYS F 225 -19.78 -50.55 4.44
CA LYS F 225 -19.94 -51.39 5.63
C LYS F 225 -21.19 -52.24 5.52
N GLY F 226 -22.05 -51.95 4.55
CA GLY F 226 -23.25 -52.74 4.32
C GLY F 226 -24.47 -52.32 5.12
N VAL F 227 -24.44 -51.09 5.64
CA VAL F 227 -25.53 -50.54 6.44
C VAL F 227 -26.59 -49.85 5.58
N GLU F 228 -27.85 -50.31 5.68
CA GLU F 228 -28.96 -49.62 5.04
C GLU F 228 -29.33 -48.35 5.83
N ILE F 229 -29.41 -47.21 5.15
CA ILE F 229 -29.69 -45.94 5.83
C ILE F 229 -31.11 -45.92 6.38
N GLU F 230 -32.05 -46.48 5.61
CA GLU F 230 -33.43 -46.59 6.07
C GLU F 230 -33.53 -47.54 7.26
N GLY F 231 -33.98 -47.02 8.40
CA GLY F 231 -34.10 -47.81 9.61
C GLY F 231 -32.88 -47.74 10.51
N ALA F 232 -31.77 -47.26 9.98
CA ALA F 232 -30.52 -47.18 10.74
C ALA F 232 -30.68 -46.34 12.00
N ARG F 233 -30.09 -46.81 13.10
CA ARG F 233 -30.07 -46.06 14.35
C ARG F 233 -28.95 -45.04 14.30
N ILE F 234 -29.27 -43.80 14.63
CA ILE F 234 -28.27 -42.73 14.64
C ILE F 234 -28.17 -42.13 16.03
N ALA F 235 -26.95 -41.95 16.53
CA ALA F 235 -26.71 -41.15 17.72
C ALA F 235 -25.82 -39.97 17.34
N VAL F 236 -26.17 -38.79 17.84
CA VAL F 236 -25.41 -37.58 17.51
C VAL F 236 -25.03 -36.82 18.77
N GLN F 237 -23.74 -36.50 18.90
CA GLN F 237 -23.29 -35.61 19.98
C GLN F 237 -23.12 -34.22 19.42
N GLY F 238 -23.82 -33.26 20.01
CA GLY F 238 -23.88 -31.92 19.47
C GLY F 238 -25.08 -31.82 18.55
N PHE F 239 -25.76 -30.69 18.60
CA PHE F 239 -26.95 -30.49 17.78
C PHE F 239 -26.98 -29.04 17.32
N GLY F 240 -25.78 -28.53 17.02
CA GLY F 240 -25.61 -27.18 16.56
C GLY F 240 -25.62 -27.18 15.05
N ASN F 241 -24.88 -26.26 14.47
CA ASN F 241 -24.84 -26.13 13.01
C ASN F 241 -24.45 -27.43 12.30
N VAL F 242 -23.47 -28.16 12.85
CA VAL F 242 -23.04 -29.42 12.24
C VAL F 242 -23.98 -30.58 12.63
N GLY F 243 -24.13 -30.80 13.92
CA GLY F 243 -24.93 -31.92 14.42
C GLY F 243 -26.39 -31.85 14.03
N GLY F 244 -27.00 -30.67 14.21
CA GLY F 244 -28.41 -30.46 13.90
C GLY F 244 -28.77 -30.70 12.44
N ILE F 245 -27.95 -30.22 11.53
CA ILE F 245 -28.18 -30.41 10.09
C ILE F 245 -27.96 -31.86 9.67
N ALA F 246 -26.90 -32.47 10.19
CA ALA F 246 -26.59 -33.87 9.88
C ALA F 246 -27.72 -34.81 10.30
N ALA F 247 -28.23 -34.62 11.52
CA ALA F 247 -29.30 -35.44 12.05
C ALA F 247 -30.58 -35.30 11.22
N LYS F 248 -30.89 -34.06 10.84
CA LYS F 248 -32.03 -33.77 10.00
C LYS F 248 -31.98 -34.55 8.69
N LEU F 249 -30.87 -34.43 7.97
CA LEU F 249 -30.71 -35.12 6.69
C LEU F 249 -30.81 -36.63 6.83
N PHE F 250 -30.26 -37.17 7.92
CA PHE F 250 -30.35 -38.61 8.15
C PHE F 250 -31.77 -39.09 8.41
N GLN F 251 -32.56 -38.31 9.13
CA GLN F 251 -33.96 -38.67 9.35
C GLN F 251 -34.70 -38.62 8.02
N GLU F 252 -34.46 -37.56 7.26
CA GLU F 252 -35.11 -37.39 5.98
C GLU F 252 -34.75 -38.53 5.01
N ALA F 253 -33.57 -39.13 5.22
CA ALA F 253 -33.14 -40.27 4.40
C ALA F 253 -33.73 -41.56 4.95
N GLY F 254 -34.46 -41.47 6.06
CA GLY F 254 -35.16 -42.61 6.60
C GLY F 254 -34.56 -43.25 7.84
N ALA F 255 -33.46 -42.68 8.32
CA ALA F 255 -32.83 -43.20 9.53
C ALA F 255 -33.55 -42.67 10.75
N LYS F 256 -33.25 -43.25 11.91
CA LYS F 256 -33.88 -42.81 13.14
C LYS F 256 -32.82 -42.29 14.09
N VAL F 257 -32.94 -41.02 14.44
CA VAL F 257 -32.01 -40.41 15.38
C VAL F 257 -32.51 -40.69 16.80
N ILE F 258 -31.87 -41.66 17.46
CA ILE F 258 -32.40 -42.21 18.70
C ILE F 258 -31.79 -41.62 19.98
N ALA F 259 -30.66 -40.94 19.87
CA ALA F 259 -30.00 -40.39 21.03
C ALA F 259 -29.17 -39.17 20.66
N VAL F 260 -29.47 -38.06 21.30
CA VAL F 260 -28.70 -36.83 21.10
C VAL F 260 -28.15 -36.35 22.44
N GLN F 261 -26.88 -35.96 22.45
CA GLN F 261 -26.29 -35.34 23.62
C GLN F 261 -25.72 -33.99 23.24
N ASP F 262 -25.97 -32.97 24.07
CA ASP F 262 -25.24 -31.71 23.94
C ASP F 262 -24.80 -31.20 25.31
N HIS F 263 -24.43 -29.93 25.40
CA HIS F 263 -23.88 -29.40 26.64
C HIS F 263 -24.91 -29.33 27.76
N THR F 264 -26.19 -29.53 27.43
CA THR F 264 -27.28 -29.41 28.40
C THR F 264 -27.73 -30.76 28.96
N GLY F 265 -27.35 -31.85 28.29
CA GLY F 265 -27.69 -33.19 28.75
C GLY F 265 -27.90 -34.17 27.62
N THR F 266 -28.47 -35.33 27.93
CA THR F 266 -28.73 -36.34 26.92
C THR F 266 -30.22 -36.70 26.89
N ILE F 267 -30.74 -36.89 25.67
CA ILE F 267 -32.09 -37.41 25.48
C ILE F 267 -32.06 -38.68 24.64
N HIS F 268 -33.09 -39.51 24.81
CA HIS F 268 -33.21 -40.79 24.12
C HIS F 268 -34.62 -40.97 23.59
N GLN F 269 -34.74 -41.50 22.38
CA GLN F 269 -36.03 -41.78 21.77
C GLN F 269 -35.88 -42.89 20.74
N PRO F 270 -36.16 -44.14 21.16
CA PRO F 270 -36.02 -45.35 20.33
C PRO F 270 -36.73 -45.27 18.97
N ALA F 271 -37.83 -44.55 18.89
CA ALA F 271 -38.56 -44.40 17.63
C ALA F 271 -37.87 -43.40 16.71
N GLY F 272 -36.90 -42.68 17.27
CA GLY F 272 -36.24 -41.60 16.57
C GLY F 272 -36.93 -40.30 16.87
N VAL F 273 -36.15 -39.26 17.13
CA VAL F 273 -36.70 -37.95 17.46
C VAL F 273 -37.20 -37.20 16.24
N ASP F 274 -38.18 -36.32 16.44
CA ASP F 274 -38.53 -35.35 15.41
C ASP F 274 -37.45 -34.28 15.37
N THR F 275 -36.49 -34.43 14.45
CA THR F 275 -35.35 -33.52 14.39
C THR F 275 -35.80 -32.09 14.08
N ALA F 276 -36.88 -31.96 13.32
CA ALA F 276 -37.46 -30.65 13.03
C ALA F 276 -37.88 -29.95 14.31
N LYS F 277 -38.58 -30.69 15.17
CA LYS F 277 -39.04 -30.15 16.44
C LYS F 277 -37.87 -29.91 17.39
N LEU F 278 -36.89 -30.80 17.34
CA LEU F 278 -35.73 -30.69 18.22
C LEU F 278 -34.90 -29.46 17.88
N LEU F 279 -34.75 -29.19 16.57
CA LEU F 279 -34.06 -27.99 16.10
C LEU F 279 -34.78 -26.74 16.62
N ASP F 280 -36.10 -26.80 16.64
CA ASP F 280 -36.87 -25.68 17.16
C ASP F 280 -36.71 -25.56 18.68
N HIS F 281 -36.75 -26.69 19.37
CA HIS F 281 -36.54 -26.72 20.83
C HIS F 281 -35.17 -26.16 21.20
N VAL F 282 -34.14 -26.61 20.49
CA VAL F 282 -32.78 -26.17 20.73
C VAL F 282 -32.65 -24.68 20.47
N GLY F 283 -33.28 -24.21 19.40
CA GLY F 283 -33.33 -22.79 19.11
C GLY F 283 -33.98 -21.99 20.23
N ARG F 284 -35.04 -22.55 20.82
CA ARG F 284 -35.81 -21.84 21.84
C ARG F 284 -35.16 -21.85 23.23
N THR F 285 -34.58 -22.98 23.62
CA THR F 285 -34.06 -23.13 24.98
C THR F 285 -32.53 -23.21 25.05
N GLY F 286 -31.88 -23.42 23.91
CA GLY F 286 -30.42 -23.47 23.85
C GLY F 286 -29.82 -24.86 23.94
N GLY F 287 -30.67 -25.89 23.96
CA GLY F 287 -30.19 -27.26 24.06
C GLY F 287 -31.31 -28.28 24.09
N VAL F 288 -30.95 -29.55 23.98
CA VAL F 288 -31.91 -30.65 23.87
C VAL F 288 -32.61 -30.99 25.19
N ALA F 289 -32.02 -30.62 26.32
CA ALA F 289 -32.63 -30.91 27.62
C ALA F 289 -34.05 -30.36 27.68
N GLY F 290 -34.99 -31.20 28.11
CA GLY F 290 -36.37 -30.76 28.22
C GLY F 290 -37.24 -31.04 27.01
N PHE F 291 -36.65 -31.58 25.95
CA PHE F 291 -37.41 -31.90 24.73
C PHE F 291 -38.59 -32.83 25.05
N GLU F 292 -39.81 -32.37 24.73
CA GLU F 292 -41.01 -33.13 25.06
C GLU F 292 -41.12 -34.45 24.28
N GLY F 293 -40.51 -34.53 23.11
CA GLY F 293 -40.60 -35.72 22.28
C GLY F 293 -39.54 -36.78 22.58
N ALA F 294 -38.97 -36.73 23.78
CA ALA F 294 -37.92 -37.68 24.16
C ALA F 294 -37.88 -37.85 25.68
N GLU F 295 -36.99 -38.72 26.15
CA GLU F 295 -36.80 -38.90 27.59
C GLU F 295 -35.34 -38.62 27.96
N PRO F 296 -35.11 -38.01 29.14
CA PRO F 296 -33.74 -37.72 29.58
C PRO F 296 -32.96 -39.02 29.85
N MET F 297 -31.64 -38.93 29.76
CA MET F 297 -30.78 -40.10 29.92
C MET F 297 -29.45 -39.67 30.52
N PRO F 298 -28.87 -40.51 31.40
CA PRO F 298 -27.52 -40.25 31.92
C PRO F 298 -26.52 -39.97 30.80
N ASN F 299 -25.66 -38.97 30.96
CA ASN F 299 -24.74 -38.55 29.90
C ASN F 299 -23.73 -39.63 29.55
N ASP F 300 -23.35 -40.45 30.52
CA ASP F 300 -22.42 -41.54 30.27
C ASP F 300 -23.07 -42.62 29.42
N GLU F 301 -24.38 -42.79 29.59
CA GLU F 301 -25.10 -43.84 28.88
C GLU F 301 -25.30 -43.53 27.39
N PHE F 302 -25.05 -42.28 27.01
CA PHE F 302 -25.15 -41.89 25.60
C PHE F 302 -24.24 -42.76 24.74
N TRP F 303 -23.02 -42.96 25.23
CA TRP F 303 -21.99 -43.69 24.48
C TRP F 303 -22.28 -45.18 24.40
N THR F 304 -23.13 -45.67 25.29
CA THR F 304 -23.39 -47.10 25.36
C THR F 304 -24.60 -47.51 24.50
N VAL F 305 -25.41 -46.56 24.07
CA VAL F 305 -26.59 -46.90 23.26
C VAL F 305 -26.20 -47.48 21.91
N GLU F 306 -26.78 -48.63 21.59
CA GLU F 306 -26.42 -49.38 20.38
C GLU F 306 -27.00 -48.73 19.13
N THR F 307 -26.13 -48.35 18.21
CA THR F 307 -26.56 -47.66 17.00
C THR F 307 -25.93 -48.26 15.73
N GLU F 308 -26.34 -47.74 14.57
CA GLU F 308 -25.69 -48.08 13.31
C GLU F 308 -24.61 -47.05 13.01
N ILE F 309 -24.86 -45.81 13.40
CA ILE F 309 -23.95 -44.69 13.14
C ILE F 309 -23.87 -43.76 14.34
N LEU F 310 -22.65 -43.42 14.73
CA LEU F 310 -22.39 -42.43 15.78
C LEU F 310 -21.73 -41.18 15.18
N ILE F 311 -22.30 -40.02 15.46
CA ILE F 311 -21.78 -38.76 14.94
C ILE F 311 -21.36 -37.77 16.03
N PRO F 312 -20.08 -37.81 16.41
CA PRO F 312 -19.58 -36.79 17.34
C PRO F 312 -19.47 -35.44 16.63
N ALA F 313 -20.33 -34.50 16.99
CA ALA F 313 -20.38 -33.20 16.31
C ALA F 313 -20.37 -32.08 17.34
N ALA F 314 -19.69 -32.33 18.45
CA ALA F 314 -19.50 -31.30 19.47
C ALA F 314 -18.02 -30.92 19.54
N LEU F 315 -17.39 -31.07 20.71
CA LEU F 315 -16.02 -30.59 20.88
C LEU F 315 -15.00 -31.72 20.79
N GLU F 316 -13.73 -31.45 21.11
CA GLU F 316 -12.69 -32.46 20.91
C GLU F 316 -12.62 -33.42 22.10
N ASN F 317 -11.86 -34.50 21.93
CA ASN F 317 -11.52 -35.41 23.02
C ASN F 317 -12.74 -36.01 23.73
N GLN F 318 -13.72 -36.43 22.94
CA GLN F 318 -14.99 -36.94 23.46
C GLN F 318 -15.02 -38.46 23.42
N ILE F 319 -14.38 -39.03 22.41
CA ILE F 319 -14.17 -40.47 22.34
C ILE F 319 -12.73 -40.76 22.72
N THR F 320 -12.56 -41.36 23.88
CA THR F 320 -11.24 -41.59 24.46
C THR F 320 -11.11 -43.04 24.91
N GLU F 321 -9.94 -43.39 25.43
CA GLU F 321 -9.72 -44.76 25.92
C GLU F 321 -10.54 -45.06 27.17
N LYS F 322 -11.14 -44.03 27.76
CA LYS F 322 -12.01 -44.22 28.91
C LYS F 322 -13.38 -44.78 28.51
N ASN F 323 -13.87 -44.41 27.32
CA ASN F 323 -15.21 -44.86 26.92
C ASN F 323 -15.33 -45.59 25.57
N ALA F 324 -14.23 -45.64 24.82
CA ALA F 324 -14.29 -46.21 23.46
C ALA F 324 -14.72 -47.67 23.45
N SER F 325 -14.27 -48.44 24.44
CA SER F 325 -14.60 -49.87 24.51
CA SER F 325 -14.60 -49.87 24.51
C SER F 325 -16.08 -50.10 24.77
N LYS F 326 -16.74 -49.12 25.36
CA LYS F 326 -18.16 -49.25 25.68
C LYS F 326 -19.04 -48.94 24.47
N ILE F 327 -18.45 -48.34 23.44
CA ILE F 327 -19.22 -47.88 22.28
C ILE F 327 -19.65 -49.05 21.41
N ARG F 328 -20.94 -49.08 21.08
CA ARG F 328 -21.52 -50.13 20.23
C ARG F 328 -22.19 -49.54 19.00
N THR F 329 -21.41 -49.38 17.94
CA THR F 329 -21.91 -48.84 16.68
C THR F 329 -21.13 -49.47 15.54
N LYS F 330 -21.62 -49.29 14.31
CA LYS F 330 -20.95 -49.84 13.14
C LYS F 330 -20.00 -48.81 12.52
N ILE F 331 -20.43 -47.56 12.52
CA ILE F 331 -19.67 -46.47 11.91
C ILE F 331 -19.63 -45.23 12.82
N ILE F 332 -18.45 -44.61 12.88
CA ILE F 332 -18.31 -43.29 13.46
C ILE F 332 -17.97 -42.33 12.33
N VAL F 333 -18.71 -41.23 12.25
CA VAL F 333 -18.47 -40.18 11.27
C VAL F 333 -18.20 -38.89 12.04
N GLU F 334 -16.96 -38.42 12.04
CA GLU F 334 -16.59 -37.26 12.86
C GLU F 334 -16.96 -35.94 12.19
N GLY F 335 -17.97 -35.27 12.74
CA GLY F 335 -18.34 -33.93 12.31
C GLY F 335 -17.48 -32.93 13.06
N ALA F 336 -17.21 -33.24 14.32
CA ALA F 336 -16.39 -32.38 15.17
C ALA F 336 -14.93 -32.40 14.72
N ASN F 337 -14.18 -31.35 15.06
CA ASN F 337 -12.72 -31.42 14.91
C ASN F 337 -12.11 -32.15 16.12
N GLY F 338 -11.27 -33.16 15.83
CA GLY F 338 -10.60 -33.91 16.88
C GLY F 338 -11.41 -34.55 18.01
N PRO F 339 -12.58 -35.14 17.70
CA PRO F 339 -13.36 -35.74 18.80
C PRO F 339 -12.81 -37.08 19.32
N THR F 340 -11.93 -37.72 18.55
CA THR F 340 -11.45 -39.06 18.89
C THR F 340 -9.92 -39.13 19.00
N THR F 341 -9.43 -39.70 20.10
CA THR F 341 -8.00 -39.85 20.32
C THR F 341 -7.42 -41.05 19.60
N THR F 342 -6.11 -41.05 19.37
CA THR F 342 -5.45 -42.17 18.69
C THR F 342 -5.56 -43.44 19.53
N ALA F 343 -5.56 -43.30 20.85
CA ALA F 343 -5.76 -44.45 21.73
C ALA F 343 -7.18 -45.04 21.55
N ALA F 344 -8.16 -44.17 21.35
CA ALA F 344 -9.52 -44.62 21.08
C ALA F 344 -9.60 -45.31 19.70
N ASP F 345 -8.92 -44.72 18.72
CA ASP F 345 -8.84 -45.31 17.38
C ASP F 345 -8.44 -46.78 17.41
N ASP F 346 -7.39 -47.09 18.17
CA ASP F 346 -6.89 -48.45 18.28
C ASP F 346 -7.92 -49.38 18.90
N ILE F 347 -8.63 -48.88 19.90
CA ILE F 347 -9.67 -49.65 20.58
C ILE F 347 -10.84 -49.93 19.64
N LEU F 348 -11.24 -48.91 18.88
CA LEU F 348 -12.36 -49.01 17.96
C LEU F 348 -12.06 -49.93 16.79
N SER F 349 -10.81 -49.90 16.32
CA SER F 349 -10.39 -50.78 15.24
C SER F 349 -10.45 -52.24 15.70
N ALA F 350 -10.07 -52.48 16.95
CA ALA F 350 -10.10 -53.83 17.52
C ALA F 350 -11.52 -54.35 17.66
N ASN F 351 -12.48 -53.44 17.84
CA ASN F 351 -13.88 -53.83 17.99
C ASN F 351 -14.67 -53.79 16.68
N GLY F 352 -13.98 -53.57 15.57
CA GLY F 352 -14.60 -53.60 14.27
C GLY F 352 -15.40 -52.36 13.89
N VAL F 353 -15.16 -51.25 14.59
CA VAL F 353 -15.85 -50.01 14.27
C VAL F 353 -15.14 -49.27 13.14
N LEU F 354 -15.89 -48.94 12.09
CA LEU F 354 -15.36 -48.15 10.98
C LEU F 354 -15.40 -46.67 11.36
N VAL F 355 -14.23 -46.03 11.41
CA VAL F 355 -14.11 -44.64 11.87
C VAL F 355 -13.70 -43.68 10.74
N ILE F 356 -14.63 -42.85 10.32
CA ILE F 356 -14.35 -41.87 9.28
C ILE F 356 -13.86 -40.55 9.90
N PRO F 357 -12.63 -40.12 9.55
CA PRO F 357 -11.98 -38.97 10.19
C PRO F 357 -12.62 -37.64 9.88
N ASP F 358 -12.60 -36.76 10.88
CA ASP F 358 -12.96 -35.35 10.74
C ASP F 358 -12.44 -34.72 9.43
N VAL F 359 -11.16 -34.95 9.13
CA VAL F 359 -10.47 -34.22 8.06
C VAL F 359 -11.00 -34.55 6.67
N ILE F 360 -11.86 -35.55 6.59
CA ILE F 360 -12.64 -35.79 5.38
C ILE F 360 -14.10 -35.48 5.65
N ALA F 361 -14.63 -36.06 6.73
CA ALA F 361 -16.07 -36.02 7.00
C ALA F 361 -16.63 -34.60 7.17
N ASN F 362 -15.89 -33.69 7.79
CA ASN F 362 -16.45 -32.37 8.05
C ASN F 362 -16.01 -31.29 7.05
N ALA F 363 -15.35 -31.71 5.96
CA ALA F 363 -14.75 -30.73 5.05
C ALA F 363 -15.78 -30.05 4.12
N GLY F 364 -17.06 -30.40 4.28
CA GLY F 364 -18.12 -29.76 3.52
C GLY F 364 -18.18 -28.24 3.70
N GLY F 365 -17.97 -27.79 4.94
CA GLY F 365 -18.02 -26.37 5.24
C GLY F 365 -17.02 -25.56 4.45
N VAL F 366 -15.75 -25.96 4.53
CA VAL F 366 -14.70 -25.23 3.84
C VAL F 366 -14.86 -25.34 2.33
N THR F 367 -15.41 -26.45 1.84
CA THR F 367 -15.59 -26.66 0.40
C THR F 367 -16.49 -25.57 -0.18
N VAL F 368 -17.57 -25.27 0.53
CA VAL F 368 -18.52 -24.26 0.06
C VAL F 368 -18.02 -22.85 0.41
N SER F 369 -17.30 -22.72 1.52
CA SER F 369 -16.58 -21.47 1.82
C SER F 369 -15.74 -21.05 0.61
N TYR F 370 -15.02 -22.01 0.05
CA TYR F 370 -14.26 -21.78 -1.18
C TYR F 370 -15.15 -21.29 -2.31
N PHE F 371 -16.36 -21.84 -2.38
CA PHE F 371 -17.28 -21.50 -3.47
C PHE F 371 -17.82 -20.09 -3.24
N GLU F 372 -18.01 -19.75 -1.97
CA GLU F 372 -18.52 -18.44 -1.55
C GLU F 372 -17.45 -17.38 -1.81
N TRP F 373 -16.22 -17.71 -1.46
CA TRP F 373 -15.06 -16.86 -1.70
C TRP F 373 -14.92 -16.48 -3.18
N VAL F 374 -15.17 -17.45 -4.05
CA VAL F 374 -15.10 -17.24 -5.50
C VAL F 374 -16.22 -16.33 -6.00
N GLN F 375 -17.42 -16.51 -5.48
CA GLN F 375 -18.57 -15.67 -5.84
C GLN F 375 -18.32 -14.21 -5.49
N THR F 383 -27.94 -22.45 -8.71
CA THR F 383 -28.91 -22.36 -7.61
C THR F 383 -28.29 -22.85 -6.30
N GLU F 384 -29.14 -23.13 -5.31
CA GLU F 384 -28.66 -23.80 -4.10
C GLU F 384 -28.52 -25.28 -4.39
N ASP F 385 -29.43 -25.80 -5.22
CA ASP F 385 -29.38 -27.19 -5.66
C ASP F 385 -28.10 -27.43 -6.46
N GLU F 386 -27.75 -26.47 -7.30
CA GLU F 386 -26.50 -26.54 -8.06
C GLU F 386 -25.29 -26.61 -7.13
N ILE F 387 -25.24 -25.70 -6.17
CA ILE F 387 -24.16 -25.67 -5.18
C ILE F 387 -24.08 -26.99 -4.42
N ASN F 388 -25.23 -27.57 -4.10
CA ASN F 388 -25.26 -28.80 -3.32
C ASN F 388 -24.80 -30.03 -4.08
N HIS F 389 -25.02 -30.06 -5.39
CA HIS F 389 -24.58 -31.19 -6.20
C HIS F 389 -23.07 -31.17 -6.39
N ARG F 390 -22.49 -29.97 -6.37
CA ARG F 390 -21.04 -29.83 -6.47
C ARG F 390 -20.38 -30.33 -5.19
N LEU F 391 -20.99 -29.99 -4.06
CA LEU F 391 -20.50 -30.43 -2.75
C LEU F 391 -20.49 -31.95 -2.65
N GLU F 392 -21.63 -32.56 -2.92
CA GLU F 392 -21.78 -34.01 -2.86
C GLU F 392 -20.75 -34.73 -3.74
N ARG F 393 -20.50 -34.21 -4.94
CA ARG F 393 -19.52 -34.81 -5.83
C ARG F 393 -18.12 -34.74 -5.23
N VAL F 394 -17.72 -33.54 -4.81
CA VAL F 394 -16.41 -33.34 -4.19
C VAL F 394 -16.23 -34.22 -2.95
N MET F 395 -17.25 -34.25 -2.09
CA MET F 395 -17.18 -35.07 -0.88
C MET F 395 -17.10 -36.58 -1.22
N ARG F 396 -17.94 -37.02 -2.17
CA ARG F 396 -17.89 -38.40 -2.65
C ARG F 396 -16.52 -38.76 -3.25
N GLU F 397 -16.00 -37.89 -4.11
CA GLU F 397 -14.70 -38.12 -4.73
C GLU F 397 -13.55 -38.11 -3.72
N ALA F 398 -13.57 -37.14 -2.81
CA ALA F 398 -12.54 -37.07 -1.78
C ALA F 398 -12.55 -38.33 -0.91
N PHE F 399 -13.74 -38.83 -0.62
CA PHE F 399 -13.91 -40.06 0.15
C PHE F 399 -13.35 -41.26 -0.61
N ALA F 400 -13.77 -41.42 -1.86
CA ALA F 400 -13.36 -42.56 -2.67
C ALA F 400 -11.84 -42.61 -2.83
N GLY F 401 -11.23 -41.43 -2.95
CA GLY F 401 -9.79 -41.36 -3.13
C GLY F 401 -9.06 -41.79 -1.87
N VAL F 402 -9.54 -41.31 -0.72
CA VAL F 402 -8.93 -41.69 0.55
C VAL F 402 -9.16 -43.17 0.84
N TRP F 403 -10.33 -43.69 0.45
CA TRP F 403 -10.64 -45.11 0.67
C TRP F 403 -9.67 -45.98 -0.12
N ALA F 404 -9.33 -45.55 -1.32
CA ALA F 404 -8.40 -46.31 -2.17
C ALA F 404 -7.02 -46.37 -1.52
N VAL F 405 -6.59 -45.24 -0.95
CA VAL F 405 -5.29 -45.16 -0.29
C VAL F 405 -5.26 -46.08 0.93
N ALA F 406 -6.39 -46.19 1.61
CA ALA F 406 -6.49 -47.00 2.83
C ALA F 406 -6.32 -48.49 2.51
N GLU F 407 -7.03 -48.96 1.49
CA GLU F 407 -6.88 -50.34 1.02
C GLU F 407 -5.49 -50.62 0.46
N GLU F 408 -4.92 -49.63 -0.22
CA GLU F 408 -3.58 -49.77 -0.80
C GLU F 408 -2.52 -50.06 0.27
N HIS F 409 -2.56 -49.29 1.36
CA HIS F 409 -1.53 -49.39 2.39
C HIS F 409 -1.96 -50.24 3.58
N LYS F 410 -3.21 -50.71 3.54
CA LYS F 410 -3.83 -51.44 4.65
C LYS F 410 -3.76 -50.61 5.92
N VAL F 411 -4.24 -49.37 5.84
CA VAL F 411 -4.30 -48.51 7.01
C VAL F 411 -5.72 -47.98 7.20
N SER F 412 -5.95 -47.34 8.34
CA SER F 412 -7.27 -46.79 8.65
C SER F 412 -7.59 -45.63 7.71
N VAL F 413 -8.85 -45.23 7.69
CA VAL F 413 -9.25 -44.09 6.87
C VAL F 413 -8.58 -42.82 7.38
N ARG F 414 -8.35 -42.71 8.69
CA ARG F 414 -7.68 -41.52 9.23
C ARG F 414 -6.22 -41.44 8.78
N THR F 415 -5.51 -42.57 8.84
CA THR F 415 -4.13 -42.59 8.39
C THR F 415 -4.05 -42.28 6.90
N ALA F 416 -4.94 -42.90 6.12
CA ALA F 416 -5.04 -42.65 4.69
C ALA F 416 -5.26 -41.16 4.37
N ALA F 417 -6.22 -40.54 5.04
CA ALA F 417 -6.50 -39.13 4.84
C ALA F 417 -5.27 -38.29 5.10
N PHE F 418 -4.52 -38.63 6.14
CA PHE F 418 -3.27 -37.92 6.43
C PHE F 418 -2.23 -38.17 5.32
N ILE F 419 -2.14 -39.41 4.85
CA ILE F 419 -1.21 -39.74 3.76
C ILE F 419 -1.49 -38.85 2.54
N VAL F 420 -2.75 -38.80 2.12
CA VAL F 420 -3.13 -37.93 1.02
C VAL F 420 -2.79 -36.48 1.32
N ALA F 421 -3.27 -35.98 2.46
CA ALA F 421 -3.14 -34.58 2.81
C ALA F 421 -1.68 -34.17 2.99
N CYS F 422 -0.95 -34.92 3.83
CA CYS F 422 0.42 -34.54 4.18
C CYS F 422 1.38 -34.65 3.01
N LYS F 423 1.18 -35.62 2.13
CA LYS F 423 1.98 -35.67 0.89
C LYS F 423 1.77 -34.42 0.03
N ARG F 424 0.55 -33.87 0.06
CA ARG F 424 0.26 -32.63 -0.66
C ARG F 424 0.92 -31.44 0.01
N ILE F 425 0.75 -31.33 1.31
CA ILE F 425 1.34 -30.22 2.07
C ILE F 425 2.87 -30.21 1.99
N LEU F 426 3.49 -31.38 2.19
CA LEU F 426 4.94 -31.44 2.23
C LEU F 426 5.58 -31.34 0.86
N MET F 427 4.86 -31.75 -0.17
CA MET F 427 5.41 -31.59 -1.53
C MET F 427 5.42 -30.12 -1.87
N ALA F 428 4.39 -29.39 -1.44
CA ALA F 428 4.34 -27.96 -1.59
C ALA F 428 5.56 -27.33 -0.90
N ARG F 429 5.77 -27.71 0.36
CA ARG F 429 6.95 -27.27 1.12
C ARG F 429 8.24 -27.60 0.39
N GLU F 430 8.30 -28.82 -0.12
CA GLU F 430 9.47 -29.33 -0.83
C GLU F 430 9.82 -28.47 -2.05
N MET F 431 8.80 -28.17 -2.85
CA MET F 431 8.97 -27.39 -4.08
C MET F 431 9.29 -25.93 -3.78
N ARG F 432 8.67 -25.37 -2.75
CA ARG F 432 8.89 -23.97 -2.40
C ARG F 432 10.28 -23.76 -1.79
N GLY F 433 10.74 -24.75 -1.02
CA GLY F 433 12.04 -24.70 -0.40
C GLY F 433 12.12 -23.71 0.76
N LEU F 434 13.33 -23.42 1.21
CA LEU F 434 13.53 -22.46 2.29
C LEU F 434 14.34 -21.26 1.80
N TYR F 435 13.87 -20.08 2.19
CA TYR F 435 14.41 -18.81 1.77
C TYR F 435 14.76 -17.97 3.01
N PRO F 436 16.05 -17.76 3.29
CA PRO F 436 17.20 -18.31 2.58
C PRO F 436 17.52 -19.74 3.00
PA NAD G . -26.99 9.37 -24.23
O1A NAD G . -26.23 10.58 -23.82
O2A NAD G . -26.60 8.30 -25.21
O5B NAD G . -28.34 10.11 -25.03
C5B NAD G . -29.07 10.89 -24.12
C4B NAD G . -30.42 11.22 -24.80
O4B NAD G . -31.15 12.18 -24.01
C3B NAD G . -30.10 11.90 -26.19
O3B NAD G . -31.04 11.38 -27.08
C2B NAD G . -30.41 13.37 -25.88
O2B NAD G . -30.90 14.07 -26.99
C1B NAD G . -31.60 13.17 -24.91
N9A NAD G . -31.88 14.44 -24.20
C8A NAD G . -31.00 15.29 -23.47
N7A NAD G . -31.60 16.36 -23.00
C5A NAD G . -32.95 16.26 -23.46
C6A NAD G . -34.11 17.09 -23.30
N6A NAD G . -34.01 18.26 -22.58
N1A NAD G . -35.33 16.74 -23.85
C2A NAD G . -35.35 15.55 -24.54
N3A NAD G . -34.34 14.66 -24.78
C4A NAD G . -33.13 15.06 -24.21
O3 NAD G . -27.45 8.88 -22.75
PN NAD G . -27.77 7.33 -22.57
O1N NAD G . -26.72 6.39 -22.05
O2N NAD G . -28.81 7.08 -23.62
O5D NAD G . -28.83 7.22 -21.17
C5D NAD G . -29.79 8.18 -21.19
C4D NAD G . -30.70 7.94 -19.98
O4D NAD G . -30.66 6.55 -19.62
C3D NAD G . -30.13 8.73 -18.71
O3D NAD G . -31.20 8.94 -17.84
C2D NAD G . -29.19 7.72 -18.12
O2D NAD G . -29.02 7.86 -16.75
C1D NAD G . -30.11 6.48 -18.29
N1N NAD G . -29.29 5.17 -18.19
C2N NAD G . -28.21 4.99 -19.02
C3N NAD G . -27.50 3.78 -18.90
C7N NAD G . -26.33 3.52 -19.80
O7N NAD G . -25.93 4.30 -20.65
N7N NAD G . -25.73 2.29 -19.64
C4N NAD G . -27.90 2.83 -17.99
C5N NAD G . -28.99 3.05 -17.19
C6N NAD G . -29.69 4.23 -17.29
C1 AKG H . -27.02 3.22 -14.64
O1 AKG H . -27.49 2.05 -14.50
O2 AKG H . -27.80 4.21 -14.73
C2 AKG H . -25.50 3.42 -14.70
O5 AKG H . -25.01 4.35 -14.16
C3 AKG H . -24.63 2.38 -15.42
C4 AKG H . -24.49 1.15 -14.53
C5 AKG H . -23.16 0.42 -14.78
O3 AKG H . -22.31 0.31 -13.86
O4 AKG H . -22.94 -0.07 -15.91
C1 EDO I . -49.87 -5.44 -9.56
O1 EDO I . -49.10 -4.83 -10.61
C2 EDO I . -51.08 -4.58 -9.21
O2 EDO I . -50.73 -3.44 -8.42
PA NAD J . 13.45 -26.36 -22.94
O1A NAD J . 14.58 -25.67 -22.24
O2A NAD J . 12.54 -27.42 -22.44
O5B NAD J . 14.31 -27.26 -24.18
C5B NAD J . 15.05 -26.38 -24.98
C4B NAD J . 15.41 -27.16 -26.28
O4B NAD J . 16.22 -26.31 -27.11
C3B NAD J . 16.29 -28.43 -25.89
O3B NAD J . 15.89 -29.48 -26.77
C2B NAD J . 17.67 -27.92 -26.23
O2B NAD J . 18.56 -28.95 -26.57
C1B NAD J . 17.34 -27.11 -27.53
N9A NAD J . 18.48 -26.27 -27.87
C8A NAD J . 19.22 -25.35 -27.10
N7A NAD J . 20.25 -24.81 -27.76
C5A NAD J . 20.22 -25.42 -29.03
C6A NAD J . 21.05 -25.31 -30.19
N6A NAD J . 22.10 -24.44 -30.21
N1A NAD J . 20.78 -26.05 -31.30
C2A NAD J . 19.71 -26.88 -31.23
N3A NAD J . 18.84 -27.11 -30.21
C4A NAD J . 19.13 -26.36 -29.11
O3 NAD J . 12.82 -25.09 -23.69
PN NAD J . 11.27 -25.10 -24.05
O1N NAD J . 10.30 -24.52 -23.05
O2N NAD J . 11.09 -26.29 -24.91
O5D NAD J . 11.17 -23.84 -25.21
C5D NAD J . 11.66 -24.14 -26.44
C4D NAD J . 11.27 -22.99 -27.39
O4D NAD J . 9.83 -22.78 -27.32
C3D NAD J . 11.92 -21.62 -26.97
O3D NAD J . 12.05 -20.88 -28.17
C2D NAD J . 10.82 -21.00 -26.08
O2D NAD J . 10.86 -19.61 -26.06
C1D NAD J . 9.60 -21.42 -26.97
N1N NAD J . 8.25 -21.39 -26.21
C2N NAD J . 8.16 -22.04 -24.99
C3N NAD J . 6.93 -22.02 -24.32
C7N NAD J . 6.78 -22.74 -23.00
O7N NAD J . 7.69 -23.37 -22.45
N7N NAD J . 5.52 -22.68 -22.46
C4N NAD J . 5.84 -21.34 -24.89
C5N NAD J . 5.98 -20.70 -26.11
C6N NAD J . 7.21 -20.72 -26.77
C1 AKG K . 5.83 -17.97 -24.40
O1 AKG K . 4.65 -18.05 -24.84
O2 AKG K . 6.83 -18.06 -25.18
C2 AKG K . 6.07 -17.76 -22.91
O5 AKG K . 6.93 -17.01 -22.56
C3 AKG K . 5.20 -18.47 -21.88
C4 AKG K . 3.88 -17.71 -21.84
C5 AKG K . 3.15 -17.92 -20.53
O3 AKG K . 2.78 -19.08 -20.23
O4 AKG K . 2.90 -16.95 -19.75
C1 EDO L . -2.97 -18.69 -46.72
O1 EDO L . -1.59 -19.07 -46.59
C2 EDO L . -3.16 -17.94 -48.04
O2 EDO L . -2.47 -16.68 -48.01
PA NAD M . 23.35 23.70 -17.29
O1A NAD M . 22.52 22.95 -18.30
O2A NAD M . 22.96 24.87 -16.43
O5B NAD M . 24.46 24.44 -18.41
C5B NAD M . 25.34 23.46 -18.90
C4B NAD M . 26.56 24.15 -19.58
O4B NAD M . 27.30 23.20 -20.41
C3B NAD M . 26.05 25.31 -20.52
O3B NAD M . 26.91 26.40 -20.31
C2B NAD M . 26.29 24.68 -21.88
O2B NAD M . 26.56 25.64 -22.89
C1B NAD M . 27.61 23.93 -21.59
N9A NAD M . 27.86 23.02 -22.70
C8A NAD M . 26.98 22.11 -23.32
N7A NAD M . 27.55 21.47 -24.32
C5A NAD M . 28.84 21.98 -24.42
C6A NAD M . 29.92 21.70 -25.30
N6A NAD M . 29.75 20.77 -26.29
N1A NAD M . 31.11 22.37 -25.17
C2A NAD M . 31.19 23.29 -24.15
N3A NAD M . 30.24 23.67 -23.24
C4A NAD M . 29.06 22.98 -23.41
O3 NAD M . 24.06 22.44 -16.59
PN NAD M . 24.63 22.59 -15.08
O1N NAD M . 23.74 22.26 -13.90
O2N NAD M . 25.61 23.70 -15.15
O5D NAD M . 25.71 21.30 -14.90
C5D NAD M . 26.84 21.42 -15.65
C4D NAD M . 27.77 20.31 -15.24
O4D NAD M . 27.73 20.24 -13.79
C3D NAD M . 27.21 18.90 -15.75
O3D NAD M . 28.32 18.07 -15.98
C2D NAD M . 26.43 18.40 -14.56
O2D NAD M . 26.42 17.02 -14.42
C1D NAD M . 27.40 18.93 -13.44
N1N NAD M . 26.70 18.99 -12.10
C2N NAD M . 25.56 19.75 -11.99
C3N NAD M . 24.92 19.80 -10.72
C7N NAD M . 23.69 20.63 -10.55
O7N NAD M . 23.10 21.20 -11.47
N7N NAD M . 23.24 20.76 -9.28
C4N NAD M . 25.47 19.10 -9.63
C5N NAD M . 26.64 18.35 -9.79
C6N NAD M . 27.25 18.31 -11.04
C1 AKG N . 24.92 15.76 -9.32
O1 AKG N . 25.55 15.84 -8.22
O2 AKG N . 25.51 15.64 -10.43
C2 AKG N . 23.39 15.81 -9.29
O5 AKG N . 22.77 15.30 -10.17
C3 AKG N . 22.69 16.50 -8.13
C4 AKG N . 21.72 15.49 -7.55
C5 AKG N . 21.10 16.00 -6.24
O3 AKG N . 20.43 15.21 -5.54
O4 AKG N . 21.24 17.20 -5.91
C1 EDO O . 48.20 15.08 -2.20
O1 EDO O . 48.23 15.62 -3.53
C2 EDO O . 49.39 14.15 -1.95
O2 EDO O . 49.45 13.08 -2.90
PA NAD P . 25.93 -9.23 25.35
O1A NAD P . 25.43 -10.50 24.73
O2A NAD P . 26.90 -8.24 24.80
O5B NAD P . 26.78 -9.87 26.72
C5B NAD P . 25.91 -10.59 27.50
C4B NAD P . 26.64 -10.85 28.86
O4B NAD P . 25.85 -11.68 29.72
C3B NAD P . 27.98 -11.63 28.54
O3B NAD P . 28.96 -11.06 29.34
C2B NAD P . 27.63 -13.03 29.03
O2B NAD P . 28.74 -13.77 29.47
C1B NAD P . 26.79 -12.63 30.28
N9A NAD P . 26.09 -13.81 30.74
C8A NAD P . 25.24 -14.68 30.03
N7A NAD P . 24.80 -15.68 30.77
C5A NAD P . 25.40 -15.47 32.03
C6A NAD P . 25.33 -16.21 33.25
N6A NAD P . 24.56 -17.32 33.32
N1A NAD P . 26.00 -15.77 34.35
C2A NAD P . 26.76 -14.64 34.19
N3A NAD P . 26.92 -13.85 33.11
C4A NAD P . 26.21 -14.32 32.03
O3 NAD P . 24.52 -8.64 25.90
PN NAD P . 24.47 -7.10 26.32
O1N NAD P . 23.92 -6.11 25.31
O2N NAD P . 25.60 -6.87 27.27
O5D NAD P . 23.15 -7.01 27.46
C5D NAD P . 23.45 -7.36 28.74
C4D NAD P . 22.18 -7.05 29.57
O4D NAD P . 21.83 -5.70 29.28
C3D NAD P . 20.97 -7.92 29.07
O3D NAD P . 20.13 -8.17 30.18
C2D NAD P . 20.26 -6.98 28.06
O2D NAD P . 18.88 -7.20 27.94
C1D NAD P . 20.47 -5.68 28.84
N1N NAD P . 20.33 -4.43 27.97
C2N NAD P . 21.09 -4.35 26.78
C3N NAD P . 20.97 -3.18 25.98
C7N NAD P . 21.80 -3.08 24.73
O7N NAD P . 22.55 -3.98 24.34
N7N NAD P . 21.68 -1.89 24.03
C4N NAD P . 20.13 -2.15 26.40
C5N NAD P . 19.42 -2.25 27.59
C6N NAD P . 19.53 -3.41 28.37
C1 AKG Q . 16.69 -2.70 25.77
O1 AKG Q . 16.67 -3.61 26.65
O2 AKG Q . 16.90 -1.49 26.09
C2 AKG Q . 16.44 -3.07 24.32
O5 AKG Q . 16.51 -4.21 23.98
C3 AKG Q . 16.07 -2.00 23.28
C4 AKG Q . 17.30 -1.27 22.78
C5 AKG Q . 16.88 -0.20 21.77
O3 AKG Q . 15.73 -0.22 21.22
O4 AKG Q . 17.69 0.70 21.49
C1 EDO R . 13.41 8.22 48.35
O1 EDO R . 12.98 7.05 49.09
C2 EDO R . 14.83 8.09 47.77
O2 EDO R . 15.16 6.71 47.53
PA NAD S . -13.71 27.04 22.02
O1A NAD S . -14.86 26.16 21.57
O2A NAD S . -12.68 26.79 23.06
O5B NAD S . -14.60 28.40 22.69
C5B NAD S . -15.35 29.01 21.70
C4B NAD S . -15.95 30.32 22.27
O4B NAD S . -16.94 30.86 21.37
C3B NAD S . -16.67 30.02 23.63
O3B NAD S . -16.27 31.02 24.56
C2B NAD S . -18.15 30.17 23.25
O2B NAD S . -18.94 30.66 24.30
C1B NAD S . -18.02 31.29 22.19
N9A NAD S . -19.26 31.39 21.40
C8A NAD S . -19.98 30.40 20.67
N7A NAD S . -21.09 30.90 20.12
C5A NAD S . -21.12 32.25 20.49
C6A NAD S . -22.03 33.32 20.23
N6A NAD S . -23.15 33.13 19.46
N1A NAD S . -21.78 34.57 20.75
C2A NAD S . -20.65 34.73 21.50
N3A NAD S . -19.70 33.83 21.83
C4A NAD S . -19.98 32.57 21.30
O3 NAD S . -13.21 27.52 20.56
PN NAD S . -11.72 28.03 20.38
O1N NAD S . -10.68 27.05 19.91
O2N NAD S . -11.51 29.16 21.33
O5D NAD S . -11.82 28.91 18.92
C5D NAD S . -12.54 30.08 18.95
C4D NAD S . -12.30 30.81 17.59
O4D NAD S . -10.86 30.84 17.29
C3D NAD S . -12.98 30.02 16.41
O3D NAD S . -13.34 30.97 15.43
C2D NAD S . -11.82 29.15 15.88
O2D NAD S . -11.94 28.85 14.52
C1D NAD S . -10.69 30.21 16.01
N1N NAD S . -9.29 29.58 15.98
C2N NAD S . -9.02 28.56 16.88
C3N NAD S . -7.73 27.98 16.88
C7N NAD S . -7.44 26.88 17.86
O7N NAD S . -8.26 26.48 18.69
N7N NAD S . -6.18 26.34 17.79
C4N NAD S . -6.76 28.44 15.96
C5N NAD S . -7.07 29.47 15.09
C6N NAD S . -8.34 30.04 15.10
C1 AKG T . -6.99 27.17 12.87
O1 AKG T . -8.04 27.84 12.71
O2 AKG T . -5.85 27.69 12.68
C2 AKG T . -7.07 25.69 13.28
O5 AKG T . -8.08 25.09 13.09
C3 AKG T . -5.89 24.97 13.91
C4 AKG T . -4.91 24.65 12.79
C5 AKG T . -3.85 23.62 13.23
O3 AKG T . -3.33 23.70 14.37
O4 AKG T . -3.52 22.72 12.43
C1 EDO U . -0.83 50.09 7.80
O1 EDO U . -2.11 50.21 8.45
C2 EDO U . -0.68 51.15 6.71
O2 EDO U . -1.68 50.97 5.69
PA NAD V . -22.28 -24.97 17.27
O1A NAD V . -21.78 -23.99 18.29
O2A NAD V . -23.38 -24.81 16.27
O5B NAD V . -22.94 -26.18 18.29
C5B NAD V . -21.97 -26.66 19.13
C4B NAD V . -22.49 -27.99 19.74
O4B NAD V . -21.56 -28.49 20.70
C3B NAD V . -23.83 -27.65 20.53
O3B NAD V . -24.69 -28.71 20.27
C2B NAD V . -23.32 -27.68 21.97
O2B NAD V . -24.31 -28.00 22.93
C1B NAD V . -22.35 -28.87 21.82
N9A NAD V . -21.50 -28.92 22.97
C8A NAD V . -20.71 -27.90 23.60
N7A NAD V . -20.09 -28.34 24.68
C5A NAD V . -20.50 -29.71 24.79
C6A NAD V . -20.18 -30.72 25.73
N6A NAD V . -19.35 -30.44 26.75
N1A NAD V . -20.73 -31.97 25.58
C2A NAD V . -21.56 -32.17 24.52
N3A NAD V . -21.94 -31.31 23.56
C4A NAD V . -21.38 -30.06 23.73
O3 NAD V . -20.86 -25.55 16.72
PN NAD V . -20.83 -26.15 15.22
O1N NAD V . -20.49 -25.24 14.07
O2N NAD V . -21.83 -27.24 15.24
O5D NAD V . -19.39 -27.10 15.21
C5D NAD V . -19.47 -28.20 16.03
C4D NAD V . -18.24 -29.06 15.72
O4D NAD V . -18.08 -29.12 14.28
C3D NAD V . -16.96 -28.33 16.27
O3D NAD V . -16.07 -29.33 16.60
C2D NAD V . -16.48 -27.53 15.08
O2D NAD V . -15.11 -27.30 15.06
C1D NAD V . -16.77 -28.62 14.01
N1N NAD V . -16.82 -28.05 12.60
C2N NAD V . -17.71 -27.00 12.32
C3N NAD V . -17.75 -26.51 11.01
C7N NAD V . -18.70 -25.40 10.69
O7N NAD V . -19.27 -24.72 11.55
N7N NAD V . -18.91 -25.20 9.35
C4N NAD V . -16.92 -27.06 10.03
C5N NAD V . -16.05 -28.09 10.35
C6N NAD V . -16.01 -28.58 11.64
C1 AKG W . -13.62 -25.94 9.98
O1 AKG W . -13.50 -26.57 11.07
O2 AKG W . -13.70 -26.59 8.89
C2 AKG W . -13.62 -24.40 10.00
O5 AKG W . -12.92 -23.85 10.78
C3 AKG W . -14.47 -23.58 9.03
C4 AKG W . -14.00 -23.85 7.60
C5 AKG W . -14.34 -22.71 6.65
O3 AKG W . -15.50 -22.60 6.19
O4 AKG W . -13.45 -21.88 6.30
C1 EDO X . -9.08 -51.16 5.24
O1 EDO X . -7.85 -50.57 5.70
C2 EDO X . -9.92 -50.14 4.47
O2 EDO X . -10.92 -49.60 5.32
#